data_1L1L
#
_entry.id   1L1L
#
_cell.length_a   120.500
_cell.length_b   114.700
_cell.length_c   121.300
_cell.angle_alpha   90.00
_cell.angle_beta   110.20
_cell.angle_gamma   90.00
#
_symmetry.space_group_name_H-M   'P 1 21 1'
#
loop_
_entity.id
_entity.type
_entity.pdbx_description
1 polymer 'RIBONUCLEOSIDE TRIPHOSPHATE REDUCTASE'
2 water water
#
_entity_poly.entity_id   1
_entity_poly.type   'polypeptide(L)'
_entity_poly.pdbx_seq_one_letter_code
;MSEEISLSAEFIDRVKASVKPHWGKLGWVTYKRTYARWLPEKGRSENWDETVKRVVEGNINLDPRLQDSPSLELKQSLTE
EAERLYKLIYGLGATPSGRNLWISGTDYQRRTGDSLNNCWFVAIRPQKYGDSKIVPSYLGKQEKAVSMPFSFLFDELMKG
GGVGFSVARSNISQIPRVDFAIDLQLVVDETSESYDASVKVGAVGKNELVQDADSIYYRLPDTREGWVLANALLIDLHFA
QTNPDRKQKLILDLSDIRPYGAEIHGFGGTASGPMPLISMLLDVNEVLNNKAGGRLTAVDAADICNLIGKAVVAGNVRRS
AELALGSNDDQDFISMKQDQEKLMHHRWASNNSVAVDSAFSGYQPIAAGIRENGEPGIVNLDLSKNYGRIVDGYQAGIDG
DVEGTNPCGEISLANGEPCNLFEVFPLIAEEQGWDLQEVFALAARYAKRVTFSPYDWEISREIIQKNRRIGISMSGIQDW
LLTRLGNRVVTGFKDDFDPETHEAIKVPVYDKRAIKMVDQLYKAVVKADQDYSKTLGCNESIKHTTVKPSGTVAKLAGAS
EGMHFHYGAYLIQRIRFQDSDPLLPALKACGYRTEADIYTENTTCVEFPIKAVGADNPNFASAGTVSIAEQFATQAFLQT
YWSDNAVSCTITFQDSEGDQVESLLRQYRFITKSTSLLPYFGGSLQQAPKEPIDKETYEKRSQEITGNVEEVFSQLNSDV
KDLELVDQTDCEGGACPIK
;
_entity_poly.pdbx_strand_id   A,B,C,D
#
# COMPACT_ATOMS: atom_id res chain seq x y z
N GLU A 4 -7.16 28.91 56.40
CA GLU A 4 -6.63 28.45 55.08
C GLU A 4 -6.01 27.06 55.20
N ILE A 5 -6.54 26.12 54.44
CA ILE A 5 -6.05 24.75 54.45
C ILE A 5 -4.64 24.69 53.90
N SER A 6 -3.79 23.89 54.52
CA SER A 6 -2.41 23.77 54.06
C SER A 6 -1.81 22.42 54.44
N LEU A 7 -0.74 22.05 53.75
CA LEU A 7 -0.05 20.80 53.98
C LEU A 7 1.22 21.12 54.77
N SER A 8 1.54 20.27 55.74
CA SER A 8 2.72 20.49 56.58
C SER A 8 3.95 19.86 55.98
N ALA A 9 5.11 20.41 56.34
CA ALA A 9 6.38 19.89 55.83
C ALA A 9 6.53 18.44 56.27
N GLU A 10 6.06 18.15 57.49
CA GLU A 10 6.13 16.81 58.04
C GLU A 10 5.40 15.82 57.16
N PHE A 11 4.24 16.23 56.65
CA PHE A 11 3.46 15.36 55.79
C PHE A 11 4.13 15.18 54.42
N ILE A 12 4.63 16.27 53.85
CA ILE A 12 5.30 16.21 52.56
C ILE A 12 6.48 15.24 52.59
N ASP A 13 7.40 15.45 53.53
CA ASP A 13 8.55 14.59 53.68
C ASP A 13 8.17 13.12 53.79
N ARG A 14 7.02 12.85 54.42
CA ARG A 14 6.53 11.49 54.58
C ARG A 14 6.10 10.91 53.23
N VAL A 15 5.41 11.72 52.45
CA VAL A 15 4.95 11.27 51.13
C VAL A 15 6.16 11.01 50.25
N LYS A 16 7.10 11.95 50.27
CA LYS A 16 8.33 11.84 49.49
C LYS A 16 9.13 10.60 49.87
N ALA A 17 9.00 10.19 51.13
CA ALA A 17 9.73 9.03 51.62
C ALA A 17 9.12 7.71 51.16
N SER A 18 7.80 7.68 50.99
CA SER A 18 7.10 6.46 50.59
C SER A 18 6.52 6.44 49.17
N VAL A 19 6.45 7.60 48.54
CA VAL A 19 5.90 7.67 47.19
C VAL A 19 6.95 8.08 46.17
N LYS A 20 7.07 7.27 45.12
CA LYS A 20 8.01 7.53 44.04
C LYS A 20 7.20 7.99 42.82
N PRO A 21 7.36 9.25 42.41
CA PRO A 21 6.63 9.78 41.24
C PRO A 21 6.85 8.87 40.05
N HIS A 22 5.77 8.50 39.37
CA HIS A 22 5.84 7.64 38.21
C HIS A 22 6.17 8.46 36.97
N TRP A 23 7.40 8.99 36.91
CA TRP A 23 7.83 9.80 35.77
C TRP A 23 8.02 8.95 34.53
N GLY A 24 7.67 9.51 33.37
CA GLY A 24 7.89 8.80 32.13
C GLY A 24 9.33 9.09 31.77
N LYS A 25 9.87 8.45 30.76
CA LYS A 25 11.26 8.70 30.38
C LYS A 25 11.52 10.18 30.08
N LEU A 26 10.48 10.91 29.66
CA LEU A 26 10.62 12.33 29.35
C LEU A 26 9.95 13.19 30.42
N GLY A 27 9.34 12.51 31.39
CA GLY A 27 8.61 13.18 32.46
C GLY A 27 9.23 14.32 33.25
N TRP A 28 10.28 14.03 34.01
CA TRP A 28 10.90 15.07 34.83
C TRP A 28 11.37 16.26 34.02
N VAL A 29 12.01 15.99 32.89
CA VAL A 29 12.51 17.06 32.06
C VAL A 29 11.36 17.96 31.64
N THR A 30 10.26 17.34 31.17
CA THR A 30 9.09 18.08 30.73
C THR A 30 8.55 18.95 31.86
N TYR A 31 8.53 18.39 33.08
CA TYR A 31 8.04 19.15 34.20
C TYR A 31 8.90 20.40 34.47
N LYS A 32 10.21 20.21 34.49
CA LYS A 32 11.14 21.29 34.76
C LYS A 32 11.08 22.49 33.81
N ARG A 33 10.85 22.21 32.54
CA ARG A 33 10.80 23.30 31.59
C ARG A 33 9.38 23.73 31.25
N THR A 34 8.38 23.20 31.97
CA THR A 34 6.99 23.55 31.69
C THR A 34 6.12 23.98 32.87
N TYR A 35 6.25 23.30 34.00
CA TYR A 35 5.41 23.65 35.15
C TYR A 35 6.13 24.14 36.41
N ALA A 36 7.46 24.07 36.42
CA ALA A 36 8.22 24.52 37.58
C ALA A 36 8.37 26.04 37.54
N ARG A 37 7.70 26.73 38.46
CA ARG A 37 7.79 28.19 38.49
C ARG A 37 9.11 28.64 39.09
N TRP A 38 9.54 29.84 38.75
CA TRP A 38 10.79 30.39 39.28
C TRP A 38 10.54 30.97 40.67
N LEU A 39 11.47 30.71 41.58
CA LEU A 39 11.37 31.20 42.95
C LEU A 39 12.47 32.24 43.19
N PRO A 40 12.13 33.53 43.04
CA PRO A 40 13.06 34.65 43.21
C PRO A 40 13.77 34.63 44.56
N GLU A 41 13.02 34.29 45.60
CA GLU A 41 13.54 34.23 46.95
C GLU A 41 14.72 33.27 47.02
N LYS A 42 14.51 32.07 46.49
CA LYS A 42 15.53 31.03 46.52
C LYS A 42 16.47 30.99 45.31
N GLY A 43 16.17 31.80 44.30
CA GLY A 43 17.03 31.82 43.12
C GLY A 43 17.12 30.47 42.41
N ARG A 44 15.98 29.82 42.25
CA ARG A 44 15.93 28.54 41.55
C ARG A 44 14.48 28.24 41.21
N SER A 45 14.27 27.27 40.31
CA SER A 45 12.93 26.88 39.92
C SER A 45 12.44 25.81 40.91
N GLU A 46 11.12 25.67 41.03
CA GLU A 46 10.51 24.71 41.92
C GLU A 46 10.94 23.26 41.68
N ASN A 47 10.72 22.42 42.71
CA ASN A 47 10.98 21.00 42.63
C ASN A 47 9.57 20.41 42.55
N TRP A 48 9.43 19.17 42.10
CA TRP A 48 8.12 18.55 41.96
C TRP A 48 7.25 18.66 43.23
N ASP A 49 7.77 18.15 44.34
CA ASP A 49 7.03 18.19 45.59
C ASP A 49 6.46 19.58 45.89
N GLU A 50 7.23 20.63 45.59
CA GLU A 50 6.80 22.01 45.85
C GLU A 50 5.67 22.46 44.93
N THR A 51 5.76 22.08 43.67
CA THR A 51 4.72 22.47 42.73
C THR A 51 3.40 21.84 43.16
N VAL A 52 3.41 20.54 43.40
CA VAL A 52 2.19 19.85 43.80
C VAL A 52 1.59 20.45 45.06
N LYS A 53 2.44 20.91 45.97
CA LYS A 53 1.97 21.50 47.23
C LYS A 53 1.11 22.73 46.98
N ARG A 54 1.61 23.65 46.16
CA ARG A 54 0.83 24.86 45.90
C ARG A 54 -0.38 24.56 45.01
N VAL A 55 -0.30 23.55 44.16
CA VAL A 55 -1.45 23.22 43.32
C VAL A 55 -2.60 22.68 44.16
N VAL A 56 -2.26 21.75 45.05
CA VAL A 56 -3.23 21.13 45.94
C VAL A 56 -3.85 22.14 46.90
N GLU A 57 -2.99 22.95 47.53
CA GLU A 57 -3.45 23.96 48.48
C GLU A 57 -4.30 24.99 47.77
N GLY A 58 -3.90 25.34 46.55
CA GLY A 58 -4.65 26.32 45.80
C GLY A 58 -6.06 25.85 45.49
N ASN A 59 -6.24 24.56 45.22
CA ASN A 59 -7.55 24.04 44.90
C ASN A 59 -8.45 23.83 46.11
N ILE A 60 -7.89 23.23 47.15
CA ILE A 60 -8.67 22.94 48.36
C ILE A 60 -9.27 24.20 49.01
N ASN A 61 -8.50 25.29 49.02
CA ASN A 61 -8.94 26.55 49.60
C ASN A 61 -10.00 27.28 48.80
N LEU A 62 -10.56 26.60 47.82
CA LEU A 62 -11.62 27.16 47.00
C LEU A 62 -12.98 26.72 47.52
N ASP A 63 -13.00 25.62 48.28
CA ASP A 63 -14.25 25.11 48.84
C ASP A 63 -14.98 26.31 49.46
N PRO A 64 -16.21 26.57 49.01
CA PRO A 64 -17.02 27.68 49.51
C PRO A 64 -17.35 27.68 51.00
N ARG A 65 -17.42 26.48 51.60
CA ARG A 65 -17.74 26.36 53.02
C ARG A 65 -16.68 27.06 53.86
N LEU A 66 -15.44 27.05 53.38
CA LEU A 66 -14.33 27.70 54.08
C LEU A 66 -14.53 29.22 54.15
N GLN A 67 -15.59 29.69 53.53
CA GLN A 67 -15.89 31.13 53.53
C GLN A 67 -16.83 31.51 54.66
N ASP A 68 -17.51 30.51 55.22
CA ASP A 68 -18.47 30.72 56.29
C ASP A 68 -18.03 30.10 57.62
N SER A 69 -17.19 30.82 58.36
CA SER A 69 -16.68 30.35 59.66
C SER A 69 -16.63 28.83 59.69
N PRO A 70 -15.69 28.24 58.93
CA PRO A 70 -15.54 26.79 58.88
C PRO A 70 -15.33 26.16 60.24
N SER A 71 -16.02 25.05 60.48
CA SER A 71 -15.89 24.34 61.75
C SER A 71 -14.51 23.69 61.78
N LEU A 72 -14.06 23.35 62.99
CA LEU A 72 -12.77 22.72 63.17
C LEU A 72 -12.76 21.38 62.43
N GLU A 73 -13.89 20.68 62.49
CA GLU A 73 -13.99 19.38 61.82
C GLU A 73 -13.90 19.54 60.31
N LEU A 74 -14.56 20.58 59.80
CA LEU A 74 -14.57 20.86 58.36
C LEU A 74 -13.16 21.06 57.82
N LYS A 75 -12.38 21.88 58.52
CA LYS A 75 -11.03 22.19 58.13
C LYS A 75 -10.08 21.00 58.17
N GLN A 76 -10.30 20.08 59.11
CA GLN A 76 -9.44 18.90 59.21
C GLN A 76 -9.78 17.89 58.15
N SER A 77 -11.07 17.80 57.83
CA SER A 77 -11.56 16.88 56.82
C SER A 77 -10.96 17.30 55.47
N LEU A 78 -11.02 18.61 55.21
CA LEU A 78 -10.48 19.17 53.98
C LEU A 78 -8.97 18.98 53.95
N THR A 79 -8.33 19.14 55.10
CA THR A 79 -6.90 18.96 55.17
C THR A 79 -6.54 17.53 54.78
N GLU A 80 -7.27 16.55 55.32
CA GLU A 80 -7.00 15.16 54.97
C GLU A 80 -7.29 14.86 53.50
N GLU A 81 -8.31 15.51 52.95
CA GLU A 81 -8.63 15.29 51.55
C GLU A 81 -7.48 15.81 50.70
N ALA A 82 -6.94 16.95 51.11
CA ALA A 82 -5.83 17.59 50.42
C ALA A 82 -4.59 16.71 50.50
N GLU A 83 -4.42 16.01 51.62
CA GLU A 83 -3.26 15.14 51.78
C GLU A 83 -3.38 13.96 50.84
N ARG A 84 -4.59 13.45 50.64
CA ARG A 84 -4.79 12.32 49.72
C ARG A 84 -4.51 12.84 48.30
N LEU A 85 -5.04 14.02 48.03
CA LEU A 85 -4.89 14.65 46.72
C LEU A 85 -3.39 14.79 46.44
N TYR A 86 -2.64 15.35 47.40
CA TYR A 86 -1.21 15.50 47.22
C TYR A 86 -0.53 14.18 46.91
N LYS A 87 -0.89 13.13 47.65
CA LYS A 87 -0.27 11.83 47.43
C LYS A 87 -0.58 11.26 46.04
N LEU A 88 -1.80 11.51 45.58
CA LEU A 88 -2.25 11.04 44.28
C LEU A 88 -1.52 11.72 43.12
N ILE A 89 -1.48 13.04 43.16
CA ILE A 89 -0.84 13.84 42.13
C ILE A 89 0.68 13.71 42.16
N TYR A 90 1.26 13.75 43.36
CA TYR A 90 2.71 13.62 43.48
C TYR A 90 3.19 12.35 42.81
N GLY A 91 2.38 11.29 42.94
CA GLY A 91 2.72 10.01 42.35
C GLY A 91 2.41 9.93 40.88
N LEU A 92 1.75 10.96 40.36
CA LEU A 92 1.39 11.03 38.94
C LEU A 92 0.33 10.04 38.50
N GLY A 93 -0.46 9.54 39.45
CA GLY A 93 -1.52 8.60 39.11
C GLY A 93 -2.70 9.36 38.52
N ALA A 94 -2.69 10.68 38.73
CA ALA A 94 -3.73 11.57 38.24
C ALA A 94 -3.17 12.98 38.36
N THR A 95 -3.75 13.92 37.62
CA THR A 95 -3.25 15.29 37.67
C THR A 95 -4.26 16.29 37.10
N PRO A 96 -4.18 17.56 37.54
CA PRO A 96 -5.12 18.53 36.99
C PRO A 96 -4.55 18.94 35.63
N SER A 97 -5.16 19.93 34.99
CA SER A 97 -4.69 20.39 33.69
C SER A 97 -3.32 21.06 33.77
N GLY A 98 -2.62 21.13 32.65
CA GLY A 98 -1.33 21.78 32.63
C GLY A 98 -1.42 23.20 33.18
N ARG A 99 -2.51 23.90 32.85
CA ARG A 99 -2.70 25.26 33.33
C ARG A 99 -2.73 25.29 34.85
N ASN A 100 -3.45 24.34 35.45
CA ASN A 100 -3.54 24.26 36.90
C ASN A 100 -2.14 24.01 37.48
N LEU A 101 -1.37 23.10 36.89
CA LEU A 101 -0.03 22.83 37.41
C LEU A 101 0.85 24.07 37.39
N TRP A 102 0.61 24.94 36.42
CA TRP A 102 1.40 26.14 36.29
C TRP A 102 0.94 27.33 37.11
N ILE A 103 -0.37 27.45 37.36
CA ILE A 103 -0.87 28.63 38.07
C ILE A 103 -1.67 28.39 39.37
N SER A 104 -2.04 27.15 39.64
CA SER A 104 -2.82 26.85 40.84
C SER A 104 -2.02 27.18 42.09
N GLY A 105 -2.60 28.00 42.97
CA GLY A 105 -1.95 28.38 44.21
C GLY A 105 -0.93 29.50 44.11
N THR A 106 -0.91 30.21 42.98
CA THR A 106 0.03 31.30 42.77
C THR A 106 -0.60 32.66 43.05
N ASP A 107 0.23 33.68 43.19
CA ASP A 107 -0.26 35.02 43.44
C ASP A 107 -1.02 35.53 42.22
N TYR A 108 -0.55 35.14 41.04
CA TYR A 108 -1.22 35.58 39.82
C TYR A 108 -2.64 35.02 39.79
N GLN A 109 -2.76 33.73 40.07
CA GLN A 109 -4.05 33.06 40.07
C GLN A 109 -5.04 33.78 40.97
N ARG A 110 -4.65 34.00 42.22
CA ARG A 110 -5.54 34.67 43.16
C ARG A 110 -5.92 36.09 42.76
N ARG A 111 -5.10 36.74 41.93
CA ARG A 111 -5.43 38.09 41.49
C ARG A 111 -5.92 38.15 40.03
N THR A 112 -6.27 37.01 39.45
CA THR A 112 -6.74 36.97 38.07
C THR A 112 -7.95 36.04 37.90
N GLY A 113 -9.08 36.60 37.48
CA GLY A 113 -10.29 35.80 37.29
C GLY A 113 -10.15 34.89 36.09
N ASP A 114 -10.93 33.82 36.06
CA ASP A 114 -10.91 32.85 34.96
C ASP A 114 -9.56 32.14 34.83
N SER A 115 -8.60 32.45 35.71
CA SER A 115 -7.26 31.86 35.61
C SER A 115 -7.10 30.35 35.73
N LEU A 116 -8.13 29.64 36.19
CA LEU A 116 -8.05 28.20 36.35
C LEU A 116 -8.68 27.37 35.24
N ASN A 117 -9.30 28.03 34.26
CA ASN A 117 -9.92 27.34 33.14
C ASN A 117 -9.16 27.72 31.87
N ASN A 118 -8.83 26.73 31.05
CA ASN A 118 -8.04 26.97 29.84
C ASN A 118 -8.76 26.97 28.49
N CYS A 119 -10.05 26.63 28.46
CA CYS A 119 -10.80 26.63 27.19
C CYS A 119 -12.22 27.15 27.40
N TRP A 120 -12.74 27.77 26.34
CA TRP A 120 -14.06 28.36 26.42
C TRP A 120 -14.75 28.26 25.06
N PHE A 121 -16.02 28.65 25.05
CA PHE A 121 -16.82 28.69 23.83
C PHE A 121 -17.63 29.99 23.84
N VAL A 122 -17.88 30.56 22.66
CA VAL A 122 -18.67 31.78 22.59
C VAL A 122 -19.29 31.90 21.20
N ALA A 123 -20.56 32.30 21.15
CA ALA A 123 -21.28 32.47 19.88
C ALA A 123 -20.97 33.87 19.31
N ILE A 124 -20.62 33.94 18.02
CA ILE A 124 -20.31 35.22 17.41
C ILE A 124 -21.58 35.90 16.92
N ARG A 125 -22.30 36.50 17.88
CA ARG A 125 -23.53 37.24 17.61
C ARG A 125 -23.53 38.42 18.58
N PRO A 126 -24.11 39.57 18.16
CA PRO A 126 -24.13 40.72 19.06
C PRO A 126 -24.71 40.30 20.41
N GLN A 127 -24.08 40.76 21.50
CA GLN A 127 -24.52 40.41 22.84
C GLN A 127 -24.23 41.55 23.79
N LYS A 128 -24.85 41.52 24.96
CA LYS A 128 -24.61 42.53 25.98
C LYS A 128 -23.39 42.09 26.79
N TYR A 129 -22.60 43.05 27.26
CA TYR A 129 -21.42 42.74 28.05
C TYR A 129 -21.86 42.33 29.45
N GLY A 130 -23.01 42.83 29.87
CA GLY A 130 -23.52 42.51 31.19
C GLY A 130 -22.58 43.09 32.23
N ASP A 131 -22.83 42.77 33.50
CA ASP A 131 -21.98 43.28 34.57
C ASP A 131 -20.72 42.43 34.66
N SER A 132 -19.72 42.80 33.88
CA SER A 132 -18.46 42.07 33.84
C SER A 132 -17.32 43.03 34.13
N LYS A 133 -16.12 42.47 34.33
CA LYS A 133 -14.95 43.28 34.61
C LYS A 133 -14.64 44.24 33.47
N ILE A 134 -14.90 43.78 32.25
CA ILE A 134 -14.68 44.59 31.06
C ILE A 134 -16.01 45.08 30.49
N VAL A 135 -16.18 46.39 30.41
CA VAL A 135 -17.40 46.98 29.87
C VAL A 135 -17.07 48.31 29.22
N PRO A 136 -17.26 48.42 27.90
CA PRO A 136 -16.97 49.67 27.20
C PRO A 136 -17.70 50.86 27.85
N SER A 137 -17.01 51.99 27.94
CA SER A 137 -17.57 53.20 28.55
C SER A 137 -18.81 53.71 27.84
N TYR A 138 -18.84 53.54 26.52
CA TYR A 138 -19.97 54.01 25.71
C TYR A 138 -21.15 53.06 25.73
N LEU A 139 -21.01 51.94 26.45
CA LEU A 139 -22.08 50.96 26.50
C LEU A 139 -22.74 50.79 27.85
N GLY A 140 -24.06 50.62 27.83
CA GLY A 140 -24.79 50.39 29.05
C GLY A 140 -24.54 48.92 29.35
N LYS A 141 -24.94 48.46 30.53
CA LYS A 141 -24.71 47.08 30.88
C LYS A 141 -25.52 46.15 29.99
N GLN A 142 -26.85 46.31 30.01
CA GLN A 142 -27.74 45.46 29.23
C GLN A 142 -27.81 45.78 27.74
N GLU A 143 -26.94 46.67 27.27
CA GLU A 143 -26.92 47.07 25.86
C GLU A 143 -26.08 46.12 25.00
N LYS A 144 -26.71 45.56 23.97
CA LYS A 144 -26.04 44.63 23.06
C LYS A 144 -25.06 45.34 22.12
N ALA A 145 -23.91 44.73 21.91
CA ALA A 145 -22.88 45.29 21.04
C ALA A 145 -22.25 44.22 20.15
N VAL A 146 -21.93 44.61 18.93
CA VAL A 146 -21.31 43.70 17.97
C VAL A 146 -19.94 43.22 18.45
N SER A 147 -19.27 44.05 19.23
CA SER A 147 -17.93 43.74 19.74
C SER A 147 -17.87 42.75 20.90
N MET A 148 -18.97 42.56 21.61
CA MET A 148 -18.97 41.67 22.76
C MET A 148 -18.30 40.29 22.59
N PRO A 149 -18.81 39.44 21.68
CA PRO A 149 -18.20 38.12 21.49
C PRO A 149 -16.73 38.15 21.14
N PHE A 150 -16.29 39.19 20.45
CA PHE A 150 -14.89 39.32 20.07
C PHE A 150 -14.07 39.72 21.27
N SER A 151 -14.66 40.53 22.14
CA SER A 151 -13.97 40.97 23.35
C SER A 151 -13.77 39.77 24.28
N PHE A 152 -14.79 38.92 24.35
CA PHE A 152 -14.75 37.73 25.19
C PHE A 152 -13.61 36.83 24.70
N LEU A 153 -13.62 36.54 23.40
CA LEU A 153 -12.58 35.71 22.82
C LEU A 153 -11.18 36.32 23.03
N PHE A 154 -11.04 37.61 22.75
CA PHE A 154 -9.78 38.34 22.88
C PHE A 154 -9.26 38.23 24.33
N ASP A 155 -10.15 38.43 25.28
CA ASP A 155 -9.78 38.39 26.70
C ASP A 155 -9.28 37.00 27.13
N GLU A 156 -10.09 35.97 26.91
CA GLU A 156 -9.71 34.62 27.30
C GLU A 156 -8.44 34.18 26.58
N LEU A 157 -8.28 34.60 25.32
CA LEU A 157 -7.07 34.26 24.58
C LEU A 157 -5.85 34.93 25.24
N MET A 158 -5.97 36.18 25.65
CA MET A 158 -4.82 36.84 26.25
C MET A 158 -4.51 36.25 27.62
N LYS A 159 -5.50 35.61 28.24
CA LYS A 159 -5.32 34.98 29.54
C LYS A 159 -4.75 33.57 29.34
N GLY A 160 -4.31 33.29 28.12
CA GLY A 160 -3.69 32.02 27.80
C GLY A 160 -4.58 30.82 27.51
N GLY A 161 -5.86 31.04 27.30
CA GLY A 161 -6.75 29.93 27.03
C GLY A 161 -7.03 29.73 25.55
N GLY A 162 -7.85 28.73 25.24
CA GLY A 162 -8.23 28.47 23.87
C GLY A 162 -9.70 28.81 23.82
N VAL A 163 -10.20 29.22 22.65
CA VAL A 163 -11.60 29.57 22.57
C VAL A 163 -12.25 29.01 21.32
N GLY A 164 -13.34 28.26 21.51
CA GLY A 164 -14.09 27.75 20.37
C GLY A 164 -15.16 28.81 20.12
N PHE A 165 -15.56 29.06 18.89
CA PHE A 165 -16.59 30.06 18.66
C PHE A 165 -17.46 29.64 17.48
N SER A 166 -18.70 30.13 17.46
CA SER A 166 -19.61 29.77 16.38
C SER A 166 -19.94 30.90 15.44
N VAL A 167 -19.76 30.65 14.14
CA VAL A 167 -20.09 31.62 13.11
C VAL A 167 -21.14 30.96 12.22
N ALA A 168 -22.02 30.19 12.84
CA ALA A 168 -23.09 29.51 12.11
C ALA A 168 -23.80 30.63 11.38
N ARG A 169 -24.47 30.31 10.28
CA ARG A 169 -25.18 31.37 9.54
C ARG A 169 -26.14 32.09 10.49
N SER A 170 -26.81 31.31 11.34
CA SER A 170 -27.76 31.88 12.30
C SER A 170 -27.18 32.98 13.18
N ASN A 171 -25.89 32.94 13.47
CA ASN A 171 -25.30 34.00 14.30
C ASN A 171 -24.87 35.16 13.39
N ILE A 172 -24.21 34.85 12.29
CA ILE A 172 -23.76 35.90 11.40
C ILE A 172 -24.91 36.79 10.91
N SER A 173 -26.08 36.20 10.70
CA SER A 173 -27.24 36.96 10.23
C SER A 173 -27.71 37.94 11.30
N GLN A 174 -27.32 37.71 12.54
CA GLN A 174 -27.72 38.57 13.64
C GLN A 174 -26.87 39.84 13.71
N ILE A 175 -25.76 39.85 12.96
CA ILE A 175 -24.89 41.01 12.93
C ILE A 175 -25.41 42.02 11.92
N PRO A 176 -25.67 43.26 12.36
CA PRO A 176 -26.19 44.36 11.54
C PRO A 176 -25.28 44.80 10.39
N ARG A 177 -25.82 45.59 9.47
CA ARG A 177 -25.04 46.06 8.34
C ARG A 177 -23.91 46.97 8.82
N VAL A 178 -22.75 46.88 8.18
CA VAL A 178 -21.63 47.73 8.55
C VAL A 178 -21.98 49.14 8.10
N ASP A 179 -22.49 49.94 9.03
CA ASP A 179 -22.91 51.32 8.76
C ASP A 179 -21.85 52.36 8.40
N PHE A 180 -20.67 52.29 9.02
CA PHE A 180 -19.62 53.28 8.73
C PHE A 180 -18.23 52.73 8.52
N ALA A 181 -17.55 53.22 7.49
CA ALA A 181 -16.18 52.80 7.24
C ALA A 181 -15.37 53.75 8.12
N ILE A 182 -14.64 53.20 9.08
CA ILE A 182 -13.87 54.02 10.00
C ILE A 182 -12.46 54.37 9.55
N ASP A 183 -12.10 55.63 9.74
CA ASP A 183 -10.76 56.11 9.41
C ASP A 183 -9.95 55.87 10.68
N LEU A 184 -8.90 55.06 10.58
CA LEU A 184 -8.10 54.72 11.76
C LEU A 184 -6.62 55.12 11.75
N GLN A 185 -6.19 55.74 12.84
CA GLN A 185 -4.80 56.14 12.98
C GLN A 185 -4.32 55.57 14.29
N LEU A 186 -3.19 54.89 14.26
CA LEU A 186 -2.62 54.30 15.47
C LEU A 186 -1.39 55.12 15.81
N VAL A 187 -1.42 55.75 16.98
CA VAL A 187 -0.34 56.60 17.44
C VAL A 187 0.59 55.93 18.44
N VAL A 188 1.89 56.09 18.20
CA VAL A 188 2.92 55.56 19.08
C VAL A 188 4.01 56.63 19.11
N ASP A 189 3.93 57.49 20.11
CA ASP A 189 4.87 58.59 20.29
C ASP A 189 6.32 58.27 19.97
N GLU A 190 7.02 59.26 19.41
CA GLU A 190 8.42 59.10 19.05
C GLU A 190 9.26 58.67 20.26
N THR A 191 8.76 58.99 21.45
CA THR A 191 9.46 58.67 22.70
C THR A 191 9.42 57.20 23.10
N SER A 192 8.33 56.52 22.76
CA SER A 192 8.17 55.11 23.11
C SER A 192 9.40 54.29 22.67
N GLU A 193 9.71 53.25 23.42
CA GLU A 193 10.83 52.39 23.07
C GLU A 193 10.43 51.47 21.92
N SER A 194 9.16 51.57 21.53
CA SER A 194 8.63 50.75 20.45
C SER A 194 8.20 51.59 19.25
N TYR A 195 8.66 52.84 19.21
CA TYR A 195 8.30 53.75 18.14
C TYR A 195 8.65 53.19 16.75
N ASP A 196 9.93 53.04 16.46
CA ASP A 196 10.35 52.53 15.16
C ASP A 196 9.54 51.30 14.77
N ALA A 197 9.67 50.23 15.57
CA ALA A 197 8.96 48.98 15.31
C ALA A 197 7.48 49.20 14.95
N SER A 198 6.83 50.13 15.64
CA SER A 198 5.43 50.39 15.38
C SER A 198 5.22 51.12 14.05
N VAL A 199 6.10 52.06 13.74
CA VAL A 199 6.00 52.80 12.49
C VAL A 199 6.03 51.76 11.36
N LYS A 200 6.89 50.75 11.54
CA LYS A 200 7.02 49.69 10.55
C LYS A 200 5.74 48.93 10.29
N VAL A 201 4.88 48.81 11.30
CA VAL A 201 3.63 48.09 11.13
C VAL A 201 2.43 49.00 10.87
N GLY A 202 2.67 50.29 10.68
CA GLY A 202 1.56 51.18 10.38
C GLY A 202 1.17 52.28 11.35
N ALA A 203 1.88 52.40 12.47
CA ALA A 203 1.57 53.45 13.43
C ALA A 203 2.29 54.74 13.03
N VAL A 204 1.71 55.88 13.40
CA VAL A 204 2.33 57.17 13.07
C VAL A 204 2.83 57.90 14.32
N GLY A 205 3.92 58.63 14.15
CA GLY A 205 4.45 59.39 15.27
C GLY A 205 3.47 60.46 15.66
N LYS A 206 3.68 61.07 16.82
CA LYS A 206 2.80 62.11 17.32
C LYS A 206 2.84 63.31 16.35
N ASN A 207 3.94 63.44 15.62
CA ASN A 207 4.10 64.53 14.66
C ASN A 207 3.26 64.32 13.40
N GLU A 208 3.32 63.11 12.86
CA GLU A 208 2.59 62.75 11.64
C GLU A 208 1.08 62.67 11.83
N LEU A 209 0.65 62.57 13.09
CA LEU A 209 -0.77 62.46 13.41
C LEU A 209 -1.63 63.58 12.86
N VAL A 210 -2.69 63.20 12.14
CA VAL A 210 -3.63 64.16 11.58
C VAL A 210 -4.92 64.11 12.39
N GLN A 211 -5.12 65.09 13.25
CA GLN A 211 -6.31 65.12 14.09
C GLN A 211 -7.13 66.39 13.89
N ASP A 212 -8.40 66.30 14.27
CA ASP A 212 -9.33 67.41 14.19
C ASP A 212 -10.31 67.25 15.35
N ALA A 213 -11.00 68.32 15.69
CA ALA A 213 -11.94 68.33 16.81
C ALA A 213 -12.95 67.18 16.87
N ASP A 214 -13.41 66.72 15.71
CA ASP A 214 -14.41 65.65 15.64
C ASP A 214 -13.91 64.22 15.84
N SER A 215 -12.60 64.01 15.79
CA SER A 215 -12.03 62.67 15.95
C SER A 215 -12.29 62.06 17.33
N ILE A 216 -12.44 60.74 17.35
CA ILE A 216 -12.64 60.02 18.60
C ILE A 216 -11.23 59.62 19.00
N TYR A 217 -10.87 59.87 20.25
CA TYR A 217 -9.54 59.57 20.73
C TYR A 217 -9.54 58.70 21.99
N TYR A 218 -8.69 57.68 22.00
CA TYR A 218 -8.58 56.78 23.14
C TYR A 218 -7.13 56.46 23.49
N ARG A 219 -6.77 56.73 24.74
CA ARG A 219 -5.44 56.47 25.26
C ARG A 219 -5.51 55.10 25.92
N LEU A 220 -4.80 54.11 25.37
CA LEU A 220 -4.85 52.76 25.91
C LEU A 220 -4.09 52.53 27.20
N PRO A 221 -4.79 52.05 28.23
CA PRO A 221 -4.05 51.79 29.47
C PRO A 221 -3.17 50.60 29.14
N ASP A 222 -1.95 50.59 29.64
CA ASP A 222 -1.04 49.49 29.38
C ASP A 222 -1.46 48.21 30.11
N THR A 223 -2.64 47.70 29.76
CA THR A 223 -3.18 46.50 30.39
C THR A 223 -3.94 45.63 29.37
N ARG A 224 -4.19 44.37 29.73
CA ARG A 224 -4.91 43.47 28.85
C ARG A 224 -6.26 44.09 28.50
N GLU A 225 -6.93 44.66 29.51
CA GLU A 225 -8.23 45.28 29.28
C GLU A 225 -8.10 46.43 28.29
N GLY A 226 -6.99 47.15 28.35
CA GLY A 226 -6.78 48.26 27.44
C GLY A 226 -6.84 47.78 26.01
N TRP A 227 -6.22 46.62 25.75
CA TRP A 227 -6.18 46.01 24.43
C TRP A 227 -7.57 45.60 23.96
N VAL A 228 -8.33 44.96 24.85
CA VAL A 228 -9.68 44.52 24.55
C VAL A 228 -10.61 45.70 24.24
N LEU A 229 -10.63 46.68 25.13
CA LEU A 229 -11.48 47.87 24.96
C LEU A 229 -11.17 48.64 23.66
N ALA A 230 -9.90 48.64 23.25
CA ALA A 230 -9.49 49.34 22.04
C ALA A 230 -10.01 48.65 20.77
N ASN A 231 -10.09 47.32 20.82
CA ASN A 231 -10.59 46.58 19.67
C ASN A 231 -12.11 46.68 19.71
N ALA A 232 -12.67 46.73 20.93
CA ALA A 232 -14.11 46.83 21.11
C ALA A 232 -14.63 48.18 20.57
N LEU A 233 -13.85 49.22 20.82
CA LEU A 233 -14.20 50.58 20.35
C LEU A 233 -14.16 50.60 18.82
N LEU A 234 -13.04 50.14 18.26
CA LEU A 234 -12.87 50.08 16.81
C LEU A 234 -14.02 49.37 16.10
N ILE A 235 -14.43 48.22 16.65
CA ILE A 235 -15.52 47.46 16.08
C ILE A 235 -16.87 48.16 16.21
N ASP A 236 -17.23 48.55 17.43
CA ASP A 236 -18.52 49.20 17.68
C ASP A 236 -18.75 50.51 16.91
N LEU A 237 -17.68 51.14 16.43
CA LEU A 237 -17.81 52.40 15.69
C LEU A 237 -18.26 52.19 14.25
N HIS A 238 -18.38 50.93 13.86
CA HIS A 238 -18.80 50.61 12.50
C HIS A 238 -20.31 50.43 12.44
N PHE A 239 -20.97 50.48 13.60
CA PHE A 239 -22.41 50.28 13.67
C PHE A 239 -23.18 51.40 14.37
N ALA A 240 -24.18 51.94 13.66
CA ALA A 240 -24.99 53.04 14.17
C ALA A 240 -25.54 52.81 15.58
N GLN A 241 -25.94 51.58 15.87
CA GLN A 241 -26.50 51.24 17.18
C GLN A 241 -25.60 51.63 18.35
N THR A 242 -24.29 51.62 18.10
CA THR A 242 -23.31 51.96 19.13
C THR A 242 -22.44 53.13 18.67
N ASN A 243 -23.03 54.00 17.87
CA ASN A 243 -22.32 55.17 17.35
C ASN A 243 -23.32 56.20 16.83
N PRO A 244 -24.14 56.77 17.73
CA PRO A 244 -25.14 57.77 17.34
C PRO A 244 -24.55 58.96 16.60
N ASP A 245 -23.45 59.51 17.10
CA ASP A 245 -22.81 60.67 16.50
C ASP A 245 -22.28 60.44 15.08
N ARG A 246 -22.44 59.23 14.58
CA ARG A 246 -21.99 58.90 13.23
C ARG A 246 -20.54 59.32 13.03
N LYS A 247 -19.77 59.29 14.10
CA LYS A 247 -18.35 59.65 14.03
C LYS A 247 -17.57 58.56 13.32
N GLN A 248 -16.78 58.94 12.33
CA GLN A 248 -16.00 57.99 11.55
C GLN A 248 -14.51 58.29 11.58
N LYS A 249 -14.08 58.94 12.66
CA LYS A 249 -12.67 59.27 12.81
C LYS A 249 -12.19 58.76 14.17
N LEU A 250 -11.37 57.72 14.14
CA LEU A 250 -10.84 57.13 15.37
C LEU A 250 -9.33 57.20 15.47
N ILE A 251 -8.86 57.62 16.64
CA ILE A 251 -7.43 57.72 16.89
C ILE A 251 -7.12 56.95 18.16
N LEU A 252 -6.43 55.81 18.02
CA LEU A 252 -6.06 55.00 19.17
C LEU A 252 -4.60 55.25 19.50
N ASP A 253 -4.34 55.71 20.72
CA ASP A 253 -2.98 56.01 21.18
C ASP A 253 -2.41 54.85 22.00
N LEU A 254 -1.38 54.19 21.48
CA LEU A 254 -0.75 53.06 22.16
C LEU A 254 0.67 53.44 22.61
N SER A 255 0.86 54.70 22.99
CA SER A 255 2.17 55.16 23.42
C SER A 255 2.57 54.57 24.78
N ASP A 256 1.58 54.17 25.56
CA ASP A 256 1.83 53.60 26.89
C ASP A 256 2.02 52.10 26.92
N ILE A 257 1.70 51.43 25.82
CA ILE A 257 1.87 49.99 25.79
C ILE A 257 3.34 49.61 26.01
N ARG A 258 3.57 48.69 26.94
CA ARG A 258 4.93 48.27 27.26
C ARG A 258 5.61 47.59 26.08
N PRO A 259 6.92 47.81 25.93
CA PRO A 259 7.72 47.25 24.84
C PRO A 259 7.89 45.73 24.88
N TYR A 260 8.46 45.21 23.80
CA TYR A 260 8.70 43.78 23.66
C TYR A 260 9.73 43.28 24.68
N GLY A 261 9.42 42.15 25.29
CA GLY A 261 10.33 41.59 26.28
C GLY A 261 10.01 42.06 27.68
N ALA A 262 9.18 43.10 27.76
CA ALA A 262 8.79 43.65 29.05
C ALA A 262 8.18 42.57 29.92
N GLU A 263 8.39 42.66 31.23
CA GLU A 263 7.86 41.67 32.17
C GLU A 263 6.33 41.68 32.21
N ILE A 264 5.74 40.49 32.17
CA ILE A 264 4.28 40.38 32.23
C ILE A 264 3.86 39.50 33.41
N HIS A 265 2.63 39.72 33.87
CA HIS A 265 2.07 38.99 35.00
C HIS A 265 1.20 37.81 34.56
N GLY A 266 1.57 36.60 34.99
CA GLY A 266 0.80 35.42 34.64
C GLY A 266 1.39 34.50 33.59
N PHE A 267 2.63 34.76 33.20
CA PHE A 267 3.30 33.96 32.20
C PHE A 267 4.81 33.98 32.41
N GLY A 268 5.47 32.89 32.04
CA GLY A 268 6.92 32.82 32.16
C GLY A 268 7.53 33.69 31.09
N GLY A 269 6.78 33.89 30.00
CA GLY A 269 7.24 34.70 28.89
C GLY A 269 7.10 36.19 29.16
N THR A 270 7.43 37.00 28.16
CA THR A 270 7.34 38.45 28.31
C THR A 270 6.35 39.09 27.34
N ALA A 271 6.35 40.42 27.29
CA ALA A 271 5.45 41.17 26.41
C ALA A 271 5.89 41.12 24.95
N SER A 272 4.95 41.36 24.06
CA SER A 272 5.23 41.33 22.62
C SER A 272 5.43 42.74 22.05
N GLY A 273 5.02 43.75 22.82
CA GLY A 273 5.12 45.11 22.33
C GLY A 273 3.78 45.41 21.68
N PRO A 274 3.50 46.65 21.28
CA PRO A 274 2.21 46.97 20.67
C PRO A 274 2.13 46.63 19.18
N MET A 275 3.26 46.27 18.59
CA MET A 275 3.31 45.97 17.16
C MET A 275 2.22 44.99 16.71
N PRO A 276 2.12 43.81 17.34
CA PRO A 276 1.07 42.88 16.91
C PRO A 276 -0.33 43.47 17.04
N LEU A 277 -0.52 44.33 18.04
CA LEU A 277 -1.82 44.96 18.25
C LEU A 277 -2.14 45.95 17.12
N ILE A 278 -1.11 46.65 16.65
CA ILE A 278 -1.29 47.64 15.59
C ILE A 278 -1.82 46.95 14.33
N SER A 279 -1.09 45.93 13.86
CA SER A 279 -1.47 45.16 12.68
C SER A 279 -2.90 44.62 12.82
N MET A 280 -3.19 44.04 13.98
CA MET A 280 -4.50 43.47 14.23
C MET A 280 -5.61 44.51 14.08
N LEU A 281 -5.41 45.70 14.63
CA LEU A 281 -6.41 46.75 14.54
C LEU A 281 -6.56 47.24 13.11
N LEU A 282 -5.44 47.32 12.39
CA LEU A 282 -5.47 47.78 11.00
C LEU A 282 -6.17 46.75 10.12
N ASP A 283 -5.78 45.49 10.26
CA ASP A 283 -6.40 44.42 9.47
C ASP A 283 -7.86 44.18 9.83
N VAL A 284 -8.19 44.29 11.11
CA VAL A 284 -9.56 44.11 11.57
C VAL A 284 -10.44 45.24 11.03
N ASN A 285 -9.84 46.40 10.84
CA ASN A 285 -10.60 47.54 10.34
C ASN A 285 -10.86 47.32 8.85
N GLU A 286 -9.89 46.79 8.13
CA GLU A 286 -10.06 46.54 6.71
C GLU A 286 -11.22 45.59 6.47
N VAL A 287 -11.21 44.44 7.14
CA VAL A 287 -12.28 43.47 7.00
C VAL A 287 -13.63 44.14 7.22
N LEU A 288 -13.69 45.02 8.20
CA LEU A 288 -14.95 45.71 8.49
C LEU A 288 -15.25 46.77 7.42
N ASN A 289 -14.25 47.58 7.06
CA ASN A 289 -14.44 48.62 6.05
C ASN A 289 -14.80 48.02 4.69
N ASN A 290 -14.08 46.97 4.29
CA ASN A 290 -14.29 46.28 3.01
C ASN A 290 -15.75 45.84 2.83
N LYS A 291 -16.53 45.90 3.90
CA LYS A 291 -17.93 45.52 3.86
C LYS A 291 -18.81 46.69 4.31
N ALA A 292 -18.24 47.89 4.29
CA ALA A 292 -18.97 49.09 4.68
C ALA A 292 -20.23 49.22 3.82
N GLY A 293 -21.38 49.35 4.47
CA GLY A 293 -22.63 49.49 3.75
C GLY A 293 -23.24 48.14 3.42
N GLY A 294 -22.46 47.08 3.67
CA GLY A 294 -22.91 45.72 3.40
C GLY A 294 -23.14 44.87 4.64
N ARG A 295 -22.86 43.57 4.51
CA ARG A 295 -23.06 42.64 5.61
C ARG A 295 -21.85 41.75 5.83
N LEU A 296 -21.58 41.41 7.09
CA LEU A 296 -20.45 40.55 7.42
C LEU A 296 -20.83 39.09 7.19
N THR A 297 -19.90 38.33 6.63
CA THR A 297 -20.11 36.90 6.38
C THR A 297 -19.41 36.12 7.48
N ALA A 298 -19.56 34.79 7.46
CA ALA A 298 -18.92 33.94 8.45
C ALA A 298 -17.43 34.04 8.24
N VAL A 299 -17.02 34.21 6.99
CA VAL A 299 -15.61 34.31 6.67
C VAL A 299 -15.04 35.59 7.30
N ASP A 300 -15.81 36.68 7.23
CA ASP A 300 -15.37 37.94 7.81
C ASP A 300 -15.30 37.80 9.32
N ALA A 301 -16.34 37.22 9.92
CA ALA A 301 -16.39 37.04 11.36
C ALA A 301 -15.21 36.16 11.84
N ALA A 302 -14.97 35.07 11.11
CA ALA A 302 -13.87 34.16 11.46
C ALA A 302 -12.52 34.84 11.21
N ASP A 303 -12.42 35.65 10.15
CA ASP A 303 -11.15 36.34 9.89
C ASP A 303 -10.80 37.29 11.05
N ILE A 304 -11.79 38.00 11.57
CA ILE A 304 -11.53 38.92 12.67
C ILE A 304 -11.05 38.10 13.87
N CYS A 305 -11.73 37.00 14.19
CA CYS A 305 -11.32 36.15 15.31
C CYS A 305 -9.91 35.63 15.09
N ASN A 306 -9.60 35.27 13.85
CA ASN A 306 -8.27 34.77 13.52
C ASN A 306 -7.21 35.84 13.69
N LEU A 307 -7.53 37.07 13.26
CA LEU A 307 -6.59 38.18 13.35
C LEU A 307 -6.28 38.46 14.82
N ILE A 308 -7.30 38.33 15.66
CA ILE A 308 -7.15 38.53 17.09
C ILE A 308 -6.22 37.45 17.65
N GLY A 309 -6.53 36.18 17.34
CA GLY A 309 -5.72 35.09 17.82
C GLY A 309 -4.28 35.26 17.37
N LYS A 310 -4.11 35.72 16.14
CA LYS A 310 -2.78 35.95 15.61
C LYS A 310 -2.01 37.00 16.44
N ALA A 311 -2.71 38.04 16.87
CA ALA A 311 -2.07 39.11 17.63
C ALA A 311 -1.60 38.63 19.01
N VAL A 312 -2.31 37.65 19.56
CA VAL A 312 -1.99 37.11 20.87
C VAL A 312 -0.76 36.22 20.75
N VAL A 313 -0.75 35.35 19.74
CA VAL A 313 0.38 34.47 19.50
C VAL A 313 1.61 35.35 19.28
N ALA A 314 1.37 36.55 18.75
CA ALA A 314 2.40 37.53 18.47
C ALA A 314 3.52 36.93 17.62
N GLY A 315 4.77 37.15 18.06
CA GLY A 315 5.91 36.63 17.32
C GLY A 315 6.47 35.34 17.89
N ASN A 316 5.72 34.71 18.78
CA ASN A 316 6.17 33.45 19.40
C ASN A 316 5.88 32.24 18.50
N ALA A 321 -5.15 27.98 18.84
CA ALA A 321 -5.89 28.15 20.09
C ALA A 321 -7.36 28.48 19.85
N GLU A 322 -7.81 28.36 18.60
CA GLU A 322 -9.21 28.65 18.29
C GLU A 322 -9.85 27.55 17.46
N LEU A 323 -11.17 27.47 17.56
CA LEU A 323 -11.91 26.53 16.76
C LEU A 323 -13.10 27.31 16.23
N ALA A 324 -13.22 27.37 14.90
CA ALA A 324 -14.33 28.09 14.28
C ALA A 324 -15.34 27.04 13.81
N LEU A 325 -16.55 27.16 14.31
CA LEU A 325 -17.61 26.24 13.96
C LEU A 325 -18.66 27.00 13.13
N GLY A 326 -18.84 26.56 11.87
CA GLY A 326 -19.81 27.23 11.00
C GLY A 326 -20.89 26.28 10.48
N SER A 327 -21.65 26.74 9.48
CA SER A 327 -22.74 25.95 8.90
C SER A 327 -22.24 25.00 7.84
N ASN A 328 -22.79 23.78 7.80
CA ASN A 328 -22.31 22.81 6.83
C ASN A 328 -22.61 23.15 5.37
N ASP A 329 -23.48 24.13 5.14
CA ASP A 329 -23.80 24.54 3.77
C ASP A 329 -23.11 25.84 3.40
N ASP A 330 -22.32 26.39 4.32
CA ASP A 330 -21.60 27.63 4.06
C ASP A 330 -20.29 27.31 3.35
N GLN A 331 -20.35 27.20 2.03
CA GLN A 331 -19.15 26.85 1.29
C GLN A 331 -18.00 27.84 1.39
N ASP A 332 -18.31 29.12 1.58
CA ASP A 332 -17.26 30.12 1.69
C ASP A 332 -16.44 29.87 2.97
N PHE A 333 -17.13 29.60 4.04
CA PHE A 333 -16.47 29.33 5.31
C PHE A 333 -15.67 28.03 5.19
N ILE A 334 -16.31 26.96 4.74
CA ILE A 334 -15.63 25.69 4.61
C ILE A 334 -14.34 25.78 3.78
N SER A 335 -14.30 26.66 2.77
CA SER A 335 -13.11 26.80 1.94
C SER A 335 -12.16 27.91 2.34
N MET A 336 -12.48 28.68 3.36
CA MET A 336 -11.61 29.80 3.72
C MET A 336 -10.14 29.49 4.00
N LYS A 337 -9.85 28.36 4.65
CA LYS A 337 -8.45 28.03 4.94
C LYS A 337 -7.67 27.46 3.75
N GLN A 338 -8.35 27.26 2.62
CA GLN A 338 -7.65 26.73 1.46
C GLN A 338 -6.94 27.83 0.68
N ASP A 339 -7.34 29.08 0.92
CA ASP A 339 -6.69 30.22 0.27
C ASP A 339 -5.29 30.32 0.85
N GLN A 340 -4.29 29.89 0.08
CA GLN A 340 -2.90 29.87 0.52
C GLN A 340 -2.34 31.16 1.12
N GLU A 341 -2.54 32.30 0.45
CA GLU A 341 -2.04 33.58 0.95
C GLU A 341 -2.63 33.95 2.31
N LYS A 342 -3.96 33.88 2.42
CA LYS A 342 -4.64 34.20 3.66
C LYS A 342 -4.44 33.16 4.75
N LEU A 343 -4.15 31.93 4.37
CA LEU A 343 -3.89 30.87 5.32
C LEU A 343 -2.57 31.19 6.00
N MET A 344 -1.58 31.60 5.21
CA MET A 344 -0.28 31.94 5.75
C MET A 344 -0.31 33.23 6.56
N HIS A 345 -1.22 34.15 6.23
CA HIS A 345 -1.30 35.41 6.96
C HIS A 345 -2.04 35.38 8.29
N HIS A 346 -3.09 34.56 8.40
CA HIS A 346 -3.82 34.52 9.67
C HIS A 346 -4.84 33.41 9.85
N ARG A 347 -5.37 32.85 8.76
CA ARG A 347 -6.38 31.81 8.90
C ARG A 347 -5.86 30.53 9.53
N TRP A 348 -4.55 30.47 9.74
CA TRP A 348 -3.96 29.32 10.38
C TRP A 348 -4.35 29.35 11.86
N ALA A 349 -4.74 30.53 12.34
CA ALA A 349 -5.11 30.76 13.75
C ALA A 349 -6.20 29.87 14.37
N SER A 350 -7.09 29.36 13.54
CA SER A 350 -8.15 28.49 14.03
C SER A 350 -8.26 27.22 13.21
N ASN A 351 -8.90 26.20 13.77
CA ASN A 351 -9.15 24.97 13.04
C ASN A 351 -10.64 25.04 12.84
N ASN A 352 -11.10 24.78 11.64
CA ASN A 352 -12.51 24.92 11.35
C ASN A 352 -13.32 23.63 11.22
N SER A 353 -14.55 23.70 11.70
CA SER A 353 -15.47 22.56 11.67
C SER A 353 -16.88 23.02 11.30
N VAL A 354 -17.72 22.06 10.93
CA VAL A 354 -19.09 22.39 10.60
C VAL A 354 -20.07 21.66 11.51
N ALA A 355 -21.20 22.31 11.78
CA ALA A 355 -22.24 21.75 12.61
C ALA A 355 -23.14 20.85 11.79
N VAL A 356 -23.45 19.67 12.31
CA VAL A 356 -24.34 18.75 11.61
C VAL A 356 -25.30 18.14 12.61
N ASP A 357 -26.19 17.28 12.12
CA ASP A 357 -27.13 16.56 12.96
C ASP A 357 -27.15 15.14 12.40
N SER A 358 -27.78 14.22 13.11
CA SER A 358 -27.84 12.82 12.67
C SER A 358 -28.55 12.63 11.34
N ALA A 359 -29.44 13.55 11.01
CA ALA A 359 -30.17 13.48 9.75
C ALA A 359 -29.27 13.84 8.57
N PHE A 360 -28.19 14.55 8.85
CA PHE A 360 -27.23 14.97 7.83
C PHE A 360 -26.51 13.78 7.17
N SER A 361 -26.31 13.87 5.87
CA SER A 361 -25.63 12.79 5.15
C SER A 361 -24.72 13.33 4.04
N GLY A 362 -24.64 14.65 3.93
CA GLY A 362 -23.80 15.26 2.92
C GLY A 362 -22.32 15.23 3.24
N TYR A 363 -21.83 14.03 3.54
CA TYR A 363 -20.42 13.84 3.89
C TYR A 363 -19.47 13.77 2.70
N GLN A 364 -20.02 13.68 1.50
CA GLN A 364 -19.21 13.59 0.30
C GLN A 364 -18.17 14.74 0.19
N PRO A 365 -18.65 16.00 0.21
CA PRO A 365 -17.66 17.08 0.10
C PRO A 365 -16.79 17.22 1.36
N ILE A 366 -17.37 16.90 2.52
CA ILE A 366 -16.62 16.98 3.77
C ILE A 366 -15.45 16.01 3.73
N ALA A 367 -15.71 14.81 3.22
CA ALA A 367 -14.70 13.78 3.12
C ALA A 367 -13.61 14.20 2.15
N ALA A 368 -13.99 14.90 1.08
CA ALA A 368 -13.01 15.35 0.10
C ALA A 368 -12.06 16.34 0.76
N GLY A 369 -12.62 17.26 1.56
CA GLY A 369 -11.79 18.22 2.26
C GLY A 369 -10.84 17.52 3.21
N ILE A 370 -11.37 16.61 4.02
CA ILE A 370 -10.59 15.87 5.00
C ILE A 370 -9.43 15.12 4.37
N ARG A 371 -9.66 14.51 3.21
CA ARG A 371 -8.60 13.75 2.54
C ARG A 371 -7.47 14.66 2.06
N GLU A 372 -7.73 15.96 1.98
CA GLU A 372 -6.72 16.89 1.54
C GLU A 372 -5.88 17.50 2.66
N ASN A 373 -6.57 18.13 3.61
CA ASN A 373 -5.91 18.82 4.70
C ASN A 373 -6.38 18.47 6.11
N GLY A 374 -7.28 17.49 6.21
CA GLY A 374 -7.79 17.08 7.51
C GLY A 374 -8.92 17.97 8.02
N GLU A 375 -9.37 18.88 7.18
CA GLU A 375 -10.46 19.79 7.52
C GLU A 375 -11.57 19.66 6.48
N PRO A 376 -12.81 19.98 6.85
CA PRO A 376 -13.17 20.44 8.20
C PRO A 376 -13.45 19.32 9.20
N GLY A 377 -13.59 19.72 10.46
CA GLY A 377 -13.92 18.78 11.50
C GLY A 377 -15.43 18.83 11.59
N ILE A 378 -16.01 17.96 12.41
CA ILE A 378 -17.45 17.92 12.54
C ILE A 378 -17.91 17.96 13.98
N VAL A 379 -19.03 18.65 14.21
CA VAL A 379 -19.62 18.73 15.54
C VAL A 379 -21.12 18.47 15.41
N ASN A 380 -21.59 17.41 16.05
CA ASN A 380 -23.01 17.07 15.99
C ASN A 380 -23.71 17.70 17.20
N LEU A 381 -24.26 18.89 17.00
CA LEU A 381 -24.95 19.63 18.07
C LEU A 381 -26.21 18.89 18.53
N ASP A 382 -26.83 18.18 17.60
CA ASP A 382 -28.03 17.39 17.84
C ASP A 382 -27.76 16.37 18.96
N LEU A 383 -26.81 15.48 18.73
CA LEU A 383 -26.45 14.47 19.71
C LEU A 383 -25.88 15.08 21.00
N SER A 384 -25.16 16.18 20.86
CA SER A 384 -24.54 16.85 22.00
C SER A 384 -25.55 17.44 22.97
N LYS A 385 -26.67 17.91 22.45
CA LYS A 385 -27.69 18.49 23.30
C LYS A 385 -28.66 17.45 23.86
N ASN A 386 -28.78 16.31 23.19
CA ASN A 386 -29.74 15.28 23.61
C ASN A 386 -29.17 13.97 24.14
N TYR A 387 -27.90 13.98 24.50
CA TYR A 387 -27.27 12.77 25.03
C TYR A 387 -26.16 13.05 26.02
N GLY A 388 -25.98 12.11 26.94
CA GLY A 388 -24.89 12.17 27.89
C GLY A 388 -24.10 11.03 27.26
N ARG A 389 -24.00 9.88 27.95
CA ARG A 389 -23.32 8.74 27.35
C ARG A 389 -24.37 8.16 26.41
N ILE A 390 -23.95 7.70 25.23
CA ILE A 390 -24.91 7.15 24.30
C ILE A 390 -25.67 5.96 24.88
N VAL A 391 -25.07 5.25 25.82
CA VAL A 391 -25.74 4.09 26.41
C VAL A 391 -26.94 4.50 27.27
N ASP A 392 -26.88 5.69 27.84
CA ASP A 392 -27.96 6.20 28.69
C ASP A 392 -29.14 6.71 27.86
N GLY A 393 -29.05 6.47 26.55
CA GLY A 393 -30.11 6.84 25.63
C GLY A 393 -30.48 8.30 25.46
N TYR A 394 -31.31 8.54 24.45
CA TYR A 394 -31.81 9.87 24.10
C TYR A 394 -32.53 10.53 25.26
N GLN A 395 -32.11 11.75 25.60
CA GLN A 395 -32.75 12.49 26.68
C GLN A 395 -32.93 13.93 26.23
N ALA A 396 -34.12 14.23 25.72
CA ALA A 396 -34.45 15.56 25.21
C ALA A 396 -33.95 16.70 26.07
N GLY A 397 -33.13 17.57 25.45
CA GLY A 397 -32.59 18.73 26.11
C GLY A 397 -31.77 18.55 27.39
N ILE A 398 -31.19 17.38 27.59
CA ILE A 398 -30.39 17.14 28.78
C ILE A 398 -29.25 18.17 28.84
N ASP A 399 -28.72 18.55 27.67
CA ASP A 399 -27.66 19.55 27.56
C ASP A 399 -28.16 20.53 26.48
N GLY A 400 -29.37 21.04 26.68
CA GLY A 400 -29.99 21.95 25.72
C GLY A 400 -29.37 23.31 25.48
N ASP A 401 -28.44 23.75 26.32
CA ASP A 401 -27.81 25.06 26.13
C ASP A 401 -26.51 24.97 25.32
N VAL A 402 -26.15 23.76 24.89
CA VAL A 402 -24.93 23.57 24.12
C VAL A 402 -25.00 24.21 22.74
N GLU A 403 -23.97 24.98 22.39
CA GLU A 403 -23.92 25.64 21.09
C GLU A 403 -22.63 25.36 20.34
N GLY A 404 -21.67 24.76 21.03
CA GLY A 404 -20.40 24.47 20.41
C GLY A 404 -19.51 23.62 21.28
N THR A 405 -18.20 23.73 21.07
CA THR A 405 -17.22 22.97 21.82
C THR A 405 -15.93 23.76 21.91
N ASN A 406 -14.95 23.24 22.64
CA ASN A 406 -13.66 23.92 22.80
C ASN A 406 -12.75 23.46 21.66
N PRO A 407 -11.61 24.16 21.44
CA PRO A 407 -10.68 23.79 20.36
C PRO A 407 -10.38 22.30 20.22
N CYS A 408 -10.17 21.59 21.33
CA CYS A 408 -9.89 20.15 21.22
C CYS A 408 -11.16 19.32 21.05
N GLY A 409 -12.30 19.98 21.19
CA GLY A 409 -13.60 19.33 20.99
C GLY A 409 -14.04 18.20 21.91
N GLU A 410 -13.57 18.16 23.16
CA GLU A 410 -14.00 17.08 24.06
C GLU A 410 -15.15 17.47 24.98
N ILE A 411 -15.39 18.77 25.11
CA ILE A 411 -16.45 19.26 25.98
C ILE A 411 -17.60 19.92 25.22
N SER A 412 -18.83 19.57 25.60
CA SER A 412 -20.03 20.15 25.00
C SER A 412 -20.18 21.45 25.77
N LEU A 413 -20.21 22.60 25.08
CA LEU A 413 -20.29 23.87 25.79
C LEU A 413 -21.39 24.83 25.37
N ALA A 414 -21.82 25.64 26.33
CA ALA A 414 -22.81 26.68 26.10
C ALA A 414 -22.05 27.99 25.93
N ASN A 415 -22.75 29.02 25.47
CA ASN A 415 -22.15 30.33 25.26
C ASN A 415 -21.48 30.87 26.54
N GLY A 416 -20.19 31.17 26.45
CA GLY A 416 -19.46 31.71 27.58
C GLY A 416 -19.02 30.71 28.64
N GLU A 417 -19.27 29.43 28.39
CA GLU A 417 -18.90 28.39 29.35
C GLU A 417 -17.47 27.89 29.17
N PRO A 418 -16.79 27.55 30.28
CA PRO A 418 -15.42 27.06 30.20
C PRO A 418 -15.34 25.54 30.36
N CYS A 419 -14.19 25.01 29.98
CA CYS A 419 -13.92 23.59 30.13
C CYS A 419 -13.40 23.55 31.57
N ASN A 420 -13.42 22.38 32.19
CA ASN A 420 -12.96 22.24 33.56
C ASN A 420 -12.56 20.78 33.64
N LEU A 421 -11.28 20.53 33.39
CA LEU A 421 -10.76 19.17 33.32
C LEU A 421 -9.80 18.69 34.39
N PHE A 422 -9.77 17.37 34.53
CA PHE A 422 -8.88 16.69 35.46
C PHE A 422 -8.56 15.39 34.78
N GLU A 423 -7.29 15.03 34.72
CA GLU A 423 -6.90 13.80 34.05
C GLU A 423 -6.42 12.68 34.97
N VAL A 424 -6.93 11.49 34.71
CA VAL A 424 -6.59 10.30 35.46
C VAL A 424 -5.95 9.26 34.54
N PHE A 425 -4.90 8.61 35.05
CA PHE A 425 -4.20 7.58 34.31
C PHE A 425 -4.47 6.28 35.08
N PRO A 426 -5.54 5.56 34.72
CA PRO A 426 -5.95 4.30 35.35
C PRO A 426 -4.83 3.31 35.66
N LEU A 427 -4.05 2.94 34.65
CA LEU A 427 -2.95 1.99 34.86
C LEU A 427 -1.98 2.46 35.94
N ILE A 428 -1.54 3.71 35.84
CA ILE A 428 -0.60 4.25 36.81
C ILE A 428 -1.18 4.41 38.22
N ALA A 429 -2.43 4.87 38.31
CA ALA A 429 -3.04 5.03 39.62
C ALA A 429 -3.08 3.67 40.33
N GLU A 430 -3.46 2.63 39.59
CA GLU A 430 -3.55 1.27 40.13
C GLU A 430 -2.18 0.76 40.58
N GLU A 431 -1.16 0.99 39.76
CA GLU A 431 0.20 0.57 40.07
C GLU A 431 0.75 1.33 41.28
N GLN A 432 0.18 2.50 41.56
CA GLN A 432 0.60 3.32 42.71
C GLN A 432 -0.22 2.94 43.95
N GLY A 433 -0.93 1.82 43.86
CA GLY A 433 -1.71 1.33 45.00
C GLY A 433 -3.02 2.03 45.29
N TRP A 434 -3.59 2.70 44.30
CA TRP A 434 -4.86 3.38 44.52
C TRP A 434 -6.07 2.57 44.07
N ASP A 435 -7.21 2.85 44.69
CA ASP A 435 -8.46 2.21 44.30
C ASP A 435 -9.03 3.24 43.33
N LEU A 436 -9.24 2.84 42.07
CA LEU A 436 -9.75 3.78 41.06
C LEU A 436 -11.01 4.54 41.47
N GLN A 437 -11.98 3.83 42.03
CA GLN A 437 -13.21 4.46 42.47
C GLN A 437 -12.90 5.68 43.34
N GLU A 438 -11.91 5.55 44.22
CA GLU A 438 -11.54 6.68 45.10
C GLU A 438 -10.78 7.77 44.34
N VAL A 439 -10.05 7.38 43.31
CA VAL A 439 -9.28 8.33 42.53
C VAL A 439 -10.26 9.23 41.78
N PHE A 440 -11.23 8.61 41.12
CA PHE A 440 -12.20 9.40 40.36
C PHE A 440 -13.07 10.27 41.23
N ALA A 441 -13.24 9.90 42.50
CA ALA A 441 -14.05 10.71 43.38
C ALA A 441 -13.24 11.96 43.79
N LEU A 442 -11.94 11.80 44.01
CA LEU A 442 -11.11 12.95 44.37
C LEU A 442 -11.08 13.87 43.13
N ALA A 443 -11.02 13.24 41.97
CA ALA A 443 -10.97 14.00 40.72
C ALA A 443 -12.21 14.89 40.62
N ALA A 444 -13.38 14.28 40.74
CA ALA A 444 -14.64 15.01 40.66
C ALA A 444 -14.72 16.21 41.60
N ARG A 445 -14.25 16.05 42.82
CA ARG A 445 -14.31 17.13 43.80
C ARG A 445 -13.33 18.25 43.47
N TYR A 446 -12.19 17.89 42.90
CA TYR A 446 -11.19 18.89 42.54
C TYR A 446 -11.85 19.82 41.54
N ALA A 447 -12.39 19.22 40.49
CA ALA A 447 -13.06 19.97 39.42
C ALA A 447 -14.21 20.81 39.97
N LYS A 448 -15.08 20.16 40.74
CA LYS A 448 -16.23 20.84 41.31
C LYS A 448 -15.82 22.13 42.01
N ARG A 449 -14.70 22.09 42.73
CA ARG A 449 -14.24 23.27 43.42
C ARG A 449 -13.85 24.40 42.48
N VAL A 450 -13.16 24.06 41.40
CA VAL A 450 -12.76 25.08 40.44
C VAL A 450 -13.97 25.94 40.05
N THR A 451 -15.15 25.31 39.98
CA THR A 451 -16.37 26.04 39.61
C THR A 451 -16.77 27.15 40.59
N PHE A 452 -16.08 27.25 41.73
CA PHE A 452 -16.39 28.31 42.69
C PHE A 452 -15.34 29.41 42.65
N SER A 453 -14.41 29.32 41.70
CA SER A 453 -13.37 30.33 41.56
C SER A 453 -13.95 31.62 40.99
N PRO A 454 -13.19 32.73 41.01
CA PRO A 454 -13.68 34.01 40.47
C PRO A 454 -13.73 34.04 38.94
N TYR A 455 -14.87 34.45 38.38
CA TYR A 455 -15.01 34.57 36.93
C TYR A 455 -15.35 36.00 36.55
N ASP A 456 -14.66 36.55 35.55
CA ASP A 456 -14.87 37.93 35.13
C ASP A 456 -16.13 38.25 34.33
N TRP A 457 -16.62 37.30 33.54
CA TRP A 457 -17.79 37.57 32.71
C TRP A 457 -19.10 37.11 33.31
N GLU A 458 -20.11 37.97 33.25
CA GLU A 458 -21.41 37.65 33.79
C GLU A 458 -21.97 36.38 33.19
N ILE A 459 -21.93 36.27 31.87
CA ILE A 459 -22.47 35.11 31.21
C ILE A 459 -21.83 33.79 31.67
N SER A 460 -20.54 33.85 32.00
CA SER A 460 -19.83 32.65 32.46
C SER A 460 -20.31 32.29 33.87
N ARG A 461 -20.42 33.30 34.73
CA ARG A 461 -20.87 33.06 36.10
C ARG A 461 -22.25 32.40 36.11
N GLU A 462 -23.16 32.94 35.32
CA GLU A 462 -24.52 32.42 35.25
C GLU A 462 -24.60 30.99 34.74
N ILE A 463 -23.98 30.73 33.60
CA ILE A 463 -24.01 29.40 33.02
C ILE A 463 -23.35 28.36 33.92
N ILE A 464 -22.25 28.73 34.57
CA ILE A 464 -21.55 27.82 35.46
C ILE A 464 -22.41 27.51 36.69
N GLN A 465 -23.08 28.54 37.21
CA GLN A 465 -23.95 28.40 38.37
C GLN A 465 -25.02 27.36 38.05
N LYS A 466 -25.51 27.40 36.82
CA LYS A 466 -26.55 26.49 36.39
C LYS A 466 -26.03 25.10 36.02
N ASN A 467 -24.82 25.03 35.45
CA ASN A 467 -24.25 23.76 35.04
C ASN A 467 -23.24 23.06 35.95
N ARG A 468 -22.31 23.82 36.53
CA ARG A 468 -21.29 23.23 37.40
C ARG A 468 -20.64 22.06 36.67
N ARG A 469 -20.46 22.24 35.35
CA ARG A 469 -19.88 21.20 34.52
C ARG A 469 -18.45 20.81 34.91
N ILE A 470 -18.17 19.51 34.91
CA ILE A 470 -16.83 19.05 35.20
C ILE A 470 -16.46 18.09 34.08
N GLY A 471 -15.17 17.93 33.84
CA GLY A 471 -14.73 17.05 32.79
C GLY A 471 -13.61 16.15 33.24
N ILE A 472 -13.97 15.07 33.91
CA ILE A 472 -12.97 14.13 34.40
C ILE A 472 -12.54 13.29 33.23
N SER A 473 -11.28 13.47 32.82
CA SER A 473 -10.73 12.75 31.68
C SER A 473 -9.99 11.50 32.09
N MET A 474 -9.96 10.54 31.16
CA MET A 474 -9.30 9.28 31.34
C MET A 474 -8.22 9.23 30.28
N SER A 475 -6.97 9.14 30.71
CA SER A 475 -5.84 9.09 29.79
C SER A 475 -5.05 7.80 29.98
N GLY A 476 -4.14 7.51 29.07
CA GLY A 476 -3.38 6.28 29.16
C GLY A 476 -4.33 5.10 28.97
N ILE A 477 -5.42 5.36 28.25
CA ILE A 477 -6.45 4.36 27.98
C ILE A 477 -5.99 3.11 27.23
N GLN A 478 -5.14 3.26 26.24
CA GLN A 478 -4.70 2.08 25.53
C GLN A 478 -3.79 1.23 26.42
N ASP A 479 -2.92 1.88 27.20
CA ASP A 479 -2.02 1.14 28.10
C ASP A 479 -2.84 0.36 29.12
N TRP A 480 -3.82 1.03 29.70
CA TRP A 480 -4.69 0.45 30.72
C TRP A 480 -5.46 -0.77 30.22
N LEU A 481 -6.01 -0.68 29.01
CA LEU A 481 -6.79 -1.78 28.44
C LEU A 481 -5.95 -2.95 27.94
N LEU A 482 -4.86 -2.65 27.23
CA LEU A 482 -4.01 -3.70 26.69
C LEU A 482 -3.45 -4.57 27.81
N THR A 483 -3.03 -3.91 28.88
CA THR A 483 -2.47 -4.58 30.04
C THR A 483 -3.55 -5.41 30.72
N ARG A 484 -4.58 -4.71 31.20
CA ARG A 484 -5.67 -5.34 31.92
C ARG A 484 -6.55 -6.32 31.12
N LEU A 485 -6.56 -6.21 29.80
CA LEU A 485 -7.39 -7.09 28.99
C LEU A 485 -6.58 -8.07 28.13
N GLY A 486 -5.36 -7.69 27.79
CA GLY A 486 -4.52 -8.54 26.97
C GLY A 486 -4.75 -8.23 25.50
N ASN A 487 -5.78 -7.46 25.20
CA ASN A 487 -6.11 -7.10 23.82
C ASN A 487 -6.76 -5.73 23.76
N ARG A 488 -7.03 -5.26 22.55
CA ARG A 488 -7.66 -3.96 22.35
C ARG A 488 -9.18 -4.03 22.48
N VAL A 489 -9.77 -2.99 23.07
CA VAL A 489 -11.22 -2.93 23.28
C VAL A 489 -12.01 -3.49 22.09
N VAL A 490 -11.50 -3.28 20.88
CA VAL A 490 -12.17 -3.80 19.70
C VAL A 490 -11.52 -5.14 19.36
N THR A 491 -12.22 -6.23 19.68
CA THR A 491 -11.73 -7.59 19.43
C THR A 491 -11.97 -8.09 18.01
N GLY A 492 -12.82 -7.39 17.27
CA GLY A 492 -13.12 -7.78 15.91
C GLY A 492 -14.38 -7.12 15.36
N PHE A 493 -14.79 -7.54 14.17
CA PHE A 493 -15.99 -6.97 13.55
C PHE A 493 -16.94 -8.05 13.05
N LYS A 494 -18.23 -7.81 13.20
CA LYS A 494 -19.25 -8.75 12.73
C LYS A 494 -20.13 -8.03 11.69
N ASP A 495 -20.76 -8.80 10.80
CA ASP A 495 -21.62 -8.21 9.77
C ASP A 495 -22.88 -7.62 10.39
N ASP A 496 -23.50 -6.68 9.67
CA ASP A 496 -24.71 -6.04 10.13
C ASP A 496 -25.18 -5.03 9.08
N PHE A 497 -26.25 -4.31 9.38
CA PHE A 497 -26.78 -3.35 8.42
C PHE A 497 -27.16 -2.01 9.08
N ASP A 498 -27.09 -0.94 8.29
CA ASP A 498 -27.41 0.39 8.78
C ASP A 498 -28.85 0.44 9.27
N PRO A 499 -29.07 0.94 10.50
CA PRO A 499 -30.41 1.04 11.10
C PRO A 499 -31.47 1.75 10.26
N GLU A 500 -31.03 2.59 9.32
CA GLU A 500 -32.00 3.30 8.49
C GLU A 500 -32.02 2.85 7.04
N THR A 501 -30.85 2.85 6.42
CA THR A 501 -30.73 2.47 5.02
C THR A 501 -30.57 0.96 4.81
N HIS A 502 -30.35 0.23 5.88
CA HIS A 502 -30.19 -1.22 5.80
C HIS A 502 -28.91 -1.59 5.05
N GLU A 503 -28.05 -0.60 4.82
CA GLU A 503 -26.79 -0.84 4.13
C GLU A 503 -25.93 -1.80 4.96
N ALA A 504 -25.33 -2.77 4.28
CA ALA A 504 -24.49 -3.75 4.95
C ALA A 504 -23.22 -3.03 5.44
N ILE A 505 -22.87 -3.26 6.70
CA ILE A 505 -21.68 -2.63 7.27
C ILE A 505 -20.99 -3.55 8.26
N LYS A 506 -19.76 -3.17 8.62
CA LYS A 506 -18.98 -3.92 9.59
C LYS A 506 -19.08 -3.21 10.94
N VAL A 507 -19.68 -3.88 11.91
CA VAL A 507 -19.81 -3.30 13.24
C VAL A 507 -18.75 -3.93 14.13
N PRO A 508 -18.22 -3.16 15.10
CA PRO A 508 -17.20 -3.65 16.02
C PRO A 508 -17.74 -4.52 17.14
N VAL A 509 -16.89 -5.44 17.61
CA VAL A 509 -17.24 -6.30 18.73
C VAL A 509 -16.33 -5.83 19.86
N TYR A 510 -16.93 -5.34 20.93
CA TYR A 510 -16.16 -4.83 22.06
C TYR A 510 -15.96 -5.88 23.13
N ASP A 511 -14.82 -5.77 23.82
CA ASP A 511 -14.50 -6.68 24.90
C ASP A 511 -15.42 -6.23 26.04
N LYS A 512 -16.44 -7.04 26.32
CA LYS A 512 -17.42 -6.73 27.36
C LYS A 512 -16.82 -6.44 28.73
N ARG A 513 -15.58 -6.85 28.94
CA ARG A 513 -14.91 -6.58 30.21
C ARG A 513 -14.68 -5.07 30.31
N ALA A 514 -14.31 -4.46 29.19
CA ALA A 514 -14.05 -3.01 29.15
C ALA A 514 -15.25 -2.17 29.55
N ILE A 515 -16.44 -2.60 29.12
CA ILE A 515 -17.66 -1.88 29.44
C ILE A 515 -17.85 -1.74 30.95
N LYS A 516 -17.68 -2.85 31.66
CA LYS A 516 -17.85 -2.82 33.12
C LYS A 516 -16.84 -1.93 33.82
N MET A 517 -15.56 -2.06 33.48
CA MET A 517 -14.56 -1.23 34.13
C MET A 517 -14.76 0.27 33.89
N VAL A 518 -15.13 0.68 32.68
CA VAL A 518 -15.33 2.12 32.46
C VAL A 518 -16.65 2.57 33.04
N ASP A 519 -17.66 1.70 32.99
CA ASP A 519 -18.97 2.04 33.55
C ASP A 519 -18.93 2.29 35.06
N GLN A 520 -18.12 1.51 35.78
CA GLN A 520 -18.03 1.69 37.23
C GLN A 520 -17.34 2.98 37.60
N LEU A 521 -16.37 3.37 36.78
CA LEU A 521 -15.64 4.60 37.01
C LEU A 521 -16.57 5.78 36.75
N TYR A 522 -17.40 5.68 35.71
CA TYR A 522 -18.33 6.77 35.40
C TYR A 522 -19.31 6.96 36.56
N LYS A 523 -19.89 5.86 37.00
CA LYS A 523 -20.84 5.91 38.10
C LYS A 523 -20.17 6.44 39.38
N ALA A 524 -18.86 6.20 39.52
CA ALA A 524 -18.12 6.66 40.69
C ALA A 524 -18.00 8.18 40.68
N VAL A 525 -17.82 8.75 39.49
CA VAL A 525 -17.71 10.20 39.36
C VAL A 525 -19.07 10.85 39.61
N VAL A 526 -20.13 10.20 39.14
CA VAL A 526 -21.49 10.72 39.32
C VAL A 526 -21.89 10.70 40.80
N LYS A 527 -21.59 9.58 41.47
CA LYS A 527 -21.91 9.46 42.90
C LYS A 527 -21.13 10.52 43.67
N ALA A 528 -19.84 10.62 43.37
CA ALA A 528 -18.99 11.61 44.01
C ALA A 528 -19.56 13.02 43.83
N ASP A 529 -20.03 13.33 42.62
CA ASP A 529 -20.60 14.65 42.36
C ASP A 529 -21.94 14.84 43.06
N GLN A 530 -22.77 13.80 43.10
CA GLN A 530 -24.06 13.92 43.75
C GLN A 530 -23.90 14.24 45.24
N ASP A 531 -23.05 13.48 45.93
CA ASP A 531 -22.85 13.70 47.36
C ASP A 531 -22.24 15.06 47.65
N TYR A 532 -21.20 15.44 46.89
CA TYR A 532 -20.54 16.73 47.10
C TYR A 532 -21.45 17.90 46.79
N SER A 533 -22.37 17.70 45.86
CA SER A 533 -23.31 18.75 45.49
C SER A 533 -24.25 18.98 46.67
N LYS A 534 -24.64 17.90 47.34
CA LYS A 534 -25.50 17.99 48.50
C LYS A 534 -24.80 18.78 49.60
N THR A 535 -23.61 18.31 49.99
CA THR A 535 -22.82 18.95 51.03
C THR A 535 -22.64 20.46 50.81
N LEU A 536 -22.30 20.84 49.57
CA LEU A 536 -22.09 22.24 49.24
C LEU A 536 -23.39 22.98 49.00
N GLY A 537 -24.43 22.24 48.63
CA GLY A 537 -25.72 22.85 48.36
C GLY A 537 -25.83 23.52 47.01
N CYS A 538 -25.03 23.08 46.05
CA CYS A 538 -25.06 23.66 44.70
C CYS A 538 -25.70 22.67 43.73
N ASN A 539 -25.79 23.05 42.46
CA ASN A 539 -26.37 22.18 41.44
C ASN A 539 -25.41 21.05 41.12
N GLU A 540 -25.95 19.91 40.70
CA GLU A 540 -25.14 18.77 40.35
C GLU A 540 -24.60 19.04 38.94
N SER A 541 -23.40 18.57 38.65
CA SER A 541 -22.78 18.76 37.34
C SER A 541 -23.66 18.25 36.20
N ILE A 542 -23.94 19.10 35.21
CA ILE A 542 -24.77 18.70 34.07
C ILE A 542 -24.12 17.53 33.31
N LYS A 543 -22.79 17.57 33.23
CA LYS A 543 -22.03 16.51 32.59
C LYS A 543 -20.83 16.26 33.49
N HIS A 544 -20.16 15.12 33.32
CA HIS A 544 -19.05 14.80 34.21
C HIS A 544 -17.76 14.27 33.61
N THR A 545 -17.88 13.54 32.51
CA THR A 545 -16.73 12.90 31.92
C THR A 545 -16.41 13.24 30.49
N THR A 546 -15.17 12.96 30.09
CA THR A 546 -14.68 13.23 28.75
C THR A 546 -13.37 12.51 28.51
N VAL A 547 -12.78 12.70 27.33
CA VAL A 547 -11.48 12.10 27.03
C VAL A 547 -10.68 13.18 26.31
N LYS A 548 -9.52 13.51 26.84
CA LYS A 548 -8.68 14.52 26.20
C LYS A 548 -7.30 13.95 25.93
N PRO A 549 -6.76 14.16 24.72
CA PRO A 549 -5.44 13.63 24.42
C PRO A 549 -4.34 14.61 24.86
N SER A 550 -4.41 15.04 26.11
CA SER A 550 -3.43 16.00 26.66
C SER A 550 -2.00 15.50 26.56
N GLY A 551 -1.34 15.91 25.48
CA GLY A 551 0.03 15.49 25.24
C GLY A 551 1.04 15.80 26.33
N THR A 552 1.23 17.07 26.63
CA THR A 552 2.22 17.48 27.62
C THR A 552 2.11 16.78 28.98
N VAL A 553 0.93 16.83 29.61
CA VAL A 553 0.75 16.19 30.89
C VAL A 553 0.93 14.67 30.81
N ALA A 554 0.47 14.07 29.73
CA ALA A 554 0.61 12.63 29.57
C ALA A 554 2.10 12.26 29.50
N LYS A 555 2.94 13.20 29.05
CA LYS A 555 4.38 12.95 28.97
C LYS A 555 4.99 12.91 30.37
N LEU A 556 4.42 13.66 31.30
CA LEU A 556 4.92 13.66 32.67
C LEU A 556 4.94 12.24 33.24
N ALA A 557 3.89 11.49 32.97
CA ALA A 557 3.76 10.12 33.46
C ALA A 557 4.10 9.05 32.44
N GLY A 558 4.47 9.46 31.24
CA GLY A 558 4.80 8.50 30.19
C GLY A 558 3.61 7.65 29.77
N ALA A 559 2.40 8.20 29.87
CA ALA A 559 1.20 7.47 29.50
C ALA A 559 0.79 7.71 28.05
N SER A 560 0.01 6.79 27.47
CA SER A 560 -0.50 6.99 26.12
C SER A 560 -1.45 8.18 26.28
N GLU A 561 -1.54 9.03 25.26
CA GLU A 561 -2.38 10.23 25.31
C GLU A 561 -3.86 10.00 25.03
N GLY A 562 -4.70 10.30 26.01
CA GLY A 562 -6.12 10.09 25.86
C GLY A 562 -6.38 8.67 25.39
N MET A 563 -7.13 8.52 24.30
CA MET A 563 -7.42 7.21 23.75
C MET A 563 -6.49 6.85 22.60
N HIS A 564 -5.54 7.72 22.29
CA HIS A 564 -4.59 7.49 21.20
C HIS A 564 -3.70 6.26 21.42
N PHE A 565 -3.20 5.70 20.32
CA PHE A 565 -2.32 4.56 20.36
C PHE A 565 -0.90 5.12 20.31
N HIS A 566 0.08 4.28 20.61
CA HIS A 566 1.47 4.73 20.59
C HIS A 566 2.01 4.84 19.16
N TYR A 567 2.92 5.78 18.96
CA TYR A 567 3.53 5.94 17.65
C TYR A 567 4.31 4.68 17.29
N GLY A 568 4.88 4.02 18.30
CA GLY A 568 5.65 2.81 18.09
C GLY A 568 5.99 2.07 19.38
N ALA A 569 6.27 0.77 19.28
CA ALA A 569 6.60 -0.06 20.46
C ALA A 569 7.90 0.38 21.13
N TYR A 570 8.94 0.53 20.32
CA TYR A 570 10.24 0.96 20.79
C TYR A 570 10.64 2.15 19.92
N LEU A 571 10.96 3.25 20.55
CA LEU A 571 11.31 4.45 19.80
C LEU A 571 12.41 5.27 20.44
N ILE A 572 13.01 6.14 19.63
CA ILE A 572 13.99 7.08 20.13
C ILE A 572 13.19 8.38 20.01
N GLN A 573 12.84 8.98 21.14
CA GLN A 573 12.10 10.23 21.09
C GLN A 573 13.05 11.38 21.29
N ARG A 574 12.99 12.35 20.39
CA ARG A 574 13.86 13.52 20.46
C ARG A 574 13.16 14.74 21.05
N ILE A 575 13.80 15.33 22.06
CA ILE A 575 13.28 16.52 22.71
C ILE A 575 14.25 17.65 22.37
N ARG A 576 13.72 18.76 21.88
CA ARG A 576 14.54 19.89 21.49
C ARG A 576 14.70 20.92 22.59
N PHE A 577 15.95 21.36 22.78
CA PHE A 577 16.32 22.34 23.79
C PHE A 577 17.13 23.48 23.19
N GLN A 578 16.97 24.66 23.77
CA GLN A 578 17.76 25.81 23.35
C GLN A 578 19.17 25.44 23.80
N ASP A 579 20.17 25.78 23.00
CA ASP A 579 21.56 25.45 23.33
C ASP A 579 22.01 26.00 24.68
N SER A 580 21.30 26.99 25.20
CA SER A 580 21.64 27.59 26.49
C SER A 580 20.90 26.99 27.68
N ASP A 581 19.94 26.12 27.40
CA ASP A 581 19.14 25.52 28.45
C ASP A 581 19.96 24.88 29.58
N PRO A 582 19.67 25.28 30.82
CA PRO A 582 20.35 24.77 32.03
C PRO A 582 20.37 23.25 32.17
N LEU A 583 19.35 22.59 31.62
CA LEU A 583 19.24 21.13 31.69
C LEU A 583 20.23 20.34 30.84
N LEU A 584 20.73 20.93 29.76
CA LEU A 584 21.63 20.19 28.87
C LEU A 584 22.88 19.61 29.50
N PRO A 585 23.59 20.38 30.33
CA PRO A 585 24.79 19.78 30.91
C PRO A 585 24.46 18.55 31.75
N ALA A 586 23.33 18.59 32.46
CA ALA A 586 22.93 17.46 33.27
C ALA A 586 22.55 16.27 32.40
N LEU A 587 21.85 16.51 31.29
CA LEU A 587 21.47 15.42 30.39
C LEU A 587 22.71 14.80 29.75
N LYS A 588 23.63 15.65 29.32
CA LYS A 588 24.87 15.15 28.71
C LYS A 588 25.65 14.31 29.73
N ALA A 589 25.69 14.79 30.97
CA ALA A 589 26.41 14.08 32.03
C ALA A 589 25.78 12.72 32.35
N CYS A 590 24.50 12.54 32.04
CA CYS A 590 23.83 11.28 32.32
C CYS A 590 23.91 10.20 31.22
N GLY A 591 24.51 10.53 30.07
CA GLY A 591 24.64 9.54 29.01
C GLY A 591 23.73 9.71 27.80
N TYR A 592 22.79 10.63 27.87
CA TYR A 592 21.86 10.88 26.77
C TYR A 592 22.61 11.34 25.53
N ARG A 593 22.22 10.82 24.37
CA ARG A 593 22.86 11.19 23.12
C ARG A 593 22.26 12.51 22.67
N THR A 594 23.11 13.41 22.15
CA THR A 594 22.64 14.72 21.69
C THR A 594 23.23 15.05 20.31
N GLU A 595 22.61 16.01 19.63
CA GLU A 595 23.05 16.42 18.31
C GLU A 595 22.42 17.77 18.01
N ALA A 596 23.06 18.55 17.16
CA ALA A 596 22.50 19.85 16.81
C ALA A 596 21.21 19.58 16.01
N ASP A 597 20.16 20.33 16.29
CA ASP A 597 18.88 20.16 15.61
C ASP A 597 19.04 20.81 14.23
N ILE A 598 18.62 20.10 13.19
CA ILE A 598 18.75 20.63 11.82
C ILE A 598 17.59 21.51 11.38
N TYR A 599 16.49 21.48 12.13
CA TYR A 599 15.31 22.26 11.77
C TYR A 599 15.22 23.62 12.45
N THR A 600 16.05 23.86 13.46
CA THR A 600 16.01 25.12 14.18
C THR A 600 17.41 25.53 14.60
N GLU A 601 17.70 26.81 14.42
CA GLU A 601 18.98 27.39 14.76
C GLU A 601 19.22 27.36 16.28
N ASN A 602 20.49 27.24 16.67
CA ASN A 602 20.91 27.22 18.08
C ASN A 602 20.04 26.33 18.97
N THR A 603 19.76 25.12 18.51
CA THR A 603 18.94 24.18 19.26
C THR A 603 19.63 22.81 19.28
N THR A 604 19.45 22.08 20.36
CA THR A 604 20.06 20.75 20.53
C THR A 604 18.98 19.70 20.73
N CYS A 605 19.14 18.56 20.07
CA CYS A 605 18.20 17.46 20.22
C CYS A 605 18.81 16.51 21.24
N VAL A 606 17.96 15.95 22.10
CA VAL A 606 18.42 14.98 23.07
C VAL A 606 17.57 13.72 22.84
N GLU A 607 18.25 12.59 22.66
CA GLU A 607 17.58 11.33 22.38
C GLU A 607 17.19 10.50 23.61
N PHE A 608 15.88 10.25 23.74
CA PHE A 608 15.35 9.47 24.86
C PHE A 608 14.79 8.14 24.40
N PRO A 609 15.48 7.02 24.76
CA PRO A 609 14.97 5.70 24.34
C PRO A 609 13.67 5.46 25.14
N ILE A 610 12.62 4.99 24.47
CA ILE A 610 11.36 4.73 25.17
C ILE A 610 10.64 3.46 24.75
N LYS A 611 10.21 2.71 25.75
CA LYS A 611 9.48 1.47 25.51
C LYS A 611 8.02 1.66 25.90
N ALA A 612 7.12 1.36 24.97
CA ALA A 612 5.70 1.51 25.27
C ALA A 612 5.19 0.29 26.03
N VAL A 613 4.21 0.53 26.88
CA VAL A 613 3.59 -0.54 27.65
C VAL A 613 3.06 -1.58 26.66
N GLY A 614 3.20 -2.85 27.02
CA GLY A 614 2.72 -3.90 26.14
C GLY A 614 3.44 -3.98 24.82
N ALA A 615 4.64 -3.39 24.76
CA ALA A 615 5.44 -3.39 23.55
C ALA A 615 5.60 -4.77 22.91
N ASP A 616 5.72 -5.80 23.76
CA ASP A 616 5.91 -7.16 23.27
C ASP A 616 4.64 -8.00 23.21
N ASN A 617 3.49 -7.35 23.30
CA ASN A 617 2.22 -8.06 23.24
C ASN A 617 1.82 -8.11 21.77
N PRO A 618 1.44 -9.29 21.27
CA PRO A 618 1.05 -9.39 19.86
C PRO A 618 -0.19 -8.54 19.56
N ASN A 619 -0.89 -8.10 20.60
CA ASN A 619 -2.07 -7.27 20.44
C ASN A 619 -1.69 -5.80 20.48
N PHE A 620 -0.40 -5.52 20.63
CA PHE A 620 0.09 -4.16 20.66
C PHE A 620 -0.12 -3.58 19.28
N ALA A 621 -0.67 -2.37 19.21
CA ALA A 621 -0.91 -1.74 17.91
C ALA A 621 -0.31 -0.34 17.89
N SER A 622 0.47 -0.04 16.85
CA SER A 622 1.06 1.28 16.70
C SER A 622 0.10 2.12 15.87
N ALA A 623 0.03 3.41 16.14
CA ALA A 623 -0.87 4.33 15.45
C ALA A 623 -0.88 4.16 13.93
N GLY A 624 0.28 3.91 13.35
CA GLY A 624 0.36 3.74 11.91
C GLY A 624 -0.28 2.48 11.39
N THR A 625 -0.47 1.48 12.24
CA THR A 625 -1.04 0.22 11.80
C THR A 625 -2.51 0.02 12.15
N VAL A 626 -3.06 0.89 13.01
CA VAL A 626 -4.47 0.76 13.40
C VAL A 626 -5.40 1.25 12.30
N SER A 627 -6.29 0.38 11.85
CA SER A 627 -7.21 0.74 10.78
C SER A 627 -8.11 1.91 11.14
N ILE A 628 -8.54 2.67 10.14
CA ILE A 628 -9.42 3.80 10.40
C ILE A 628 -10.73 3.29 11.01
N ALA A 629 -11.20 2.14 10.53
CA ALA A 629 -12.43 1.56 11.06
C ALA A 629 -12.33 1.29 12.56
N GLU A 630 -11.19 0.77 12.98
CA GLU A 630 -11.01 0.48 14.40
C GLU A 630 -10.89 1.73 15.27
N GLN A 631 -10.30 2.79 14.72
CA GLN A 631 -10.19 4.03 15.48
C GLN A 631 -11.58 4.62 15.74
N PHE A 632 -12.44 4.60 14.72
CA PHE A 632 -13.81 5.10 14.88
C PHE A 632 -14.52 4.30 15.97
N ALA A 633 -14.44 2.96 15.88
CA ALA A 633 -15.07 2.09 16.87
C ALA A 633 -14.57 2.36 18.28
N THR A 634 -13.27 2.62 18.41
CA THR A 634 -12.70 2.89 19.74
C THR A 634 -13.26 4.20 20.31
N GLN A 635 -13.30 5.25 19.49
CA GLN A 635 -13.85 6.51 19.97
C GLN A 635 -15.32 6.31 20.34
N ALA A 636 -16.04 5.57 19.52
CA ALA A 636 -17.47 5.31 19.75
C ALA A 636 -17.70 4.57 21.06
N PHE A 637 -16.80 3.64 21.37
CA PHE A 637 -16.91 2.87 22.60
C PHE A 637 -16.90 3.82 23.79
N LEU A 638 -15.88 4.68 23.86
CA LEU A 638 -15.76 5.62 24.96
C LEU A 638 -16.92 6.62 25.02
N GLN A 639 -17.45 7.00 23.87
CA GLN A 639 -18.56 7.95 23.83
C GLN A 639 -19.84 7.26 24.31
N THR A 640 -19.92 5.96 24.07
CA THR A 640 -21.10 5.18 24.45
C THR A 640 -21.12 4.77 25.92
N TYR A 641 -19.99 4.28 26.44
CA TYR A 641 -19.95 3.84 27.83
C TYR A 641 -19.20 4.67 28.87
N TRP A 642 -18.44 5.68 28.43
CA TRP A 642 -17.67 6.49 29.39
C TRP A 642 -17.96 7.99 29.48
N SER A 643 -17.78 8.70 28.38
CA SER A 643 -17.95 10.15 28.33
C SER A 643 -19.38 10.62 28.09
N ASP A 644 -19.87 11.51 28.96
CA ASP A 644 -21.20 12.07 28.76
C ASP A 644 -21.02 13.45 28.10
N ASN A 645 -19.76 13.82 27.88
CA ASN A 645 -19.43 15.06 27.18
C ASN A 645 -19.01 14.46 25.84
N ALA A 646 -17.89 14.91 25.29
CA ALA A 646 -17.44 14.35 24.01
C ALA A 646 -16.16 13.55 24.18
N VAL A 647 -15.62 13.08 23.06
CA VAL A 647 -14.39 12.29 23.05
C VAL A 647 -13.40 12.88 22.04
N SER A 648 -12.36 13.51 22.56
CA SER A 648 -11.36 14.10 21.69
C SER A 648 -10.32 13.08 21.24
N CYS A 649 -10.10 13.03 19.94
CA CYS A 649 -9.12 12.13 19.38
C CYS A 649 -9.00 12.39 17.90
N THR A 650 -7.77 12.32 17.41
CA THR A 650 -7.49 12.56 16.01
C THR A 650 -7.40 11.20 15.33
N ILE A 651 -8.34 10.93 14.45
CA ILE A 651 -8.34 9.67 13.72
C ILE A 651 -7.43 9.87 12.50
N THR A 652 -6.35 9.10 12.45
CA THR A 652 -5.39 9.16 11.36
C THR A 652 -5.57 7.97 10.43
N PHE A 653 -5.44 8.22 9.13
CA PHE A 653 -5.63 7.18 8.14
C PHE A 653 -4.59 7.29 7.02
N GLN A 654 -4.35 6.17 6.34
CA GLN A 654 -3.41 6.13 5.23
C GLN A 654 -4.22 6.58 3.99
N ASP A 655 -3.55 7.03 2.95
CA ASP A 655 -4.27 7.45 1.75
C ASP A 655 -5.08 6.29 1.18
N SER A 656 -4.60 5.07 1.39
CA SER A 656 -5.28 3.88 0.91
C SER A 656 -6.56 3.62 1.70
N GLU A 657 -6.82 4.46 2.70
CA GLU A 657 -8.02 4.33 3.52
C GLU A 657 -8.97 5.50 3.29
N GLY A 658 -8.50 6.50 2.56
CA GLY A 658 -9.33 7.67 2.29
C GLY A 658 -10.69 7.34 1.72
N ASP A 659 -10.79 6.19 1.07
CA ASP A 659 -12.02 5.73 0.45
C ASP A 659 -13.04 5.33 1.50
N GLN A 660 -12.60 5.30 2.77
CA GLN A 660 -13.48 4.90 3.85
C GLN A 660 -13.97 6.04 4.74
N VAL A 661 -13.37 7.22 4.59
CA VAL A 661 -13.75 8.37 5.41
C VAL A 661 -15.24 8.74 5.36
N GLU A 662 -15.79 8.90 4.17
CA GLU A 662 -17.21 9.27 4.05
C GLU A 662 -18.09 8.18 4.63
N SER A 663 -17.73 6.92 4.36
CA SER A 663 -18.48 5.76 4.83
C SER A 663 -18.55 5.67 6.35
N LEU A 664 -17.41 5.85 7.00
CA LEU A 664 -17.37 5.78 8.45
C LEU A 664 -18.07 6.96 9.10
N LEU A 665 -17.95 8.15 8.52
CA LEU A 665 -18.63 9.31 9.09
C LEU A 665 -20.14 9.03 9.07
N ARG A 666 -20.63 8.45 7.97
CA ARG A 666 -22.05 8.14 7.87
C ARG A 666 -22.41 7.06 8.88
N GLN A 667 -21.58 6.02 8.94
CA GLN A 667 -21.86 4.92 9.85
C GLN A 667 -22.07 5.33 11.29
N TYR A 668 -21.25 6.26 11.78
CA TYR A 668 -21.37 6.70 13.17
C TYR A 668 -22.16 7.98 13.41
N ARG A 669 -23.00 8.36 12.45
CA ARG A 669 -23.78 9.59 12.57
C ARG A 669 -24.72 9.59 13.77
N PHE A 670 -24.95 8.43 14.37
CA PHE A 670 -25.85 8.38 15.53
C PHE A 670 -25.09 8.27 16.85
N ILE A 671 -23.76 8.28 16.79
CA ILE A 671 -22.94 8.13 17.98
C ILE A 671 -21.92 9.25 18.24
N THR A 672 -21.20 9.66 17.21
CA THR A 672 -20.18 10.67 17.39
C THR A 672 -20.66 12.12 17.54
N LYS A 673 -20.25 12.73 18.64
CA LYS A 673 -20.60 14.12 18.93
C LYS A 673 -19.69 15.08 18.19
N SER A 674 -18.46 14.67 17.96
CA SER A 674 -17.50 15.50 17.24
C SER A 674 -16.44 14.60 16.62
N THR A 675 -15.95 14.96 15.44
CA THR A 675 -14.95 14.15 14.77
C THR A 675 -13.79 15.01 14.23
N SER A 676 -12.59 14.44 14.28
CA SER A 676 -11.40 15.11 13.77
C SER A 676 -10.52 14.04 13.13
N LEU A 677 -10.37 14.13 11.80
CA LEU A 677 -9.56 13.18 11.06
C LEU A 677 -8.35 13.88 10.44
N LEU A 678 -7.28 13.13 10.22
CA LEU A 678 -6.07 13.69 9.64
C LEU A 678 -5.31 12.65 8.84
N PRO A 679 -4.97 12.96 7.58
CA PRO A 679 -4.24 11.97 6.79
C PRO A 679 -2.96 11.57 7.53
N TYR A 680 -2.77 10.27 7.76
CA TYR A 680 -1.58 9.80 8.44
C TYR A 680 -0.39 10.24 7.60
N PHE A 681 0.16 11.40 7.94
CA PHE A 681 1.30 11.94 7.20
C PHE A 681 2.59 11.24 7.63
N GLY A 682 3.69 12.00 7.63
CA GLY A 682 4.97 11.44 8.01
C GLY A 682 5.99 11.56 6.90
N GLY A 683 5.74 10.84 5.80
CA GLY A 683 6.64 10.88 4.66
C GLY A 683 7.99 10.26 4.97
N SER A 684 8.81 10.99 5.73
CA SER A 684 10.14 10.53 6.11
C SER A 684 10.95 11.72 6.58
N LEU A 685 11.14 11.84 7.89
CA LEU A 685 11.93 12.95 8.42
C LEU A 685 13.34 12.46 8.69
N GLN A 686 14.33 13.21 8.22
CA GLN A 686 15.72 12.84 8.40
C GLN A 686 16.12 12.78 9.88
N GLN A 687 15.58 13.70 10.67
CA GLN A 687 15.85 13.74 12.11
C GLN A 687 14.50 13.69 12.82
N ALA A 688 13.84 12.54 12.74
CA ALA A 688 12.51 12.33 13.32
C ALA A 688 12.36 12.55 14.81
N PRO A 689 11.30 13.26 15.22
CA PRO A 689 11.05 13.52 16.65
C PRO A 689 10.74 12.18 17.33
N LYS A 690 10.27 11.22 16.54
CA LYS A 690 9.97 9.88 17.02
C LYS A 690 10.47 8.87 15.99
N GLU A 691 11.57 8.21 16.31
CA GLU A 691 12.20 7.24 15.43
C GLU A 691 12.01 5.82 15.98
N PRO A 692 11.34 4.94 15.22
CA PRO A 692 11.14 3.57 15.69
C PRO A 692 12.40 2.70 15.64
N ILE A 693 12.58 1.86 16.67
CA ILE A 693 13.72 0.96 16.77
C ILE A 693 13.27 -0.40 17.29
N ASP A 694 14.09 -1.42 17.13
CA ASP A 694 13.75 -2.76 17.61
C ASP A 694 14.05 -2.86 19.10
N LYS A 695 13.59 -3.94 19.73
CA LYS A 695 13.83 -4.11 21.15
C LYS A 695 15.31 -4.13 21.50
N GLU A 696 16.09 -4.85 20.69
CA GLU A 696 17.53 -4.95 20.91
C GLU A 696 18.22 -3.60 20.98
N THR A 697 17.87 -2.71 20.05
CA THR A 697 18.47 -1.37 20.01
C THR A 697 18.04 -0.58 21.23
N TYR A 698 16.77 -0.72 21.60
CA TYR A 698 16.26 0.00 22.76
C TYR A 698 17.04 -0.36 24.02
N GLU A 699 17.23 -1.64 24.27
CA GLU A 699 17.94 -2.07 25.45
C GLU A 699 19.38 -1.55 25.47
N LYS A 700 20.04 -1.60 24.31
CA LYS A 700 21.40 -1.11 24.21
C LYS A 700 21.46 0.38 24.56
N ARG A 701 20.60 1.16 23.90
CA ARG A 701 20.55 2.60 24.12
C ARG A 701 20.19 3.01 25.55
N SER A 702 19.19 2.36 26.14
CA SER A 702 18.81 2.70 27.51
C SER A 702 19.94 2.39 28.49
N GLN A 703 20.80 1.45 28.13
CA GLN A 703 21.91 1.09 29.00
C GLN A 703 22.97 2.17 29.01
N GLU A 704 22.94 3.03 28.00
CA GLU A 704 23.87 4.13 27.89
C GLU A 704 23.51 5.20 28.90
N ILE A 705 22.25 5.19 29.32
CA ILE A 705 21.79 6.17 30.29
C ILE A 705 21.79 5.56 31.68
N THR A 706 22.85 5.82 32.41
CA THR A 706 23.00 5.29 33.76
C THR A 706 23.02 6.41 34.80
N GLY A 707 22.70 7.62 34.37
CA GLY A 707 22.67 8.75 35.29
C GLY A 707 21.25 9.22 35.54
N ASN A 708 20.97 9.67 36.76
CA ASN A 708 19.65 10.17 37.13
C ASN A 708 19.64 11.68 36.96
N VAL A 709 19.10 12.13 35.83
CA VAL A 709 19.07 13.54 35.51
C VAL A 709 18.56 14.45 36.62
N GLU A 710 17.50 14.06 37.30
CA GLU A 710 16.97 14.90 38.38
C GLU A 710 18.03 15.16 39.45
N GLU A 711 18.72 14.12 39.88
CA GLU A 711 19.76 14.22 40.91
C GLU A 711 21.00 14.95 40.41
N VAL A 712 21.42 14.65 39.18
CA VAL A 712 22.59 15.30 38.64
C VAL A 712 22.34 16.79 38.48
N PHE A 713 21.12 17.15 38.05
CA PHE A 713 20.80 18.57 37.86
C PHE A 713 20.90 19.33 39.16
N SER A 714 20.35 18.74 40.22
CA SER A 714 20.36 19.38 41.53
C SER A 714 21.79 19.52 42.03
N GLN A 715 22.60 18.48 41.83
CA GLN A 715 24.01 18.51 42.25
C GLN A 715 24.77 19.62 41.53
N LEU A 716 24.63 19.69 40.20
CA LEU A 716 25.33 20.70 39.43
C LEU A 716 24.84 22.09 39.84
N ASN A 717 23.52 22.24 39.92
CA ASN A 717 22.92 23.51 40.29
C ASN A 717 23.56 24.03 41.57
N SER A 718 23.82 23.11 42.50
CA SER A 718 24.43 23.45 43.78
C SER A 718 25.89 23.89 43.65
N ASP A 719 26.68 23.09 42.93
CA ASP A 719 28.10 23.37 42.75
C ASP A 719 28.37 24.53 41.80
N VAL A 720 27.43 24.78 40.90
CA VAL A 720 27.57 25.88 39.93
C VAL A 720 26.57 26.97 40.24
N LYS A 721 27.06 28.18 40.46
CA LYS A 721 26.20 29.31 40.77
C LYS A 721 25.63 29.94 39.50
N ASP A 722 24.33 30.22 39.52
CA ASP A 722 23.63 30.83 38.38
C ASP A 722 23.51 29.88 37.19
N LEU A 723 23.36 28.59 37.47
CA LEU A 723 23.21 27.59 36.40
C LEU A 723 21.91 27.85 35.68
N GLU A 724 20.88 28.23 36.43
CA GLU A 724 19.56 28.51 35.87
C GLU A 724 19.44 30.00 35.54
N GLU B 4 18.20 43.07 -45.07
CA GLU B 4 17.51 42.46 -43.88
C GLU B 4 16.53 41.39 -44.35
N ILE B 5 16.78 40.16 -43.92
CA ILE B 5 15.94 39.02 -44.31
C ILE B 5 14.51 39.13 -43.81
N SER B 6 13.54 38.89 -44.69
CA SER B 6 12.15 38.95 -44.26
C SER B 6 11.29 37.91 -44.96
N LEU B 7 10.12 37.65 -44.40
CA LEU B 7 9.17 36.70 -44.95
C LEU B 7 8.02 37.51 -45.54
N SER B 8 7.61 37.17 -46.74
CA SER B 8 6.54 37.92 -47.38
C SER B 8 5.16 37.51 -46.90
N ALA B 9 4.21 38.42 -47.07
CA ALA B 9 2.82 38.18 -46.69
C ALA B 9 2.23 37.04 -47.48
N GLU B 10 2.61 36.98 -48.76
CA GLU B 10 2.14 35.93 -49.67
C GLU B 10 2.63 34.59 -49.15
N PHE B 11 3.90 34.52 -48.75
CA PHE B 11 4.45 33.28 -48.23
C PHE B 11 3.69 32.85 -46.98
N ILE B 12 3.55 33.77 -46.03
CA ILE B 12 2.83 33.45 -44.81
C ILE B 12 1.41 32.97 -45.09
N ASP B 13 0.73 33.61 -46.04
CA ASP B 13 -0.63 33.18 -46.37
C ASP B 13 -0.66 31.76 -46.93
N ARG B 14 0.36 31.36 -47.69
CA ARG B 14 0.39 30.02 -48.24
C ARG B 14 0.55 29.03 -47.10
N VAL B 15 1.43 29.35 -46.17
CA VAL B 15 1.65 28.45 -45.04
C VAL B 15 0.38 28.27 -44.23
N LYS B 16 -0.32 29.37 -43.94
CA LYS B 16 -1.57 29.31 -43.18
C LYS B 16 -2.65 28.49 -43.85
N ALA B 17 -2.54 28.30 -45.16
CA ALA B 17 -3.54 27.55 -45.90
C ALA B 17 -3.14 26.10 -46.09
N SER B 18 -1.89 25.76 -45.80
CA SER B 18 -1.44 24.38 -45.99
C SER B 18 -0.96 23.69 -44.72
N VAL B 19 -0.73 24.48 -43.67
CA VAL B 19 -0.27 23.92 -42.41
C VAL B 19 -1.25 24.24 -41.28
N LYS B 20 -1.56 23.24 -40.46
CA LYS B 20 -2.47 23.45 -39.32
C LYS B 20 -1.59 23.25 -38.08
N PRO B 21 -1.43 24.30 -37.26
CA PRO B 21 -0.60 24.14 -36.05
C PRO B 21 -1.16 23.01 -35.22
N HIS B 22 -0.27 22.17 -34.71
CA HIS B 22 -0.66 21.04 -33.88
C HIS B 22 -0.84 21.51 -32.44
N TRP B 23 -1.90 22.29 -32.21
CA TRP B 23 -2.18 22.78 -30.85
C TRP B 23 -2.65 21.66 -29.93
N GLY B 24 -2.17 21.67 -28.69
CA GLY B 24 -2.64 20.68 -27.74
C GLY B 24 -3.93 21.24 -27.20
N LYS B 25 -4.70 20.46 -26.44
CA LYS B 25 -5.97 20.97 -25.90
C LYS B 25 -5.80 22.27 -25.10
N LEU B 26 -4.60 22.51 -24.59
CA LEU B 26 -4.34 23.70 -23.79
C LEU B 26 -3.43 24.66 -24.56
N GLY B 27 -3.04 24.23 -25.76
CA GLY B 27 -2.09 25.00 -26.55
C GLY B 27 -2.38 26.43 -26.94
N TRP B 28 -3.45 26.66 -27.69
CA TRP B 28 -3.72 28.03 -28.11
C TRP B 28 -3.87 29.01 -26.95
N VAL B 29 -4.64 28.60 -25.95
CA VAL B 29 -4.83 29.44 -24.76
C VAL B 29 -3.50 29.76 -24.07
N THR B 30 -2.63 28.76 -23.94
CA THR B 30 -1.33 28.98 -23.30
C THR B 30 -0.52 29.97 -24.14
N TYR B 31 -0.58 29.83 -25.45
CA TYR B 31 0.15 30.75 -26.31
C TYR B 31 -0.37 32.18 -26.09
N LYS B 32 -1.70 32.36 -26.16
CA LYS B 32 -2.28 33.69 -26.04
C LYS B 32 -1.95 34.44 -24.77
N ARG B 33 -1.92 33.73 -23.65
CA ARG B 33 -1.64 34.35 -22.37
C ARG B 33 -0.15 34.43 -22.03
N THR B 34 0.70 33.86 -22.87
CA THR B 34 2.14 33.83 -22.60
C THR B 34 3.08 34.45 -23.62
N TYR B 35 2.93 34.08 -24.88
CA TYR B 35 3.83 34.54 -25.91
C TYR B 35 3.28 35.58 -26.91
N ALA B 36 1.98 35.81 -26.89
CA ALA B 36 1.42 36.78 -27.82
C ALA B 36 1.64 38.20 -27.29
N ARG B 37 2.48 38.96 -27.98
CA ARG B 37 2.80 40.32 -27.56
C ARG B 37 1.73 41.34 -27.93
N TRP B 38 1.73 42.49 -27.25
CA TRP B 38 0.77 43.54 -27.53
C TRP B 38 1.25 44.35 -28.74
N LEU B 39 0.33 44.63 -29.66
CA LEU B 39 0.66 45.41 -30.85
C LEU B 39 -0.09 46.73 -30.72
N PRO B 40 0.57 47.76 -30.16
CA PRO B 40 -0.04 49.09 -29.97
C PRO B 40 -0.69 49.65 -31.24
N GLU B 41 0.04 49.56 -32.34
CA GLU B 41 -0.43 50.08 -33.62
C GLU B 41 -1.66 49.36 -34.16
N LYS B 42 -2.03 48.26 -33.52
CA LYS B 42 -3.20 47.50 -33.97
C LYS B 42 -4.26 47.39 -32.90
N GLY B 43 -3.90 47.75 -31.67
CA GLY B 43 -4.85 47.66 -30.57
C GLY B 43 -5.27 46.24 -30.22
N ARG B 44 -4.36 45.28 -30.30
CA ARG B 44 -4.65 43.88 -29.97
C ARG B 44 -3.35 43.10 -29.85
N SER B 45 -3.43 41.91 -29.24
CA SER B 45 -2.27 41.03 -29.08
C SER B 45 -2.04 40.25 -30.37
N GLU B 46 -0.82 39.77 -30.57
CA GLU B 46 -0.48 39.00 -31.78
C GLU B 46 -1.32 37.75 -31.95
N ASN B 47 -1.35 37.24 -33.18
CA ASN B 47 -2.00 35.97 -33.50
C ASN B 47 -0.76 35.09 -33.72
N TRP B 48 -0.94 33.77 -33.72
CA TRP B 48 0.20 32.86 -33.87
C TRP B 48 1.07 33.12 -35.11
N ASP B 49 0.46 33.31 -36.26
CA ASP B 49 1.25 33.54 -37.47
C ASP B 49 2.20 34.75 -37.36
N GLU B 50 1.77 35.80 -36.66
CA GLU B 50 2.57 37.00 -36.49
C GLU B 50 3.70 36.75 -35.51
N THR B 51 3.41 36.03 -34.42
CA THR B 51 4.47 35.74 -33.46
C THR B 51 5.57 34.92 -34.13
N VAL B 52 5.21 33.89 -34.88
CA VAL B 52 6.23 33.07 -35.53
C VAL B 52 7.04 33.90 -36.51
N LYS B 53 6.38 34.79 -37.25
CA LYS B 53 7.12 35.61 -38.21
C LYS B 53 8.21 36.45 -37.56
N ARG B 54 7.94 37.11 -36.43
CA ARG B 54 9.00 37.92 -35.83
C ARG B 54 10.06 37.04 -35.18
N VAL B 55 9.66 35.91 -34.63
CA VAL B 55 10.62 35.00 -34.02
C VAL B 55 11.64 34.52 -35.04
N VAL B 56 11.15 34.16 -36.21
CA VAL B 56 12.00 33.65 -37.28
C VAL B 56 12.86 34.75 -37.89
N GLU B 57 12.26 35.91 -38.14
CA GLU B 57 13.02 37.00 -38.72
C GLU B 57 14.11 37.47 -37.75
N GLY B 58 13.78 37.46 -36.46
CA GLY B 58 14.75 37.85 -35.44
C GLY B 58 15.95 36.94 -35.42
N ASN B 59 15.72 35.64 -35.53
CA ASN B 59 16.80 34.67 -35.52
C ASN B 59 17.62 34.61 -36.81
N ILE B 60 16.95 34.58 -37.95
CA ILE B 60 17.72 34.44 -39.19
C ILE B 60 18.67 35.61 -39.43
N ASN B 61 18.25 36.80 -39.02
CA ASN B 61 19.07 37.99 -39.18
C ASN B 61 20.29 38.08 -38.25
N LEU B 62 20.51 37.03 -37.46
CA LEU B 62 21.67 36.98 -36.58
C LEU B 62 22.85 36.34 -37.33
N ASP B 63 22.63 35.72 -38.48
CA ASP B 63 23.74 35.12 -39.23
C ASP B 63 24.78 36.22 -39.43
N PRO B 64 26.01 36.01 -38.91
CA PRO B 64 27.11 36.98 -39.00
C PRO B 64 27.48 37.42 -40.42
N ARG B 65 27.21 36.58 -41.40
CA ARG B 65 27.52 36.91 -42.78
C ARG B 65 26.65 38.05 -43.34
N LEU B 66 25.54 38.35 -42.68
CA LEU B 66 24.67 39.43 -43.16
C LEU B 66 25.25 40.80 -42.85
N GLN B 67 26.29 40.85 -42.02
CA GLN B 67 26.89 42.13 -41.67
C GLN B 67 28.16 42.38 -42.48
N ASP B 68 28.31 41.66 -43.58
CA ASP B 68 29.51 41.81 -44.41
C ASP B 68 29.24 41.68 -45.90
N SER B 69 28.57 42.68 -46.46
CA SER B 69 28.24 42.67 -47.89
C SER B 69 27.74 41.32 -48.35
N PRO B 70 26.56 40.89 -47.86
CA PRO B 70 25.97 39.61 -48.24
C PRO B 70 25.50 39.58 -49.67
N SER B 71 25.83 38.52 -50.38
CA SER B 71 25.45 38.37 -51.77
C SER B 71 23.97 38.05 -51.91
N LEU B 72 23.47 38.16 -53.13
CA LEU B 72 22.10 37.87 -53.42
C LEU B 72 21.87 36.38 -53.18
N GLU B 73 22.87 35.57 -53.49
CA GLU B 73 22.73 34.13 -53.31
C GLU B 73 22.55 33.83 -51.83
N LEU B 74 23.36 34.49 -51.01
CA LEU B 74 23.31 34.27 -49.57
C LEU B 74 21.97 34.70 -48.97
N LYS B 75 21.54 35.91 -49.30
CA LYS B 75 20.27 36.41 -48.77
C LYS B 75 19.09 35.52 -49.15
N GLN B 76 19.07 35.00 -50.38
CA GLN B 76 17.98 34.13 -50.80
C GLN B 76 18.08 32.77 -50.11
N SER B 77 19.31 32.32 -49.88
CA SER B 77 19.50 31.04 -49.20
C SER B 77 18.95 31.14 -47.78
N LEU B 78 19.28 32.25 -47.12
CA LEU B 78 18.83 32.50 -45.76
C LEU B 78 17.33 32.76 -45.72
N THR B 79 16.76 33.27 -46.81
CA THR B 79 15.33 33.52 -46.86
C THR B 79 14.63 32.16 -47.00
N GLU B 80 15.21 31.26 -47.79
CA GLU B 80 14.61 29.94 -47.96
C GLU B 80 14.67 29.18 -46.66
N GLU B 81 15.77 29.37 -45.93
CA GLU B 81 15.93 28.70 -44.63
C GLU B 81 14.87 29.25 -43.67
N ALA B 82 14.68 30.56 -43.66
CA ALA B 82 13.68 31.20 -42.80
C ALA B 82 12.28 30.63 -43.12
N GLU B 83 12.03 30.40 -44.40
CA GLU B 83 10.73 29.87 -44.78
C GLU B 83 10.48 28.46 -44.24
N ARG B 84 11.50 27.62 -44.31
CA ARG B 84 11.39 26.26 -43.81
C ARG B 84 11.21 26.31 -42.29
N LEU B 85 11.98 27.19 -41.66
CA LEU B 85 11.94 27.37 -40.21
C LEU B 85 10.54 27.80 -39.80
N TYR B 86 9.98 28.73 -40.56
CA TYR B 86 8.62 29.21 -40.26
C TYR B 86 7.60 28.08 -40.36
N LYS B 87 7.66 27.30 -41.43
CA LYS B 87 6.72 26.20 -41.58
C LYS B 87 6.84 25.22 -40.40
N LEU B 88 8.08 24.99 -39.95
CA LEU B 88 8.34 24.05 -38.84
C LEU B 88 7.76 24.54 -37.50
N ILE B 89 8.14 25.75 -37.11
CA ILE B 89 7.64 26.33 -35.84
C ILE B 89 6.14 26.57 -35.90
N TYR B 90 5.65 27.08 -37.03
CA TYR B 90 4.21 27.33 -37.17
C TYR B 90 3.39 26.07 -36.94
N GLY B 91 3.90 24.93 -37.42
CA GLY B 91 3.21 23.65 -37.32
C GLY B 91 3.34 23.02 -35.95
N LEU B 92 4.23 23.62 -35.16
CA LEU B 92 4.52 23.18 -33.79
C LEU B 92 5.31 21.87 -33.68
N GLY B 93 6.01 21.48 -34.74
CA GLY B 93 6.82 20.27 -34.69
C GLY B 93 8.09 20.55 -33.89
N ALA B 94 8.39 21.83 -33.68
CA ALA B 94 9.56 22.26 -32.93
C ALA B 94 9.41 23.74 -32.60
N THR B 95 10.13 24.20 -31.59
CA THR B 95 10.03 25.60 -31.22
C THR B 95 11.24 25.98 -30.40
N PRO B 96 11.58 27.27 -30.39
CA PRO B 96 12.73 27.72 -29.60
C PRO B 96 12.17 27.80 -28.17
N SER B 97 12.98 28.27 -27.25
CA SER B 97 12.53 28.40 -25.87
C SER B 97 11.39 29.40 -25.75
N GLY B 98 10.64 29.31 -24.65
CA GLY B 98 9.55 30.24 -24.43
C GLY B 98 10.12 31.66 -24.49
N ARG B 99 11.33 31.84 -23.98
CA ARG B 99 11.97 33.16 -23.99
C ARG B 99 12.09 33.67 -25.42
N ASN B 100 12.53 32.82 -26.33
CA ASN B 100 12.66 33.27 -27.71
C ASN B 100 11.29 33.59 -28.30
N LEU B 101 10.24 32.85 -27.93
CA LEU B 101 8.92 33.17 -28.51
C LEU B 101 8.42 34.51 -28.05
N TRP B 102 8.74 34.84 -26.81
CA TRP B 102 8.26 36.10 -26.26
C TRP B 102 9.06 37.30 -26.72
N ILE B 103 10.36 37.12 -26.96
CA ILE B 103 11.24 38.24 -27.25
C ILE B 103 12.01 38.32 -28.57
N SER B 104 12.14 37.21 -29.29
CA SER B 104 12.91 37.22 -30.52
C SER B 104 12.29 38.17 -31.55
N GLY B 105 13.13 38.99 -32.19
CA GLY B 105 12.66 39.91 -33.21
C GLY B 105 12.01 41.18 -32.71
N THR B 106 12.08 41.45 -31.40
CA THR B 106 11.50 42.66 -30.82
C THR B 106 12.55 43.74 -30.63
N ASP B 107 12.08 44.98 -30.47
CA ASP B 107 13.02 46.08 -30.25
C ASP B 107 13.75 45.83 -28.93
N TYR B 108 13.02 45.30 -27.95
CA TYR B 108 13.65 45.03 -26.65
C TYR B 108 14.84 44.10 -26.83
N GLN B 109 14.64 43.03 -27.60
CA GLN B 109 15.71 42.07 -27.83
C GLN B 109 16.91 42.75 -28.50
N ARG B 110 16.64 43.52 -29.55
CA ARG B 110 17.69 44.21 -30.27
C ARG B 110 18.55 45.11 -29.37
N ARG B 111 17.93 45.76 -28.40
CA ARG B 111 18.70 46.66 -27.53
C ARG B 111 19.13 46.09 -26.16
N THR B 112 18.82 44.82 -25.90
CA THR B 112 19.17 44.22 -24.61
C THR B 112 20.09 43.00 -24.78
N GLY B 113 21.34 43.13 -24.32
CA GLY B 113 22.26 42.01 -24.40
C GLY B 113 21.74 40.85 -23.55
N ASP B 114 22.21 39.65 -23.84
CA ASP B 114 21.83 38.42 -23.13
C ASP B 114 20.35 38.04 -23.24
N SER B 115 19.54 38.84 -23.94
CA SER B 115 18.11 38.62 -23.97
C SER B 115 17.56 37.36 -24.60
N LEU B 116 18.34 36.66 -25.42
CA LEU B 116 17.86 35.43 -26.06
C LEU B 116 18.24 34.17 -25.27
N ASN B 117 18.93 34.32 -24.13
CA ASN B 117 19.32 33.16 -23.32
C ASN B 117 18.69 33.29 -21.94
N ASN B 118 18.10 32.18 -21.51
CA ASN B 118 17.33 32.10 -20.29
C ASN B 118 17.94 31.47 -19.05
N CYS B 119 19.11 30.85 -19.15
CA CYS B 119 19.73 30.25 -17.95
C CYS B 119 21.21 30.38 -18.09
N TRP B 120 21.89 30.41 -16.95
CA TRP B 120 23.30 30.62 -16.93
C TRP B 120 23.87 29.92 -15.71
N PHE B 121 25.20 29.95 -15.60
CA PHE B 121 25.94 29.41 -14.44
C PHE B 121 27.08 30.38 -14.09
N VAL B 122 27.37 30.54 -12.79
CA VAL B 122 28.48 31.41 -12.40
C VAL B 122 29.07 30.79 -11.12
N ALA B 123 30.39 30.84 -10.99
CA ALA B 123 31.09 30.32 -9.80
C ALA B 123 31.18 31.44 -8.76
N ILE B 124 30.86 31.14 -7.49
CA ILE B 124 30.94 32.21 -6.52
C ILE B 124 32.36 32.37 -5.96
N ARG B 125 33.20 33.04 -6.74
CA ARG B 125 34.58 33.36 -6.33
C ARG B 125 34.85 34.80 -6.80
N PRO B 126 35.76 35.53 -6.13
CA PRO B 126 36.00 36.90 -6.59
C PRO B 126 36.48 36.89 -8.03
N GLN B 127 35.97 37.83 -8.83
CA GLN B 127 36.37 37.89 -10.24
C GLN B 127 36.41 39.33 -10.70
N LYS B 128 37.10 39.59 -11.79
CA LYS B 128 37.15 40.95 -12.32
C LYS B 128 35.89 41.08 -13.19
N TYR B 129 35.36 42.30 -13.29
CA TYR B 129 34.19 42.52 -14.13
C TYR B 129 34.57 42.48 -15.61
N GLY B 130 35.80 42.89 -15.92
CA GLY B 130 36.25 42.93 -17.31
C GLY B 130 35.58 44.04 -18.11
N ASP B 131 35.65 43.96 -19.44
CA ASP B 131 35.04 44.96 -20.30
C ASP B 131 33.58 44.61 -20.51
N SER B 132 32.78 44.86 -19.47
CA SER B 132 31.37 44.51 -19.46
C SER B 132 30.44 45.73 -19.37
N LYS B 133 29.16 45.51 -19.65
CA LYS B 133 28.20 46.60 -19.57
C LYS B 133 28.19 47.20 -18.17
N ILE B 134 28.24 46.35 -17.15
CA ILE B 134 28.24 46.81 -15.78
C ILE B 134 29.64 46.71 -15.16
N VAL B 135 30.18 47.85 -14.72
CA VAL B 135 31.51 47.88 -14.09
C VAL B 135 31.43 48.96 -13.02
N PRO B 136 31.45 48.58 -11.72
CA PRO B 136 31.39 49.55 -10.62
C PRO B 136 32.42 50.68 -10.80
N SER B 137 32.02 51.91 -10.48
CA SER B 137 32.89 53.07 -10.69
C SER B 137 34.26 53.03 -9.98
N TYR B 138 34.28 52.39 -8.83
CA TYR B 138 35.49 52.28 -8.02
C TYR B 138 36.44 51.15 -8.43
N LEU B 139 36.06 50.37 -9.44
CA LEU B 139 36.89 49.27 -9.90
C LEU B 139 37.46 49.42 -11.29
N GLY B 140 38.68 48.91 -11.48
CA GLY B 140 39.30 48.89 -12.78
C GLY B 140 38.73 47.64 -13.46
N LYS B 141 38.66 47.63 -14.78
CA LYS B 141 38.11 46.47 -15.47
C LYS B 141 38.82 45.17 -15.11
N GLN B 142 40.10 45.25 -14.76
CA GLN B 142 40.86 44.04 -14.42
C GLN B 142 41.01 43.78 -12.91
N GLU B 143 40.32 44.54 -12.08
CA GLU B 143 40.44 44.38 -10.62
C GLU B 143 39.45 43.35 -10.04
N LYS B 144 39.94 42.28 -9.42
CA LYS B 144 39.02 41.28 -8.87
C LYS B 144 38.23 41.88 -7.73
N ALA B 145 36.94 41.54 -7.66
CA ALA B 145 36.05 42.03 -6.62
C ALA B 145 35.16 40.90 -6.12
N VAL B 146 34.85 40.89 -4.82
CA VAL B 146 34.00 39.83 -4.31
C VAL B 146 32.59 39.94 -4.89
N SER B 147 32.16 41.16 -5.18
CA SER B 147 30.81 41.40 -5.68
C SER B 147 30.53 40.83 -7.07
N MET B 148 31.56 40.66 -7.90
CA MET B 148 31.32 40.27 -9.30
C MET B 148 30.34 39.13 -9.58
N PRO B 149 30.58 37.93 -9.03
CA PRO B 149 29.63 36.85 -9.30
C PRO B 149 28.21 37.11 -8.80
N PHE B 150 28.08 37.84 -7.70
CA PHE B 150 26.74 38.16 -7.20
C PHE B 150 26.05 39.13 -8.15
N SER B 151 26.83 40.03 -8.75
CA SER B 151 26.28 41.03 -9.69
C SER B 151 25.83 40.31 -10.98
N PHE B 152 26.64 39.37 -11.43
CA PHE B 152 26.32 38.60 -12.62
C PHE B 152 25.00 37.86 -12.34
N LEU B 153 24.92 37.20 -11.19
CA LEU B 153 23.69 36.47 -10.85
C LEU B 153 22.48 37.42 -10.77
N PHE B 154 22.65 38.54 -10.07
CA PHE B 154 21.61 39.56 -9.86
C PHE B 154 21.11 40.08 -11.24
N ASP B 155 22.07 40.45 -12.08
CA ASP B 155 21.77 40.99 -13.42
C ASP B 155 21.00 39.97 -14.27
N GLU B 156 21.48 38.73 -14.33
CA GLU B 156 20.77 37.73 -15.14
C GLU B 156 19.39 37.36 -14.60
N LEU B 157 19.23 37.34 -13.27
CA LEU B 157 17.91 37.06 -12.72
C LEU B 157 16.95 38.22 -13.08
N MET B 158 17.44 39.45 -13.03
CA MET B 158 16.62 40.62 -13.34
C MET B 158 16.23 40.58 -14.81
N LYS B 159 17.10 40.02 -15.64
CA LYS B 159 16.83 39.92 -17.08
C LYS B 159 15.86 38.77 -17.38
N GLY B 160 15.35 38.13 -16.32
CA GLY B 160 14.40 37.05 -16.45
C GLY B 160 14.94 35.65 -16.59
N GLY B 161 16.23 35.46 -16.25
CA GLY B 161 16.83 34.15 -16.40
C GLY B 161 16.96 33.40 -15.09
N GLY B 162 17.33 32.13 -15.20
CA GLY B 162 17.55 31.29 -14.03
C GLY B 162 19.07 31.19 -13.94
N VAL B 163 19.60 31.03 -12.73
CA VAL B 163 21.04 30.97 -12.61
C VAL B 163 21.52 29.89 -11.66
N GLY B 164 22.44 29.05 -12.12
CA GLY B 164 23.02 28.03 -11.27
C GLY B 164 24.30 28.64 -10.76
N PHE B 165 24.73 28.29 -9.54
CA PHE B 165 25.97 28.88 -9.07
C PHE B 165 26.67 27.88 -8.17
N SER B 166 27.98 28.00 -8.07
CA SER B 166 28.76 27.08 -7.25
C SER B 166 29.36 27.73 -6.02
N VAL B 167 29.09 27.12 -4.86
CA VAL B 167 29.65 27.59 -3.59
C VAL B 167 30.52 26.43 -3.07
N ALA B 168 31.14 25.73 -4.01
CA ALA B 168 32.04 24.62 -3.70
C ALA B 168 33.19 25.22 -2.88
N ARG B 169 33.73 24.42 -1.96
CA ARG B 169 34.81 24.89 -1.09
C ARG B 169 35.94 25.59 -1.81
N SER B 170 36.33 25.07 -2.97
CA SER B 170 37.43 25.65 -3.75
C SER B 170 37.14 27.08 -4.19
N ASN B 171 35.86 27.46 -4.23
CA ASN B 171 35.49 28.82 -4.60
C ASN B 171 35.43 29.71 -3.36
N ILE B 172 34.72 29.24 -2.34
CA ILE B 172 34.55 30.00 -1.10
C ILE B 172 35.90 30.34 -0.45
N SER B 173 36.88 29.46 -0.62
CA SER B 173 38.20 29.69 -0.04
C SER B 173 38.92 30.84 -0.73
N GLN B 174 38.46 31.19 -1.93
CA GLN B 174 39.05 32.30 -2.67
C GLN B 174 38.48 33.65 -2.24
N ILE B 175 37.47 33.64 -1.37
CA ILE B 175 36.88 34.88 -0.88
C ILE B 175 37.71 35.25 0.34
N PRO B 176 38.30 36.46 0.34
CA PRO B 176 39.12 36.89 1.47
C PRO B 176 38.31 37.22 2.71
N ARG B 177 39.03 37.40 3.81
CA ARG B 177 38.43 37.74 5.09
C ARG B 177 37.54 38.97 4.96
N VAL B 178 36.41 38.96 5.66
CA VAL B 178 35.51 40.11 5.67
C VAL B 178 36.17 41.13 6.62
N ASP B 179 36.72 42.21 6.07
CA ASP B 179 37.39 43.22 6.87
C ASP B 179 36.54 44.23 7.63
N PHE B 180 35.48 44.72 7.03
CA PHE B 180 34.68 45.74 7.69
C PHE B 180 33.21 45.45 7.85
N ALA B 181 32.64 45.97 8.94
CA ALA B 181 31.22 45.87 9.19
C ALA B 181 30.71 47.21 8.68
N ILE B 182 29.72 47.19 7.80
CA ILE B 182 29.22 48.44 7.26
C ILE B 182 27.94 48.94 7.89
N ASP B 183 27.89 50.24 8.19
CA ASP B 183 26.69 50.84 8.73
C ASP B 183 25.91 51.33 7.52
N LEU B 184 24.75 50.74 7.28
CA LEU B 184 23.95 51.04 6.11
C LEU B 184 22.65 51.76 6.36
N GLN B 185 22.39 52.78 5.56
CA GLN B 185 21.15 53.51 5.65
C GLN B 185 20.54 53.55 4.26
N LEU B 186 19.26 53.21 4.15
CA LEU B 186 18.56 53.24 2.87
C LEU B 186 17.54 54.35 2.95
N VAL B 187 17.67 55.32 2.04
CA VAL B 187 16.78 56.48 2.01
C VAL B 187 15.77 56.46 0.87
N VAL B 188 14.56 56.88 1.18
CA VAL B 188 13.49 56.99 0.19
C VAL B 188 12.77 58.24 0.65
N ASP B 189 13.06 59.36 -0.01
CA ASP B 189 12.45 60.61 0.39
C ASP B 189 10.95 60.66 0.15
N GLU B 190 10.31 61.67 0.71
CA GLU B 190 8.87 61.83 0.61
C GLU B 190 8.34 62.15 -0.79
N THR B 191 9.22 62.38 -1.74
CA THR B 191 8.77 62.65 -3.10
C THR B 191 8.45 61.36 -3.83
N SER B 192 8.89 60.23 -3.28
CA SER B 192 8.62 58.94 -3.91
C SER B 192 7.23 58.43 -3.57
N GLU B 193 6.57 57.85 -4.58
CA GLU B 193 5.25 57.27 -4.39
C GLU B 193 5.37 56.07 -3.46
N SER B 194 6.59 55.58 -3.26
CA SER B 194 6.83 54.43 -2.39
C SER B 194 7.28 54.77 -0.96
N TYR B 195 7.18 56.02 -0.57
CA TYR B 195 7.62 56.44 0.75
C TYR B 195 7.11 55.60 1.94
N ASP B 196 5.81 55.57 2.13
CA ASP B 196 5.25 54.82 3.25
C ASP B 196 5.61 53.33 3.24
N ALA B 197 5.46 52.70 2.09
CA ALA B 197 5.76 51.28 1.94
C ALA B 197 7.23 51.01 2.24
N SER B 198 8.10 51.96 1.90
CA SER B 198 9.53 51.81 2.13
C SER B 198 9.93 51.90 3.61
N VAL B 199 9.38 52.86 4.33
CA VAL B 199 9.72 52.99 5.74
C VAL B 199 9.32 51.72 6.49
N LYS B 200 8.24 51.07 6.05
CA LYS B 200 7.80 49.84 6.70
C LYS B 200 8.83 48.73 6.60
N VAL B 201 9.64 48.72 5.54
CA VAL B 201 10.65 47.68 5.41
C VAL B 201 12.05 48.11 5.83
N GLY B 202 12.16 49.26 6.50
CA GLY B 202 13.47 49.66 6.98
C GLY B 202 14.15 50.89 6.42
N ALA B 203 13.50 51.58 5.48
CA ALA B 203 14.10 52.78 4.93
C ALA B 203 13.99 53.90 5.95
N VAL B 204 14.92 54.84 5.89
CA VAL B 204 14.85 55.98 6.79
C VAL B 204 14.28 57.13 5.97
N GLY B 205 13.34 57.86 6.54
CA GLY B 205 12.81 59.00 5.80
C GLY B 205 14.00 59.92 5.60
N LYS B 206 14.17 60.49 4.41
CA LYS B 206 15.32 61.38 4.20
C LYS B 206 15.34 62.42 5.31
N ASN B 207 14.20 62.55 6.00
CA ASN B 207 14.06 63.48 7.10
C ASN B 207 15.10 63.16 8.20
N GLU B 208 14.97 61.99 8.83
CA GLU B 208 15.90 61.60 9.89
C GLU B 208 17.18 60.86 9.48
N LEU B 209 17.64 61.13 8.27
CA LEU B 209 18.88 60.52 7.78
C LEU B 209 20.05 61.02 8.61
N VAL B 210 20.99 60.13 8.92
CA VAL B 210 22.17 60.50 9.69
C VAL B 210 23.40 60.39 8.79
N GLN B 211 24.18 61.46 8.71
CA GLN B 211 25.35 61.42 7.84
C GLN B 211 26.51 62.31 8.29
N ASP B 212 27.66 62.09 7.68
CA ASP B 212 28.86 62.86 7.94
C ASP B 212 29.71 62.85 6.67
N ALA B 213 30.61 63.82 6.57
CA ALA B 213 31.46 63.96 5.39
C ALA B 213 32.24 62.71 5.00
N ASP B 214 32.22 61.69 5.85
CA ASP B 214 32.96 60.48 5.56
C ASP B 214 32.13 59.36 4.89
N SER B 215 30.81 59.49 4.97
CA SER B 215 29.90 58.51 4.40
C SER B 215 30.01 58.46 2.88
N ILE B 216 29.66 57.30 2.30
CA ILE B 216 29.64 57.16 0.85
C ILE B 216 28.16 57.27 0.55
N TYR B 217 27.81 57.99 -0.51
CA TYR B 217 26.41 58.20 -0.87
C TYR B 217 26.26 57.78 -2.34
N TYR B 218 25.17 57.08 -2.67
CA TYR B 218 24.90 56.66 -4.05
C TYR B 218 23.39 56.78 -4.32
N ARG B 219 23.02 57.60 -5.31
CA ARG B 219 21.61 57.77 -5.69
C ARG B 219 21.39 56.78 -6.82
N LEU B 220 20.56 55.78 -6.60
CA LEU B 220 20.34 54.77 -7.63
C LEU B 220 19.52 55.24 -8.80
N PRO B 221 19.96 54.92 -10.02
CA PRO B 221 19.14 55.34 -11.17
C PRO B 221 17.98 54.31 -11.23
N ASP B 222 16.88 54.65 -11.89
CA ASP B 222 15.74 53.76 -12.01
C ASP B 222 15.96 52.74 -13.12
N THR B 223 17.02 51.95 -12.97
CA THR B 223 17.40 50.94 -13.93
C THR B 223 17.89 49.66 -13.28
N ARG B 224 17.90 48.59 -14.07
CA ARG B 224 18.37 47.29 -13.62
C ARG B 224 19.82 47.48 -13.15
N GLU B 225 20.60 48.25 -13.90
CA GLU B 225 22.00 48.50 -13.54
C GLU B 225 22.11 49.16 -12.18
N GLY B 226 21.18 50.07 -11.89
CA GLY B 226 21.19 50.77 -10.61
C GLY B 226 21.07 49.81 -9.45
N TRP B 227 20.14 48.86 -9.57
CA TRP B 227 19.92 47.85 -8.53
C TRP B 227 21.16 47.00 -8.33
N VAL B 228 21.73 46.55 -9.44
CA VAL B 228 22.93 45.71 -9.40
C VAL B 228 24.12 46.44 -8.78
N LEU B 229 24.34 47.70 -9.20
CA LEU B 229 25.48 48.48 -8.69
C LEU B 229 25.35 48.80 -7.20
N ALA B 230 24.13 48.99 -6.74
CA ALA B 230 23.86 49.31 -5.33
C ALA B 230 24.35 48.16 -4.44
N ASN B 231 23.93 46.96 -4.80
CA ASN B 231 24.32 45.76 -4.06
C ASN B 231 25.83 45.51 -4.18
N ALA B 232 26.39 45.71 -5.37
CA ALA B 232 27.82 45.52 -5.57
C ALA B 232 28.64 46.44 -4.64
N LEU B 233 28.24 47.71 -4.57
CA LEU B 233 28.94 48.67 -3.70
C LEU B 233 28.85 48.22 -2.25
N LEU B 234 27.65 47.81 -1.84
CA LEU B 234 27.43 47.33 -0.46
C LEU B 234 28.39 46.17 -0.17
N ILE B 235 28.43 45.19 -1.07
CA ILE B 235 29.31 44.05 -0.87
C ILE B 235 30.79 44.42 -0.82
N ASP B 236 31.26 45.15 -1.82
CA ASP B 236 32.68 45.46 -1.87
C ASP B 236 33.25 46.34 -0.78
N LEU B 237 32.41 47.12 -0.12
CA LEU B 237 32.91 47.99 0.95
C LEU B 237 33.32 47.16 2.16
N HIS B 238 32.89 45.90 2.22
CA HIS B 238 33.23 45.04 3.38
C HIS B 238 34.64 44.47 3.30
N PHE B 239 35.31 44.69 2.17
CA PHE B 239 36.65 44.16 1.95
C PHE B 239 37.65 45.24 1.65
N ALA B 240 38.81 45.17 2.29
CA ALA B 240 39.84 46.16 2.15
C ALA B 240 40.39 46.32 0.74
N GLN B 241 40.44 45.24 -0.02
CA GLN B 241 41.00 45.33 -1.38
C GLN B 241 40.14 46.23 -2.26
N THR B 242 38.89 46.40 -1.89
CA THR B 242 38.00 47.26 -2.66
C THR B 242 37.49 48.42 -1.82
N ASN B 243 38.22 48.75 -0.74
CA ASN B 243 37.82 49.85 0.11
C ASN B 243 39.08 50.43 0.77
N PRO B 244 39.97 50.99 -0.06
CA PRO B 244 41.23 51.57 0.41
C PRO B 244 41.09 52.62 1.51
N ASP B 245 40.13 53.53 1.35
CA ASP B 245 39.92 54.59 2.33
C ASP B 245 39.22 54.09 3.58
N ARG B 246 38.94 52.79 3.64
CA ARG B 246 38.26 52.19 4.79
C ARG B 246 36.96 52.87 5.26
N LYS B 247 36.13 53.29 4.32
CA LYS B 247 34.86 53.93 4.68
C LYS B 247 33.86 52.87 5.14
N GLN B 248 33.27 53.06 6.31
CA GLN B 248 32.32 52.11 6.83
C GLN B 248 30.89 52.60 6.97
N LYS B 249 30.57 53.77 6.40
CA LYS B 249 29.20 54.27 6.45
C LYS B 249 28.74 54.42 5.00
N LEU B 250 27.61 53.81 4.67
CA LEU B 250 27.06 53.84 3.30
C LEU B 250 25.62 54.28 3.33
N ILE B 251 25.27 55.18 2.41
CA ILE B 251 23.90 55.66 2.28
C ILE B 251 23.50 55.36 0.84
N LEU B 252 22.44 54.57 0.67
CA LEU B 252 21.91 54.21 -0.66
C LEU B 252 20.55 54.91 -0.74
N ASP B 253 20.42 55.80 -1.72
CA ASP B 253 19.18 56.56 -1.87
C ASP B 253 18.34 55.96 -3.01
N LEU B 254 17.21 55.36 -2.65
CA LEU B 254 16.35 54.69 -3.61
C LEU B 254 15.14 55.53 -3.96
N SER B 255 15.24 56.84 -3.74
CA SER B 255 14.11 57.75 -4.00
C SER B 255 13.64 57.76 -5.45
N ASP B 256 14.51 57.40 -6.38
CA ASP B 256 14.16 57.44 -7.82
C ASP B 256 13.53 56.16 -8.38
N ILE B 257 13.55 55.07 -7.60
CA ILE B 257 13.03 53.80 -8.06
C ILE B 257 11.51 53.85 -8.27
N ARG B 258 11.06 53.39 -9.44
CA ARG B 258 9.62 53.42 -9.75
C ARG B 258 8.82 52.56 -8.78
N PRO B 259 7.55 52.94 -8.55
CA PRO B 259 6.64 52.24 -7.64
C PRO B 259 6.05 50.92 -8.12
N TYR B 260 5.49 50.20 -7.15
CA TYR B 260 4.84 48.93 -7.43
C TYR B 260 3.76 49.18 -8.50
N GLY B 261 3.71 48.31 -9.50
CA GLY B 261 2.69 48.46 -10.53
C GLY B 261 3.11 49.25 -11.75
N ALA B 262 4.28 49.91 -11.71
CA ALA B 262 4.74 50.68 -12.86
C ALA B 262 5.12 49.67 -13.95
N GLU B 263 5.23 50.14 -15.19
CA GLU B 263 5.57 49.22 -16.26
C GLU B 263 7.04 48.81 -16.26
N ILE B 264 7.30 47.60 -16.75
CA ILE B 264 8.65 47.06 -16.86
C ILE B 264 8.80 46.55 -18.30
N HIS B 265 9.96 46.80 -18.90
CA HIS B 265 10.19 46.35 -20.27
C HIS B 265 10.76 44.93 -20.28
N GLY B 266 10.55 44.21 -21.37
CA GLY B 266 11.05 42.84 -21.47
C GLY B 266 10.27 41.86 -20.61
N PHE B 267 9.09 42.28 -20.18
CA PHE B 267 8.20 41.47 -19.36
C PHE B 267 6.80 42.04 -19.48
N GLY B 268 5.79 41.18 -19.38
CA GLY B 268 4.43 41.66 -19.48
C GLY B 268 3.97 42.24 -18.15
N GLY B 269 4.57 41.76 -17.07
CA GLY B 269 4.20 42.22 -15.74
C GLY B 269 4.48 43.67 -15.39
N THR B 270 4.52 43.95 -14.09
CA THR B 270 4.77 45.29 -13.57
C THR B 270 5.87 45.31 -12.50
N ALA B 271 6.33 46.50 -12.15
CA ALA B 271 7.38 46.69 -11.16
C ALA B 271 6.97 46.33 -9.74
N SER B 272 7.97 46.02 -8.92
CA SER B 272 7.72 45.65 -7.54
C SER B 272 7.83 46.83 -6.59
N GLY B 273 8.49 47.89 -7.05
CA GLY B 273 8.72 49.01 -6.18
C GLY B 273 10.05 48.72 -5.47
N PRO B 274 10.64 49.71 -4.81
CA PRO B 274 11.92 49.54 -4.11
C PRO B 274 11.91 48.67 -2.86
N MET B 275 10.73 48.42 -2.31
CA MET B 275 10.63 47.64 -1.06
C MET B 275 11.44 46.34 -0.98
N PRO B 276 11.32 45.46 -1.98
CA PRO B 276 12.12 44.24 -1.85
C PRO B 276 13.62 44.49 -1.92
N LEU B 277 14.03 45.55 -2.61
CA LEU B 277 15.44 45.88 -2.71
C LEU B 277 15.93 46.35 -1.34
N ILE B 278 15.08 47.07 -0.63
CA ILE B 278 15.41 47.57 0.70
C ILE B 278 15.65 46.37 1.62
N SER B 279 14.70 45.43 1.62
CA SER B 279 14.81 44.23 2.45
C SER B 279 16.06 43.43 2.08
N MET B 280 16.33 43.29 0.79
CA MET B 280 17.48 42.53 0.35
C MET B 280 18.82 43.14 0.77
N LEU B 281 18.93 44.46 0.65
CA LEU B 281 20.18 45.14 1.00
C LEU B 281 20.46 45.05 2.51
N LEU B 282 19.41 45.22 3.30
CA LEU B 282 19.58 45.15 4.76
C LEU B 282 20.02 43.76 5.17
N ASP B 283 19.38 42.74 4.59
CA ASP B 283 19.71 41.36 4.94
C ASP B 283 21.08 40.92 4.40
N VAL B 284 21.45 41.35 3.20
CA VAL B 284 22.76 40.99 2.70
C VAL B 284 23.84 41.62 3.59
N ASN B 285 23.59 42.85 4.03
CA ASN B 285 24.54 43.56 4.89
C ASN B 285 24.67 42.82 6.23
N GLU B 286 23.57 42.24 6.71
CA GLU B 286 23.60 41.50 7.99
C GLU B 286 24.53 40.28 7.86
N VAL B 287 24.34 39.52 6.77
CA VAL B 287 25.14 38.33 6.55
C VAL B 287 26.64 38.63 6.50
N LEU B 288 27.00 39.71 5.83
CA LEU B 288 28.40 40.06 5.71
C LEU B 288 28.93 40.60 7.03
N ASN B 289 28.16 41.49 7.64
CA ASN B 289 28.57 42.10 8.91
C ASN B 289 28.76 41.03 10.00
N ASN B 290 27.90 40.02 9.99
CA ASN B 290 27.97 38.93 10.96
C ASN B 290 29.27 38.15 10.89
N LYS B 291 29.97 38.22 9.77
CA LYS B 291 31.24 37.54 9.64
C LYS B 291 32.42 38.51 9.61
N ALA B 292 32.17 39.76 9.95
CA ALA B 292 33.24 40.76 9.96
C ALA B 292 34.38 40.25 10.84
N GLY B 293 35.59 40.22 10.30
CA GLY B 293 36.73 39.74 11.05
C GLY B 293 37.01 38.26 10.78
N GLY B 294 36.05 37.60 10.16
CA GLY B 294 36.19 36.19 9.84
C GLY B 294 35.98 35.91 8.36
N ARG B 295 35.59 34.69 8.04
CA ARG B 295 35.39 34.27 6.66
C ARG B 295 33.96 33.89 6.28
N LEU B 296 33.62 34.08 5.01
CA LEU B 296 32.30 33.70 4.58
C LEU B 296 32.33 32.21 4.31
N THR B 297 31.21 31.55 4.57
CA THR B 297 31.07 30.10 4.33
C THR B 297 30.18 29.91 3.13
N ALA B 298 30.02 28.66 2.70
CA ALA B 298 29.15 28.36 1.55
C ALA B 298 27.70 28.76 1.89
N VAL B 299 27.31 28.60 3.15
CA VAL B 299 25.97 28.97 3.57
C VAL B 299 25.78 30.48 3.47
N ASP B 300 26.78 31.25 3.88
CA ASP B 300 26.70 32.70 3.82
C ASP B 300 26.56 33.12 2.34
N ALA B 301 27.40 32.53 1.49
CA ALA B 301 27.37 32.86 0.06
C ALA B 301 26.03 32.47 -0.58
N ALA B 302 25.56 31.26 -0.30
CA ALA B 302 24.28 30.84 -0.85
C ALA B 302 23.16 31.72 -0.30
N ASP B 303 23.27 32.11 0.98
CA ASP B 303 22.25 32.99 1.56
C ASP B 303 22.16 34.33 0.79
N ILE B 304 23.31 34.92 0.48
CA ILE B 304 23.29 36.18 -0.25
C ILE B 304 22.63 35.96 -1.63
N CYS B 305 22.98 34.88 -2.31
CA CYS B 305 22.37 34.60 -3.62
C CYS B 305 20.87 34.39 -3.47
N ASN B 306 20.47 33.75 -2.39
CA ASN B 306 19.07 33.49 -2.13
C ASN B 306 18.30 34.80 -1.88
N LEU B 307 18.92 35.70 -1.11
CA LEU B 307 18.30 36.97 -0.79
C LEU B 307 18.09 37.78 -2.07
N ILE B 308 19.08 37.73 -2.95
CA ILE B 308 19.00 38.41 -4.26
C ILE B 308 17.83 37.84 -5.08
N GLY B 309 17.75 36.52 -5.16
CA GLY B 309 16.68 35.88 -5.92
C GLY B 309 15.32 36.21 -5.35
N LYS B 310 15.22 36.28 -4.03
CA LYS B 310 13.96 36.63 -3.40
C LYS B 310 13.52 38.05 -3.79
N ALA B 311 14.49 38.96 -3.85
CA ALA B 311 14.22 40.36 -4.20
C ALA B 311 13.67 40.46 -5.61
N VAL B 312 14.23 39.65 -6.50
CA VAL B 312 13.82 39.63 -7.91
C VAL B 312 12.42 39.03 -8.07
N VAL B 313 12.11 38.03 -7.25
CA VAL B 313 10.81 37.38 -7.29
C VAL B 313 9.71 38.33 -6.82
N ALA B 314 10.03 39.15 -5.82
CA ALA B 314 9.06 40.10 -5.27
C ALA B 314 7.80 39.36 -4.81
N GLY B 315 6.64 39.90 -5.17
CA GLY B 315 5.39 39.25 -4.78
C GLY B 315 4.84 38.33 -5.85
N ASN B 316 5.72 37.72 -6.63
CA ASN B 316 5.32 36.80 -7.70
C ASN B 316 5.73 35.36 -7.38
N ALA B 321 14.27 29.74 -9.71
CA ALA B 321 15.19 30.36 -10.66
C ALA B 321 16.67 30.22 -10.28
N GLU B 322 16.97 29.56 -9.16
CA GLU B 322 18.36 29.36 -8.77
C GLU B 322 18.67 27.92 -8.41
N LEU B 323 19.92 27.54 -8.59
CA LEU B 323 20.41 26.22 -8.18
C LEU B 323 21.73 26.49 -7.51
N ALA B 324 21.85 26.10 -6.24
CA ALA B 324 23.10 26.27 -5.51
C ALA B 324 23.78 24.90 -5.46
N LEU B 325 25.02 24.84 -5.95
CA LEU B 325 25.82 23.62 -6.01
C LEU B 325 26.95 23.72 -5.01
N GLY B 326 26.96 22.83 -4.03
CA GLY B 326 28.01 22.87 -3.03
C GLY B 326 28.81 21.57 -2.91
N SER B 327 29.83 21.57 -2.06
CA SER B 327 30.65 20.37 -1.88
C SER B 327 29.90 19.28 -1.11
N ASN B 328 30.11 18.03 -1.48
CA ASN B 328 29.39 16.92 -0.85
C ASN B 328 29.74 16.66 0.63
N ASP B 329 30.80 17.29 1.12
CA ASP B 329 31.18 17.09 2.52
C ASP B 329 30.95 18.35 3.35
N ASP B 330 30.17 19.28 2.81
CA ASP B 330 29.85 20.54 3.49
C ASP B 330 28.47 20.33 4.13
N GLN B 331 28.46 19.76 5.33
CA GLN B 331 27.20 19.49 6.00
C GLN B 331 26.33 20.68 6.28
N ASP B 332 26.94 21.83 6.60
CA ASP B 332 26.15 23.02 6.89
C ASP B 332 25.38 23.45 5.63
N PHE B 333 26.02 23.34 4.49
CA PHE B 333 25.37 23.70 3.22
C PHE B 333 24.22 22.73 2.94
N ILE B 334 24.54 21.45 2.98
CA ILE B 334 23.57 20.40 2.72
C ILE B 334 22.33 20.52 3.58
N SER B 335 22.49 21.01 4.82
CA SER B 335 21.33 21.15 5.70
C SER B 335 20.72 22.54 5.76
N MET B 336 21.28 23.49 5.01
CA MET B 336 20.75 24.84 5.12
C MET B 336 19.26 25.03 4.88
N LYS B 337 18.66 24.27 3.95
CA LYS B 337 17.23 24.41 3.69
C LYS B 337 16.31 23.70 4.68
N GLN B 338 16.92 23.02 5.67
CA GLN B 338 16.14 22.35 6.70
C GLN B 338 15.84 23.31 7.85
N ASP B 339 16.61 24.38 7.95
CA ASP B 339 16.37 25.39 8.97
C ASP B 339 15.04 26.01 8.52
N GLN B 340 13.95 25.59 9.15
CA GLN B 340 12.62 26.05 8.74
C GLN B 340 12.40 27.57 8.71
N GLU B 341 12.82 28.28 9.74
CA GLU B 341 12.64 29.73 9.76
C GLU B 341 13.31 30.40 8.55
N LYS B 342 14.52 29.95 8.23
CA LYS B 342 15.25 30.52 7.12
C LYS B 342 14.76 30.05 5.76
N LEU B 343 14.23 28.82 5.70
CA LEU B 343 13.69 28.27 4.46
C LEU B 343 12.50 29.15 4.07
N MET B 344 11.68 29.48 5.07
CA MET B 344 10.50 30.32 4.86
C MET B 344 10.87 31.73 4.44
N HIS B 345 11.92 32.27 5.04
CA HIS B 345 12.33 33.64 4.73
C HIS B 345 13.01 33.84 3.38
N HIS B 346 13.95 32.98 3.01
CA HIS B 346 14.63 33.15 1.71
C HIS B 346 15.34 31.94 1.12
N ARG B 347 15.57 30.89 1.91
CA ARG B 347 16.28 29.74 1.35
C ARG B 347 15.47 28.92 0.34
N TRP B 348 14.18 29.23 0.21
CA TRP B 348 13.33 28.56 -0.76
C TRP B 348 13.77 29.02 -2.15
N ALA B 349 14.51 30.13 -2.20
CA ALA B 349 14.96 30.73 -3.46
C ALA B 349 15.80 29.86 -4.39
N SER B 350 16.44 28.83 -3.85
CA SER B 350 17.25 27.96 -4.69
C SER B 350 16.98 26.50 -4.36
N ASN B 351 17.29 25.63 -5.33
CA ASN B 351 17.20 24.19 -5.09
C ASN B 351 18.66 23.82 -4.98
N ASN B 352 19.01 23.07 -3.94
CA ASN B 352 20.42 22.75 -3.73
C ASN B 352 20.85 21.37 -4.08
N SER B 353 22.05 21.28 -4.62
CA SER B 353 22.65 20.02 -5.04
C SER B 353 24.11 19.95 -4.59
N VAL B 354 24.66 18.74 -4.53
CA VAL B 354 26.05 18.58 -4.19
C VAL B 354 26.81 17.98 -5.37
N ALA B 355 28.07 18.36 -5.49
CA ALA B 355 28.92 17.88 -6.56
C ALA B 355 29.58 16.57 -6.12
N VAL B 356 29.61 15.60 -7.02
CA VAL B 356 30.23 14.31 -6.75
C VAL B 356 31.03 13.82 -7.96
N ASP B 357 31.71 12.69 -7.79
CA ASP B 357 32.44 12.09 -8.92
C ASP B 357 32.01 10.62 -8.93
N SER B 358 32.53 9.82 -9.85
CA SER B 358 32.13 8.41 -9.90
C SER B 358 32.70 7.56 -8.76
N ALA B 359 33.69 8.09 -8.06
CA ALA B 359 34.30 7.38 -6.94
C ALA B 359 33.55 7.69 -5.64
N PHE B 360 32.70 8.71 -5.69
CA PHE B 360 31.91 9.10 -4.52
C PHE B 360 31.03 7.95 -4.07
N SER B 361 30.91 7.76 -2.76
CA SER B 361 30.09 6.66 -2.23
C SER B 361 29.15 7.06 -1.10
N GLY B 362 29.25 8.31 -0.64
CA GLY B 362 28.40 8.76 0.46
C GLY B 362 26.91 8.91 0.18
N TYR B 363 26.35 8.03 -0.64
CA TYR B 363 24.93 8.09 -0.98
C TYR B 363 23.93 7.81 0.13
N GLN B 364 24.35 7.21 1.25
CA GLN B 364 23.40 6.92 2.32
C GLN B 364 22.71 8.17 2.89
N PRO B 365 23.49 9.18 3.32
CA PRO B 365 22.85 10.38 3.87
C PRO B 365 22.09 11.20 2.80
N ILE B 366 22.53 11.08 1.56
CA ILE B 366 21.88 11.82 0.48
C ILE B 366 20.47 11.25 0.27
N ALA B 367 20.36 9.93 0.19
CA ALA B 367 19.06 9.29 0.01
C ALA B 367 18.15 9.67 1.17
N ALA B 368 18.69 9.76 2.38
CA ALA B 368 17.85 10.12 3.51
C ALA B 368 17.23 11.51 3.32
N GLY B 369 18.03 12.46 2.86
CA GLY B 369 17.48 13.79 2.66
C GLY B 369 16.45 13.77 1.53
N ILE B 370 16.75 13.02 0.48
CA ILE B 370 15.85 12.93 -0.66
C ILE B 370 14.51 12.31 -0.27
N ARG B 371 14.54 11.27 0.58
CA ARG B 371 13.30 10.64 1.01
C ARG B 371 12.47 11.61 1.85
N GLU B 372 13.12 12.63 2.39
CA GLU B 372 12.40 13.61 3.20
C GLU B 372 11.80 14.73 2.38
N ASN B 373 12.61 15.33 1.52
CA ASN B 373 12.16 16.49 0.75
C ASN B 373 12.65 16.57 -0.70
N GLY B 374 13.21 15.49 -1.23
CA GLY B 374 13.71 15.51 -2.60
C GLY B 374 15.03 16.25 -2.78
N GLU B 375 15.70 16.57 -1.67
CA GLU B 375 16.98 17.27 -1.73
C GLU B 375 17.99 16.54 -0.82
N PRO B 376 19.28 16.66 -1.12
CA PRO B 376 19.84 17.41 -2.24
C PRO B 376 19.86 16.70 -3.58
N GLY B 377 20.05 17.48 -4.64
CA GLY B 377 20.17 16.90 -5.95
C GLY B 377 21.64 16.61 -6.10
N ILE B 378 22.03 15.96 -7.19
CA ILE B 378 23.42 15.62 -7.40
C ILE B 378 23.91 16.02 -8.80
N VAL B 379 25.16 16.49 -8.86
CA VAL B 379 25.78 16.82 -10.13
C VAL B 379 27.15 16.14 -10.15
N ASN B 380 27.36 15.25 -11.11
CA ASN B 380 28.63 14.57 -11.23
C ASN B 380 29.50 15.37 -12.20
N LEU B 381 30.33 16.26 -11.63
CA LEU B 381 31.20 17.11 -12.45
C LEU B 381 32.26 16.28 -13.19
N ASP B 382 32.61 15.13 -12.62
CA ASP B 382 33.59 14.23 -13.22
C ASP B 382 33.07 13.76 -14.59
N LEU B 383 31.87 13.19 -14.58
CA LEU B 383 31.23 12.71 -15.81
C LEU B 383 30.92 13.89 -16.73
N SER B 384 30.48 15.00 -16.16
CA SER B 384 30.15 16.15 -17.00
C SER B 384 31.36 16.70 -17.75
N LYS B 385 32.54 16.65 -17.12
CA LYS B 385 33.75 17.17 -17.76
C LYS B 385 34.42 16.22 -18.73
N ASN B 386 34.21 14.92 -18.54
CA ASN B 386 34.89 13.95 -19.39
C ASN B 386 34.03 13.11 -20.32
N TYR B 387 32.77 13.49 -20.48
CA TYR B 387 31.90 12.75 -21.37
C TYR B 387 30.97 13.64 -22.18
N GLY B 388 30.67 13.17 -23.39
CA GLY B 388 29.66 13.80 -24.24
C GLY B 388 28.57 12.74 -23.99
N ARG B 389 28.15 11.98 -25.00
CA ARG B 389 27.18 10.91 -24.77
C ARG B 389 27.96 9.77 -24.11
N ILE B 390 27.38 9.07 -23.15
CA ILE B 390 28.09 7.96 -22.52
C ILE B 390 28.54 6.92 -23.56
N VAL B 391 27.73 6.70 -24.60
CA VAL B 391 28.07 5.70 -25.61
C VAL B 391 29.35 6.02 -26.37
N ASP B 392 29.77 7.29 -26.33
CA ASP B 392 30.98 7.68 -27.03
C ASP B 392 32.22 7.52 -26.16
N GLY B 393 32.01 7.06 -24.92
CA GLY B 393 33.14 6.81 -24.03
C GLY B 393 33.81 7.97 -23.34
N TYR B 394 34.76 7.65 -22.48
CA TYR B 394 35.52 8.64 -21.73
C TYR B 394 36.43 9.44 -22.68
N GLN B 395 36.32 10.76 -22.63
CA GLN B 395 37.13 11.65 -23.46
C GLN B 395 37.67 12.73 -22.53
N ALA B 396 38.87 12.51 -21.99
CA ALA B 396 39.47 13.42 -21.03
C ALA B 396 39.35 14.92 -21.35
N GLY B 397 38.64 15.63 -20.47
CA GLY B 397 38.46 17.07 -20.61
C GLY B 397 37.71 17.57 -21.83
N ILE B 398 36.90 16.71 -22.45
CA ILE B 398 36.15 17.14 -23.64
C ILE B 398 35.30 18.36 -23.26
N ASP B 399 34.96 18.48 -21.98
CA ASP B 399 34.17 19.63 -21.52
C ASP B 399 34.85 20.04 -20.20
N GLY B 400 36.17 20.18 -20.25
CA GLY B 400 36.96 20.51 -19.08
C GLY B 400 36.75 21.84 -18.36
N ASP B 401 36.01 22.76 -18.97
CA ASP B 401 35.73 24.05 -18.36
C ASP B 401 34.45 24.05 -17.53
N VAL B 402 33.71 22.94 -17.59
CA VAL B 402 32.46 22.84 -16.85
C VAL B 402 32.71 22.95 -15.33
N GLU B 403 31.84 23.68 -14.64
CA GLU B 403 31.94 23.84 -13.17
C GLU B 403 30.56 23.69 -12.54
N GLY B 404 29.52 23.62 -13.36
CA GLY B 404 28.19 23.48 -12.82
C GLY B 404 27.11 23.23 -13.86
N THR B 405 25.88 23.60 -13.51
CA THR B 405 24.77 23.41 -14.41
C THR B 405 23.73 24.48 -14.13
N ASN B 406 22.75 24.60 -15.03
CA ASN B 406 21.68 25.58 -14.90
C ASN B 406 20.66 25.01 -13.92
N PRO B 407 19.71 25.83 -13.45
CA PRO B 407 18.71 25.33 -12.49
C PRO B 407 18.00 24.02 -12.83
N CYS B 408 17.63 23.81 -14.10
CA CYS B 408 16.94 22.56 -14.42
C CYS B 408 17.88 21.37 -14.61
N GLY B 409 19.17 21.68 -14.60
CA GLY B 409 20.22 20.68 -14.71
C GLY B 409 20.43 19.91 -16.01
N GLU B 410 19.97 20.43 -17.14
CA GLU B 410 20.15 19.71 -18.39
C GLU B 410 21.39 20.12 -19.20
N ILE B 411 21.98 21.28 -18.89
CA ILE B 411 23.17 21.70 -19.63
C ILE B 411 24.40 21.76 -18.70
N SER B 412 25.53 21.28 -19.20
CA SER B 412 26.79 21.29 -18.45
C SER B 412 27.34 22.67 -18.77
N LEU B 413 27.63 23.47 -17.75
CA LEU B 413 28.08 24.84 -18.00
C LEU B 413 29.37 25.28 -17.34
N ALA B 414 30.08 26.16 -18.04
CA ALA B 414 31.31 26.78 -17.54
C ALA B 414 30.88 28.10 -16.89
N ASN B 415 31.78 28.69 -16.11
CA ASN B 415 31.53 29.96 -15.43
C ASN B 415 31.15 31.06 -16.46
N GLY B 416 29.98 31.65 -16.27
CA GLY B 416 29.52 32.72 -17.16
C GLY B 416 28.86 32.28 -18.48
N GLU B 417 28.71 30.97 -18.67
CA GLU B 417 28.11 30.44 -19.90
C GLU B 417 26.58 30.26 -19.79
N PRO B 418 25.86 30.50 -20.89
CA PRO B 418 24.40 30.34 -20.86
C PRO B 418 23.93 29.07 -21.52
N CYS B 419 22.69 28.72 -21.25
CA CYS B 419 22.03 27.58 -21.85
C CYS B 419 21.57 28.19 -23.21
N ASN B 420 21.55 27.38 -24.26
CA ASN B 420 21.14 27.85 -25.60
C ASN B 420 20.25 26.73 -26.17
N LEU B 421 18.97 26.77 -25.85
CA LEU B 421 18.05 25.69 -26.22
C LEU B 421 17.10 25.84 -27.40
N PHE B 422 16.66 24.71 -27.92
CA PHE B 422 15.66 24.68 -29.00
C PHE B 422 15.01 23.32 -28.82
N GLU B 423 13.68 23.29 -28.86
CA GLU B 423 12.98 22.04 -28.63
C GLU B 423 12.35 21.41 -29.87
N VAL B 424 12.48 20.09 -29.97
CA VAL B 424 11.91 19.36 -31.08
C VAL B 424 10.94 18.35 -30.50
N PHE B 425 9.75 18.26 -31.08
CA PHE B 425 8.75 17.28 -30.65
C PHE B 425 8.71 16.33 -31.85
N PRO B 426 9.60 15.32 -31.87
CA PRO B 426 9.67 14.34 -32.97
C PRO B 426 8.34 13.80 -33.52
N LEU B 427 7.44 13.39 -32.65
CA LEU B 427 6.18 12.83 -33.10
C LEU B 427 5.36 13.85 -33.91
N ILE B 428 5.29 15.09 -33.42
CA ILE B 428 4.54 16.11 -34.09
C ILE B 428 5.21 16.46 -35.42
N ALA B 429 6.53 16.63 -35.41
CA ALA B 429 7.25 16.95 -36.64
C ALA B 429 7.00 15.85 -37.68
N GLU B 430 7.07 14.59 -37.27
CA GLU B 430 6.81 13.49 -38.21
C GLU B 430 5.38 13.56 -38.75
N GLU B 431 4.41 13.80 -37.87
CA GLU B 431 3.02 13.85 -38.29
C GLU B 431 2.79 15.02 -39.24
N GLN B 432 3.62 16.05 -39.12
CA GLN B 432 3.52 17.23 -39.99
C GLN B 432 4.31 17.01 -41.27
N GLY B 433 4.76 15.76 -41.46
CA GLY B 433 5.47 15.34 -42.67
C GLY B 433 6.94 15.65 -42.85
N TRP B 434 7.62 15.99 -41.77
CA TRP B 434 9.04 16.31 -41.87
C TRP B 434 10.00 15.14 -41.84
N ASP B 435 11.14 15.31 -42.52
CA ASP B 435 12.21 14.32 -42.48
C ASP B 435 12.87 14.80 -41.19
N LEU B 436 13.01 13.94 -40.19
CA LEU B 436 13.57 14.43 -38.92
C LEU B 436 14.98 14.98 -39.01
N GLN B 437 15.77 14.47 -39.95
CA GLN B 437 17.13 15.00 -40.10
C GLN B 437 17.08 16.50 -40.44
N GLU B 438 16.14 16.90 -41.30
CA GLU B 438 16.06 18.32 -41.63
C GLU B 438 15.60 19.13 -40.42
N VAL B 439 14.69 18.57 -39.64
CA VAL B 439 14.19 19.30 -38.48
C VAL B 439 15.34 19.57 -37.53
N PHE B 440 16.11 18.53 -37.23
CA PHE B 440 17.21 18.74 -36.30
C PHE B 440 18.30 19.61 -36.86
N ALA B 441 18.53 19.56 -38.17
CA ALA B 441 19.55 20.44 -38.73
C ALA B 441 19.10 21.90 -38.61
N LEU B 442 17.82 22.17 -38.83
CA LEU B 442 17.31 23.53 -38.77
C LEU B 442 17.42 24.02 -37.32
N ALA B 443 17.16 23.11 -36.40
CA ALA B 443 17.23 23.45 -34.96
C ALA B 443 18.66 23.83 -34.60
N ALA B 444 19.61 23.00 -35.02
CA ALA B 444 21.01 23.25 -34.74
C ALA B 444 21.46 24.59 -35.29
N ARG B 445 20.96 24.96 -36.47
CA ARG B 445 21.36 26.23 -37.06
C ARG B 445 20.73 27.44 -36.34
N TYR B 446 19.52 27.29 -35.85
CA TYR B 446 18.83 28.36 -35.14
C TYR B 446 19.63 28.64 -33.86
N ALA B 447 19.94 27.57 -33.13
CA ALA B 447 20.72 27.72 -31.87
C ALA B 447 22.10 28.31 -32.16
N LYS B 448 22.73 27.89 -33.24
CA LYS B 448 24.04 28.43 -33.58
C LYS B 448 23.96 29.94 -33.76
N ARG B 449 22.96 30.44 -34.48
CA ARG B 449 22.84 31.87 -34.67
C ARG B 449 22.65 32.63 -33.36
N VAL B 450 21.95 32.04 -32.41
CA VAL B 450 21.76 32.72 -31.13
C VAL B 450 23.11 33.12 -30.52
N THR B 451 24.12 32.28 -30.70
CA THR B 451 25.44 32.57 -30.11
C THR B 451 26.12 33.80 -30.69
N PHE B 452 25.55 34.34 -31.77
CA PHE B 452 26.14 35.54 -32.37
C PHE B 452 25.41 36.81 -31.92
N SER B 453 24.49 36.65 -30.99
CA SER B 453 23.78 37.80 -30.47
C SER B 453 24.69 38.52 -29.48
N PRO B 454 24.35 39.75 -29.11
CA PRO B 454 25.15 40.54 -28.18
C PRO B 454 25.11 40.02 -26.73
N TYR B 455 26.28 39.91 -26.11
CA TYR B 455 26.36 39.48 -24.69
C TYR B 455 27.02 40.60 -23.87
N ASP B 456 26.46 40.90 -22.72
CA ASP B 456 26.93 41.98 -21.84
C ASP B 456 28.22 41.76 -21.05
N TRP B 457 28.42 40.53 -20.58
CA TRP B 457 29.59 40.24 -19.77
C TRP B 457 30.76 39.68 -20.56
N GLU B 458 31.95 40.16 -20.26
CA GLU B 458 33.14 39.70 -20.94
C GLU B 458 33.31 38.20 -20.79
N ILE B 459 33.10 37.70 -19.59
CA ILE B 459 33.26 36.29 -19.34
C ILE B 459 32.33 35.45 -20.24
N SER B 460 31.11 35.92 -20.46
CA SER B 460 30.16 35.21 -21.31
C SER B 460 30.63 35.28 -22.76
N ARG B 461 31.01 36.46 -23.22
CA ARG B 461 31.49 36.56 -24.61
C ARG B 461 32.67 35.65 -24.90
N GLU B 462 33.59 35.52 -23.94
CA GLU B 462 34.75 34.67 -24.15
C GLU B 462 34.43 33.18 -24.24
N ILE B 463 33.65 32.69 -23.28
CA ILE B 463 33.31 31.27 -23.25
C ILE B 463 32.37 30.89 -24.40
N ILE B 464 31.53 31.83 -24.83
CA ILE B 464 30.63 31.54 -25.97
C ILE B 464 31.46 31.47 -27.26
N GLN B 465 32.43 32.38 -27.39
CA GLN B 465 33.32 32.38 -28.55
C GLN B 465 34.08 31.05 -28.62
N LYS B 466 34.47 30.54 -27.45
CA LYS B 466 35.21 29.29 -27.37
C LYS B 466 34.35 28.04 -27.59
N ASN B 467 33.19 27.99 -26.93
CA ASN B 467 32.29 26.84 -26.99
C ASN B 467 31.17 26.80 -28.02
N ARG B 468 30.56 27.95 -28.33
CA ARG B 468 29.44 28.02 -29.28
C ARG B 468 28.47 26.90 -28.91
N ARG B 469 28.28 26.67 -27.61
CA ARG B 469 27.42 25.57 -27.17
C ARG B 469 25.95 25.70 -27.57
N ILE B 470 25.39 24.60 -28.04
CA ILE B 470 23.97 24.57 -28.39
C ILE B 470 23.33 23.40 -27.63
N GLY B 471 22.05 23.51 -27.37
CA GLY B 471 21.34 22.47 -26.65
C GLY B 471 20.03 22.12 -27.32
N ILE B 472 20.11 21.23 -28.30
CA ILE B 472 18.93 20.80 -29.01
C ILE B 472 18.28 19.71 -28.17
N SER B 473 17.08 20.03 -27.68
CA SER B 473 16.33 19.14 -26.80
C SER B 473 15.27 18.37 -27.52
N MET B 474 15.01 17.17 -27.04
CA MET B 474 13.98 16.34 -27.59
C MET B 474 12.91 16.28 -26.51
N SER B 475 11.67 16.62 -26.88
CA SER B 475 10.57 16.58 -25.94
C SER B 475 9.46 15.66 -26.47
N GLY B 476 8.37 15.48 -25.72
CA GLY B 476 7.35 14.53 -26.16
C GLY B 476 7.94 13.14 -26.41
N ILE B 477 9.01 12.79 -25.69
CA ILE B 477 9.67 11.52 -25.90
C ILE B 477 8.79 10.28 -25.64
N GLN B 478 8.05 10.25 -24.54
CA GLN B 478 7.24 9.08 -24.31
C GLN B 478 6.18 8.91 -25.40
N ASP B 479 5.57 10.02 -25.85
CA ASP B 479 4.57 9.94 -26.93
C ASP B 479 5.20 9.33 -28.20
N TRP B 480 6.37 9.85 -28.55
CA TRP B 480 7.09 9.42 -29.77
C TRP B 480 7.49 7.94 -29.73
N LEU B 481 8.08 7.49 -28.63
CA LEU B 481 8.46 6.10 -28.54
C LEU B 481 7.26 5.18 -28.65
N LEU B 482 6.21 5.47 -27.89
CA LEU B 482 5.04 4.64 -27.85
C LEU B 482 4.33 4.60 -29.19
N THR B 483 4.27 5.73 -29.86
CA THR B 483 3.60 5.77 -31.14
C THR B 483 4.45 5.18 -32.27
N ARG B 484 5.70 5.60 -32.37
CA ARG B 484 6.57 5.09 -33.43
C ARG B 484 7.03 3.64 -33.26
N LEU B 485 7.39 3.25 -32.03
CA LEU B 485 7.86 1.87 -31.79
C LEU B 485 6.80 0.91 -31.29
N GLY B 486 5.76 1.45 -30.65
CA GLY B 486 4.68 0.66 -30.14
C GLY B 486 4.94 0.24 -28.70
N ASN B 487 6.03 0.73 -28.13
CA ASN B 487 6.37 0.35 -26.75
C ASN B 487 7.35 1.33 -26.11
N ARG B 488 7.62 1.13 -24.83
CA ARG B 488 8.56 2.00 -24.11
C ARG B 488 10.01 1.60 -24.39
N VAL B 489 10.97 2.48 -24.14
CA VAL B 489 12.35 2.14 -24.47
C VAL B 489 12.91 1.00 -23.62
N VAL B 490 12.48 0.89 -22.37
CA VAL B 490 12.97 -0.21 -21.54
C VAL B 490 12.05 -1.41 -21.79
N THR B 491 12.59 -2.47 -22.37
CA THR B 491 11.77 -3.62 -22.67
C THR B 491 11.83 -4.71 -21.60
N GLY B 492 12.75 -4.56 -20.65
CA GLY B 492 12.86 -5.54 -19.57
C GLY B 492 14.15 -5.32 -18.79
N PHE B 493 14.39 -6.18 -17.79
CA PHE B 493 15.62 -6.11 -16.98
C PHE B 493 16.28 -7.47 -16.96
N LYS B 494 17.58 -7.48 -16.75
CA LYS B 494 18.33 -8.73 -16.67
C LYS B 494 19.24 -8.69 -15.44
N ASP B 495 19.53 -9.86 -14.89
CA ASP B 495 20.38 -9.96 -13.71
C ASP B 495 21.84 -9.66 -14.06
N ASP B 496 22.53 -8.94 -13.19
CA ASP B 496 23.94 -8.62 -13.41
C ASP B 496 24.57 -8.22 -12.07
N PHE B 497 25.81 -7.76 -12.12
CA PHE B 497 26.50 -7.36 -10.89
C PHE B 497 27.25 -6.05 -11.01
N ASP B 498 27.29 -5.27 -9.93
CA ASP B 498 28.00 -4.02 -9.95
C ASP B 498 29.45 -4.36 -10.29
N PRO B 499 30.07 -3.61 -11.22
CA PRO B 499 31.46 -3.84 -11.63
C PRO B 499 32.52 -3.70 -10.54
N GLU B 500 32.18 -3.12 -9.41
CA GLU B 500 33.17 -2.96 -8.35
C GLU B 500 32.80 -3.61 -7.04
N THR B 501 31.53 -3.53 -6.66
CA THR B 501 31.10 -4.11 -5.40
C THR B 501 30.50 -5.50 -5.55
N HIS B 502 30.32 -5.96 -6.79
CA HIS B 502 29.75 -7.27 -7.06
C HIS B 502 28.33 -7.40 -6.49
N GLU B 503 27.73 -6.26 -6.17
CA GLU B 503 26.38 -6.24 -5.63
C GLU B 503 25.43 -6.66 -6.76
N ALA B 504 24.44 -7.49 -6.43
CA ALA B 504 23.48 -7.95 -7.43
C ALA B 504 22.59 -6.79 -7.86
N ILE B 505 22.45 -6.62 -9.17
CA ILE B 505 21.62 -5.55 -9.72
C ILE B 505 20.82 -5.98 -10.96
N LYS B 506 19.76 -5.21 -11.22
CA LYS B 506 18.90 -5.45 -12.38
C LYS B 506 19.33 -4.40 -13.40
N VAL B 507 19.75 -4.87 -14.57
CA VAL B 507 20.20 -3.96 -15.62
C VAL B 507 19.12 -3.89 -16.73
N PRO B 508 18.79 -2.67 -17.19
CA PRO B 508 17.75 -2.57 -18.24
C PRO B 508 18.17 -3.07 -19.62
N VAL B 509 17.16 -3.49 -20.37
CA VAL B 509 17.34 -3.98 -21.73
C VAL B 509 16.57 -2.93 -22.52
N TYR B 510 17.21 -2.33 -23.51
CA TYR B 510 16.59 -1.28 -24.31
C TYR B 510 16.21 -1.77 -25.71
N ASP B 511 15.19 -1.13 -26.29
CA ASP B 511 14.73 -1.47 -27.63
C ASP B 511 15.83 -0.99 -28.58
N LYS B 512 16.36 -1.91 -29.38
CA LYS B 512 17.46 -1.57 -30.27
C LYS B 512 17.08 -0.58 -31.36
N ARG B 513 15.78 -0.54 -31.70
CA ARG B 513 15.33 0.42 -32.70
C ARG B 513 15.42 1.84 -32.14
N ALA B 514 15.14 2.00 -30.84
CA ALA B 514 15.24 3.31 -30.21
C ALA B 514 16.70 3.76 -30.18
N ILE B 515 17.62 2.82 -29.97
CA ILE B 515 19.03 3.18 -29.95
C ILE B 515 19.44 3.72 -31.32
N LYS B 516 19.08 3.00 -32.37
CA LYS B 516 19.47 3.42 -33.70
C LYS B 516 18.84 4.74 -34.14
N MET B 517 17.55 4.89 -33.91
CA MET B 517 16.91 6.11 -34.35
C MET B 517 17.41 7.36 -33.63
N VAL B 518 17.72 7.28 -32.34
CA VAL B 518 18.18 8.49 -31.65
C VAL B 518 19.64 8.73 -32.03
N ASP B 519 20.39 7.65 -32.24
CA ASP B 519 21.80 7.77 -32.62
C ASP B 519 21.85 8.50 -33.96
N GLN B 520 20.96 8.14 -34.87
CA GLN B 520 20.90 8.79 -36.19
C GLN B 520 20.62 10.28 -36.06
N LEU B 521 19.73 10.66 -35.15
CA LEU B 521 19.41 12.08 -35.00
C LEU B 521 20.54 12.86 -34.35
N TYR B 522 21.22 12.22 -33.41
CA TYR B 522 22.33 12.89 -32.76
C TYR B 522 23.37 13.23 -33.82
N LYS B 523 23.70 12.25 -34.65
CA LYS B 523 24.67 12.44 -35.72
C LYS B 523 24.24 13.52 -36.70
N ALA B 524 22.92 13.65 -36.93
CA ALA B 524 22.39 14.70 -37.83
C ALA B 524 22.65 16.09 -37.23
N VAL B 525 22.48 16.22 -35.92
CA VAL B 525 22.72 17.50 -35.27
C VAL B 525 24.21 17.87 -35.36
N VAL B 526 25.08 16.90 -35.10
CA VAL B 526 26.53 17.18 -35.16
C VAL B 526 26.96 17.53 -36.58
N LYS B 527 26.46 16.78 -37.55
CA LYS B 527 26.81 17.04 -38.95
C LYS B 527 26.36 18.43 -39.37
N ALA B 528 25.14 18.81 -39.02
CA ALA B 528 24.63 20.13 -39.37
C ALA B 528 25.50 21.23 -38.76
N ASP B 529 25.90 21.07 -37.50
CA ASP B 529 26.75 22.03 -36.84
C ASP B 529 28.15 22.11 -37.47
N GLN B 530 28.70 20.96 -37.83
CA GLN B 530 30.03 20.97 -38.46
C GLN B 530 29.96 21.74 -39.78
N ASP B 531 28.92 21.50 -40.58
CA ASP B 531 28.79 22.20 -41.85
C ASP B 531 28.60 23.71 -41.66
N TYR B 532 27.74 24.11 -40.74
CA TYR B 532 27.48 25.52 -40.48
C TYR B 532 28.68 26.26 -39.88
N SER B 533 29.39 25.62 -38.96
CA SER B 533 30.55 26.24 -38.35
C SER B 533 31.64 26.47 -39.40
N LYS B 534 31.77 25.55 -40.34
CA LYS B 534 32.77 25.68 -41.39
C LYS B 534 32.37 26.87 -42.28
N THR B 535 31.10 26.94 -42.61
CA THR B 535 30.57 28.02 -43.45
C THR B 535 30.74 29.39 -42.80
N LEU B 536 30.50 29.46 -41.49
CA LEU B 536 30.63 30.70 -40.75
C LEU B 536 32.05 31.00 -40.34
N GLY B 537 32.89 29.97 -40.32
CA GLY B 537 34.27 30.14 -39.93
C GLY B 537 34.44 30.28 -38.42
N CYS B 538 33.54 29.67 -37.65
CA CYS B 538 33.63 29.73 -36.18
C CYS B 538 33.88 28.34 -35.61
N ASN B 539 34.01 28.24 -34.28
CA ASN B 539 34.23 26.94 -33.64
C ASN B 539 32.98 26.07 -33.67
N GLU B 540 33.18 24.77 -33.75
CA GLU B 540 32.06 23.85 -33.73
C GLU B 540 31.57 23.92 -32.30
N SER B 541 30.31 23.57 -32.07
CA SER B 541 29.74 23.59 -30.72
C SER B 541 30.42 22.53 -29.84
N ILE B 542 30.81 22.90 -28.63
CA ILE B 542 31.47 21.95 -27.74
C ILE B 542 30.54 20.76 -27.42
N LYS B 543 29.25 21.05 -27.28
CA LYS B 543 28.22 20.03 -27.01
C LYS B 543 27.02 20.41 -27.89
N HIS B 544 26.09 19.49 -28.08
CA HIS B 544 24.98 19.73 -28.99
C HIS B 544 23.53 19.42 -28.55
N THR B 545 23.37 18.38 -27.74
CA THR B 545 22.04 17.89 -27.38
C THR B 545 21.75 17.82 -25.88
N THR B 546 20.47 17.72 -25.54
CA THR B 546 20.05 17.65 -24.15
C THR B 546 18.59 17.20 -24.08
N VAL B 547 18.05 17.09 -22.87
CA VAL B 547 16.65 16.73 -22.72
C VAL B 547 16.17 17.65 -21.63
N LYS B 548 15.09 18.36 -21.91
CA LYS B 548 14.54 19.28 -20.92
C LYS B 548 13.02 19.22 -20.87
N PRO B 549 12.47 19.14 -19.65
CA PRO B 549 11.01 19.10 -19.51
C PRO B 549 10.47 20.53 -19.48
N SER B 550 10.38 21.15 -20.65
CA SER B 550 9.86 22.51 -20.73
C SER B 550 8.35 22.40 -20.62
N GLY B 551 7.85 22.67 -19.42
CA GLY B 551 6.43 22.58 -19.18
C GLY B 551 5.53 23.45 -20.02
N THR B 552 5.83 24.74 -20.11
CA THR B 552 5.00 25.68 -20.87
C THR B 552 4.96 25.41 -22.36
N VAL B 553 6.13 25.35 -23.00
CA VAL B 553 6.18 25.12 -24.44
C VAL B 553 5.57 23.78 -24.85
N ALA B 554 5.77 22.75 -24.03
CA ALA B 554 5.20 21.44 -24.33
C ALA B 554 3.66 21.51 -24.34
N LYS B 555 3.10 22.48 -23.64
CA LYS B 555 1.65 22.65 -23.59
C LYS B 555 1.14 23.21 -24.92
N LEU B 556 1.94 24.03 -25.58
CA LEU B 556 1.52 24.58 -26.86
C LEU B 556 1.18 23.43 -27.79
N ALA B 557 2.07 22.46 -27.85
CA ALA B 557 1.90 21.29 -28.70
C ALA B 557 1.19 20.10 -28.06
N GLY B 558 0.90 20.20 -26.77
CA GLY B 558 0.24 19.09 -26.09
C GLY B 558 1.09 17.83 -26.01
N ALA B 559 2.40 17.98 -25.97
CA ALA B 559 3.32 16.84 -25.90
C ALA B 559 3.76 16.49 -24.47
N SER B 560 4.16 15.23 -24.26
CA SER B 560 4.69 14.84 -22.93
C SER B 560 5.93 15.72 -22.72
N GLU B 561 6.19 16.13 -21.49
CA GLU B 561 7.32 17.02 -21.22
C GLU B 561 8.66 16.31 -21.11
N GLY B 562 9.61 16.69 -21.96
CA GLY B 562 10.92 16.04 -21.94
C GLY B 562 10.80 14.52 -22.02
N MET B 563 11.36 13.81 -21.05
CA MET B 563 11.24 12.37 -21.03
C MET B 563 10.19 11.90 -20.00
N HIS B 564 9.47 12.84 -19.39
CA HIS B 564 8.46 12.48 -18.40
C HIS B 564 7.27 11.74 -19.00
N PHE B 565 6.64 10.95 -18.15
CA PHE B 565 5.45 10.19 -18.51
C PHE B 565 4.25 11.04 -18.15
N HIS B 566 3.09 10.75 -18.74
CA HIS B 566 1.89 11.50 -18.46
C HIS B 566 1.34 11.19 -17.07
N TYR B 567 0.73 12.19 -16.45
CA TYR B 567 0.13 12.02 -15.14
C TYR B 567 -0.99 10.96 -15.19
N GLY B 568 -1.72 10.91 -16.30
CA GLY B 568 -2.79 9.94 -16.43
C GLY B 568 -3.26 9.82 -17.87
N ALA B 569 -3.84 8.68 -18.22
CA ALA B 569 -4.33 8.45 -19.59
C ALA B 569 -5.39 9.46 -20.00
N TYR B 570 -6.32 9.70 -19.09
CA TYR B 570 -7.42 10.64 -19.32
C TYR B 570 -7.47 11.54 -18.10
N LEU B 571 -7.51 12.85 -18.34
CA LEU B 571 -7.52 13.82 -17.27
C LEU B 571 -8.41 15.02 -17.56
N ILE B 572 -8.69 15.73 -16.48
CA ILE B 572 -9.36 17.00 -16.52
C ILE B 572 -8.19 17.85 -16.01
N GLN B 573 -7.67 18.72 -16.85
CA GLN B 573 -6.57 19.57 -16.42
C GLN B 573 -7.16 20.94 -16.15
N ARG B 574 -6.79 21.54 -15.02
CA ARG B 574 -7.30 22.85 -14.66
C ARG B 574 -6.27 23.95 -14.91
N ILE B 575 -6.68 24.98 -15.62
CA ILE B 575 -5.79 26.09 -15.86
C ILE B 575 -6.42 27.24 -15.09
N ARG B 576 -5.59 27.94 -14.31
CA ARG B 576 -6.07 29.04 -13.51
C ARG B 576 -5.88 30.36 -14.23
N PHE B 577 -6.93 31.19 -14.23
CA PHE B 577 -6.91 32.50 -14.87
C PHE B 577 -7.37 33.59 -13.91
N GLN B 578 -6.76 34.77 -14.02
CA GLN B 578 -7.22 35.88 -13.18
C GLN B 578 -8.65 36.13 -13.65
N ASP B 579 -9.53 36.50 -12.73
CA ASP B 579 -10.93 36.76 -13.05
C ASP B 579 -11.20 37.70 -14.22
N SER B 580 -10.29 38.63 -14.47
CA SER B 580 -10.49 39.59 -15.56
C SER B 580 -9.79 39.25 -16.87
N ASP B 581 -9.19 38.07 -16.93
CA ASP B 581 -8.49 37.66 -18.14
C ASP B 581 -9.42 37.70 -19.35
N PRO B 582 -9.03 38.42 -20.41
CA PRO B 582 -9.81 38.56 -21.66
C PRO B 582 -10.25 37.25 -22.27
N LEU B 583 -9.55 36.16 -21.94
CA LEU B 583 -9.86 34.85 -22.49
C LEU B 583 -11.04 34.13 -21.84
N LEU B 584 -11.40 34.53 -20.63
CA LEU B 584 -12.51 33.85 -19.94
C LEU B 584 -13.85 33.86 -20.68
N PRO B 585 -14.28 35.00 -21.23
CA PRO B 585 -15.56 34.99 -21.93
C PRO B 585 -15.59 34.01 -23.10
N ALA B 586 -14.51 33.96 -23.87
CA ALA B 586 -14.45 33.05 -25.00
C ALA B 586 -14.49 31.60 -24.54
N LEU B 587 -13.70 31.29 -23.50
CA LEU B 587 -13.67 29.92 -22.99
C LEU B 587 -15.03 29.47 -22.48
N LYS B 588 -15.70 30.34 -21.73
CA LYS B 588 -17.02 30.01 -21.22
C LYS B 588 -17.98 29.80 -22.36
N ALA B 589 -17.84 30.63 -23.41
CA ALA B 589 -18.71 30.56 -24.57
C ALA B 589 -18.60 29.26 -25.37
N CYS B 590 -17.44 28.60 -25.29
CA CYS B 590 -17.18 27.38 -26.02
C CYS B 590 -17.60 26.09 -25.34
N GLY B 591 -17.98 26.18 -24.06
CA GLY B 591 -18.43 24.99 -23.38
C GLY B 591 -17.56 24.47 -22.24
N TYR B 592 -16.42 25.10 -21.99
CA TYR B 592 -15.54 24.63 -20.92
C TYR B 592 -16.19 24.91 -19.57
N ARG B 593 -16.07 23.95 -18.66
CA ARG B 593 -16.62 24.16 -17.32
C ARG B 593 -15.63 25.05 -16.58
N THR B 594 -16.14 25.94 -15.73
CA THR B 594 -15.28 26.83 -14.97
C THR B 594 -15.80 26.94 -13.55
N GLU B 595 -14.95 27.36 -12.63
CA GLU B 595 -15.34 27.50 -11.24
C GLU B 595 -14.34 28.35 -10.51
N ALA B 596 -14.77 28.96 -9.41
CA ALA B 596 -13.89 29.79 -8.62
C ALA B 596 -12.75 28.93 -8.05
N ASP B 597 -11.54 29.45 -8.11
CA ASP B 597 -10.36 28.78 -7.59
C ASP B 597 -10.45 28.88 -6.07
N ILE B 598 -10.27 27.77 -5.36
CA ILE B 598 -10.36 27.79 -3.91
C ILE B 598 -9.03 28.08 -3.22
N TYR B 599 -7.94 28.07 -3.98
CA TYR B 599 -6.63 28.33 -3.41
C TYR B 599 -6.12 29.75 -3.62
N THR B 600 -6.74 30.48 -4.53
CA THR B 600 -6.33 31.85 -4.82
C THR B 600 -7.53 32.75 -5.08
N GLU B 601 -7.49 33.93 -4.46
CA GLU B 601 -8.55 34.92 -4.57
C GLU B 601 -8.67 35.52 -5.96
N ASN B 602 -9.90 35.85 -6.37
CA ASN B 602 -10.18 36.45 -7.67
C ASN B 602 -9.52 35.69 -8.82
N THR B 603 -9.72 34.38 -8.82
CA THR B 603 -9.17 33.50 -9.83
C THR B 603 -10.21 32.46 -10.24
N THR B 604 -10.15 32.02 -11.48
CA THR B 604 -11.11 31.04 -12.01
C THR B 604 -10.34 29.88 -12.63
N CYS B 605 -10.84 28.67 -12.40
CA CYS B 605 -10.25 27.47 -12.97
C CYS B 605 -11.09 27.12 -14.18
N VAL B 606 -10.43 26.80 -15.29
CA VAL B 606 -11.13 26.40 -16.51
C VAL B 606 -10.71 24.93 -16.69
N GLU B 607 -11.70 24.06 -16.86
CA GLU B 607 -11.45 22.63 -17.02
C GLU B 607 -11.29 22.12 -18.45
N PHE B 608 -10.14 21.49 -18.70
CA PHE B 608 -9.83 20.93 -20.03
C PHE B 608 -9.70 19.40 -20.02
N PRO B 609 -10.63 18.69 -20.68
CA PRO B 609 -10.57 17.22 -20.75
C PRO B 609 -9.44 16.90 -21.74
N ILE B 610 -8.54 15.98 -21.39
CA ILE B 610 -7.43 15.65 -22.27
C ILE B 610 -7.11 14.15 -22.25
N LYS B 611 -7.02 13.55 -23.42
CA LYS B 611 -6.69 12.14 -23.55
C LYS B 611 -5.25 12.12 -24.03
N ALA B 612 -4.37 11.40 -23.32
CA ALA B 612 -2.98 11.35 -23.73
C ALA B 612 -2.77 10.48 -24.94
N VAL B 613 -1.69 10.75 -25.67
CA VAL B 613 -1.30 9.98 -26.83
C VAL B 613 -1.05 8.55 -26.36
N GLY B 614 -1.63 7.58 -27.07
CA GLY B 614 -1.45 6.17 -26.74
C GLY B 614 -2.19 5.69 -25.50
N ALA B 615 -3.17 6.46 -25.06
CA ALA B 615 -3.97 6.13 -23.89
C ALA B 615 -4.55 4.70 -23.94
N ASP B 616 -4.78 4.19 -25.15
CA ASP B 616 -5.32 2.85 -25.30
C ASP B 616 -4.26 1.78 -25.59
N ASN B 617 -2.99 2.17 -25.59
CA ASN B 617 -1.92 1.20 -25.85
C ASN B 617 -1.60 0.52 -24.53
N PRO B 618 -1.54 -0.83 -24.51
CA PRO B 618 -1.22 -1.51 -23.23
C PRO B 618 0.15 -1.10 -22.69
N ASN B 619 1.00 -0.56 -23.55
CA ASN B 619 2.34 -0.12 -23.13
C ASN B 619 2.35 1.31 -22.61
N PHE B 620 1.17 1.91 -22.54
CA PHE B 620 1.06 3.26 -21.99
C PHE B 620 1.31 3.15 -20.48
N ALA B 621 2.04 4.09 -19.91
CA ALA B 621 2.26 4.05 -18.45
C ALA B 621 2.15 5.46 -17.90
N SER B 622 1.39 5.63 -16.82
CA SER B 622 1.24 6.93 -16.18
C SER B 622 2.42 7.11 -15.20
N ALA B 623 2.77 8.35 -14.91
CA ALA B 623 3.91 8.65 -14.02
C ALA B 623 3.89 7.87 -12.71
N GLY B 624 2.73 7.82 -12.08
CA GLY B 624 2.62 7.13 -10.81
C GLY B 624 2.79 5.62 -10.83
N THR B 625 2.65 5.01 -12.00
CA THR B 625 2.79 3.56 -12.09
C THR B 625 4.16 3.11 -12.59
N VAL B 626 4.98 4.04 -13.06
CA VAL B 626 6.30 3.68 -13.56
C VAL B 626 7.27 3.51 -12.41
N SER B 627 7.92 2.37 -12.36
CA SER B 627 8.86 2.07 -11.27
C SER B 627 10.05 3.03 -11.24
N ILE B 628 10.63 3.20 -10.06
CA ILE B 628 11.76 4.10 -9.95
C ILE B 628 12.90 3.49 -10.78
N ALA B 629 13.02 2.17 -10.80
CA ALA B 629 14.08 1.53 -11.57
C ALA B 629 13.92 1.86 -13.07
N GLU B 630 12.68 1.83 -13.56
CA GLU B 630 12.50 2.14 -14.98
C GLU B 630 12.81 3.60 -15.30
N GLN B 631 12.46 4.51 -14.39
CA GLN B 631 12.75 5.93 -14.61
C GLN B 631 14.24 6.17 -14.68
N PHE B 632 15.00 5.55 -13.77
CA PHE B 632 16.45 5.69 -13.82
C PHE B 632 17.00 5.17 -15.15
N ALA B 633 16.51 4.00 -15.57
CA ALA B 633 16.99 3.38 -16.79
C ALA B 633 16.62 4.25 -18.00
N THR B 634 15.50 4.94 -17.91
CA THR B 634 15.07 5.78 -19.04
C THR B 634 15.97 7.02 -19.14
N GLN B 635 16.24 7.68 -18.03
CA GLN B 635 17.14 8.84 -18.05
C GLN B 635 18.50 8.38 -18.61
N ALA B 636 18.97 7.23 -18.12
CA ALA B 636 20.26 6.68 -18.52
C ALA B 636 20.31 6.39 -20.02
N PHE B 637 19.20 5.87 -20.54
CA PHE B 637 19.15 5.60 -21.98
C PHE B 637 19.45 6.89 -22.73
N LEU B 638 18.76 7.97 -22.39
CA LEU B 638 18.96 9.25 -23.07
C LEU B 638 20.37 9.82 -22.86
N GLN B 639 20.92 9.68 -21.66
CA GLN B 639 22.27 10.18 -21.42
C GLN B 639 23.34 9.37 -22.19
N THR B 640 23.03 8.11 -22.49
CA THR B 640 23.94 7.23 -23.19
C THR B 640 23.88 7.40 -24.71
N TYR B 641 22.66 7.48 -25.25
CA TYR B 641 22.56 7.56 -26.71
C TYR B 641 22.13 8.88 -27.35
N TRP B 642 21.64 9.83 -26.57
CA TRP B 642 21.20 11.07 -27.17
C TRP B 642 21.88 12.34 -26.73
N SER B 643 21.91 12.59 -25.42
CA SER B 643 22.46 13.82 -24.91
C SER B 643 23.94 13.83 -24.63
N ASP B 644 24.65 14.81 -25.20
CA ASP B 644 26.06 14.93 -24.90
C ASP B 644 26.21 15.99 -23.81
N ASN B 645 25.09 16.65 -23.48
CA ASN B 645 25.08 17.58 -22.35
C ASN B 645 24.50 16.66 -21.29
N ALA B 646 23.46 17.08 -20.59
CA ALA B 646 22.88 16.21 -19.58
C ALA B 646 21.41 15.90 -19.88
N VAL B 647 20.72 15.30 -18.92
CA VAL B 647 19.32 14.93 -19.14
C VAL B 647 18.51 15.34 -17.92
N SER B 648 17.66 16.34 -18.09
CA SER B 648 16.84 16.81 -17.00
C SER B 648 15.54 16.03 -16.86
N CYS B 649 15.27 15.58 -15.64
CA CYS B 649 14.03 14.91 -15.36
C CYS B 649 13.91 14.74 -13.86
N THR B 650 12.67 14.74 -13.37
CA THR B 650 12.41 14.57 -11.96
C THR B 650 11.92 13.14 -11.77
N ILE B 651 12.75 12.35 -11.11
CA ILE B 651 12.41 10.95 -10.87
C ILE B 651 11.58 10.93 -9.60
N THR B 652 10.34 10.49 -9.74
CA THR B 652 9.41 10.41 -8.61
C THR B 652 9.32 8.97 -8.10
N PHE B 653 9.15 8.80 -6.79
CA PHE B 653 9.05 7.46 -6.23
C PHE B 653 8.00 7.37 -5.15
N GLN B 654 7.33 6.23 -5.08
CA GLN B 654 6.31 6.02 -4.06
C GLN B 654 7.00 5.78 -2.73
N ASP B 655 6.26 5.91 -1.65
CA ASP B 655 6.76 5.69 -0.30
C ASP B 655 7.48 4.36 -0.24
N SER B 656 6.82 3.32 -0.77
CA SER B 656 7.33 1.96 -0.77
C SER B 656 8.61 1.73 -1.57
N GLU B 657 8.98 2.69 -2.43
CA GLU B 657 10.19 2.56 -3.24
C GLU B 657 11.36 3.30 -2.61
N GLY B 658 11.10 3.98 -1.52
CA GLY B 658 12.13 4.75 -0.86
C GLY B 658 13.42 3.99 -0.57
N ASP B 659 13.31 2.69 -0.33
CA ASP B 659 14.47 1.86 -0.01
C ASP B 659 15.31 1.52 -1.22
N GLN B 660 14.89 2.02 -2.38
CA GLN B 660 15.62 1.77 -3.60
C GLN B 660 16.44 2.98 -4.03
N VAL B 661 16.15 4.14 -3.45
CA VAL B 661 16.84 5.36 -3.82
C VAL B 661 18.35 5.28 -3.76
N GLU B 662 18.88 4.92 -2.59
CA GLU B 662 20.33 4.82 -2.42
C GLU B 662 20.97 3.82 -3.37
N SER B 663 20.35 2.66 -3.51
CA SER B 663 20.87 1.61 -4.37
C SER B 663 20.91 2.02 -5.83
N LEU B 664 19.86 2.70 -6.28
CA LEU B 664 19.84 3.13 -7.68
C LEU B 664 20.88 4.21 -7.94
N LEU B 665 20.98 5.21 -7.05
CA LEU B 665 21.99 6.25 -7.22
C LEU B 665 23.37 5.59 -7.33
N ARG B 666 23.65 4.62 -6.46
CA ARG B 666 24.94 3.95 -6.55
C ARG B 666 25.07 3.22 -7.88
N GLN B 667 24.03 2.48 -8.26
CA GLN B 667 24.08 1.72 -9.50
C GLN B 667 24.43 2.54 -10.72
N TYR B 668 23.86 3.73 -10.80
CA TYR B 668 24.08 4.57 -11.97
C TYR B 668 25.19 5.62 -11.80
N ARG B 669 26.12 5.39 -10.87
CA ARG B 669 27.18 6.37 -10.62
C ARG B 669 28.16 6.62 -11.77
N PHE B 670 28.19 5.72 -12.74
CA PHE B 670 29.09 5.90 -13.87
C PHE B 670 28.37 6.45 -15.09
N ILE B 671 27.09 6.76 -14.94
CA ILE B 671 26.29 7.26 -16.06
C ILE B 671 25.54 8.56 -15.81
N THR B 672 25.08 8.80 -14.59
CA THR B 672 24.30 10.01 -14.32
C THR B 672 25.09 11.30 -14.12
N LYS B 673 24.89 12.27 -15.01
CA LYS B 673 25.59 13.54 -14.89
C LYS B 673 24.96 14.43 -13.84
N SER B 674 23.65 14.28 -13.65
CA SER B 674 22.91 15.04 -12.67
C SER B 674 21.62 14.29 -12.39
N THR B 675 21.16 14.35 -11.15
CA THR B 675 19.94 13.66 -10.78
C THR B 675 19.10 14.52 -9.88
N SER B 676 17.79 14.33 -10.00
CA SER B 676 16.83 15.05 -9.18
C SER B 676 15.70 14.07 -8.92
N LEU B 677 15.49 13.75 -7.64
CA LEU B 677 14.44 12.83 -7.25
C LEU B 677 13.44 13.56 -6.37
N LEU B 678 12.22 13.06 -6.32
CA LEU B 678 11.19 13.70 -5.53
C LEU B 678 10.15 12.67 -5.10
N PRO B 679 9.78 12.69 -3.81
CA PRO B 679 8.78 11.72 -3.38
C PRO B 679 7.50 11.93 -4.20
N TYR B 680 6.95 10.86 -4.75
CA TYR B 680 5.71 10.98 -5.53
C TYR B 680 4.64 11.33 -4.52
N PHE B 681 4.09 12.53 -4.62
CA PHE B 681 3.10 12.97 -3.66
C PHE B 681 1.79 13.43 -4.25
N GLY B 682 1.53 14.73 -4.08
CA GLY B 682 0.30 15.32 -4.56
C GLY B 682 -0.70 15.34 -3.42
N GLY B 683 -0.53 14.38 -2.49
CA GLY B 683 -1.42 14.28 -1.35
C GLY B 683 -2.81 13.82 -1.73
N SER B 684 -3.69 14.78 -1.97
CA SER B 684 -5.07 14.52 -2.35
C SER B 684 -5.78 15.86 -2.39
N LEU B 685 -5.50 16.64 -3.43
CA LEU B 685 -6.08 17.96 -3.60
C LEU B 685 -7.56 17.88 -3.93
N GLN B 686 -8.34 18.76 -3.31
CA GLN B 686 -9.78 18.79 -3.53
C GLN B 686 -10.10 19.33 -4.92
N GLN B 687 -9.30 20.27 -5.38
CA GLN B 687 -9.48 20.88 -6.70
C GLN B 687 -8.16 20.73 -7.47
N ALA B 688 -7.76 19.48 -7.71
CA ALA B 688 -6.50 19.16 -8.38
C ALA B 688 -6.30 19.79 -9.76
N PRO B 689 -5.04 20.13 -10.08
CA PRO B 689 -4.68 20.72 -11.38
C PRO B 689 -4.75 19.64 -12.47
N LYS B 690 -4.58 18.39 -12.05
CA LYS B 690 -4.67 17.23 -12.94
C LYS B 690 -5.49 16.19 -12.21
N GLU B 691 -6.71 15.98 -12.69
CA GLU B 691 -7.67 15.04 -12.13
C GLU B 691 -7.93 13.87 -13.05
N PRO B 692 -7.44 12.68 -12.69
CA PRO B 692 -7.66 11.51 -13.56
C PRO B 692 -9.13 11.14 -13.65
N ILE B 693 -9.54 10.70 -14.84
CA ILE B 693 -10.91 10.27 -15.10
C ILE B 693 -10.83 9.09 -16.06
N ASP B 694 -11.95 8.40 -16.28
CA ASP B 694 -11.96 7.25 -17.20
C ASP B 694 -12.28 7.69 -18.61
N LYS B 695 -12.13 6.77 -19.57
CA LYS B 695 -12.39 7.07 -20.97
C LYS B 695 -13.82 7.59 -21.13
N GLU B 696 -14.74 6.92 -20.47
CA GLU B 696 -16.15 7.29 -20.50
C GLU B 696 -16.37 8.77 -20.23
N THR B 697 -15.90 9.21 -19.07
CA THR B 697 -16.03 10.60 -18.66
C THR B 697 -15.38 11.54 -19.66
N TYR B 698 -14.15 11.23 -20.07
CA TYR B 698 -13.46 12.06 -21.03
C TYR B 698 -14.32 12.33 -22.26
N GLU B 699 -14.89 11.27 -22.82
CA GLU B 699 -15.72 11.41 -24.00
C GLU B 699 -16.91 12.33 -23.76
N LYS B 700 -17.61 12.14 -22.65
CA LYS B 700 -18.77 12.98 -22.35
C LYS B 700 -18.34 14.44 -22.21
N ARG B 701 -17.33 14.66 -21.39
CA ARG B 701 -16.83 16.01 -21.16
C ARG B 701 -16.33 16.68 -22.42
N SER B 702 -15.56 15.97 -23.23
CA SER B 702 -15.06 16.58 -24.45
C SER B 702 -16.24 16.92 -25.39
N GLN B 703 -17.30 16.12 -25.35
CA GLN B 703 -18.48 16.38 -26.20
C GLN B 703 -19.16 17.69 -25.83
N GLU B 704 -18.89 18.19 -24.63
CA GLU B 704 -19.47 19.45 -24.16
C GLU B 704 -18.80 20.66 -24.79
N ILE B 705 -17.59 20.47 -25.27
CA ILE B 705 -16.85 21.56 -25.86
C ILE B 705 -16.87 21.46 -27.37
N THR B 706 -17.73 22.24 -28.00
CA THR B 706 -17.80 22.17 -29.44
C THR B 706 -17.40 23.49 -30.07
N GLY B 707 -17.10 24.49 -29.22
CA GLY B 707 -16.70 25.79 -29.73
C GLY B 707 -15.20 25.90 -29.94
N ASN B 708 -14.80 26.64 -30.97
CA ASN B 708 -13.38 26.82 -31.26
C ASN B 708 -12.97 28.12 -30.58
N VAL B 709 -12.30 28.00 -29.44
CA VAL B 709 -11.91 29.17 -28.67
C VAL B 709 -11.09 30.20 -29.45
N GLU B 710 -10.23 29.78 -30.35
CA GLU B 710 -9.46 30.76 -31.10
C GLU B 710 -10.40 31.60 -31.98
N GLU B 711 -11.31 30.94 -32.69
CA GLU B 711 -12.27 31.66 -33.54
C GLU B 711 -13.22 32.52 -32.74
N VAL B 712 -13.73 32.00 -31.63
CA VAL B 712 -14.65 32.77 -30.80
C VAL B 712 -13.97 33.98 -30.19
N PHE B 713 -12.72 33.82 -29.76
CA PHE B 713 -12.00 34.92 -29.16
C PHE B 713 -11.85 36.08 -30.15
N SER B 714 -11.43 35.73 -31.36
CA SER B 714 -11.25 36.72 -32.42
C SER B 714 -12.56 37.46 -32.65
N GLN B 715 -13.65 36.70 -32.75
CA GLN B 715 -14.98 37.29 -32.99
C GLN B 715 -15.33 38.28 -31.87
N LEU B 716 -15.19 37.85 -30.62
CA LEU B 716 -15.50 38.72 -29.49
C LEU B 716 -14.57 39.93 -29.45
N ASN B 717 -13.29 39.70 -29.68
CA ASN B 717 -12.31 40.79 -29.65
C ASN B 717 -12.67 41.85 -30.69
N SER B 718 -13.28 41.42 -31.79
CA SER B 718 -13.67 42.33 -32.87
C SER B 718 -14.98 43.07 -32.61
N ASP B 719 -15.89 42.45 -31.88
CA ASP B 719 -17.19 43.07 -31.59
C ASP B 719 -17.21 43.90 -30.32
N VAL B 720 -16.32 43.57 -29.38
CA VAL B 720 -16.22 44.30 -28.10
C VAL B 720 -14.95 45.13 -28.04
N LYS B 721 -15.09 46.45 -28.05
CA LYS B 721 -13.94 47.32 -27.98
C LYS B 721 -13.34 47.27 -26.59
N ASP B 722 -12.00 47.23 -26.52
CA ASP B 722 -11.27 47.18 -25.25
C ASP B 722 -11.35 45.85 -24.51
N LEU B 723 -11.63 44.76 -25.23
CA LEU B 723 -11.71 43.46 -24.60
C LEU B 723 -10.38 43.12 -23.95
N GLU B 724 -9.29 43.39 -24.65
CA GLU B 724 -7.96 43.10 -24.14
C GLU B 724 -7.39 44.29 -23.36
N GLU C 4 54.27 -31.70 40.33
CA GLU C 4 54.95 -31.86 39.01
C GLU C 4 55.58 -33.25 38.91
N ILE C 5 54.92 -34.11 38.14
CA ILE C 5 55.38 -35.47 37.94
C ILE C 5 56.48 -35.53 36.89
N SER C 6 57.54 -36.25 37.16
CA SER C 6 58.63 -36.38 36.18
C SER C 6 59.21 -37.78 36.18
N LEU C 7 59.93 -38.10 35.11
CA LEU C 7 60.57 -39.41 34.99
C LEU C 7 62.06 -39.21 35.20
N SER C 8 62.65 -40.06 36.04
CA SER C 8 64.08 -39.95 36.32
C SER C 8 64.88 -40.51 35.15
N ALA C 9 66.12 -40.05 35.02
CA ALA C 9 66.98 -40.53 33.94
C ALA C 9 67.29 -42.01 34.15
N GLU C 10 67.35 -42.45 35.41
CA GLU C 10 67.63 -43.84 35.72
C GLU C 10 66.57 -44.73 35.09
N PHE C 11 65.32 -44.45 35.41
CA PHE C 11 64.19 -45.19 34.88
C PHE C 11 64.23 -45.29 33.35
N ILE C 12 64.34 -44.14 32.70
CA ILE C 12 64.36 -44.12 31.24
C ILE C 12 65.50 -44.98 30.71
N ASP C 13 66.66 -44.88 31.34
CA ASP C 13 67.82 -45.66 30.92
C ASP C 13 67.55 -47.16 31.03
N ARG C 14 66.74 -47.54 32.00
CA ARG C 14 66.41 -48.94 32.19
C ARG C 14 65.45 -49.40 31.09
N VAL C 15 64.39 -48.62 30.88
CA VAL C 15 63.42 -48.94 29.85
C VAL C 15 64.13 -49.08 28.50
N LYS C 16 65.03 -48.16 28.21
CA LYS C 16 65.79 -48.19 26.95
C LYS C 16 66.61 -49.47 26.84
N ALA C 17 66.96 -50.05 27.99
CA ALA C 17 67.75 -51.27 28.01
C ALA C 17 66.92 -52.53 28.16
N SER C 18 65.61 -52.37 28.33
CA SER C 18 64.75 -53.54 28.48
C SER C 18 63.67 -53.62 27.41
N VAL C 19 63.35 -52.49 26.79
CA VAL C 19 62.32 -52.45 25.76
C VAL C 19 62.87 -51.99 24.42
N LYS C 20 62.51 -52.72 23.36
CA LYS C 20 62.96 -52.38 22.01
C LYS C 20 61.75 -51.82 21.25
N PRO C 21 61.80 -50.54 20.86
CA PRO C 21 60.64 -50.01 20.13
C PRO C 21 60.36 -50.88 18.91
N HIS C 22 59.08 -51.17 18.67
CA HIS C 22 58.68 -51.99 17.55
C HIS C 22 58.55 -51.12 16.29
N TRP C 23 59.68 -50.64 15.78
CA TRP C 23 59.67 -49.81 14.57
C TRP C 23 59.33 -50.65 13.33
N GLY C 24 58.58 -50.06 12.41
CA GLY C 24 58.27 -50.75 11.19
C GLY C 24 59.45 -50.42 10.30
N LYS C 25 59.53 -51.03 9.12
CA LYS C 25 60.65 -50.78 8.23
C LYS C 25 60.88 -49.31 7.90
N LEU C 26 59.83 -48.50 7.98
CA LEU C 26 59.98 -47.07 7.68
C LEU C 26 59.77 -46.28 8.95
N GLY C 27 59.59 -46.99 10.05
CA GLY C 27 59.29 -46.35 11.33
C GLY C 27 60.20 -45.26 11.85
N TRP C 28 61.45 -45.60 12.12
CA TRP C 28 62.37 -44.64 12.68
C TRP C 28 62.59 -43.43 11.78
N VAL C 29 62.76 -43.68 10.49
CA VAL C 29 62.94 -42.60 9.55
C VAL C 29 61.76 -41.63 9.64
N THR C 30 60.55 -42.19 9.64
CA THR C 30 59.32 -41.39 9.75
C THR C 30 59.32 -40.56 11.03
N TYR C 31 59.72 -41.18 12.15
CA TYR C 31 59.76 -40.49 13.41
C TYR C 31 60.65 -39.25 13.30
N LYS C 32 61.86 -39.47 12.79
CA LYS C 32 62.86 -38.41 12.66
C LYS C 32 62.45 -37.23 11.80
N ARG C 33 61.68 -37.48 10.76
CA ARG C 33 61.26 -36.41 9.87
C ARG C 33 59.89 -35.87 10.18
N THR C 34 59.23 -36.40 11.21
CA THR C 34 57.88 -35.95 11.53
C THR C 34 57.64 -35.53 12.97
N TYR C 35 58.15 -36.31 13.92
CA TYR C 35 57.89 -36.00 15.31
C TYR C 35 59.07 -35.59 16.20
N ALA C 36 60.29 -35.73 15.69
CA ALA C 36 61.46 -35.38 16.49
C ALA C 36 61.65 -33.86 16.47
N ARG C 37 61.42 -33.24 17.62
CA ARG C 37 61.56 -31.78 17.70
C ARG C 37 63.01 -31.34 17.75
N TRP C 38 63.26 -30.09 17.38
CA TRP C 38 64.61 -29.56 17.41
C TRP C 38 64.94 -29.05 18.80
N LEU C 39 66.13 -29.38 19.25
CA LEU C 39 66.59 -28.96 20.57
C LEU C 39 67.73 -27.97 20.35
N PRO C 40 67.40 -26.68 20.25
CA PRO C 40 68.39 -25.61 20.04
C PRO C 40 69.56 -25.71 21.02
N GLU C 41 69.25 -26.09 22.26
CA GLU C 41 70.26 -26.21 23.30
C GLU C 41 71.30 -27.28 22.97
N LYS C 42 70.85 -28.40 22.41
CA LYS C 42 71.77 -29.49 22.07
C LYS C 42 72.24 -29.50 20.62
N GLY C 43 71.62 -28.68 19.78
CA GLY C 43 72.02 -28.62 18.38
C GLY C 43 71.73 -29.87 17.55
N ARG C 44 70.69 -30.59 17.93
CA ARG C 44 70.27 -31.80 17.21
C ARG C 44 68.79 -32.01 17.45
N SER C 45 68.19 -32.98 16.75
CA SER C 45 66.79 -33.25 16.97
C SER C 45 66.66 -34.28 18.10
N GLU C 46 65.45 -34.44 18.60
CA GLU C 46 65.16 -35.39 19.68
C GLU C 46 65.39 -36.84 19.29
N ASN C 47 65.68 -37.67 20.29
CA ASN C 47 65.80 -39.10 20.09
C ASN C 47 64.44 -39.58 20.60
N TRP C 48 63.97 -40.73 20.13
CA TRP C 48 62.68 -41.25 20.55
C TRP C 48 62.47 -41.27 22.07
N ASP C 49 63.50 -41.65 22.82
CA ASP C 49 63.32 -41.71 24.28
C ASP C 49 62.94 -40.35 24.87
N GLU C 50 63.52 -39.29 24.32
CA GLU C 50 63.24 -37.93 24.78
C GLU C 50 61.86 -37.44 24.32
N THR C 51 61.44 -37.86 23.14
CA THR C 51 60.13 -37.44 22.65
C THR C 51 59.06 -38.06 23.54
N VAL C 52 59.20 -39.34 23.85
CA VAL C 52 58.19 -40.00 24.67
C VAL C 52 58.18 -39.40 26.06
N LYS C 53 59.36 -39.02 26.54
CA LYS C 53 59.45 -38.44 27.88
C LYS C 53 58.59 -37.17 27.98
N ARG C 54 58.72 -36.26 27.02
CA ARG C 54 57.94 -35.05 27.15
C ARG C 54 56.47 -35.30 26.91
N VAL C 55 56.13 -36.22 26.01
CA VAL C 55 54.73 -36.51 25.74
C VAL C 55 54.06 -37.06 27.01
N VAL C 56 54.74 -37.98 27.67
CA VAL C 56 54.20 -38.59 28.87
C VAL C 56 54.10 -37.58 30.02
N GLU C 57 55.16 -36.82 30.26
CA GLU C 57 55.12 -35.86 31.36
C GLU C 57 54.08 -34.80 31.07
N GLY C 58 54.00 -34.37 29.82
CA GLY C 58 53.01 -33.37 29.47
C GLY C 58 51.58 -33.82 29.71
N ASN C 59 51.31 -35.11 29.49
CA ASN C 59 49.96 -35.61 29.67
C ASN C 59 49.59 -35.94 31.12
N ILE C 60 50.52 -36.58 31.82
CA ILE C 60 50.26 -36.99 33.20
C ILE C 60 50.06 -35.78 34.11
N ASN C 61 50.79 -34.71 33.83
CA ASN C 61 50.68 -33.49 34.63
C ASN C 61 49.39 -32.71 34.40
N LEU C 62 48.48 -33.30 33.63
CA LEU C 62 47.18 -32.68 33.36
C LEU C 62 46.15 -33.18 34.38
N ASP C 63 46.54 -34.18 35.18
CA ASP C 63 45.60 -34.72 36.16
C ASP C 63 45.22 -33.54 37.06
N PRO C 64 43.93 -33.21 37.10
CA PRO C 64 43.39 -32.09 37.91
C PRO C 64 43.73 -32.10 39.39
N ARG C 65 43.99 -33.28 39.93
CA ARG C 65 44.33 -33.43 41.34
C ARG C 65 45.72 -32.91 41.67
N LEU C 66 46.53 -32.67 40.64
CA LEU C 66 47.87 -32.18 40.82
C LEU C 66 47.93 -30.68 41.11
N GLN C 67 46.79 -30.02 41.02
CA GLN C 67 46.75 -28.58 41.25
C GLN C 67 46.24 -28.20 42.64
N ASP C 68 45.90 -29.19 43.45
CA ASP C 68 45.39 -28.95 44.80
C ASP C 68 46.24 -29.61 45.89
N SER C 69 47.47 -29.11 46.06
CA SER C 69 48.38 -29.64 47.07
C SER C 69 48.28 -31.16 47.11
N PRO C 70 48.80 -31.84 46.08
CA PRO C 70 48.76 -33.29 46.02
C PRO C 70 49.68 -33.96 47.04
N SER C 71 49.16 -34.98 47.69
CA SER C 71 49.90 -35.72 48.71
C SER C 71 51.05 -36.49 48.07
N LEU C 72 51.98 -36.93 48.90
CA LEU C 72 53.14 -37.69 48.45
C LEU C 72 52.64 -38.98 47.81
N GLU C 73 51.53 -39.49 48.36
CA GLU C 73 50.91 -40.72 47.89
C GLU C 73 50.44 -40.59 46.43
N LEU C 74 49.74 -39.50 46.15
CA LEU C 74 49.23 -39.24 44.81
C LEU C 74 50.36 -39.11 43.80
N LYS C 75 51.42 -38.40 44.19
CA LYS C 75 52.56 -38.19 43.30
C LYS C 75 53.29 -39.49 42.97
N GLN C 76 53.44 -40.37 43.96
CA GLN C 76 54.10 -41.65 43.71
C GLN C 76 53.23 -42.49 42.78
N SER C 77 51.92 -42.43 42.99
CA SER C 77 50.98 -43.19 42.19
C SER C 77 50.98 -42.74 40.72
N LEU C 78 50.96 -41.43 40.51
CA LEU C 78 50.95 -40.89 39.15
C LEU C 78 52.30 -41.08 38.47
N THR C 79 53.36 -41.16 39.27
CA THR C 79 54.70 -41.37 38.74
C THR C 79 54.77 -42.80 38.20
N GLU C 80 54.18 -43.73 38.96
CA GLU C 80 54.16 -45.12 38.55
C GLU C 80 53.33 -45.31 37.26
N GLU C 81 52.21 -44.60 37.16
CA GLU C 81 51.36 -44.70 35.97
C GLU C 81 52.11 -44.14 34.76
N ALA C 82 52.78 -43.02 34.98
CA ALA C 82 53.56 -42.37 33.93
C ALA C 82 54.66 -43.32 33.48
N GLU C 83 55.21 -44.09 34.42
CA GLU C 83 56.25 -45.04 34.06
C GLU C 83 55.69 -46.15 33.17
N ARG C 84 54.49 -46.61 33.50
CA ARG C 84 53.84 -47.66 32.72
C ARG C 84 53.48 -47.11 31.33
N LEU C 85 52.93 -45.90 31.32
CA LEU C 85 52.53 -45.27 30.05
C LEU C 85 53.75 -45.06 29.18
N TYR C 86 54.87 -44.70 29.78
CA TYR C 86 56.12 -44.51 29.03
C TYR C 86 56.54 -45.83 28.35
N LYS C 87 56.53 -46.92 29.12
CA LYS C 87 56.91 -48.24 28.59
C LYS C 87 56.02 -48.60 27.40
N LEU C 88 54.73 -48.37 27.54
CA LEU C 88 53.76 -48.68 26.49
C LEU C 88 54.01 -47.89 25.20
N ILE C 89 54.13 -46.57 25.32
CA ILE C 89 54.35 -45.73 24.14
C ILE C 89 55.74 -45.94 23.55
N TYR C 90 56.76 -46.02 24.38
CA TYR C 90 58.13 -46.23 23.91
C TYR C 90 58.21 -47.50 23.06
N GLY C 91 57.49 -48.54 23.47
CA GLY C 91 57.50 -49.79 22.73
C GLY C 91 56.70 -49.77 21.45
N LEU C 92 55.90 -48.71 21.28
CA LEU C 92 55.04 -48.51 20.12
C LEU C 92 53.80 -49.38 20.13
N GLY C 93 53.46 -49.93 21.30
CA GLY C 93 52.27 -50.76 21.42
C GLY C 93 51.01 -49.89 21.38
N ALA C 94 51.19 -48.60 21.62
CA ALA C 94 50.11 -47.63 21.60
C ALA C 94 50.73 -46.25 21.56
N THR C 95 50.00 -45.29 20.99
CA THR C 95 50.50 -43.94 20.88
C THR C 95 49.40 -42.92 20.74
N PRO C 96 49.64 -41.69 21.21
CA PRO C 96 48.64 -40.63 21.10
C PRO C 96 48.67 -40.16 19.65
N SER C 97 47.86 -39.18 19.31
CA SER C 97 47.81 -38.66 17.94
C SER C 97 49.17 -38.10 17.52
N GLY C 98 49.38 -37.95 16.22
CA GLY C 98 50.63 -37.41 15.75
C GLY C 98 50.82 -36.01 16.32
N ARG C 99 49.71 -35.28 16.44
CA ARG C 99 49.74 -33.92 16.99
C ARG C 99 50.33 -33.93 18.39
N ASN C 100 49.88 -34.88 19.21
CA ASN C 100 50.37 -34.99 20.56
C ASN C 100 51.86 -35.34 20.61
N LEU C 101 52.31 -36.22 19.72
CA LEU C 101 53.73 -36.58 19.71
C LEU C 101 54.57 -35.35 19.39
N TRP C 102 54.02 -34.46 18.58
CA TRP C 102 54.76 -33.28 18.20
C TRP C 102 54.68 -32.10 19.17
N ILE C 103 53.54 -31.93 19.84
CA ILE C 103 53.39 -30.77 20.70
C ILE C 103 53.18 -30.96 22.20
N SER C 104 52.79 -32.16 22.61
CA SER C 104 52.57 -32.41 24.04
C SER C 104 53.84 -32.20 24.83
N GLY C 105 53.72 -31.49 25.94
CA GLY C 105 54.87 -31.24 26.80
C GLY C 105 55.80 -30.14 26.34
N THR C 106 55.35 -29.33 25.38
CA THR C 106 56.16 -28.24 24.85
C THR C 106 55.62 -26.90 25.35
N ASP C 107 56.45 -25.86 25.26
CA ASP C 107 56.03 -24.53 25.68
C ASP C 107 54.87 -24.02 24.85
N TYR C 108 54.92 -24.28 23.55
CA TYR C 108 53.85 -23.85 22.66
C TYR C 108 52.52 -24.44 23.12
N GLN C 109 52.54 -25.72 23.50
CA GLN C 109 51.33 -26.38 23.94
C GLN C 109 50.82 -25.78 25.25
N ARG C 110 51.72 -25.50 26.19
CA ARG C 110 51.31 -24.92 27.46
C ARG C 110 50.72 -23.51 27.34
N ARG C 111 51.14 -22.77 26.32
CA ARG C 111 50.62 -21.41 26.13
C ARG C 111 49.58 -21.28 25.02
N THR C 112 49.08 -22.41 24.51
CA THR C 112 48.10 -22.35 23.44
C THR C 112 46.87 -23.23 23.66
N GLY C 113 45.70 -22.59 23.79
CA GLY C 113 44.46 -23.32 23.96
C GLY C 113 44.18 -24.20 22.76
N ASP C 114 43.41 -25.26 22.99
CA ASP C 114 43.03 -26.24 21.97
C ASP C 114 44.17 -26.94 21.25
N SER C 115 45.40 -26.80 21.74
CA SER C 115 46.55 -27.38 21.04
C SER C 115 46.73 -28.90 21.10
N LEU C 116 45.96 -29.58 21.95
CA LEU C 116 46.07 -31.04 22.05
C LEU C 116 45.01 -31.77 21.24
N ASN C 117 44.09 -31.03 20.63
CA ASN C 117 43.04 -31.62 19.80
C ASN C 117 43.17 -31.13 18.36
N ASN C 118 43.14 -32.10 17.45
CA ASN C 118 43.35 -31.90 16.04
C ASN C 118 42.13 -31.86 15.13
N CYS C 119 40.95 -32.21 15.63
CA CYS C 119 39.75 -32.18 14.78
C CYS C 119 38.54 -31.64 15.52
N TRP C 120 37.68 -30.94 14.79
CA TRP C 120 36.50 -30.32 15.37
C TRP C 120 35.30 -30.31 14.43
N PHE C 121 34.17 -29.89 14.96
CA PHE C 121 32.95 -29.76 14.18
C PHE C 121 32.23 -28.49 14.64
N VAL C 122 31.61 -27.79 13.68
CA VAL C 122 30.86 -26.59 14.01
C VAL C 122 29.67 -26.49 13.07
N ALA C 123 28.54 -26.02 13.62
CA ALA C 123 27.33 -25.84 12.83
C ALA C 123 27.36 -24.43 12.24
N ILE C 124 27.05 -24.32 10.94
CA ILE C 124 27.05 -23.01 10.28
C ILE C 124 25.74 -22.27 10.49
N ARG C 125 25.58 -21.70 11.68
CA ARG C 125 24.41 -20.91 12.03
C ARG C 125 24.86 -19.83 13.02
N PRO C 126 24.17 -18.68 13.01
CA PRO C 126 24.55 -17.60 13.93
C PRO C 126 24.64 -18.04 15.39
N GLN C 127 25.71 -17.64 16.05
CA GLN C 127 25.93 -17.98 17.44
C GLN C 127 26.65 -16.86 18.16
N LYS C 128 26.63 -16.90 19.48
CA LYS C 128 27.32 -15.91 20.28
C LYS C 128 28.74 -16.42 20.47
N TYR C 129 29.70 -15.52 20.72
CA TYR C 129 31.08 -15.93 20.94
C TYR C 129 31.31 -16.43 22.38
N GLY C 130 30.52 -15.90 23.31
CA GLY C 130 30.65 -16.27 24.71
C GLY C 130 31.95 -15.74 25.31
N ASP C 131 32.29 -16.25 26.49
CA ASP C 131 33.51 -15.84 27.17
C ASP C 131 34.69 -16.63 26.57
N SER C 132 35.01 -16.33 25.31
CA SER C 132 36.09 -16.99 24.59
C SER C 132 37.30 -16.08 24.39
N LYS C 133 38.39 -16.62 23.86
CA LYS C 133 39.58 -15.84 23.60
C LYS C 133 39.33 -14.82 22.49
N ILE C 134 38.57 -15.21 21.49
CA ILE C 134 38.25 -14.32 20.36
C ILE C 134 36.82 -13.81 20.47
N VAL C 135 36.68 -12.49 20.55
CA VAL C 135 35.38 -11.85 20.66
C VAL C 135 35.46 -10.49 19.98
N PRO C 136 34.75 -10.32 18.84
CA PRO C 136 34.78 -9.03 18.14
C PRO C 136 34.40 -7.90 19.10
N SER C 137 35.15 -6.81 19.03
CA SER C 137 34.93 -5.66 19.92
C SER C 137 33.52 -5.07 19.85
N TYR C 138 32.89 -5.17 18.69
CA TYR C 138 31.54 -4.63 18.49
C TYR C 138 30.42 -5.56 18.96
N LEU C 139 30.79 -6.69 19.55
CA LEU C 139 29.78 -7.64 20.02
C LEU C 139 29.82 -7.88 21.52
N GLY C 140 28.65 -8.22 22.07
CA GLY C 140 28.56 -8.54 23.48
C GLY C 140 28.80 -10.04 23.55
N LYS C 141 29.29 -10.53 24.67
CA LYS C 141 29.57 -11.96 24.81
C LYS C 141 28.39 -12.87 24.53
N GLN C 142 27.17 -12.37 24.74
CA GLN C 142 25.98 -13.19 24.49
C GLN C 142 25.31 -12.84 23.17
N GLU C 143 25.84 -11.85 22.47
CA GLU C 143 25.27 -11.42 21.20
C GLU C 143 25.53 -12.37 20.03
N LYS C 144 24.47 -12.79 19.35
CA LYS C 144 24.58 -13.69 18.21
C LYS C 144 25.06 -13.01 16.95
N ALA C 145 25.98 -13.65 16.25
CA ALA C 145 26.55 -13.10 15.04
C ALA C 145 26.74 -14.17 13.98
N VAL C 146 26.50 -13.77 12.74
CA VAL C 146 26.65 -14.67 11.60
C VAL C 146 28.09 -15.15 11.45
N SER C 147 29.03 -14.33 11.89
CA SER C 147 30.46 -14.62 11.77
C SER C 147 31.04 -15.70 12.69
N MET C 148 30.41 -15.91 13.84
CA MET C 148 30.92 -16.87 14.82
C MET C 148 31.36 -18.23 14.26
N PRO C 149 30.45 -19.00 13.65
CA PRO C 149 30.89 -20.30 13.13
C PRO C 149 32.08 -20.21 12.17
N PHE C 150 32.08 -19.21 11.31
CA PHE C 150 33.16 -19.02 10.37
C PHE C 150 34.46 -18.70 11.12
N SER C 151 34.36 -17.94 12.21
CA SER C 151 35.54 -17.61 13.00
C SER C 151 36.08 -18.86 13.73
N PHE C 152 35.18 -19.68 14.26
CA PHE C 152 35.56 -20.91 14.96
C PHE C 152 36.33 -21.78 13.97
N LEU C 153 35.77 -21.94 12.77
CA LEU C 153 36.42 -22.74 11.74
C LEU C 153 37.78 -22.19 11.35
N PHE C 154 37.84 -20.87 11.14
CA PHE C 154 39.07 -20.19 10.74
C PHE C 154 40.17 -20.43 11.77
N ASP C 155 39.82 -20.21 13.03
CA ASP C 155 40.73 -20.35 14.14
C ASP C 155 41.30 -21.75 14.23
N GLU C 156 40.41 -22.74 14.26
CA GLU C 156 40.85 -24.12 14.40
C GLU C 156 41.68 -24.61 13.23
N LEU C 157 41.36 -24.15 12.02
CA LEU C 157 42.15 -24.50 10.86
C LEU C 157 43.54 -23.88 11.00
N MET C 158 43.61 -22.63 11.44
CA MET C 158 44.88 -21.92 11.64
C MET C 158 45.71 -22.60 12.71
N LYS C 159 45.03 -23.24 13.66
CA LYS C 159 45.72 -23.94 14.72
C LYS C 159 46.19 -25.31 14.23
N GLY C 160 46.04 -25.56 12.94
CA GLY C 160 46.48 -26.81 12.36
C GLY C 160 45.53 -27.97 12.41
N GLY C 161 44.27 -27.71 12.74
CA GLY C 161 43.30 -28.78 12.80
C GLY C 161 42.41 -28.94 11.58
N GLY C 162 41.60 -30.01 11.61
CA GLY C 162 40.66 -30.27 10.54
C GLY C 162 39.29 -29.90 11.07
N VAL C 163 38.42 -29.36 10.24
CA VAL C 163 37.11 -28.95 10.72
C VAL C 163 35.98 -29.41 9.81
N GLY C 164 35.00 -30.08 10.41
CA GLY C 164 33.84 -30.50 9.65
C GLY C 164 32.79 -29.47 10.02
N PHE C 165 31.88 -29.16 9.10
CA PHE C 165 30.86 -28.17 9.40
C PHE C 165 29.54 -28.52 8.74
N SER C 166 28.43 -28.08 9.32
CA SER C 166 27.14 -28.40 8.73
C SER C 166 26.45 -27.22 8.09
N VAL C 167 26.11 -27.39 6.81
CA VAL C 167 25.39 -26.37 6.06
C VAL C 167 24.02 -26.94 5.69
N ALA C 168 23.47 -27.74 6.59
CA ALA C 168 22.17 -28.34 6.38
C ALA C 168 21.17 -27.18 6.34
N ARG C 169 20.04 -27.39 5.66
CA ARG C 169 18.99 -26.38 5.53
C ARG C 169 18.58 -25.76 6.85
N SER C 170 18.47 -26.58 7.90
CA SER C 170 18.07 -26.07 9.21
C SER C 170 19.08 -25.07 9.76
N ASN C 171 20.29 -25.08 9.22
CA ASN C 171 21.31 -24.15 9.66
C ASN C 171 21.33 -22.91 8.76
N ILE C 172 21.28 -23.13 7.45
CA ILE C 172 21.31 -22.03 6.50
C ILE C 172 20.10 -21.07 6.65
N SER C 173 18.91 -21.64 6.79
CA SER C 173 17.71 -20.81 6.94
C SER C 173 17.78 -19.96 8.21
N GLN C 174 18.76 -20.22 9.07
CA GLN C 174 18.90 -19.43 10.29
C GLN C 174 19.77 -18.19 10.06
N ILE C 175 20.32 -18.07 8.87
CA ILE C 175 21.13 -16.91 8.56
C ILE C 175 20.19 -15.87 7.93
N PRO C 176 20.02 -14.72 8.60
CA PRO C 176 19.14 -13.65 8.10
C PRO C 176 19.56 -13.17 6.72
N ARG C 177 18.74 -12.34 6.09
CA ARG C 177 19.07 -11.84 4.76
C ARG C 177 20.31 -10.94 4.82
N VAL C 178 21.05 -10.89 3.72
CA VAL C 178 22.23 -10.06 3.65
C VAL C 178 21.76 -8.62 3.45
N ASP C 179 21.70 -7.87 4.53
CA ASP C 179 21.25 -6.48 4.51
C ASP C 179 22.08 -5.49 3.69
N PHE C 180 23.40 -5.55 3.83
CA PHE C 180 24.26 -4.61 3.12
C PHE C 180 25.37 -5.18 2.26
N ALA C 181 25.69 -4.44 1.21
CA ALA C 181 26.79 -4.81 0.33
C ALA C 181 27.94 -3.98 0.90
N ILE C 182 29.11 -4.59 1.07
CA ILE C 182 30.25 -3.88 1.64
C ILE C 182 31.32 -3.46 0.64
N ASP C 183 31.69 -2.20 0.71
CA ASP C 183 32.74 -1.67 -0.14
C ASP C 183 34.02 -1.86 0.66
N LEU C 184 34.76 -2.90 0.30
CA LEU C 184 35.99 -3.26 0.97
C LEU C 184 37.24 -2.74 0.30
N GLN C 185 38.19 -2.30 1.13
CA GLN C 185 39.48 -1.81 0.66
C GLN C 185 40.53 -2.46 1.57
N LEU C 186 41.51 -3.13 0.96
CA LEU C 186 42.57 -3.78 1.72
C LEU C 186 43.85 -2.99 1.52
N VAL C 187 44.29 -2.32 2.57
CA VAL C 187 45.49 -1.49 2.50
C VAL C 187 46.74 -2.16 3.06
N VAL C 188 47.84 -1.92 2.38
CA VAL C 188 49.15 -2.41 2.82
C VAL C 188 50.08 -1.24 2.48
N ASP C 189 50.53 -0.51 3.50
CA ASP C 189 51.39 0.64 3.21
C ASP C 189 52.80 0.22 2.78
N GLU C 190 53.57 1.19 2.29
CA GLU C 190 54.92 0.93 1.79
C GLU C 190 55.93 0.42 2.82
N THR C 191 55.58 0.43 4.10
CA THR C 191 56.50 -0.03 5.14
C THR C 191 56.56 -1.56 5.22
N SER C 192 55.56 -2.22 4.63
CA SER C 192 55.53 -3.66 4.66
C SER C 192 56.40 -4.27 3.58
N GLU C 193 57.12 -5.33 3.93
CA GLU C 193 57.97 -6.02 2.97
C GLU C 193 57.07 -6.68 1.92
N SER C 194 55.79 -6.82 2.23
CA SER C 194 54.85 -7.45 1.30
C SER C 194 54.06 -6.48 0.43
N TYR C 195 54.52 -5.24 0.33
CA TYR C 195 53.80 -4.24 -0.46
C TYR C 195 53.48 -4.63 -1.89
N ASP C 196 54.51 -4.84 -2.70
CA ASP C 196 54.29 -5.18 -4.10
C ASP C 196 53.47 -6.44 -4.30
N ALA C 197 53.81 -7.51 -3.58
CA ALA C 197 53.09 -8.77 -3.71
C ALA C 197 51.61 -8.62 -3.37
N SER C 198 51.31 -7.79 -2.39
CA SER C 198 49.94 -7.56 -1.96
C SER C 198 49.16 -6.74 -3.00
N VAL C 199 49.78 -5.67 -3.50
CA VAL C 199 49.14 -4.84 -4.51
C VAL C 199 48.77 -5.74 -5.69
N LYS C 200 49.70 -6.61 -6.05
CA LYS C 200 49.52 -7.55 -7.15
C LYS C 200 48.25 -8.39 -7.00
N VAL C 201 47.92 -8.78 -5.77
CA VAL C 201 46.74 -9.60 -5.55
C VAL C 201 45.48 -8.84 -5.15
N GLY C 202 45.48 -7.52 -5.31
CA GLY C 202 44.29 -6.75 -5.00
C GLY C 202 44.29 -5.73 -3.88
N ALA C 203 45.44 -5.51 -3.25
CA ALA C 203 45.50 -4.53 -2.18
C ALA C 203 45.78 -3.15 -2.77
N VAL C 204 45.40 -2.09 -2.07
CA VAL C 204 45.68 -0.75 -2.55
C VAL C 204 46.78 -0.12 -1.72
N GLY C 205 47.69 0.58 -2.37
CA GLY C 205 48.76 1.24 -1.65
C GLY C 205 48.13 2.31 -0.77
N LYS C 206 48.62 2.48 0.45
CA LYS C 206 48.05 3.48 1.33
C LYS C 206 48.11 4.87 0.70
N ASN C 207 48.92 5.00 -0.33
CA ASN C 207 49.07 6.27 -1.04
C ASN C 207 47.77 6.67 -1.73
N GLU C 208 47.16 5.71 -2.42
CA GLU C 208 45.91 5.95 -3.15
C GLU C 208 44.71 5.36 -2.43
N LEU C 209 44.64 5.59 -1.12
CA LEU C 209 43.57 5.10 -0.27
C LEU C 209 42.44 6.12 -0.11
N VAL C 210 41.21 5.68 -0.36
CA VAL C 210 40.04 6.54 -0.26
C VAL C 210 39.32 6.38 1.07
N GLN C 211 39.53 7.32 1.98
CA GLN C 211 38.89 7.24 3.28
C GLN C 211 38.16 8.51 3.73
N ASP C 212 37.10 8.31 4.50
CA ASP C 212 36.30 9.39 5.05
C ASP C 212 36.01 9.04 6.51
N ALA C 213 35.75 10.05 7.34
CA ALA C 213 35.48 9.84 8.75
C ALA C 213 34.27 8.92 9.00
N ASP C 214 33.67 8.43 7.93
CA ASP C 214 32.51 7.55 8.06
C ASP C 214 32.89 6.08 7.81
N SER C 215 34.17 5.85 7.51
CA SER C 215 34.63 4.50 7.23
C SER C 215 35.10 3.77 8.50
N ILE C 216 34.83 2.47 8.56
CA ILE C 216 35.27 1.69 9.70
C ILE C 216 36.70 1.29 9.37
N TYR C 217 37.62 1.41 10.32
CA TYR C 217 39.01 1.06 10.07
C TYR C 217 39.53 0.08 11.12
N TYR C 218 40.22 -0.96 10.64
CA TYR C 218 40.79 -1.98 11.51
C TYR C 218 42.22 -2.30 11.08
N ARG C 219 43.18 -2.02 11.97
CA ARG C 219 44.58 -2.32 11.74
C ARG C 219 44.77 -3.73 12.34
N LEU C 220 45.07 -4.70 11.50
CA LEU C 220 45.23 -6.05 12.02
C LEU C 220 46.51 -6.30 12.79
N PRO C 221 46.40 -6.97 13.95
CA PRO C 221 47.62 -7.25 14.70
C PRO C 221 48.20 -8.44 13.94
N ASP C 222 49.52 -8.60 13.96
CA ASP C 222 50.15 -9.71 13.27
C ASP C 222 49.99 -11.02 14.08
N THR C 223 48.74 -11.44 14.25
CA THR C 223 48.43 -12.65 15.01
C THR C 223 47.27 -13.44 14.42
N ARG C 224 47.20 -14.72 14.76
CA ARG C 224 46.10 -15.55 14.28
C ARG C 224 44.76 -14.86 14.58
N GLU C 225 44.62 -14.32 15.79
CA GLU C 225 43.39 -13.63 16.19
C GLU C 225 43.07 -12.48 15.24
N GLY C 226 44.09 -11.75 14.81
CA GLY C 226 43.89 -10.61 13.91
C GLY C 226 43.26 -11.07 12.60
N TRP C 227 43.76 -12.16 12.07
CA TRP C 227 43.25 -12.74 10.83
C TRP C 227 41.78 -13.07 11.02
N VAL C 228 41.46 -13.81 12.08
CA VAL C 228 40.08 -14.19 12.31
C VAL C 228 39.15 -12.98 12.51
N LEU C 229 39.63 -12.00 13.28
CA LEU C 229 38.87 -10.79 13.56
C LEU C 229 38.57 -9.97 12.32
N ALA C 230 39.52 -9.94 11.39
CA ALA C 230 39.35 -9.17 10.16
C ALA C 230 38.24 -9.78 9.30
N ASN C 231 38.21 -11.10 9.25
CA ASN C 231 37.20 -11.79 8.47
C ASN C 231 35.83 -11.68 9.13
N ALA C 232 35.79 -11.71 10.45
CA ALA C 232 34.52 -11.61 11.17
C ALA C 232 33.89 -10.22 10.97
N LEU C 233 34.70 -9.19 11.11
CA LEU C 233 34.22 -7.82 10.92
C LEU C 233 33.64 -7.69 9.52
N LEU C 234 34.37 -8.22 8.55
CA LEU C 234 33.94 -8.19 7.16
C LEU C 234 32.56 -8.82 7.03
N ILE C 235 32.40 -10.02 7.58
CA ILE C 235 31.12 -10.72 7.52
C ILE C 235 30.02 -9.98 8.26
N ASP C 236 30.28 -9.69 9.53
CA ASP C 236 29.30 -9.04 10.38
C ASP C 236 28.77 -7.70 9.89
N LEU C 237 29.57 -6.95 9.13
CA LEU C 237 29.12 -5.66 8.61
C LEU C 237 27.99 -5.81 7.59
N HIS C 238 27.85 -6.99 6.97
CA HIS C 238 26.79 -7.22 5.99
C HIS C 238 25.42 -7.42 6.62
N PHE C 239 25.37 -7.54 7.95
CA PHE C 239 24.09 -7.75 8.62
C PHE C 239 23.75 -6.64 9.63
N ALA C 240 22.50 -6.18 9.58
CA ALA C 240 22.04 -5.09 10.45
C ALA C 240 22.15 -5.39 11.94
N GLN C 241 21.84 -6.62 12.33
CA GLN C 241 21.88 -6.98 13.75
C GLN C 241 23.24 -6.68 14.37
N THR C 242 24.27 -6.67 13.54
CA THR C 242 25.62 -6.37 14.01
C THR C 242 26.20 -5.12 13.35
N ASN C 243 25.31 -4.29 12.81
CA ASN C 243 25.72 -3.05 12.17
C ASN C 243 24.62 -1.99 12.33
N PRO C 244 24.38 -1.57 13.57
CA PRO C 244 23.35 -0.57 13.85
C PRO C 244 23.62 0.79 13.20
N ASP C 245 24.90 1.15 13.04
CA ASP C 245 25.26 2.43 12.42
C ASP C 245 25.08 2.36 10.90
N ARG C 246 24.78 1.16 10.40
CA ARG C 246 24.57 0.95 8.98
C ARG C 246 25.75 1.44 8.13
N LYS C 247 26.96 1.26 8.64
CA LYS C 247 28.15 1.67 7.90
C LYS C 247 28.49 0.65 6.82
N GLN C 248 28.71 1.13 5.60
CA GLN C 248 28.99 0.27 4.47
C GLN C 248 30.39 0.31 3.90
N LYS C 249 31.27 1.11 4.50
CA LYS C 249 32.64 1.19 4.02
C LYS C 249 33.58 0.57 5.04
N LEU C 250 34.42 -0.35 4.58
CA LEU C 250 35.36 -1.03 5.49
C LEU C 250 36.77 -0.96 4.96
N ILE C 251 37.69 -0.57 5.83
CA ILE C 251 39.09 -0.51 5.47
C ILE C 251 39.86 -1.46 6.39
N LEU C 252 40.47 -2.49 5.80
CA LEU C 252 41.27 -3.46 6.56
C LEU C 252 42.71 -3.20 6.21
N ASP C 253 43.50 -2.81 7.21
CA ASP C 253 44.90 -2.49 7.00
C ASP C 253 45.75 -3.69 7.39
N LEU C 254 46.40 -4.31 6.41
CA LEU C 254 47.23 -5.49 6.67
C LEU C 254 48.73 -5.16 6.69
N SER C 255 49.04 -3.89 6.91
CA SER C 255 50.44 -3.46 6.90
C SER C 255 51.36 -4.14 7.89
N ASP C 256 50.84 -4.61 9.01
CA ASP C 256 51.68 -5.24 10.03
C ASP C 256 51.84 -6.76 9.89
N ILE C 257 51.14 -7.35 8.92
CA ILE C 257 51.23 -8.81 8.73
C ILE C 257 52.64 -9.20 8.26
N ARG C 258 53.24 -10.17 8.94
CA ARG C 258 54.59 -10.64 8.58
C ARG C 258 54.68 -11.17 7.15
N PRO C 259 55.86 -11.05 6.53
CA PRO C 259 56.06 -11.51 5.16
C PRO C 259 56.21 -13.02 4.98
N TYR C 260 56.09 -13.42 3.72
CA TYR C 260 56.24 -14.80 3.33
C TYR C 260 57.64 -15.28 3.76
N GLY C 261 57.70 -16.45 4.37
CA GLY C 261 58.99 -16.97 4.81
C GLY C 261 59.32 -16.68 6.26
N ALA C 262 58.54 -15.82 6.91
CA ALA C 262 58.79 -15.48 8.31
C ALA C 262 58.43 -16.65 9.23
N GLU C 263 59.05 -16.69 10.40
CA GLU C 263 58.81 -17.75 11.36
C GLU C 263 57.35 -17.82 11.76
N ILE C 264 56.89 -19.03 12.08
CA ILE C 264 55.53 -19.26 12.52
C ILE C 264 55.61 -20.16 13.76
N HIS C 265 54.62 -20.04 14.64
CA HIS C 265 54.58 -20.82 15.87
C HIS C 265 53.81 -22.13 15.75
N GLY C 266 54.22 -23.13 16.53
CA GLY C 266 53.55 -24.42 16.51
C GLY C 266 53.83 -25.32 15.33
N PHE C 267 54.23 -24.73 14.21
CA PHE C 267 54.54 -25.49 13.00
C PHE C 267 56.02 -25.34 12.70
N GLY C 268 56.49 -26.05 11.68
CA GLY C 268 57.88 -25.98 11.29
C GLY C 268 58.05 -25.22 9.99
N GLY C 269 56.93 -24.91 9.33
CA GLY C 269 56.99 -24.18 8.08
C GLY C 269 57.24 -22.71 8.29
N THR C 270 56.86 -21.90 7.31
CA THR C 270 57.04 -20.45 7.41
C THR C 270 55.74 -19.74 7.04
N ALA C 271 55.66 -18.46 7.39
CA ALA C 271 54.49 -17.64 7.11
C ALA C 271 54.20 -17.57 5.61
N SER C 272 52.95 -17.26 5.29
CA SER C 272 52.54 -17.14 3.90
C SER C 272 52.50 -15.68 3.47
N GLY C 273 52.58 -14.77 4.43
CA GLY C 273 52.49 -13.36 4.09
C GLY C 273 51.01 -13.01 4.00
N PRO C 274 50.66 -11.73 3.84
CA PRO C 274 49.25 -11.32 3.75
C PRO C 274 48.50 -11.69 2.48
N MET C 275 49.22 -12.01 1.41
CA MET C 275 48.60 -12.32 0.12
C MET C 275 47.39 -13.25 0.15
N PRO C 276 47.52 -14.43 0.76
CA PRO C 276 46.35 -15.32 0.77
C PRO C 276 45.17 -14.75 1.55
N LEU C 277 45.46 -13.88 2.51
CA LEU C 277 44.42 -13.26 3.32
C LEU C 277 43.69 -12.25 2.44
N ILE C 278 44.47 -11.50 1.68
CA ILE C 278 43.90 -10.49 0.80
C ILE C 278 42.91 -11.17 -0.16
N SER C 279 43.38 -12.17 -0.88
CA SER C 279 42.52 -12.90 -1.82
C SER C 279 41.28 -13.45 -1.15
N MET C 280 41.46 -14.04 0.02
CA MET C 280 40.37 -14.61 0.78
C MET C 280 39.28 -13.57 1.10
N LEU C 281 39.69 -12.44 1.70
CA LEU C 281 38.74 -11.39 2.08
C LEU C 281 38.00 -10.82 0.86
N LEU C 282 38.71 -10.64 -0.24
CA LEU C 282 38.07 -10.11 -1.45
C LEU C 282 37.04 -11.12 -1.94
N ASP C 283 37.45 -12.39 -2.01
CA ASP C 283 36.57 -13.43 -2.48
C ASP C 283 35.37 -13.65 -1.56
N VAL C 284 35.58 -13.57 -0.25
CA VAL C 284 34.49 -13.74 0.68
C VAL C 284 33.49 -12.58 0.55
N ASN C 285 34.01 -11.37 0.40
CA ASN C 285 33.13 -10.21 0.26
C ASN C 285 32.27 -10.35 -0.98
N GLU C 286 32.83 -10.95 -2.04
CA GLU C 286 32.09 -11.17 -3.28
C GLU C 286 30.91 -12.09 -3.03
N VAL C 287 31.17 -13.20 -2.35
CA VAL C 287 30.11 -14.16 -2.07
C VAL C 287 28.96 -13.50 -1.32
N LEU C 288 29.29 -12.65 -0.35
CA LEU C 288 28.29 -11.97 0.45
C LEU C 288 27.60 -10.83 -0.32
N ASN C 289 28.39 -10.04 -1.03
CA ASN C 289 27.82 -8.93 -1.80
C ASN C 289 26.95 -9.46 -2.93
N ASN C 290 27.33 -10.60 -3.52
CA ASN C 290 26.56 -11.21 -4.58
C ASN C 290 25.15 -11.58 -4.13
N LYS C 291 24.94 -11.63 -2.82
CA LYS C 291 23.63 -11.98 -2.27
C LYS C 291 23.00 -10.83 -1.46
N ALA C 292 23.49 -9.61 -1.70
CA ALA C 292 22.97 -8.45 -0.99
C ALA C 292 21.46 -8.33 -1.26
N GLY C 293 20.68 -8.09 -0.20
CA GLY C 293 19.24 -7.97 -0.34
C GLY C 293 18.58 -9.32 -0.48
N GLY C 294 19.41 -10.37 -0.35
CA GLY C 294 18.90 -11.73 -0.48
C GLY C 294 19.27 -12.61 0.71
N ARG C 295 19.38 -13.91 0.44
CA ARG C 295 19.71 -14.87 1.49
C ARG C 295 20.79 -15.83 1.02
N LEU C 296 21.67 -16.19 1.94
CA LEU C 296 22.76 -17.11 1.61
C LEU C 296 22.24 -18.53 1.48
N THR C 297 22.85 -19.29 0.58
CA THR C 297 22.47 -20.68 0.36
C THR C 297 23.55 -21.56 1.01
N ALA C 298 23.40 -22.88 0.90
CA ALA C 298 24.39 -23.79 1.46
C ALA C 298 25.66 -23.72 0.63
N VAL C 299 25.51 -23.43 -0.66
CA VAL C 299 26.66 -23.32 -1.54
C VAL C 299 27.47 -22.06 -1.19
N ASP C 300 26.77 -20.97 -0.86
CA ASP C 300 27.45 -19.74 -0.50
C ASP C 300 28.21 -19.94 0.81
N ALA C 301 27.53 -20.52 1.80
CA ALA C 301 28.15 -20.76 3.10
C ALA C 301 29.37 -21.66 2.91
N ALA C 302 29.19 -22.75 2.18
CA ALA C 302 30.28 -23.68 1.94
C ALA C 302 31.44 -23.00 1.23
N ASP C 303 31.13 -22.17 0.24
CA ASP C 303 32.18 -21.45 -0.49
C ASP C 303 33.02 -20.61 0.47
N ILE C 304 32.35 -19.91 1.39
CA ILE C 304 33.08 -19.08 2.34
C ILE C 304 34.03 -19.95 3.16
N CYS C 305 33.53 -21.08 3.63
CA CYS C 305 34.34 -22.00 4.42
C CYS C 305 35.51 -22.52 3.59
N ASN C 306 35.26 -22.79 2.31
CA ASN C 306 36.29 -23.29 1.40
C ASN C 306 37.36 -22.21 1.18
N LEU C 307 36.91 -20.97 0.95
CA LEU C 307 37.83 -19.86 0.73
C LEU C 307 38.72 -19.65 1.94
N ILE C 308 38.18 -19.83 3.14
CA ILE C 308 38.97 -19.68 4.35
C ILE C 308 40.02 -20.79 4.36
N GLY C 309 39.57 -22.01 4.09
CA GLY C 309 40.46 -23.17 4.06
C GLY C 309 41.60 -22.99 3.09
N LYS C 310 41.28 -22.47 1.91
CA LYS C 310 42.28 -22.24 0.89
C LYS C 310 43.34 -21.24 1.39
N ALA C 311 42.89 -20.24 2.14
CA ALA C 311 43.78 -19.21 2.67
C ALA C 311 44.75 -19.80 3.69
N VAL C 312 44.23 -20.65 4.56
CA VAL C 312 45.06 -21.28 5.59
C VAL C 312 46.13 -22.18 4.95
N VAL C 313 45.77 -22.86 3.86
CA VAL C 313 46.71 -23.75 3.15
C VAL C 313 47.79 -22.97 2.39
N ALA C 314 47.42 -21.80 1.87
CA ALA C 314 48.36 -20.97 1.13
C ALA C 314 49.08 -21.80 0.07
N GLY C 315 50.36 -22.11 0.32
CA GLY C 315 51.10 -22.91 -0.64
C GLY C 315 51.70 -24.18 -0.04
N ASN C 316 50.86 -25.02 0.57
CA ASN C 316 51.34 -26.25 1.18
C ASN C 316 50.54 -27.47 0.70
N ALA C 321 41.25 -30.73 4.66
CA ALA C 321 41.15 -30.30 6.05
C ALA C 321 39.73 -29.91 6.46
N GLU C 322 38.78 -30.00 5.54
CA GLU C 322 37.40 -29.64 5.85
C GLU C 322 36.43 -30.71 5.37
N LEU C 323 35.31 -30.81 6.07
CA LEU C 323 34.23 -31.73 5.71
C LEU C 323 32.96 -30.89 5.75
N ALA C 324 32.29 -30.77 4.60
CA ALA C 324 31.06 -30.01 4.49
C ALA C 324 29.89 -30.99 4.50
N LEU C 325 28.99 -30.85 5.46
CA LEU C 325 27.84 -31.75 5.54
C LEU C 325 26.57 -30.97 5.21
N GLY C 326 25.81 -31.43 4.22
CA GLY C 326 24.58 -30.74 3.86
C GLY C 326 23.39 -31.67 3.67
N SER C 327 22.21 -31.09 3.51
CA SER C 327 20.98 -31.86 3.32
C SER C 327 21.05 -32.70 2.05
N ASN C 328 20.47 -33.91 2.09
CA ASN C 328 20.51 -34.81 0.95
C ASN C 328 19.62 -34.43 -0.24
N ASP C 329 18.80 -33.39 -0.09
CA ASP C 329 17.94 -32.98 -1.19
C ASP C 329 18.31 -31.58 -1.69
N ASP C 330 19.56 -31.18 -1.42
CA ASP C 330 20.06 -29.88 -1.84
C ASP C 330 20.97 -30.13 -3.05
N GLN C 331 20.35 -30.19 -4.23
CA GLN C 331 21.08 -30.44 -5.47
C GLN C 331 22.25 -29.52 -5.76
N ASP C 332 22.06 -28.21 -5.55
CA ASP C 332 23.13 -27.25 -5.81
C ASP C 332 24.36 -27.61 -4.99
N PHE C 333 24.15 -27.89 -3.72
CA PHE C 333 25.25 -28.28 -2.83
C PHE C 333 25.92 -29.55 -3.35
N ILE C 334 25.14 -30.63 -3.40
CA ILE C 334 25.64 -31.93 -3.88
C ILE C 334 26.47 -31.80 -5.15
N SER C 335 26.09 -30.89 -6.03
CA SER C 335 26.78 -30.71 -7.30
C SER C 335 27.77 -29.55 -7.33
N MET C 336 27.96 -28.85 -6.22
CA MET C 336 28.85 -27.70 -6.22
C MET C 336 30.30 -27.96 -6.67
N LYS C 337 30.81 -29.18 -6.48
CA LYS C 337 32.17 -29.49 -6.89
C LYS C 337 32.25 -29.95 -8.34
N GLN C 338 31.12 -29.94 -9.03
CA GLN C 338 31.07 -30.34 -10.43
C GLN C 338 31.39 -29.16 -11.35
N ASP C 339 31.52 -27.97 -10.77
CA ASP C 339 31.86 -26.76 -11.54
C ASP C 339 33.38 -26.74 -11.57
N GLN C 340 33.96 -27.28 -12.64
CA GLN C 340 35.41 -27.36 -12.76
C GLN C 340 36.19 -26.10 -12.42
N GLU C 341 35.71 -24.96 -12.89
CA GLU C 341 36.41 -23.71 -12.61
C GLU C 341 36.46 -23.44 -11.10
N LYS C 342 35.30 -23.49 -10.46
CA LYS C 342 35.24 -23.25 -9.03
C LYS C 342 35.92 -24.36 -8.24
N LEU C 343 35.90 -25.58 -8.79
CA LEU C 343 36.54 -26.70 -8.12
C LEU C 343 38.03 -26.37 -8.03
N MET C 344 38.60 -25.94 -9.14
CA MET C 344 40.01 -25.61 -9.18
C MET C 344 40.37 -24.35 -8.39
N HIS C 345 39.45 -23.41 -8.28
CA HIS C 345 39.73 -22.19 -7.54
C HIS C 345 39.68 -22.37 -6.01
N HIS C 346 38.69 -23.10 -5.50
CA HIS C 346 38.61 -23.26 -4.05
C HIS C 346 37.69 -24.36 -3.52
N ARG C 347 36.80 -24.90 -4.34
CA ARG C 347 35.88 -25.92 -3.82
C ARG C 347 36.56 -27.24 -3.48
N TRP C 348 37.85 -27.34 -3.83
CA TRP C 348 38.66 -28.50 -3.53
C TRP C 348 39.01 -28.54 -2.03
N ALA C 349 38.80 -27.40 -1.37
CA ALA C 349 39.12 -27.25 0.05
C ALA C 349 38.37 -28.15 1.02
N SER C 350 37.28 -28.77 0.57
CA SER C 350 36.55 -29.66 1.45
C SER C 350 36.02 -30.87 0.68
N ASN C 351 35.73 -31.95 1.39
CA ASN C 351 35.13 -33.14 0.77
C ASN C 351 33.71 -33.04 1.27
N ASN C 352 32.75 -33.22 0.37
CA ASN C 352 31.35 -33.07 0.74
C ASN C 352 30.54 -34.35 0.97
N SER C 353 29.62 -34.28 1.93
CA SER C 353 28.75 -35.41 2.24
C SER C 353 27.35 -34.93 2.54
N VAL C 354 26.38 -35.82 2.37
CA VAL C 354 24.99 -35.49 2.66
C VAL C 354 24.58 -36.21 3.94
N ALA C 355 23.66 -35.62 4.68
CA ALA C 355 23.16 -36.21 5.93
C ALA C 355 21.91 -37.04 5.63
N VAL C 356 21.80 -38.17 6.30
CA VAL C 356 20.64 -39.06 6.13
C VAL C 356 20.27 -39.68 7.46
N ASP C 357 19.35 -40.63 7.44
CA ASP C 357 18.91 -41.30 8.67
C ASP C 357 18.45 -42.74 8.37
N SER C 358 18.26 -43.53 9.42
CA SER C 358 17.83 -44.91 9.26
C SER C 358 16.54 -45.00 8.45
N ALA C 359 15.88 -43.86 8.28
CA ALA C 359 14.63 -43.80 7.53
C ALA C 359 14.83 -43.36 6.07
N PHE C 360 15.91 -42.63 5.80
CA PHE C 360 16.25 -42.15 4.45
C PHE C 360 15.93 -43.19 3.36
N SER C 361 15.80 -42.75 2.11
CA SER C 361 15.48 -43.67 1.02
C SER C 361 16.19 -43.51 -0.33
N GLY C 362 16.37 -42.26 -0.77
CA GLY C 362 17.02 -42.03 -2.05
C GLY C 362 18.51 -42.31 -2.15
N TYR C 363 18.88 -43.60 -2.20
CA TYR C 363 20.29 -43.99 -2.29
C TYR C 363 20.77 -44.17 -3.73
N GLN C 364 19.86 -44.13 -4.69
CA GLN C 364 20.24 -44.33 -6.09
C GLN C 364 21.15 -43.26 -6.72
N PRO C 365 20.76 -41.98 -6.67
CA PRO C 365 21.61 -40.95 -7.26
C PRO C 365 23.00 -40.88 -6.63
N ILE C 366 23.07 -41.02 -5.31
CA ILE C 366 24.35 -40.97 -4.60
C ILE C 366 25.32 -42.03 -5.12
N ALA C 367 24.81 -43.24 -5.35
CA ALA C 367 25.65 -44.32 -5.85
C ALA C 367 26.26 -43.89 -7.18
N ALA C 368 25.46 -43.24 -8.01
CA ALA C 368 25.92 -42.77 -9.30
C ALA C 368 27.14 -41.85 -9.14
N GLY C 369 27.06 -40.95 -8.17
CA GLY C 369 28.15 -40.02 -7.92
C GLY C 369 29.40 -40.73 -7.43
N ILE C 370 29.21 -41.67 -6.51
CA ILE C 370 30.32 -42.44 -5.94
C ILE C 370 31.04 -43.29 -6.98
N ARG C 371 30.27 -44.00 -7.79
CA ARG C 371 30.87 -44.85 -8.83
C ARG C 371 31.70 -44.01 -9.78
N GLU C 372 31.47 -42.70 -9.75
CA GLU C 372 32.19 -41.77 -10.61
C GLU C 372 33.45 -41.19 -10.00
N ASN C 373 33.35 -40.70 -8.77
CA ASN C 373 34.51 -40.10 -8.11
C ASN C 373 34.55 -40.27 -6.59
N GLY C 374 33.59 -41.01 -6.04
CA GLY C 374 33.57 -41.24 -4.61
C GLY C 374 32.77 -40.25 -3.79
N GLU C 375 32.17 -39.24 -4.43
CA GLU C 375 31.36 -38.27 -3.71
C GLU C 375 29.90 -38.43 -4.09
N PRO C 376 28.98 -38.07 -3.19
CA PRO C 376 29.23 -37.54 -1.85
C PRO C 376 29.40 -38.62 -0.79
N GLY C 377 29.99 -38.24 0.34
CA GLY C 377 30.14 -39.18 1.42
C GLY C 377 28.78 -39.17 2.11
N ILE C 378 28.58 -40.05 3.09
CA ILE C 378 27.30 -40.10 3.78
C ILE C 378 27.48 -40.12 5.30
N VAL C 379 26.56 -39.46 6.00
CA VAL C 379 26.58 -39.42 7.45
C VAL C 379 25.15 -39.60 7.95
N ASN C 380 24.97 -40.52 8.90
CA ASN C 380 23.64 -40.77 9.45
C ASN C 380 23.55 -40.22 10.86
N LEU C 381 22.98 -39.03 10.99
CA LEU C 381 22.87 -38.38 12.28
C LEU C 381 21.93 -39.12 13.22
N ASP C 382 20.89 -39.73 12.66
CA ASP C 382 19.92 -40.51 13.44
C ASP C 382 20.65 -41.56 14.27
N LEU C 383 21.41 -42.42 13.60
CA LEU C 383 22.16 -43.48 14.28
C LEU C 383 23.19 -42.95 15.26
N SER C 384 23.91 -41.91 14.85
CA SER C 384 24.95 -41.33 15.69
C SER C 384 24.38 -40.76 17.00
N LYS C 385 23.17 -40.23 16.94
CA LYS C 385 22.55 -39.66 18.13
C LYS C 385 21.83 -40.68 18.99
N ASN C 386 21.31 -41.73 18.37
CA ASN C 386 20.56 -42.74 19.13
C ASN C 386 21.27 -44.08 19.38
N TYR C 387 22.55 -44.16 19.03
CA TYR C 387 23.31 -45.40 19.24
C TYR C 387 24.76 -45.21 19.70
N GLY C 388 25.23 -46.21 20.44
CA GLY C 388 26.60 -46.26 20.90
C GLY C 388 27.04 -47.42 20.03
N ARG C 389 27.46 -48.54 20.61
CA ARG C 389 27.82 -49.69 19.77
C ARG C 389 26.47 -50.21 19.28
N ILE C 390 26.44 -50.75 18.05
CA ILE C 390 25.17 -51.25 17.53
C ILE C 390 24.65 -52.40 18.36
N VAL C 391 25.55 -53.25 18.84
CA VAL C 391 25.15 -54.40 19.64
C VAL C 391 24.51 -53.97 20.96
N ASP C 392 24.72 -52.72 21.35
CA ASP C 392 24.14 -52.23 22.60
C ASP C 392 22.74 -51.67 22.40
N GLY C 393 22.26 -51.74 21.16
CA GLY C 393 20.92 -51.30 20.83
C GLY C 393 20.57 -49.84 20.82
N TYR C 394 19.32 -49.57 20.46
CA TYR C 394 18.77 -48.21 20.40
C TYR C 394 18.69 -47.61 21.78
N GLN C 395 19.18 -46.38 21.91
CA GLN C 395 19.18 -45.67 23.16
C GLN C 395 18.82 -44.23 22.84
N ALA C 396 17.51 -43.98 22.80
CA ALA C 396 16.93 -42.69 22.50
C ALA C 396 17.82 -41.51 22.90
N GLY C 397 18.44 -40.89 21.90
CA GLY C 397 19.29 -39.74 22.14
C GLY C 397 20.40 -39.91 23.16
N ILE C 398 21.04 -41.07 23.17
CA ILE C 398 22.14 -41.32 24.10
C ILE C 398 23.31 -40.36 23.83
N ASP C 399 23.36 -39.84 22.60
CA ASP C 399 24.39 -38.88 22.19
C ASP C 399 23.60 -37.77 21.49
N GLY C 400 22.52 -37.34 22.15
CA GLY C 400 21.63 -36.33 21.60
C GLY C 400 22.18 -35.03 21.03
N ASP C 401 23.35 -34.59 21.52
CA ASP C 401 23.95 -33.34 21.06
C ASP C 401 24.70 -33.43 19.72
N VAL C 402 24.83 -34.64 19.18
CA VAL C 402 25.54 -34.84 17.92
C VAL C 402 24.89 -34.15 16.73
N GLU C 403 25.69 -33.44 15.93
CA GLU C 403 25.19 -32.74 14.76
C GLU C 403 26.04 -32.97 13.53
N GLY C 404 27.18 -33.64 13.71
CA GLY C 404 28.03 -33.91 12.58
C GLY C 404 29.26 -34.68 12.97
N THR C 405 30.28 -34.65 12.14
CA THR C 405 31.50 -35.39 12.45
C THR C 405 32.72 -34.63 11.95
N ASN C 406 33.90 -35.12 12.31
CA ASN C 406 35.16 -34.51 11.88
C ASN C 406 35.40 -34.95 10.45
N PRO C 407 36.38 -34.35 9.74
CA PRO C 407 36.65 -34.74 8.36
C PRO C 407 36.90 -36.23 8.09
N CYS C 408 37.58 -36.92 9.00
CA CYS C 408 37.83 -38.35 8.79
C CYS C 408 36.58 -39.18 9.07
N GLY C 409 35.60 -38.54 9.71
CA GLY C 409 34.33 -39.17 10.01
C GLY C 409 34.24 -40.31 11.03
N GLU C 410 35.18 -40.39 11.97
CA GLU C 410 35.13 -41.47 12.94
C GLU C 410 34.58 -41.08 14.30
N ILE C 411 34.39 -39.79 14.53
CA ILE C 411 33.85 -39.33 15.81
C ILE C 411 32.53 -38.58 15.62
N SER C 412 31.54 -38.93 16.42
CA SER C 412 30.23 -38.28 16.38
C SER C 412 30.39 -37.02 17.21
N LEU C 413 30.28 -35.87 16.58
CA LEU C 413 30.48 -34.61 17.28
C LEU C 413 29.31 -33.64 17.39
N ALA C 414 29.31 -32.89 18.49
CA ALA C 414 28.30 -31.87 18.73
C ALA C 414 28.95 -30.55 18.29
N ASN C 415 28.15 -29.50 18.24
CA ASN C 415 28.64 -28.19 17.83
C ASN C 415 29.78 -27.70 18.75
N GLY C 416 30.95 -27.46 18.16
CA GLY C 416 32.10 -26.98 18.92
C GLY C 416 32.93 -28.02 19.65
N GLU C 417 32.58 -29.29 19.48
CA GLU C 417 33.28 -30.39 20.15
C GLU C 417 34.48 -30.92 19.37
N PRO C 418 35.58 -31.23 20.08
CA PRO C 418 36.81 -31.74 19.46
C PRO C 418 36.91 -33.27 19.57
N CYS C 419 37.72 -33.84 18.68
CA CYS C 419 37.98 -35.27 18.68
C CYS C 419 39.06 -35.40 19.76
N ASN C 420 39.09 -36.53 20.45
CA ASN C 420 40.10 -36.75 21.50
C ASN C 420 40.58 -38.20 21.36
N LEU C 421 41.49 -38.40 20.42
CA LEU C 421 42.02 -39.71 20.07
C LEU C 421 43.30 -40.24 20.72
N PHE C 422 43.38 -41.56 20.82
CA PHE C 422 44.55 -42.24 21.35
C PHE C 422 44.49 -43.57 20.62
N GLU C 423 45.61 -44.02 20.07
CA GLU C 423 45.58 -45.26 19.32
C GLU C 423 46.36 -46.43 19.91
N VAL C 424 45.73 -47.60 19.84
CA VAL C 424 46.32 -48.83 20.32
C VAL C 424 46.54 -49.80 19.14
N PHE C 425 47.70 -50.46 19.14
CA PHE C 425 48.05 -51.44 18.11
C PHE C 425 48.12 -52.75 18.89
N PRO C 426 46.96 -53.35 19.17
CA PRO C 426 46.84 -54.61 19.92
C PRO C 426 47.91 -55.67 19.67
N LEU C 427 48.22 -55.95 18.40
CA LEU C 427 49.21 -56.98 18.11
C LEU C 427 50.58 -56.64 18.69
N ILE C 428 51.01 -55.41 18.47
CA ILE C 428 52.30 -54.96 18.96
C ILE C 428 52.36 -54.96 20.48
N ALA C 429 51.32 -54.44 21.12
CA ALA C 429 51.28 -54.40 22.57
C ALA C 429 51.36 -55.83 23.12
N GLU C 430 50.61 -56.77 22.52
CA GLU C 430 50.64 -58.15 22.98
C GLU C 430 52.04 -58.72 22.81
N GLU C 431 52.67 -58.44 21.68
CA GLU C 431 54.02 -58.94 21.44
C GLU C 431 55.00 -58.36 22.45
N GLN C 432 54.70 -57.18 22.96
CA GLN C 432 55.56 -56.53 23.96
C GLN C 432 55.22 -57.06 25.35
N GLY C 433 54.34 -58.05 25.38
CA GLY C 433 53.94 -58.69 26.63
C GLY C 433 52.83 -58.09 27.46
N TRP C 434 52.12 -57.10 26.93
CA TRP C 434 51.06 -56.46 27.69
C TRP C 434 49.74 -57.21 27.82
N ASP C 435 49.10 -57.02 28.98
CA ASP C 435 47.77 -57.56 29.23
C ASP C 435 46.99 -56.47 28.52
N LEU C 436 46.27 -56.80 27.45
CA LEU C 436 45.53 -55.76 26.72
C LEU C 436 44.55 -54.93 27.56
N GLN C 437 44.09 -55.49 28.67
CA GLN C 437 43.16 -54.77 29.52
C GLN C 437 43.87 -53.53 30.09
N GLU C 438 45.08 -53.71 30.60
CA GLU C 438 45.84 -52.58 31.16
C GLU C 438 46.12 -51.54 30.07
N VAL C 439 46.49 -52.01 28.89
CA VAL C 439 46.77 -51.12 27.76
C VAL C 439 45.60 -50.17 27.49
N PHE C 440 44.40 -50.71 27.30
CA PHE C 440 43.24 -49.87 27.02
C PHE C 440 42.81 -49.00 28.21
N ALA C 441 43.24 -49.38 29.42
CA ALA C 441 42.91 -48.61 30.62
C ALA C 441 43.83 -47.39 30.65
N LEU C 442 45.10 -47.62 30.34
CA LEU C 442 46.06 -46.54 30.31
C LEU C 442 45.67 -45.56 29.18
N ALA C 443 45.26 -46.13 28.05
CA ALA C 443 44.85 -45.32 26.89
C ALA C 443 43.69 -44.42 27.28
N ALA C 444 42.65 -45.03 27.85
CA ALA C 444 41.46 -44.32 28.27
C ALA C 444 41.78 -43.17 29.25
N ARG C 445 42.71 -43.42 30.17
CA ARG C 445 43.10 -42.43 31.17
C ARG C 445 43.92 -41.28 30.57
N TYR C 446 44.67 -41.58 29.51
CA TYR C 446 45.45 -40.57 28.83
C TYR C 446 44.48 -39.59 28.16
N ALA C 447 43.49 -40.15 27.45
CA ALA C 447 42.52 -39.35 26.75
C ALA C 447 41.65 -38.54 27.70
N LYS C 448 41.39 -39.08 28.89
CA LYS C 448 40.58 -38.37 29.87
C LYS C 448 41.33 -37.15 30.36
N ARG C 449 42.61 -37.30 30.64
CA ARG C 449 43.41 -36.18 31.12
C ARG C 449 43.47 -35.05 30.10
N VAL C 450 43.42 -35.38 28.81
CA VAL C 450 43.47 -34.36 27.77
C VAL C 450 42.28 -33.41 27.89
N THR C 451 41.12 -33.92 28.33
CA THR C 451 39.94 -33.10 28.45
C THR C 451 40.06 -32.02 29.51
N PHE C 452 41.14 -32.08 30.30
CA PHE C 452 41.37 -31.08 31.35
C PHE C 452 42.38 -30.03 30.88
N SER C 453 42.71 -30.04 29.59
CA SER C 453 43.65 -29.07 29.04
C SER C 453 42.87 -27.79 28.73
N PRO C 454 43.57 -26.68 28.46
CA PRO C 454 42.91 -25.39 28.16
C PRO C 454 42.21 -25.32 26.81
N TYR C 455 40.96 -24.83 26.80
CA TYR C 455 40.21 -24.64 25.55
C TYR C 455 39.79 -23.17 25.41
N ASP C 456 39.96 -22.62 24.20
CA ASP C 456 39.66 -21.20 23.92
C ASP C 456 38.21 -20.77 23.72
N TRP C 457 37.36 -21.67 23.25
CA TRP C 457 35.97 -21.29 23.02
C TRP C 457 35.01 -21.78 24.08
N GLU C 458 34.19 -20.87 24.59
CA GLU C 458 33.22 -21.21 25.63
C GLU C 458 32.42 -22.43 25.25
N ILE C 459 31.97 -22.46 24.00
CA ILE C 459 31.17 -23.56 23.51
C ILE C 459 31.88 -24.91 23.63
N SER C 460 33.19 -24.89 23.38
CA SER C 460 33.99 -26.11 23.47
C SER C 460 34.14 -26.53 24.93
N ARG C 461 34.48 -25.57 25.79
CA ARG C 461 34.66 -25.84 27.20
C ARG C 461 33.40 -26.42 27.83
N GLU C 462 32.26 -25.94 27.36
CA GLU C 462 30.98 -26.41 27.89
C GLU C 462 30.66 -27.84 27.48
N ILE C 463 30.78 -28.12 26.18
CA ILE C 463 30.47 -29.45 25.69
C ILE C 463 31.45 -30.50 26.22
N ILE C 464 32.68 -30.08 26.48
CA ILE C 464 33.71 -30.98 26.99
C ILE C 464 33.47 -31.25 28.48
N GLN C 465 33.01 -30.23 29.19
CA GLN C 465 32.72 -30.35 30.61
C GLN C 465 31.59 -31.36 30.80
N LYS C 466 30.70 -31.40 29.81
CA LYS C 466 29.53 -32.26 29.80
C LYS C 466 29.73 -33.66 29.22
N ASN C 467 30.44 -33.74 28.08
CA ASN C 467 30.67 -35.00 27.38
C ASN C 467 31.94 -35.75 27.77
N ARG C 468 33.02 -35.00 28.01
CA ARG C 468 34.30 -35.61 28.36
C ARG C 468 34.56 -36.75 27.36
N ARG C 469 34.12 -36.57 26.11
CA ARG C 469 34.30 -37.61 25.09
C ARG C 469 35.76 -38.03 24.89
N ILE C 470 35.97 -39.32 24.66
CA ILE C 470 37.29 -39.88 24.39
C ILE C 470 37.08 -40.79 23.19
N GLY C 471 38.14 -40.97 22.40
CA GLY C 471 38.05 -41.84 21.24
C GLY C 471 39.22 -42.79 21.18
N ILE C 472 39.18 -43.87 21.97
CA ILE C 472 40.27 -44.84 21.95
C ILE C 472 40.12 -45.63 20.67
N SER C 473 41.09 -45.50 19.79
CA SER C 473 41.05 -46.19 18.52
C SER C 473 41.91 -47.43 18.49
N MET C 474 41.52 -48.36 17.64
CA MET C 474 42.28 -49.59 17.51
C MET C 474 42.81 -49.56 16.08
N SER C 475 44.12 -49.70 15.93
CA SER C 475 44.72 -49.70 14.60
C SER C 475 45.48 -51.01 14.39
N GLY C 476 45.90 -51.26 13.15
CA GLY C 476 46.61 -52.50 12.87
C GLY C 476 45.66 -53.67 13.12
N ILE C 477 44.36 -53.41 12.93
CA ILE C 477 43.32 -54.40 13.14
C ILE C 477 43.47 -55.64 12.25
N GLN C 478 43.71 -55.47 10.95
CA GLN C 478 43.82 -56.64 10.09
C GLN C 478 45.03 -57.51 10.46
N ASP C 479 46.12 -56.88 10.87
CA ASP C 479 47.33 -57.59 11.30
C ASP C 479 47.00 -58.44 12.54
N TRP C 480 46.32 -57.79 13.48
CA TRP C 480 45.96 -58.40 14.75
C TRP C 480 45.04 -59.62 14.58
N LEU C 481 43.91 -59.42 13.89
CA LEU C 481 42.98 -60.52 13.65
C LEU C 481 43.65 -61.70 12.97
N LEU C 482 44.39 -61.44 11.90
CA LEU C 482 45.07 -62.51 11.16
C LEU C 482 46.08 -63.27 12.01
N THR C 483 46.88 -62.55 12.77
CA THR C 483 47.90 -63.17 13.61
C THR C 483 47.33 -63.87 14.84
N ARG C 484 46.43 -63.20 15.56
CA ARG C 484 45.88 -63.81 16.77
C ARG C 484 44.84 -64.90 16.51
N LEU C 485 43.98 -64.69 15.51
CA LEU C 485 42.95 -65.67 15.23
C LEU C 485 43.29 -66.62 14.09
N GLY C 486 44.13 -66.17 13.16
CA GLY C 486 44.50 -66.99 12.03
C GLY C 486 43.65 -66.72 10.79
N ASN C 487 42.61 -65.89 10.94
CA ASN C 487 41.74 -65.57 9.82
C ASN C 487 41.13 -64.17 9.89
N ARG C 488 40.42 -63.79 8.84
CA ARG C 488 39.78 -62.47 8.81
C ARG C 488 38.47 -62.55 9.60
N VAL C 489 37.96 -61.41 10.04
CA VAL C 489 36.76 -61.40 10.85
C VAL C 489 35.52 -61.95 10.14
N VAL C 490 35.40 -61.72 8.84
CA VAL C 490 34.25 -62.28 8.13
C VAL C 490 34.64 -63.68 7.67
N THR C 491 33.93 -64.68 8.17
CA THR C 491 34.23 -66.07 7.80
C THR C 491 33.37 -66.62 6.69
N GLY C 492 32.34 -65.85 6.30
CA GLY C 492 31.45 -66.27 5.23
C GLY C 492 30.17 -65.44 5.17
N PHE C 493 29.32 -65.76 4.19
CA PHE C 493 28.04 -65.06 4.02
C PHE C 493 26.88 -66.05 4.00
N LYS C 494 25.75 -65.64 4.53
CA LYS C 494 24.59 -66.52 4.52
C LYS C 494 23.43 -65.75 3.92
N ASP C 495 22.48 -66.48 3.36
CA ASP C 495 21.33 -65.85 2.75
C ASP C 495 20.35 -65.36 3.79
N ASP C 496 19.72 -64.22 3.50
CA ASP C 496 18.75 -63.62 4.40
C ASP C 496 17.93 -62.62 3.60
N PHE C 497 17.06 -61.87 4.29
CA PHE C 497 16.21 -60.89 3.60
C PHE C 497 16.18 -59.52 4.29
N ASP C 498 16.06 -58.47 3.48
CA ASP C 498 16.00 -57.09 3.98
C ASP C 498 14.85 -56.98 4.98
N PRO C 499 15.12 -56.43 6.17
CA PRO C 499 14.09 -56.26 7.20
C PRO C 499 12.93 -55.32 6.84
N GLU C 500 12.86 -54.90 5.58
CA GLU C 500 11.79 -54.01 5.15
C GLU C 500 11.33 -54.26 3.71
N THR C 501 12.21 -54.73 2.85
CA THR C 501 11.80 -55.02 1.47
C THR C 501 11.80 -56.52 1.26
N HIS C 502 12.17 -57.26 2.31
CA HIS C 502 12.24 -58.71 2.30
C HIS C 502 12.91 -59.24 1.04
N GLU C 503 13.78 -58.43 0.46
CA GLU C 503 14.52 -58.82 -0.72
C GLU C 503 15.73 -59.64 -0.28
N ALA C 504 16.14 -60.58 -1.13
CA ALA C 504 17.27 -61.45 -0.83
C ALA C 504 18.57 -60.65 -0.65
N ILE C 505 19.34 -61.01 0.37
CA ILE C 505 20.61 -60.35 0.65
C ILE C 505 21.57 -61.34 1.31
N LYS C 506 22.87 -61.07 1.17
CA LYS C 506 23.90 -61.93 1.76
C LYS C 506 24.39 -61.26 3.03
N VAL C 507 24.15 -61.90 4.17
CA VAL C 507 24.57 -61.36 5.46
C VAL C 507 25.87 -62.03 5.89
N PRO C 508 26.82 -61.24 6.43
CA PRO C 508 28.10 -61.80 6.86
C PRO C 508 28.05 -62.64 8.14
N VAL C 509 28.99 -63.58 8.24
CA VAL C 509 29.11 -64.41 9.43
C VAL C 509 30.47 -64.02 10.01
N TYR C 510 30.48 -63.57 11.27
CA TYR C 510 31.72 -63.15 11.92
C TYR C 510 32.32 -64.20 12.86
N ASP C 511 33.64 -64.16 13.03
CA ASP C 511 34.31 -65.10 13.91
C ASP C 511 33.88 -64.74 15.32
N LYS C 512 33.24 -65.68 16.01
CA LYS C 512 32.76 -65.41 17.37
C LYS C 512 33.88 -65.10 18.36
N ARG C 513 35.10 -65.47 18.00
CA ARG C 513 36.25 -65.20 18.84
C ARG C 513 36.52 -63.69 18.75
N ALA C 514 36.37 -63.12 17.55
CA ALA C 514 36.58 -61.67 17.34
C ALA C 514 35.51 -60.90 18.14
N ILE C 515 34.26 -61.30 17.99
CA ILE C 515 33.18 -60.64 18.71
C ILE C 515 33.52 -60.57 20.18
N LYS C 516 33.92 -61.70 20.74
CA LYS C 516 34.28 -61.79 22.15
C LYS C 516 35.49 -60.96 22.59
N MET C 517 36.60 -61.07 21.87
CA MET C 517 37.78 -60.33 22.29
C MET C 517 37.65 -58.82 22.22
N VAL C 518 36.92 -58.30 21.23
CA VAL C 518 36.76 -56.85 21.15
C VAL C 518 35.77 -56.39 22.21
N ASP C 519 34.82 -57.25 22.55
CA ASP C 519 33.84 -56.88 23.57
C ASP C 519 34.60 -56.72 24.89
N GLN C 520 35.51 -57.64 25.20
CA GLN C 520 36.28 -57.58 26.43
C GLN C 520 37.08 -56.28 26.53
N LEU C 521 37.63 -55.84 25.40
CA LEU C 521 38.41 -54.62 25.38
C LEU C 521 37.51 -53.40 25.50
N TYR C 522 36.35 -53.45 24.87
CA TYR C 522 35.41 -52.33 24.96
C TYR C 522 35.04 -52.14 26.43
N LYS C 523 34.72 -53.24 27.11
CA LYS C 523 34.34 -53.14 28.51
C LYS C 523 35.49 -52.59 29.33
N ALA C 524 36.71 -53.02 29.02
CA ALA C 524 37.88 -52.57 29.74
C ALA C 524 38.01 -51.03 29.68
N VAL C 525 37.71 -50.45 28.53
CA VAL C 525 37.79 -48.99 28.38
C VAL C 525 36.72 -48.30 29.23
N VAL C 526 35.47 -48.74 29.07
CA VAL C 526 34.36 -48.17 29.84
C VAL C 526 34.64 -48.25 31.34
N LYS C 527 35.11 -49.41 31.80
CA LYS C 527 35.39 -49.60 33.21
C LYS C 527 36.51 -48.69 33.70
N ALA C 528 37.55 -48.55 32.89
CA ALA C 528 38.67 -47.70 33.26
C ALA C 528 38.20 -46.25 33.38
N ASP C 529 37.28 -45.86 32.50
CA ASP C 529 36.75 -44.50 32.51
C ASP C 529 35.88 -44.23 33.73
N GLN C 530 35.02 -45.19 34.08
CA GLN C 530 34.17 -45.03 35.24
C GLN C 530 34.98 -44.87 36.51
N ASP C 531 35.99 -45.71 36.68
CA ASP C 531 36.84 -45.63 37.86
C ASP C 531 37.59 -44.31 37.92
N TYR C 532 38.13 -43.87 36.78
CA TYR C 532 38.89 -42.63 36.73
C TYR C 532 37.97 -41.42 36.89
N SER C 533 36.77 -41.51 36.31
CA SER C 533 35.82 -40.41 36.40
C SER C 533 35.37 -40.23 37.84
N LYS C 534 35.29 -41.33 38.57
CA LYS C 534 34.89 -41.28 39.97
C LYS C 534 36.01 -40.65 40.77
N THR C 535 37.22 -41.12 40.54
CA THR C 535 38.40 -40.61 41.23
C THR C 535 38.58 -39.10 41.04
N LEU C 536 38.54 -38.65 39.79
CA LEU C 536 38.72 -37.24 39.50
C LEU C 536 37.52 -36.41 39.92
N GLY C 537 36.35 -37.04 39.94
CA GLY C 537 35.13 -36.34 40.32
C GLY C 537 34.44 -35.63 39.17
N CYS C 538 34.70 -36.07 37.95
CA CYS C 538 34.10 -35.46 36.77
C CYS C 538 33.09 -36.41 36.16
N ASN C 539 32.45 -36.01 35.07
CA ASN C 539 31.48 -36.87 34.40
C ASN C 539 32.16 -37.99 33.63
N GLU C 540 31.39 -39.01 33.27
CA GLU C 540 31.89 -40.14 32.51
C GLU C 540 31.83 -39.78 31.03
N SER C 541 32.71 -40.36 30.23
CA SER C 541 32.74 -40.08 28.81
C SER C 541 31.45 -40.53 28.14
N ILE C 542 30.80 -39.63 27.43
CA ILE C 542 29.57 -39.97 26.73
C ILE C 542 29.82 -41.09 25.72
N LYS C 543 31.03 -41.13 25.16
CA LYS C 543 31.43 -42.16 24.21
C LYS C 543 32.89 -42.52 24.52
N HIS C 544 33.36 -43.66 24.04
CA HIS C 544 34.73 -44.07 24.37
C HIS C 544 35.61 -44.61 23.26
N THR C 545 35.01 -45.19 22.23
CA THR C 545 35.79 -45.82 21.17
C THR C 545 35.49 -45.43 19.73
N THR C 546 36.43 -45.78 18.86
CA THR C 546 36.33 -45.47 17.44
C THR C 546 37.39 -46.24 16.66
N VAL C 547 37.42 -46.05 15.35
CA VAL C 547 38.44 -46.67 14.53
C VAL C 547 38.88 -45.57 13.58
N LYS C 548 40.17 -45.27 13.58
CA LYS C 548 40.70 -44.23 12.71
C LYS C 548 41.93 -44.72 11.98
N PRO C 549 41.99 -44.50 10.66
CA PRO C 549 43.15 -44.95 9.90
C PRO C 549 44.25 -43.87 9.98
N SER C 550 45.06 -43.89 11.04
CA SER C 550 46.13 -42.91 11.18
C SER C 550 47.33 -43.31 10.34
N GLY C 551 47.39 -42.74 9.14
CA GLY C 551 48.47 -43.03 8.21
C GLY C 551 49.90 -42.93 8.69
N THR C 552 50.30 -41.77 9.19
CA THR C 552 51.67 -41.56 9.64
C THR C 552 52.07 -42.36 10.88
N VAL C 553 51.31 -42.24 11.95
CA VAL C 553 51.63 -42.97 13.19
C VAL C 553 51.70 -44.48 12.96
N ALA C 554 50.79 -45.00 12.17
CA ALA C 554 50.78 -46.44 11.87
C ALA C 554 52.12 -46.82 11.25
N LYS C 555 52.75 -45.88 10.55
CA LYS C 555 54.04 -46.11 9.92
C LYS C 555 55.17 -46.25 10.92
N LEU C 556 55.06 -45.63 12.07
CA LEU C 556 56.12 -45.76 13.06
C LEU C 556 56.23 -47.22 13.47
N ALA C 557 55.08 -47.83 13.72
CA ALA C 557 55.02 -49.22 14.17
C ALA C 557 54.90 -50.19 13.00
N GLY C 558 54.69 -49.66 11.81
CA GLY C 558 54.56 -50.51 10.63
C GLY C 558 53.29 -51.36 10.68
N ALA C 559 52.22 -50.82 11.23
CA ALA C 559 50.96 -51.55 11.34
C ALA C 559 50.00 -51.19 10.21
N SER C 560 49.02 -52.06 9.95
CA SER C 560 48.01 -51.76 8.95
C SER C 560 47.24 -50.56 9.51
N GLU C 561 46.68 -49.73 8.62
CA GLU C 561 45.96 -48.52 9.05
C GLU C 561 44.50 -48.71 9.46
N GLY C 562 44.19 -48.48 10.72
CA GLY C 562 42.81 -48.63 11.17
C GLY C 562 42.31 -50.02 10.79
N MET C 563 41.22 -50.10 10.04
CA MET C 563 40.71 -51.39 9.62
C MET C 563 41.07 -51.72 8.18
N HIS C 564 41.89 -50.88 7.56
CA HIS C 564 42.29 -51.10 6.16
C HIS C 564 43.20 -52.30 5.98
N PHE C 565 43.15 -52.90 4.79
CA PHE C 565 44.00 -54.03 4.45
C PHE C 565 45.22 -53.44 3.76
N HIS C 566 46.35 -54.14 3.84
CA HIS C 566 47.59 -53.69 3.21
C HIS C 566 47.46 -53.58 1.69
N TYR C 567 48.17 -52.61 1.10
CA TYR C 567 48.15 -52.42 -0.34
C TYR C 567 48.67 -53.69 -1.03
N GLY C 568 49.64 -54.34 -0.40
CA GLY C 568 50.21 -55.56 -0.95
C GLY C 568 51.00 -56.33 0.10
N ALA C 569 51.19 -57.62 -0.13
CA ALA C 569 51.93 -58.45 0.82
C ALA C 569 53.42 -58.10 0.79
N TYR C 570 53.91 -57.74 -0.39
CA TYR C 570 55.31 -57.37 -0.58
C TYR C 570 55.37 -56.07 -1.36
N LEU C 571 56.04 -55.07 -0.79
CA LEU C 571 56.12 -53.78 -1.44
C LEU C 571 57.48 -53.12 -1.36
N ILE C 572 57.62 -52.09 -2.17
CA ILE C 572 58.80 -51.24 -2.17
C ILE C 572 58.12 -49.91 -1.91
N GLN C 573 58.33 -49.36 -0.72
CA GLN C 573 57.72 -48.09 -0.40
C GLN C 573 58.79 -47.03 -0.53
N ARG C 574 58.44 -45.94 -1.20
CA ARG C 574 59.39 -44.86 -1.42
C ARG C 574 59.12 -43.64 -0.56
N ILE C 575 60.21 -43.03 -0.09
CA ILE C 575 60.13 -41.83 0.73
C ILE C 575 61.03 -40.84 0.02
N ARG C 576 60.60 -39.58 -0.08
CA ARG C 576 61.41 -38.57 -0.73
C ARG C 576 62.10 -37.67 0.28
N PHE C 577 63.36 -37.36 0.03
CA PHE C 577 64.13 -36.49 0.91
C PHE C 577 64.77 -35.35 0.13
N GLN C 578 65.02 -34.24 0.81
CA GLN C 578 65.68 -33.12 0.18
C GLN C 578 67.13 -33.60 0.06
N ASP C 579 67.74 -33.36 -1.09
CA ASP C 579 69.11 -33.79 -1.31
C ASP C 579 70.09 -33.45 -0.19
N SER C 580 69.81 -32.37 0.53
CA SER C 580 70.69 -31.97 1.63
C SER C 580 70.26 -32.56 2.97
N ASP C 581 69.43 -33.60 2.95
CA ASP C 581 68.97 -34.23 4.19
C ASP C 581 70.06 -35.08 4.83
N PRO C 582 70.37 -34.82 6.11
CA PRO C 582 71.39 -35.54 6.89
C PRO C 582 71.17 -37.04 7.00
N LEU C 583 69.98 -37.50 6.64
CA LEU C 583 69.68 -38.92 6.70
C LEU C 583 70.17 -39.70 5.50
N LEU C 584 70.21 -39.04 4.35
CA LEU C 584 70.63 -39.70 3.10
C LEU C 584 71.96 -40.45 3.13
N PRO C 585 73.03 -39.81 3.64
CA PRO C 585 74.29 -40.56 3.64
C PRO C 585 74.19 -41.87 4.42
N ALA C 586 73.50 -41.83 5.56
CA ALA C 586 73.32 -43.03 6.38
C ALA C 586 72.50 -44.09 5.64
N LEU C 587 71.41 -43.67 5.01
CA LEU C 587 70.55 -44.60 4.28
C LEU C 587 71.34 -45.25 3.13
N LYS C 588 72.12 -44.44 2.41
CA LYS C 588 72.91 -44.97 1.31
C LYS C 588 73.93 -45.98 1.83
N ALA C 589 74.63 -45.62 2.90
CA ALA C 589 75.62 -46.51 3.47
C ALA C 589 75.00 -47.83 3.93
N CYS C 590 73.76 -47.79 4.42
CA CYS C 590 73.10 -49.01 4.89
C CYS C 590 72.57 -49.93 3.81
N GLY C 591 72.69 -49.53 2.55
CA GLY C 591 72.24 -50.42 1.49
C GLY C 591 70.98 -50.06 0.72
N TYR C 592 70.21 -49.11 1.23
CA TYR C 592 68.97 -48.70 0.56
C TYR C 592 69.25 -48.17 -0.84
N ARG C 593 68.43 -48.55 -1.80
CA ARG C 593 68.60 -48.07 -3.17
C ARG C 593 68.06 -46.66 -3.21
N THR C 594 68.76 -45.78 -3.91
CA THR C 594 68.31 -44.40 -4.03
C THR C 594 68.42 -43.94 -5.48
N GLU C 595 67.62 -42.94 -5.83
CA GLU C 595 67.63 -42.41 -7.18
C GLU C 595 67.03 -41.01 -7.19
N ALA C 596 67.48 -40.18 -8.13
CA ALA C 596 66.97 -38.82 -8.24
C ALA C 596 65.46 -38.83 -8.44
N ASP C 597 64.76 -37.96 -7.71
CA ASP C 597 63.30 -37.88 -7.82
C ASP C 597 62.90 -37.26 -9.16
N ILE C 598 61.88 -37.85 -9.78
CA ILE C 598 61.39 -37.36 -11.07
C ILE C 598 60.19 -36.42 -10.96
N TYR C 599 59.81 -36.06 -9.73
CA TYR C 599 58.67 -35.18 -9.52
C TYR C 599 59.03 -33.87 -8.79
N THR C 600 60.29 -33.71 -8.43
CA THR C 600 60.70 -32.50 -7.72
C THR C 600 62.21 -32.24 -7.85
N GLU C 601 62.56 -30.96 -7.87
CA GLU C 601 63.96 -30.54 -7.98
C GLU C 601 64.79 -30.82 -6.73
N ASN C 602 66.05 -31.18 -6.95
CA ASN C 602 66.98 -31.46 -5.86
C ASN C 602 66.38 -32.40 -4.80
N THR C 603 65.83 -33.53 -5.25
CA THR C 603 65.23 -34.48 -4.33
C THR C 603 65.67 -35.90 -4.63
N THR C 604 65.69 -36.75 -3.61
CA THR C 604 66.10 -38.14 -3.78
C THR C 604 65.03 -39.11 -3.29
N CYS C 605 64.85 -40.18 -4.05
CA CYS C 605 63.88 -41.22 -3.69
C CYS C 605 64.62 -42.38 -3.03
N VAL C 606 64.13 -42.80 -1.87
CA VAL C 606 64.75 -43.91 -1.17
C VAL C 606 63.76 -45.08 -1.17
N GLU C 607 64.26 -46.26 -1.50
CA GLU C 607 63.43 -47.46 -1.59
C GLU C 607 63.52 -48.39 -0.39
N PHE C 608 62.39 -48.57 0.29
CA PHE C 608 62.30 -49.42 1.46
C PHE C 608 61.52 -50.71 1.19
N PRO C 609 62.18 -51.86 1.22
CA PRO C 609 61.48 -53.14 0.98
C PRO C 609 60.65 -53.42 2.24
N ILE C 610 59.38 -53.78 2.06
CA ILE C 610 58.52 -54.06 3.23
C ILE C 610 57.63 -55.26 3.05
N LYS C 611 57.58 -56.11 4.08
CA LYS C 611 56.75 -57.31 4.06
C LYS C 611 55.63 -57.12 5.07
N ALA C 612 54.39 -57.24 4.61
CA ALA C 612 53.24 -57.08 5.50
C ALA C 612 53.13 -58.28 6.43
N VAL C 613 52.59 -58.03 7.62
CA VAL C 613 52.38 -59.07 8.61
C VAL C 613 51.43 -60.13 8.02
N GLY C 614 51.77 -61.40 8.19
CA GLY C 614 50.92 -62.47 7.67
C GLY C 614 50.92 -62.65 6.16
N ALA C 615 51.92 -62.09 5.50
CA ALA C 615 52.04 -62.20 4.05
C ALA C 615 52.02 -63.65 3.55
N ASP C 616 52.39 -64.59 4.42
CA ASP C 616 52.44 -66.01 4.07
C ASP C 616 51.16 -66.77 4.41
N ASN C 617 50.25 -66.12 5.11
CA ASN C 617 49.01 -66.75 5.51
C ASN C 617 48.02 -66.77 4.37
N PRO C 618 47.40 -67.93 4.09
CA PRO C 618 46.43 -67.97 2.99
C PRO C 618 45.27 -67.01 3.22
N ASN C 619 45.05 -66.62 4.47
CA ASN C 619 43.97 -65.69 4.79
C ASN C 619 44.36 -64.24 4.63
N PHE C 620 45.61 -64.01 4.25
CA PHE C 620 46.09 -62.65 4.02
C PHE C 620 45.33 -62.12 2.81
N ALA C 621 44.96 -60.84 2.85
CA ALA C 621 44.25 -60.23 1.73
C ALA C 621 44.71 -58.79 1.56
N SER C 622 44.89 -58.39 0.31
CA SER C 622 45.32 -57.04 -0.02
C SER C 622 44.10 -56.19 -0.38
N ALA C 623 44.25 -54.87 -0.28
CA ALA C 623 43.18 -53.92 -0.55
C ALA C 623 42.40 -54.19 -1.83
N GLY C 624 43.12 -54.38 -2.93
CA GLY C 624 42.46 -54.62 -4.19
C GLY C 624 41.79 -55.96 -4.37
N THR C 625 41.98 -56.89 -3.42
CA THR C 625 41.37 -58.21 -3.54
C THR C 625 40.22 -58.49 -2.56
N VAL C 626 40.00 -57.58 -1.61
CA VAL C 626 38.92 -57.75 -0.65
C VAL C 626 37.63 -57.27 -1.31
N SER C 627 36.62 -58.12 -1.35
CA SER C 627 35.35 -57.76 -1.97
C SER C 627 34.72 -56.54 -1.33
N ILE C 628 33.94 -55.80 -2.11
CA ILE C 628 33.28 -54.62 -1.58
C ILE C 628 32.31 -55.07 -0.47
N ALA C 629 31.75 -56.26 -0.63
CA ALA C 629 30.81 -56.77 0.35
C ALA C 629 31.49 -57.07 1.70
N GLU C 630 32.70 -57.60 1.65
CA GLU C 630 33.42 -57.91 2.89
C GLU C 630 33.87 -56.65 3.61
N GLN C 631 34.24 -55.63 2.84
CA GLN C 631 34.66 -54.35 3.43
C GLN C 631 33.49 -53.76 4.23
N PHE C 632 32.31 -53.72 3.62
CA PHE C 632 31.13 -53.23 4.29
C PHE C 632 30.88 -54.05 5.58
N ALA C 633 31.01 -55.36 5.47
CA ALA C 633 30.79 -56.23 6.63
C ALA C 633 31.86 -56.00 7.71
N THR C 634 33.07 -55.70 7.26
CA THR C 634 34.15 -55.46 8.21
C THR C 634 33.91 -54.18 8.97
N GLN C 635 33.52 -53.13 8.25
CA GLN C 635 33.24 -51.84 8.89
C GLN C 635 32.07 -52.06 9.88
N ALA C 636 31.05 -52.80 9.43
CA ALA C 636 29.88 -53.05 10.27
C ALA C 636 30.22 -53.83 11.54
N PHE C 637 31.14 -54.78 11.44
CA PHE C 637 31.55 -55.56 12.60
C PHE C 637 32.08 -54.62 13.69
N LEU C 638 32.97 -53.72 13.30
CA LEU C 638 33.55 -52.79 14.25
C LEU C 638 32.50 -51.83 14.82
N GLN C 639 31.56 -51.40 13.98
CA GLN C 639 30.51 -50.50 14.43
C GLN C 639 29.60 -51.20 15.43
N THR C 640 29.38 -52.49 15.22
CA THR C 640 28.51 -53.28 16.08
C THR C 640 29.11 -53.67 17.44
N TYR C 641 30.33 -54.20 17.43
CA TYR C 641 30.95 -54.67 18.67
C TYR C 641 32.10 -53.86 19.27
N TRP C 642 32.56 -52.82 18.58
CA TRP C 642 33.68 -52.07 19.12
C TRP C 642 33.51 -50.57 19.27
N SER C 643 33.16 -49.89 18.18
CA SER C 643 33.03 -48.44 18.23
C SER C 643 31.67 -47.91 18.65
N ASP C 644 31.61 -47.09 19.70
CA ASP C 644 30.34 -46.49 20.06
C ASP C 644 30.27 -45.10 19.40
N ASN C 645 31.40 -44.67 18.83
CA ASN C 645 31.45 -43.43 18.05
C ASN C 645 31.19 -43.94 16.64
N ALA C 646 32.08 -43.67 15.69
CA ALA C 646 31.88 -44.18 14.33
C ALA C 646 33.09 -44.99 13.88
N VAL C 647 33.08 -45.44 12.63
CA VAL C 647 34.18 -46.25 12.10
C VAL C 647 34.67 -45.66 10.78
N SER C 648 35.82 -45.01 10.84
CA SER C 648 36.41 -44.39 9.67
C SER C 648 37.17 -45.37 8.77
N CYS C 649 36.78 -45.41 7.51
CA CYS C 649 37.44 -46.26 6.53
C CYS C 649 36.95 -45.90 5.15
N THR C 650 37.83 -46.04 4.17
CA THR C 650 37.48 -45.76 2.80
C THR C 650 37.29 -47.10 2.12
N ILE C 651 36.06 -47.39 1.74
CA ILE C 651 35.75 -48.63 1.07
C ILE C 651 36.03 -48.41 -0.41
N THR C 652 36.91 -49.25 -0.96
CA THR C 652 37.28 -49.15 -2.36
C THR C 652 36.62 -50.27 -3.12
N PHE C 653 36.39 -50.05 -4.41
CA PHE C 653 35.74 -51.07 -5.23
C PHE C 653 36.26 -51.03 -6.65
N GLN C 654 36.34 -52.19 -7.27
CA GLN C 654 36.82 -52.30 -8.64
C GLN C 654 35.71 -51.84 -9.57
N ASP C 655 36.06 -51.61 -10.83
CA ASP C 655 35.08 -51.16 -11.82
C ASP C 655 33.94 -52.17 -11.93
N SER C 656 34.29 -53.45 -11.89
CA SER C 656 33.30 -54.53 -11.99
C SER C 656 32.37 -54.64 -10.79
N GLU C 657 32.69 -53.96 -9.69
CA GLU C 657 31.86 -54.01 -8.48
C GLU C 657 30.93 -52.81 -8.39
N GLY C 658 31.07 -51.87 -9.31
CA GLY C 658 30.25 -50.67 -9.30
C GLY C 658 28.76 -50.92 -9.08
N ASP C 659 28.22 -51.93 -9.75
CA ASP C 659 26.80 -52.25 -9.64
C ASP C 659 26.35 -52.66 -8.24
N GLN C 660 27.29 -52.98 -7.36
CA GLN C 660 26.94 -53.39 -6.00
C GLN C 660 26.84 -52.22 -5.02
N VAL C 661 27.41 -51.08 -5.40
CA VAL C 661 27.40 -49.89 -4.55
C VAL C 661 26.03 -49.57 -3.94
N GLU C 662 25.08 -49.20 -4.79
CA GLU C 662 23.74 -48.85 -4.30
C GLU C 662 23.15 -49.91 -3.39
N SER C 663 23.24 -51.17 -3.83
CA SER C 663 22.71 -52.31 -3.07
C SER C 663 23.26 -52.38 -1.65
N LEU C 664 24.59 -52.37 -1.54
CA LEU C 664 25.21 -52.44 -0.22
C LEU C 664 24.89 -51.24 0.63
N LEU C 665 24.84 -50.06 0.02
CA LEU C 665 24.51 -48.87 0.78
C LEU C 665 23.13 -49.06 1.37
N ARG C 666 22.18 -49.49 0.54
CA ARG C 666 20.83 -49.71 1.03
C ARG C 666 20.84 -50.81 2.07
N GLN C 667 21.55 -51.90 1.75
CA GLN C 667 21.61 -53.02 2.67
C GLN C 667 22.04 -52.61 4.07
N TYR C 668 23.12 -51.84 4.16
CA TYR C 668 23.61 -51.42 5.47
C TYR C 668 23.06 -50.11 6.01
N ARG C 669 21.98 -49.61 5.42
CA ARG C 669 21.39 -48.34 5.86
C ARG C 669 21.01 -48.25 7.34
N PHE C 670 20.93 -49.39 8.03
CA PHE C 670 20.58 -49.38 9.45
C PHE C 670 21.75 -49.52 10.41
N ILE C 671 22.97 -49.65 9.87
CA ILE C 671 24.16 -49.85 10.71
C ILE C 671 25.27 -48.82 10.54
N THR C 672 25.36 -48.23 9.35
CA THR C 672 26.40 -47.26 9.04
C THR C 672 26.13 -45.86 9.58
N LYS C 673 27.06 -45.33 10.37
CA LYS C 673 26.93 -44.00 10.92
C LYS C 673 27.49 -42.97 9.94
N SER C 674 28.41 -43.40 9.09
CA SER C 674 29.01 -42.54 8.09
C SER C 674 29.74 -43.45 7.13
N THR C 675 29.79 -43.06 5.86
CA THR C 675 30.44 -43.87 4.86
C THR C 675 31.21 -43.03 3.85
N SER C 676 32.26 -43.63 3.30
CA SER C 676 33.10 -42.99 2.30
C SER C 676 33.57 -44.10 1.35
N LEU C 677 33.16 -44.00 0.09
CA LEU C 677 33.55 -44.99 -0.92
C LEU C 677 34.36 -44.35 -2.03
N LEU C 678 35.24 -45.12 -2.63
CA LEU C 678 36.09 -44.61 -3.69
C LEU C 678 36.53 -45.73 -4.62
N PRO C 679 36.52 -45.47 -5.93
CA PRO C 679 36.93 -46.48 -6.91
C PRO C 679 38.40 -46.85 -6.70
N TYR C 680 38.70 -48.14 -6.70
CA TYR C 680 40.08 -48.58 -6.51
C TYR C 680 40.92 -47.99 -7.64
N PHE C 681 41.82 -47.08 -7.29
CA PHE C 681 42.66 -46.41 -8.27
C PHE C 681 43.98 -47.10 -8.58
N GLY C 682 44.99 -46.28 -8.87
CA GLY C 682 46.30 -46.81 -9.19
C GLY C 682 46.43 -47.05 -10.68
N GLY C 683 47.25 -48.04 -11.05
CA GLY C 683 47.44 -48.34 -12.45
C GLY C 683 48.91 -48.31 -12.86
N SER C 684 49.78 -48.49 -11.88
CA SER C 684 51.23 -48.50 -12.11
C SER C 684 51.80 -47.11 -12.36
N LEU C 685 52.32 -46.48 -11.31
CA LEU C 685 52.93 -45.15 -11.41
C LEU C 685 54.41 -45.31 -11.73
N GLN C 686 55.04 -44.25 -12.24
CA GLN C 686 56.44 -44.31 -12.63
C GLN C 686 57.46 -44.37 -11.48
N GLN C 687 57.25 -43.57 -10.44
CA GLN C 687 58.15 -43.57 -9.29
C GLN C 687 57.23 -43.64 -8.06
N ALA C 688 56.28 -44.56 -8.14
CA ALA C 688 55.24 -44.77 -7.13
C ALA C 688 55.67 -44.91 -5.68
N PRO C 689 54.85 -44.35 -4.77
CA PRO C 689 55.12 -44.41 -3.33
C PRO C 689 55.06 -45.85 -2.84
N LYS C 690 54.18 -46.64 -3.45
CA LYS C 690 54.03 -48.06 -3.10
C LYS C 690 54.03 -48.92 -4.36
N GLU C 691 55.12 -49.65 -4.56
CA GLU C 691 55.26 -50.52 -5.73
C GLU C 691 55.26 -51.97 -5.33
N PRO C 692 54.23 -52.73 -5.73
CA PRO C 692 54.15 -54.15 -5.39
C PRO C 692 55.23 -54.98 -6.06
N ILE C 693 55.75 -55.95 -5.33
CA ILE C 693 56.80 -56.84 -5.84
C ILE C 693 56.50 -58.25 -5.34
N ASP C 694 57.21 -59.25 -5.84
CA ASP C 694 57.00 -60.62 -5.39
C ASP C 694 57.96 -60.98 -4.27
N LYS C 695 57.68 -62.10 -3.60
CA LYS C 695 58.50 -62.56 -2.49
C LYS C 695 59.98 -62.64 -2.84
N GLU C 696 60.30 -63.19 -4.00
CA GLU C 696 61.68 -63.32 -4.44
C GLU C 696 62.37 -61.97 -4.35
N THR C 697 61.79 -60.98 -5.02
CA THR C 697 62.34 -59.64 -5.03
C THR C 697 62.54 -59.09 -3.61
N TYR C 698 61.50 -59.17 -2.78
CA TYR C 698 61.61 -58.67 -1.42
C TYR C 698 62.80 -59.26 -0.67
N GLU C 699 62.95 -60.58 -0.71
CA GLU C 699 64.05 -61.23 -0.02
C GLU C 699 65.40 -60.75 -0.51
N LYS C 700 65.53 -60.49 -1.80
CA LYS C 700 66.79 -60.01 -2.36
C LYS C 700 67.06 -58.59 -1.94
N ARG C 701 66.06 -57.73 -2.11
CA ARG C 701 66.18 -56.32 -1.77
C ARG C 701 66.45 -56.08 -0.29
N SER C 702 65.76 -56.82 0.57
CA SER C 702 65.95 -56.65 2.01
C SER C 702 67.35 -57.11 2.42
N GLN C 703 67.88 -58.10 1.71
CA GLN C 703 69.21 -58.60 2.02
C GLN C 703 70.25 -57.58 1.62
N GLU C 704 69.88 -56.66 0.73
CA GLU C 704 70.78 -55.60 0.28
C GLU C 704 70.91 -54.57 1.39
N ILE C 705 69.89 -54.49 2.23
CA ILE C 705 69.93 -53.56 3.35
C ILE C 705 70.88 -54.20 4.35
N THR C 706 72.12 -53.74 4.31
CA THR C 706 73.18 -54.29 5.17
C THR C 706 73.31 -53.77 6.60
N GLY C 707 72.80 -52.57 6.87
CA GLY C 707 72.92 -52.04 8.23
C GLY C 707 71.66 -51.43 8.80
N ASN C 708 71.76 -50.97 10.04
CA ASN C 708 70.65 -50.33 10.76
C ASN C 708 70.86 -48.81 10.72
N VAL C 709 70.08 -48.14 9.88
CA VAL C 709 70.20 -46.71 9.71
C VAL C 709 70.18 -45.87 10.99
N GLU C 710 69.33 -46.23 11.96
CA GLU C 710 69.30 -45.45 13.19
C GLU C 710 70.65 -45.43 13.89
N GLU C 711 71.29 -46.59 13.97
CA GLU C 711 72.58 -46.69 14.64
C GLU C 711 73.67 -45.95 13.87
N VAL C 712 73.65 -46.06 12.54
CA VAL C 712 74.64 -45.37 11.73
C VAL C 712 74.47 -43.86 11.86
N PHE C 713 73.23 -43.39 11.76
CA PHE C 713 72.97 -41.95 11.85
C PHE C 713 73.48 -41.41 13.17
N SER C 714 73.16 -42.10 14.26
CA SER C 714 73.60 -41.67 15.59
C SER C 714 75.12 -41.58 15.67
N GLN C 715 75.81 -42.60 15.16
CA GLN C 715 77.28 -42.59 15.18
C GLN C 715 77.81 -41.37 14.42
N LEU C 716 77.22 -41.10 13.26
CA LEU C 716 77.65 -39.97 12.45
C LEU C 716 77.39 -38.64 13.15
N ASN C 717 76.33 -38.60 13.94
CA ASN C 717 75.96 -37.39 14.66
C ASN C 717 76.98 -37.04 15.76
N SER C 718 77.56 -38.07 16.37
CA SER C 718 78.55 -37.86 17.42
C SER C 718 79.85 -37.36 16.81
N ASP C 719 80.24 -37.99 15.70
CA ASP C 719 81.50 -37.63 15.03
C ASP C 719 81.46 -36.28 14.34
N VAL C 720 80.45 -36.05 13.50
CA VAL C 720 80.35 -34.79 12.76
C VAL C 720 79.58 -33.71 13.52
N LYS C 721 80.17 -32.52 13.60
CA LYS C 721 79.56 -31.39 14.29
C LYS C 721 78.55 -30.69 13.39
N ASP C 722 77.39 -30.35 13.97
CA ASP C 722 76.33 -29.67 13.24
C ASP C 722 75.72 -30.50 12.12
N LEU C 723 75.88 -31.83 12.20
CA LEU C 723 75.33 -32.74 11.19
C LEU C 723 73.94 -32.29 10.75
N GLU C 724 73.04 -32.11 11.71
CA GLU C 724 71.68 -31.66 11.43
C GLU C 724 71.63 -30.15 11.32
N GLU D 4 -59.71 1.64 -44.57
CA GLU D 4 -60.13 0.83 -43.39
C GLU D 4 -61.15 -0.22 -43.82
N ILE D 5 -61.16 -1.34 -43.10
CA ILE D 5 -62.09 -2.43 -43.40
C ILE D 5 -63.17 -2.50 -42.32
N SER D 6 -64.41 -2.74 -42.73
CA SER D 6 -65.51 -2.86 -41.79
C SER D 6 -66.50 -3.91 -42.28
N LEU D 7 -67.35 -4.38 -41.38
CA LEU D 7 -68.34 -5.40 -41.71
C LEU D 7 -69.71 -4.77 -41.85
N SER D 8 -70.35 -4.99 -43.00
CA SER D 8 -71.69 -4.44 -43.24
C SER D 8 -72.67 -5.04 -42.27
N ALA D 9 -73.63 -4.25 -41.80
CA ALA D 9 -74.64 -4.74 -40.87
C ALA D 9 -75.49 -5.82 -41.56
N GLU D 10 -75.48 -5.80 -42.88
CA GLU D 10 -76.24 -6.79 -43.63
C GLU D 10 -75.59 -8.16 -43.38
N PHE D 11 -74.28 -8.21 -43.56
CA PHE D 11 -73.50 -9.43 -43.33
C PHE D 11 -73.71 -9.95 -41.93
N ILE D 12 -73.49 -9.11 -40.93
CA ILE D 12 -73.65 -9.54 -39.55
C ILE D 12 -75.04 -10.11 -39.27
N ASP D 13 -76.08 -9.51 -39.83
CA ASP D 13 -77.41 -10.07 -39.59
C ASP D 13 -77.56 -11.39 -40.32
N ARG D 14 -76.82 -11.58 -41.41
CA ARG D 14 -76.86 -12.83 -42.15
C ARG D 14 -76.27 -13.96 -41.29
N VAL D 15 -75.22 -13.63 -40.55
CA VAL D 15 -74.55 -14.60 -39.67
C VAL D 15 -75.33 -14.86 -38.39
N LYS D 16 -75.90 -13.81 -37.81
CA LYS D 16 -76.66 -13.96 -36.58
C LYS D 16 -77.83 -14.92 -36.77
N ALA D 17 -78.30 -15.01 -38.01
CA ALA D 17 -79.43 -15.88 -38.30
C ALA D 17 -79.06 -17.24 -38.87
N SER D 18 -77.79 -17.45 -39.17
CA SER D 18 -77.34 -18.72 -39.74
C SER D 18 -76.32 -19.44 -38.87
N VAL D 19 -75.78 -18.74 -37.88
CA VAL D 19 -74.78 -19.34 -36.99
C VAL D 19 -75.19 -19.20 -35.53
N LYS D 20 -75.09 -20.31 -34.79
CA LYS D 20 -75.41 -20.33 -33.37
C LYS D 20 -74.15 -20.54 -32.53
N PRO D 21 -73.75 -19.53 -31.73
CA PRO D 21 -72.57 -19.61 -30.88
C PRO D 21 -72.57 -20.85 -29.98
N HIS D 22 -71.50 -21.62 -30.06
CA HIS D 22 -71.38 -22.84 -29.27
C HIS D 22 -70.97 -22.53 -27.83
N TRP D 23 -71.87 -21.88 -27.08
CA TRP D 23 -71.60 -21.53 -25.70
C TRP D 23 -71.55 -22.77 -24.81
N GLY D 24 -70.67 -22.74 -23.82
CA GLY D 24 -70.59 -23.84 -22.88
C GLY D 24 -71.66 -23.51 -21.85
N LYS D 25 -71.86 -24.38 -20.87
CA LYS D 25 -72.88 -24.15 -19.85
C LYS D 25 -72.54 -22.97 -18.93
N LEU D 26 -71.31 -22.46 -19.04
CA LEU D 26 -70.84 -21.33 -18.24
C LEU D 26 -70.40 -20.25 -19.22
N GLY D 27 -70.42 -20.62 -20.50
CA GLY D 27 -69.99 -19.74 -21.57
C GLY D 27 -70.45 -18.30 -21.54
N TRP D 28 -71.67 -18.07 -22.01
CA TRP D 28 -72.22 -16.73 -22.05
C TRP D 28 -72.01 -15.89 -20.78
N VAL D 29 -72.23 -16.49 -19.62
CA VAL D 29 -72.06 -15.78 -18.37
C VAL D 29 -70.62 -15.30 -18.25
N THR D 30 -69.68 -16.18 -18.61
CA THR D 30 -68.27 -15.85 -18.55
C THR D 30 -67.96 -14.68 -19.47
N TYR D 31 -68.55 -14.70 -20.67
CA TYR D 31 -68.35 -13.64 -21.63
C TYR D 31 -68.83 -12.29 -21.07
N LYS D 32 -70.00 -12.29 -20.47
CA LYS D 32 -70.60 -11.09 -19.90
C LYS D 32 -69.82 -10.42 -18.79
N ARG D 33 -69.16 -11.20 -17.96
CA ARG D 33 -68.40 -10.62 -16.86
C ARG D 33 -66.90 -10.58 -17.13
N THR D 34 -66.49 -10.84 -18.38
CA THR D 34 -65.08 -10.84 -18.70
C THR D 34 -64.68 -10.13 -20.00
N TYR D 35 -65.43 -10.32 -21.08
CA TYR D 35 -65.06 -9.71 -22.35
C TYR D 35 -66.00 -8.67 -22.95
N ALA D 36 -67.20 -8.55 -22.41
CA ALA D 36 -68.15 -7.58 -22.95
C ALA D 36 -67.76 -6.19 -22.44
N ARG D 37 -67.49 -5.25 -23.36
CA ARG D 37 -67.11 -3.91 -22.93
C ARG D 37 -68.33 -3.05 -22.68
N TRP D 38 -68.22 -2.09 -21.78
CA TRP D 38 -69.31 -1.18 -21.47
C TRP D 38 -69.46 -0.20 -22.64
N LEU D 39 -70.70 0.14 -22.96
CA LEU D 39 -70.94 1.07 -24.06
C LEU D 39 -71.62 2.32 -23.48
N PRO D 40 -70.83 3.36 -23.22
CA PRO D 40 -71.30 4.64 -22.66
C PRO D 40 -72.59 5.13 -23.28
N GLU D 41 -72.56 5.35 -24.60
CA GLU D 41 -73.71 5.85 -25.33
C GLU D 41 -74.95 4.96 -25.19
N LYS D 42 -74.80 3.66 -25.46
CA LYS D 42 -75.93 2.74 -25.36
C LYS D 42 -76.32 2.37 -23.93
N GLY D 43 -75.53 2.79 -22.96
CA GLY D 43 -75.84 2.51 -21.57
C GLY D 43 -75.91 1.04 -21.18
N ARG D 44 -75.31 0.17 -21.99
CA ARG D 44 -75.28 -1.28 -21.72
C ARG D 44 -73.91 -1.83 -22.12
N SER D 45 -73.67 -3.11 -21.81
CA SER D 45 -72.41 -3.74 -22.21
C SER D 45 -72.66 -4.38 -23.56
N GLU D 46 -71.60 -4.72 -24.28
CA GLU D 46 -71.73 -5.32 -25.60
C GLU D 46 -72.47 -6.66 -25.59
N ASN D 47 -72.89 -7.07 -26.78
CA ASN D 47 -73.51 -8.37 -26.99
C ASN D 47 -72.46 -9.04 -27.88
N TRP D 48 -72.43 -10.37 -27.87
CA TRP D 48 -71.44 -11.13 -28.63
C TRP D 48 -71.20 -10.66 -30.05
N ASP D 49 -72.26 -10.45 -30.82
CA ASP D 49 -72.10 -10.04 -32.20
C ASP D 49 -71.30 -8.74 -32.32
N GLU D 50 -71.43 -7.86 -31.34
CA GLU D 50 -70.72 -6.58 -31.36
C GLU D 50 -69.26 -6.74 -30.99
N THR D 51 -69.00 -7.59 -30.01
CA THR D 51 -67.62 -7.85 -29.58
C THR D 51 -66.81 -8.45 -30.72
N VAL D 52 -67.35 -9.49 -31.34
CA VAL D 52 -66.64 -10.14 -32.44
C VAL D 52 -66.40 -9.17 -33.59
N LYS D 53 -67.38 -8.30 -33.88
CA LYS D 53 -67.20 -7.36 -34.97
C LYS D 53 -65.97 -6.47 -34.75
N ARG D 54 -65.84 -5.90 -33.57
CA ARG D 54 -64.70 -5.03 -33.31
C ARG D 54 -63.40 -5.82 -33.22
N VAL D 55 -63.47 -7.00 -32.59
CA VAL D 55 -62.28 -7.84 -32.45
C VAL D 55 -61.76 -8.16 -33.84
N VAL D 56 -62.67 -8.53 -34.74
CA VAL D 56 -62.29 -8.85 -36.11
C VAL D 56 -61.86 -7.64 -36.93
N GLU D 57 -62.53 -6.51 -36.75
CA GLU D 57 -62.14 -5.31 -37.52
C GLU D 57 -60.80 -4.80 -37.00
N GLY D 58 -60.60 -4.85 -35.69
CA GLY D 58 -59.36 -4.38 -35.10
C GLY D 58 -58.15 -5.17 -35.57
N ASN D 59 -58.35 -6.44 -35.90
CA ASN D 59 -57.26 -7.29 -36.35
C ASN D 59 -57.01 -7.19 -37.86
N ILE D 60 -58.07 -7.21 -38.64
CA ILE D 60 -57.95 -7.17 -40.10
C ILE D 60 -57.28 -5.89 -40.59
N ASN D 61 -57.52 -4.80 -39.87
CA ASN D 61 -56.97 -3.51 -40.23
C ASN D 61 -55.50 -3.35 -39.86
N LEU D 62 -54.91 -4.41 -39.32
CA LEU D 62 -53.50 -4.39 -38.96
C LEU D 62 -52.66 -4.82 -40.16
N ASP D 63 -53.34 -5.24 -41.24
CA ASP D 63 -52.63 -5.67 -42.44
C ASP D 63 -51.90 -4.46 -43.02
N PRO D 64 -50.57 -4.57 -43.19
CA PRO D 64 -49.74 -3.49 -43.73
C PRO D 64 -50.10 -2.94 -45.11
N ARG D 65 -50.75 -3.76 -45.94
CA ARG D 65 -51.12 -3.32 -47.28
C ARG D 65 -52.22 -2.26 -47.24
N LEU D 66 -52.83 -2.08 -46.06
CA LEU D 66 -53.90 -1.11 -45.89
C LEU D 66 -53.40 0.31 -45.66
N GLN D 67 -52.14 0.43 -45.25
CA GLN D 67 -51.54 1.73 -44.97
C GLN D 67 -50.96 2.40 -46.20
N ASP D 68 -50.40 1.59 -47.10
CA ASP D 68 -49.78 2.09 -48.33
C ASP D 68 -50.74 2.07 -49.52
N SER D 69 -51.79 2.88 -49.46
CA SER D 69 -52.79 2.98 -50.53
C SER D 69 -53.25 1.61 -51.04
N PRO D 70 -54.46 1.19 -50.64
CA PRO D 70 -55.03 -0.10 -51.05
C PRO D 70 -56.05 0.06 -52.18
N SER D 71 -56.14 -0.96 -53.04
CA SER D 71 -57.06 -0.92 -54.18
C SER D 71 -58.49 -1.30 -53.76
N LEU D 72 -59.45 -0.94 -54.61
CA LEU D 72 -60.85 -1.25 -54.35
C LEU D 72 -61.03 -2.75 -54.20
N GLU D 73 -60.40 -3.50 -55.10
CA GLU D 73 -60.48 -4.96 -55.10
C GLU D 73 -59.81 -5.54 -53.85
N LEU D 74 -58.68 -4.96 -53.47
CA LEU D 74 -57.94 -5.42 -52.30
C LEU D 74 -58.76 -5.23 -51.03
N LYS D 75 -59.51 -4.13 -50.97
CA LYS D 75 -60.34 -3.84 -49.81
C LYS D 75 -61.47 -4.87 -49.72
N GLN D 76 -61.86 -5.42 -50.86
CA GLN D 76 -62.91 -6.42 -50.91
C GLN D 76 -62.36 -7.78 -50.49
N SER D 77 -61.09 -8.00 -50.77
CA SER D 77 -60.43 -9.26 -50.40
C SER D 77 -60.31 -9.42 -48.89
N LEU D 78 -59.86 -8.37 -48.22
CA LEU D 78 -59.70 -8.43 -46.77
C LEU D 78 -61.05 -8.40 -46.07
N THR D 79 -62.05 -7.83 -46.75
CA THR D 79 -63.40 -7.78 -46.20
C THR D 79 -63.96 -9.21 -46.21
N GLU D 80 -63.61 -9.96 -47.24
CA GLU D 80 -64.06 -11.34 -47.36
C GLU D 80 -63.44 -12.18 -46.25
N GLU D 81 -62.16 -11.94 -45.99
CA GLU D 81 -61.46 -12.69 -44.95
C GLU D 81 -62.02 -12.33 -43.59
N ALA D 82 -62.32 -11.06 -43.41
CA ALA D 82 -62.88 -10.58 -42.16
C ALA D 82 -64.24 -11.24 -41.96
N GLU D 83 -64.97 -11.39 -43.06
CA GLU D 83 -66.29 -12.02 -43.01
C GLU D 83 -66.16 -13.49 -42.57
N ARG D 84 -65.18 -14.20 -43.10
CA ARG D 84 -64.98 -15.59 -42.73
C ARG D 84 -64.51 -15.69 -41.28
N LEU D 85 -63.59 -14.80 -40.91
CA LEU D 85 -63.05 -14.80 -39.56
C LEU D 85 -64.16 -14.54 -38.55
N TYR D 86 -65.08 -13.65 -38.89
CA TYR D 86 -66.18 -13.35 -37.98
C TYR D 86 -67.06 -14.59 -37.78
N LYS D 87 -67.40 -15.25 -38.88
CA LYS D 87 -68.24 -16.44 -38.83
C LYS D 87 -67.58 -17.49 -37.95
N LEU D 88 -66.26 -17.60 -38.04
CA LEU D 88 -65.51 -18.57 -37.26
C LEU D 88 -65.52 -18.25 -35.79
N ILE D 89 -65.19 -17.01 -35.44
CA ILE D 89 -65.13 -16.61 -34.05
C ILE D 89 -66.52 -16.53 -33.42
N TYR D 90 -67.50 -16.02 -34.17
CA TYR D 90 -68.86 -15.91 -33.66
C TYR D 90 -69.38 -17.29 -33.22
N GLY D 91 -69.10 -18.31 -34.03
CA GLY D 91 -69.53 -19.67 -33.70
C GLY D 91 -68.80 -20.31 -32.54
N LEU D 92 -67.67 -19.72 -32.17
CA LEU D 92 -66.83 -20.18 -31.07
C LEU D 92 -65.98 -21.40 -31.39
N GLY D 93 -65.78 -21.68 -32.67
CA GLY D 93 -64.96 -22.78 -33.06
C GLY D 93 -63.50 -22.39 -32.91
N ALA D 94 -63.26 -21.10 -32.68
CA ALA D 94 -61.90 -20.57 -32.50
C ALA D 94 -61.99 -19.16 -31.95
N THR D 95 -61.00 -18.77 -31.16
CA THR D 95 -61.00 -17.45 -30.56
C THR D 95 -59.61 -16.95 -30.22
N PRO D 96 -59.39 -15.63 -30.36
CA PRO D 96 -58.10 -15.04 -30.04
C PRO D 96 -57.97 -15.12 -28.52
N SER D 97 -56.86 -14.66 -27.97
CA SER D 97 -56.63 -14.69 -26.54
C SER D 97 -57.68 -13.87 -25.79
N GLY D 98 -57.78 -14.10 -24.49
CA GLY D 98 -58.72 -13.33 -23.69
C GLY D 98 -58.43 -11.85 -23.86
N ARG D 99 -57.15 -11.50 -23.96
CA ARG D 99 -56.70 -10.11 -24.12
C ARG D 99 -57.27 -9.47 -25.38
N ASN D 100 -57.16 -10.16 -26.51
CA ASN D 100 -57.68 -9.62 -27.77
C ASN D 100 -59.19 -9.43 -27.76
N LEU D 101 -59.92 -10.35 -27.13
CA LEU D 101 -61.39 -10.24 -27.05
C LEU D 101 -61.79 -8.96 -26.32
N TRP D 102 -60.98 -8.61 -25.33
CA TRP D 102 -61.25 -7.44 -24.52
C TRP D 102 -60.70 -6.12 -25.06
N ILE D 103 -59.55 -6.16 -25.72
CA ILE D 103 -58.92 -4.94 -26.22
C ILE D 103 -58.92 -4.70 -27.73
N SER D 104 -58.89 -5.76 -28.53
CA SER D 104 -58.87 -5.61 -29.98
C SER D 104 -59.98 -4.70 -30.48
N GLY D 105 -59.59 -3.71 -31.28
CA GLY D 105 -60.56 -2.79 -31.84
C GLY D 105 -60.97 -1.65 -30.94
N THR D 106 -60.47 -1.61 -29.70
CA THR D 106 -60.80 -0.53 -28.79
C THR D 106 -59.85 0.64 -28.99
N ASP D 107 -60.27 1.83 -28.58
CA ASP D 107 -59.42 3.00 -28.72
C ASP D 107 -58.17 2.87 -27.87
N TYR D 108 -58.30 2.17 -26.74
CA TYR D 108 -57.16 1.96 -25.84
C TYR D 108 -56.06 1.15 -26.52
N GLN D 109 -56.47 0.19 -27.35
CA GLN D 109 -55.52 -0.65 -28.06
C GLN D 109 -54.76 0.17 -29.11
N ARG D 110 -55.46 1.08 -29.77
CA ARG D 110 -54.82 1.89 -30.79
C ARG D 110 -53.90 2.97 -30.21
N ARG D 111 -53.97 3.20 -28.90
CA ARG D 111 -53.11 4.22 -28.28
C ARG D 111 -52.12 3.62 -27.27
N THR D 112 -52.17 2.31 -27.08
CA THR D 112 -51.28 1.67 -26.12
C THR D 112 -50.44 0.59 -26.80
N GLY D 113 -49.12 0.78 -26.80
CA GLY D 113 -48.25 -0.21 -27.43
C GLY D 113 -48.22 -1.49 -26.63
N ASP D 114 -47.96 -2.60 -27.30
CA ASP D 114 -47.89 -3.92 -26.65
C ASP D 114 -49.23 -4.46 -26.14
N SER D 115 -50.29 -3.68 -26.25
CA SER D 115 -51.60 -4.07 -25.74
C SER D 115 -52.25 -5.34 -26.31
N LEU D 116 -51.74 -5.87 -27.43
CA LEU D 116 -52.32 -7.09 -28.00
C LEU D 116 -51.57 -8.34 -27.59
N ASN D 117 -50.53 -8.18 -26.78
CA ASN D 117 -49.76 -9.31 -26.32
C ASN D 117 -49.81 -9.38 -24.81
N ASN D 118 -50.12 -10.56 -24.32
CA ASN D 118 -50.30 -10.84 -22.91
C ASN D 118 -49.17 -11.46 -22.09
N CYS D 119 -48.18 -12.05 -22.74
CA CYS D 119 -47.07 -12.65 -21.99
C CYS D 119 -45.74 -12.32 -22.63
N TRP D 120 -44.70 -12.26 -21.81
CA TRP D 120 -43.36 -11.90 -22.27
C TRP D 120 -42.29 -12.64 -21.48
N PHE D 121 -41.05 -12.49 -21.92
CA PHE D 121 -39.89 -13.07 -21.25
C PHE D 121 -38.75 -12.05 -21.29
N VAL D 122 -37.94 -12.00 -20.23
CA VAL D 122 -36.82 -11.08 -20.20
C VAL D 122 -35.68 -11.66 -19.36
N ALA D 123 -34.45 -11.43 -19.80
CA ALA D 123 -33.28 -11.93 -19.07
C ALA D 123 -32.86 -10.90 -18.02
N ILE D 124 -32.66 -11.33 -16.79
CA ILE D 124 -32.25 -10.38 -15.75
C ILE D 124 -30.73 -10.15 -15.76
N ARG D 125 -30.31 -9.32 -16.71
CA ARG D 125 -28.92 -8.91 -16.87
C ARG D 125 -28.97 -7.46 -17.35
N PRO D 126 -27.95 -6.64 -16.98
CA PRO D 126 -27.95 -5.24 -17.42
C PRO D 126 -28.10 -5.14 -18.92
N GLN D 127 -28.90 -4.19 -19.38
CA GLN D 127 -29.16 -3.98 -20.81
C GLN D 127 -29.41 -2.49 -21.09
N LYS D 128 -29.37 -2.12 -22.36
CA LYS D 128 -29.64 -0.74 -22.76
C LYS D 128 -31.15 -0.66 -22.99
N TYR D 129 -31.72 0.55 -22.92
CA TYR D 129 -33.16 0.70 -23.14
C TYR D 129 -33.44 0.81 -24.64
N GLY D 130 -32.48 1.32 -25.39
CA GLY D 130 -32.65 1.49 -26.81
C GLY D 130 -33.65 2.59 -27.08
N ASP D 131 -34.09 2.73 -28.32
CA ASP D 131 -35.06 3.77 -28.65
C ASP D 131 -36.46 3.28 -28.31
N SER D 132 -36.78 3.27 -27.02
CA SER D 132 -38.08 2.81 -26.55
C SER D 132 -38.90 3.92 -25.92
N LYS D 133 -40.20 3.68 -25.74
CA LYS D 133 -41.05 4.69 -25.12
C LYS D 133 -40.53 5.12 -23.74
N ILE D 134 -39.97 4.16 -23.01
CA ILE D 134 -39.43 4.45 -21.68
C ILE D 134 -37.90 4.44 -21.70
N VAL D 135 -37.31 5.57 -21.33
CA VAL D 135 -35.84 5.71 -21.27
C VAL D 135 -35.51 6.74 -20.19
N PRO D 136 -34.88 6.30 -19.08
CA PRO D 136 -34.53 7.24 -18.02
C PRO D 136 -33.77 8.45 -18.60
N SER D 137 -34.12 9.64 -18.12
CA SER D 137 -33.52 10.88 -18.60
C SER D 137 -31.99 10.94 -18.54
N TYR D 138 -31.42 10.22 -17.59
CA TYR D 138 -29.97 10.20 -17.41
C TYR D 138 -29.22 9.24 -18.35
N LEU D 139 -29.90 8.21 -18.81
CA LEU D 139 -29.27 7.24 -19.69
C LEU D 139 -29.33 7.62 -21.16
N GLY D 140 -28.34 7.15 -21.93
CA GLY D 140 -28.34 7.40 -23.36
C GLY D 140 -29.02 6.18 -23.96
N LYS D 141 -29.55 6.30 -25.17
CA LYS D 141 -30.24 5.20 -25.84
C LYS D 141 -29.42 3.91 -25.97
N GLN D 142 -28.09 3.99 -25.86
CA GLN D 142 -27.24 2.81 -26.00
C GLN D 142 -26.48 2.43 -24.73
N GLU D 143 -26.70 3.17 -23.66
CA GLU D 143 -26.02 2.89 -22.40
C GLU D 143 -26.69 1.75 -21.64
N LYS D 144 -25.89 0.85 -21.09
CA LYS D 144 -26.40 -0.30 -20.33
C LYS D 144 -26.68 0.01 -18.87
N ALA D 145 -27.82 -0.48 -18.39
CA ALA D 145 -28.22 -0.25 -17.01
C ALA D 145 -28.81 -1.49 -16.34
N VAL D 146 -28.47 -1.65 -15.07
CA VAL D 146 -28.96 -2.77 -14.27
C VAL D 146 -30.49 -2.73 -14.15
N SER D 147 -31.06 -1.54 -14.24
CA SER D 147 -32.50 -1.36 -14.09
C SER D 147 -33.37 -1.87 -15.21
N MET D 148 -32.91 -1.69 -16.44
CA MET D 148 -33.65 -2.05 -17.63
C MET D 148 -34.53 -3.33 -17.58
N PRO D 149 -33.93 -4.52 -17.40
CA PRO D 149 -34.79 -5.72 -17.36
C PRO D 149 -35.93 -5.62 -16.36
N PHE D 150 -35.65 -5.06 -15.18
CA PHE D 150 -36.66 -4.89 -14.16
C PHE D 150 -37.74 -3.92 -14.65
N SER D 151 -37.33 -2.87 -15.35
CA SER D 151 -38.27 -1.90 -15.90
C SER D 151 -39.15 -2.55 -16.96
N PHE D 152 -38.56 -3.49 -17.70
CA PHE D 152 -39.31 -4.21 -18.72
C PHE D 152 -40.37 -5.04 -18.00
N LEU D 153 -39.95 -5.74 -16.96
CA LEU D 153 -40.86 -6.58 -16.19
C LEU D 153 -42.02 -5.70 -15.70
N PHE D 154 -41.65 -4.68 -14.94
CA PHE D 154 -42.57 -3.73 -14.34
C PHE D 154 -43.61 -3.21 -15.36
N ASP D 155 -43.11 -2.69 -16.47
CA ASP D 155 -43.95 -2.12 -17.51
C ASP D 155 -44.95 -3.13 -18.11
N GLU D 156 -44.49 -4.36 -18.33
CA GLU D 156 -45.38 -5.37 -18.90
C GLU D 156 -46.40 -5.88 -17.89
N LEU D 157 -46.01 -5.95 -16.62
CA LEU D 157 -46.95 -6.39 -15.59
C LEU D 157 -48.03 -5.33 -15.43
N MET D 158 -47.63 -4.07 -15.56
CA MET D 158 -48.56 -2.93 -15.44
C MET D 158 -49.52 -2.87 -16.60
N LYS D 159 -49.09 -3.39 -17.76
CA LYS D 159 -49.94 -3.40 -18.93
C LYS D 159 -50.86 -4.61 -18.88
N GLY D 160 -50.84 -5.30 -17.74
CA GLY D 160 -51.69 -6.47 -17.52
C GLY D 160 -51.20 -7.75 -18.17
N GLY D 161 -49.89 -7.98 -18.15
CA GLY D 161 -49.38 -9.20 -18.74
C GLY D 161 -48.68 -10.08 -17.73
N GLY D 162 -48.19 -11.23 -18.20
CA GLY D 162 -47.46 -12.15 -17.36
C GLY D 162 -46.04 -12.10 -17.90
N VAL D 163 -45.04 -12.16 -17.02
CA VAL D 163 -43.67 -12.10 -17.52
C VAL D 163 -42.78 -13.19 -16.95
N GLY D 164 -42.08 -13.88 -17.83
CA GLY D 164 -41.17 -14.92 -17.39
C GLY D 164 -39.79 -14.28 -17.44
N PHE D 165 -38.94 -14.59 -16.49
CA PHE D 165 -37.60 -14.00 -16.47
C PHE D 165 -36.56 -14.99 -15.97
N SER D 166 -35.32 -14.81 -16.44
CA SER D 166 -34.24 -15.71 -16.04
C SER D 166 -33.22 -15.11 -15.09
N VAL D 167 -33.08 -15.73 -13.92
CA VAL D 167 -32.07 -15.30 -12.95
C VAL D 167 -30.97 -16.36 -13.01
N ALA D 168 -30.67 -16.80 -14.24
CA ALA D 168 -29.64 -17.80 -14.47
C ALA D 168 -28.29 -17.23 -14.06
N ARG D 169 -27.36 -18.10 -13.66
CA ARG D 169 -26.01 -17.68 -13.26
C ARG D 169 -25.36 -16.77 -14.29
N SER D 170 -25.41 -17.19 -15.55
CA SER D 170 -24.83 -16.41 -16.63
C SER D 170 -25.40 -15.00 -16.72
N ASN D 171 -26.56 -14.79 -16.10
CA ASN D 171 -27.17 -13.47 -16.09
C ASN D 171 -26.77 -12.70 -14.85
N ILE D 172 -26.93 -13.30 -13.68
CA ILE D 172 -26.60 -12.64 -12.43
C ILE D 172 -25.13 -12.23 -12.29
N SER D 173 -24.24 -13.04 -12.85
CA SER D 173 -22.81 -12.75 -12.78
C SER D 173 -22.52 -11.47 -13.57
N GLN D 174 -23.42 -11.13 -14.49
CA GLN D 174 -23.27 -9.94 -15.32
C GLN D 174 -23.73 -8.67 -14.61
N ILE D 175 -24.28 -8.81 -13.42
CA ILE D 175 -24.70 -7.65 -12.65
C ILE D 175 -23.49 -7.20 -11.83
N PRO D 176 -22.97 -6.00 -12.12
CA PRO D 176 -21.81 -5.45 -11.40
C PRO D 176 -22.04 -5.35 -9.92
N ARG D 177 -20.98 -5.15 -9.14
CA ARG D 177 -21.19 -5.08 -7.71
C ARG D 177 -21.98 -3.83 -7.33
N VAL D 178 -22.64 -3.91 -6.19
CA VAL D 178 -23.46 -2.82 -5.67
C VAL D 178 -22.54 -1.78 -5.02
N ASP D 179 -22.19 -0.76 -5.78
CA ASP D 179 -21.30 0.30 -5.32
C ASP D 179 -21.83 1.17 -4.17
N PHE D 180 -23.06 1.65 -4.33
CA PHE D 180 -23.66 2.55 -3.33
C PHE D 180 -24.93 2.09 -2.64
N ALA D 181 -25.04 2.44 -1.36
CA ALA D 181 -26.24 2.15 -0.58
C ALA D 181 -27.00 3.47 -0.62
N ILE D 182 -28.21 3.46 -1.15
CA ILE D 182 -29.00 4.68 -1.27
C ILE D 182 -29.93 5.00 -0.11
N ASP D 183 -29.84 6.24 0.37
CA ASP D 183 -30.70 6.73 1.45
C ASP D 183 -31.93 7.22 0.71
N LEU D 184 -33.05 6.50 0.89
CA LEU D 184 -34.27 6.84 0.18
C LEU D 184 -35.37 7.49 1.02
N GLN D 185 -36.05 8.45 0.40
CA GLN D 185 -37.16 9.14 1.04
C GLN D 185 -38.29 9.24 0.04
N LEU D 186 -39.47 8.71 0.39
CA LEU D 186 -40.61 8.80 -0.51
C LEU D 186 -41.53 9.83 0.11
N VAL D 187 -41.75 10.92 -0.62
CA VAL D 187 -42.57 12.01 -0.13
C VAL D 187 -43.98 12.03 -0.67
N VAL D 188 -44.90 12.48 0.18
CA VAL D 188 -46.31 12.62 -0.17
C VAL D 188 -46.82 13.80 0.64
N ASP D 189 -47.02 14.94 -0.01
CA ASP D 189 -47.49 16.12 0.72
C ASP D 189 -48.96 16.07 1.10
N GLU D 190 -49.34 16.91 2.05
CA GLU D 190 -50.71 16.99 2.56
C GLU D 190 -51.78 17.21 1.49
N THR D 191 -51.35 17.52 0.27
CA THR D 191 -52.30 17.75 -0.81
C THR D 191 -52.83 16.46 -1.39
N SER D 192 -52.13 15.36 -1.13
CA SER D 192 -52.58 14.06 -1.64
C SER D 192 -53.62 13.42 -0.73
N GLU D 193 -54.67 12.86 -1.32
CA GLU D 193 -55.71 12.20 -0.55
C GLU D 193 -55.13 10.96 0.14
N SER D 194 -53.99 10.51 -0.35
CA SER D 194 -53.34 9.32 0.18
C SER D 194 -52.29 9.63 1.24
N TYR D 195 -52.30 10.85 1.76
CA TYR D 195 -51.31 11.25 2.75
C TYR D 195 -51.19 10.34 3.97
N ASP D 196 -52.27 10.19 4.74
CA ASP D 196 -52.24 9.36 5.93
C ASP D 196 -51.92 7.90 5.64
N ALA D 197 -52.55 7.34 4.60
CA ALA D 197 -52.31 5.95 4.22
C ALA D 197 -50.87 5.74 3.80
N SER D 198 -50.33 6.69 3.03
CA SER D 198 -48.95 6.60 2.57
C SER D 198 -47.97 6.66 3.74
N VAL D 199 -48.27 7.51 4.71
CA VAL D 199 -47.41 7.65 5.88
C VAL D 199 -47.38 6.37 6.72
N LYS D 200 -48.48 5.65 6.75
CA LYS D 200 -48.55 4.42 7.53
C LYS D 200 -47.59 3.37 7.02
N VAL D 201 -47.42 3.31 5.71
CA VAL D 201 -46.53 2.33 5.10
C VAL D 201 -45.07 2.76 4.98
N GLY D 202 -44.74 3.99 5.39
CA GLY D 202 -43.35 4.41 5.32
C GLY D 202 -43.01 5.72 4.63
N ALA D 203 -44.02 6.45 4.14
CA ALA D 203 -43.76 7.72 3.48
C ALA D 203 -43.79 8.83 4.51
N VAL D 204 -42.99 9.87 4.27
CA VAL D 204 -42.95 11.00 5.18
C VAL D 204 -43.64 12.19 4.53
N GLY D 205 -44.27 13.02 5.35
CA GLY D 205 -44.93 14.20 4.81
C GLY D 205 -43.86 15.12 4.28
N LYS D 206 -44.20 15.99 3.34
CA LYS D 206 -43.21 16.91 2.78
C LYS D 206 -42.74 17.91 3.83
N ASN D 207 -43.43 17.97 4.96
CA ASN D 207 -43.06 18.89 6.03
C ASN D 207 -41.70 18.52 6.61
N GLU D 208 -41.66 17.42 7.34
CA GLU D 208 -40.45 16.91 7.97
C GLU D 208 -39.54 16.17 6.99
N LEU D 209 -39.27 16.80 5.85
CA LEU D 209 -38.42 16.23 4.80
C LEU D 209 -36.99 16.74 4.90
N VAL D 210 -36.03 15.88 4.55
CA VAL D 210 -34.61 16.26 4.61
C VAL D 210 -33.92 16.20 3.23
N GLN D 211 -33.49 17.36 2.73
CA GLN D 211 -32.83 17.42 1.44
C GLN D 211 -31.86 18.59 1.32
N ASP D 212 -30.70 18.31 0.73
CA ASP D 212 -29.69 19.34 0.51
C ASP D 212 -29.57 19.54 -1.00
N ALA D 213 -28.48 20.17 -1.45
CA ALA D 213 -28.30 20.41 -2.87
C ALA D 213 -27.73 19.22 -3.65
N ASP D 214 -27.28 18.19 -2.94
CA ASP D 214 -26.71 17.01 -3.57
C ASP D 214 -27.74 15.93 -3.86
N SER D 215 -28.86 15.97 -3.15
CA SER D 215 -29.92 14.98 -3.32
C SER D 215 -30.48 14.98 -4.73
N ILE D 216 -31.06 13.85 -5.13
CA ILE D 216 -31.67 13.76 -6.45
C ILE D 216 -33.16 13.76 -6.17
N TYR D 217 -33.91 14.53 -6.93
CA TYR D 217 -35.34 14.65 -6.74
C TYR D 217 -36.10 14.36 -8.02
N TYR D 218 -37.19 13.61 -7.89
CA TYR D 218 -38.01 13.26 -9.04
C TYR D 218 -39.48 13.24 -8.65
N ARG D 219 -40.26 14.10 -9.29
CA ARG D 219 -41.68 14.19 -9.06
C ARG D 219 -42.30 13.20 -10.02
N LEU D 220 -42.94 12.17 -9.49
CA LEU D 220 -43.54 11.16 -10.36
C LEU D 220 -44.82 11.61 -11.04
N PRO D 221 -44.90 11.42 -12.36
CA PRO D 221 -46.12 11.79 -13.07
C PRO D 221 -47.10 10.64 -12.79
N ASP D 222 -48.37 10.95 -12.62
CA ASP D 222 -49.39 9.95 -12.35
C ASP D 222 -49.61 9.06 -13.59
N THR D 223 -48.56 8.33 -13.98
CA THR D 223 -48.67 7.47 -15.16
C THR D 223 -47.92 6.17 -14.92
N ARG D 224 -48.17 5.20 -15.81
CA ARG D 224 -47.50 3.91 -15.72
C ARG D 224 -46.01 4.15 -15.83
N GLU D 225 -45.60 4.95 -16.82
CA GLU D 225 -44.18 5.25 -17.02
C GLU D 225 -43.55 5.83 -15.75
N GLY D 226 -44.31 6.66 -15.04
CA GLY D 226 -43.80 7.27 -13.83
C GLY D 226 -43.40 6.23 -12.79
N TRP D 227 -44.24 5.21 -12.61
CA TRP D 227 -43.93 4.16 -11.64
C TRP D 227 -42.63 3.46 -12.06
N VAL D 228 -42.55 3.12 -13.34
CA VAL D 228 -41.39 2.42 -13.89
C VAL D 228 -40.11 3.24 -13.71
N LEU D 229 -40.14 4.46 -14.22
CA LEU D 229 -38.99 5.38 -14.14
C LEU D 229 -38.54 5.59 -12.70
N ALA D 230 -39.49 5.65 -11.77
CA ALA D 230 -39.13 5.86 -10.38
C ALA D 230 -38.31 4.68 -9.88
N ASN D 231 -38.76 3.48 -10.20
CA ASN D 231 -38.05 2.29 -9.78
C ASN D 231 -36.69 2.20 -10.47
N ALA D 232 -36.64 2.59 -11.74
CA ALA D 232 -35.40 2.55 -12.49
C ALA D 232 -34.33 3.44 -11.84
N LEU D 233 -34.70 4.68 -11.53
CA LEU D 233 -33.78 5.63 -10.90
C LEU D 233 -33.24 5.05 -9.59
N LEU D 234 -34.14 4.48 -8.80
CA LEU D 234 -33.77 3.88 -7.52
C LEU D 234 -32.70 2.80 -7.70
N ILE D 235 -32.93 1.88 -8.62
CA ILE D 235 -32.00 0.79 -8.88
C ILE D 235 -30.65 1.29 -9.40
N ASP D 236 -30.69 2.06 -10.48
CA ASP D 236 -29.47 2.58 -11.11
C ASP D 236 -28.54 3.43 -10.25
N LEU D 237 -29.08 4.17 -9.29
CA LEU D 237 -28.23 4.99 -8.46
C LEU D 237 -27.30 4.13 -7.60
N HIS D 238 -27.59 2.83 -7.53
CA HIS D 238 -26.76 1.93 -6.76
C HIS D 238 -25.48 1.54 -7.49
N PHE D 239 -25.41 1.86 -8.78
CA PHE D 239 -24.24 1.50 -9.57
C PHE D 239 -23.49 2.69 -10.12
N ALA D 240 -22.18 2.69 -9.94
CA ALA D 240 -21.34 3.78 -10.42
C ALA D 240 -21.51 4.06 -11.90
N GLN D 241 -21.65 3.00 -12.70
CA GLN D 241 -21.79 3.17 -14.13
C GLN D 241 -22.96 4.09 -14.50
N THR D 242 -23.97 4.16 -13.64
CA THR D 242 -25.11 5.02 -13.93
C THR D 242 -25.28 6.10 -12.86
N ASN D 243 -24.20 6.37 -12.12
CA ASN D 243 -24.19 7.37 -11.06
C ASN D 243 -22.78 7.96 -10.91
N PRO D 244 -22.32 8.69 -11.93
CA PRO D 244 -20.99 9.30 -11.90
C PRO D 244 -20.75 10.29 -10.76
N ASP D 245 -21.74 11.11 -10.43
CA ASP D 245 -21.56 12.08 -9.34
C ASP D 245 -21.67 11.44 -7.96
N ARG D 246 -21.89 10.12 -7.94
CA ARG D 246 -22.04 9.37 -6.70
C ARG D 246 -23.01 9.95 -5.67
N LYS D 247 -24.23 10.23 -6.10
CA LYS D 247 -25.24 10.77 -5.20
C LYS D 247 -25.91 9.61 -4.46
N GLN D 248 -25.92 9.69 -3.13
CA GLN D 248 -26.51 8.63 -2.33
C GLN D 248 -27.83 8.99 -1.65
N LYS D 249 -28.39 10.13 -2.01
CA LYS D 249 -29.66 10.56 -1.44
C LYS D 249 -30.71 10.68 -2.53
N LEU D 250 -31.80 9.94 -2.39
CA LEU D 250 -32.86 10.02 -3.38
C LEU D 250 -34.18 10.38 -2.74
N ILE D 251 -34.87 11.32 -3.36
CA ILE D 251 -36.18 11.75 -2.91
C ILE D 251 -37.14 11.53 -4.06
N LEU D 252 -38.10 10.64 -3.84
CA LEU D 252 -39.10 10.36 -4.86
C LEU D 252 -40.38 10.98 -4.38
N ASP D 253 -40.97 11.86 -5.17
CA ASP D 253 -42.20 12.52 -4.76
C ASP D 253 -43.41 11.91 -5.45
N LEU D 254 -44.26 11.28 -4.66
CA LEU D 254 -45.45 10.59 -5.15
C LEU D 254 -46.74 11.34 -4.83
N SER D 255 -46.63 12.63 -4.55
CA SER D 255 -47.78 13.44 -4.20
C SER D 255 -48.84 13.51 -5.29
N ASP D 256 -48.42 13.26 -6.53
CA ASP D 256 -49.31 13.31 -7.68
C ASP D 256 -49.99 11.98 -8.01
N ILE D 257 -49.63 10.91 -7.32
CA ILE D 257 -50.24 9.61 -7.61
C ILE D 257 -51.70 9.54 -7.18
N ARG D 258 -52.56 9.15 -8.12
CA ARG D 258 -54.00 9.04 -7.86
C ARG D 258 -54.28 8.10 -6.69
N PRO D 259 -55.39 8.35 -5.98
CA PRO D 259 -55.78 7.53 -4.82
C PRO D 259 -56.45 6.20 -5.15
N TYR D 260 -56.51 5.36 -4.13
CA TYR D 260 -57.14 4.06 -4.24
C TYR D 260 -58.61 4.25 -4.65
N GLY D 261 -59.06 3.46 -5.61
CA GLY D 261 -60.44 3.57 -6.06
C GLY D 261 -60.57 4.39 -7.32
N ALA D 262 -59.53 5.17 -7.64
CA ALA D 262 -59.54 6.01 -8.83
C ALA D 262 -59.60 5.15 -10.08
N GLU D 263 -60.05 5.73 -11.18
CA GLU D 263 -60.18 5.01 -12.43
C GLU D 263 -58.85 4.71 -13.13
N ILE D 264 -58.86 3.66 -13.95
CA ILE D 264 -57.70 3.23 -14.72
C ILE D 264 -58.19 2.72 -16.07
N HIS D 265 -57.45 3.02 -17.14
CA HIS D 265 -57.84 2.57 -18.47
C HIS D 265 -57.21 1.22 -18.82
N GLY D 266 -57.81 0.52 -19.79
CA GLY D 266 -57.29 -0.77 -20.19
C GLY D 266 -57.49 -1.82 -19.11
N PHE D 267 -58.21 -1.43 -18.07
CA PHE D 267 -58.51 -2.29 -16.92
C PHE D 267 -59.88 -1.93 -16.37
N GLY D 268 -60.66 -2.94 -16.00
CA GLY D 268 -61.98 -2.70 -15.47
C GLY D 268 -61.96 -2.28 -14.01
N GLY D 269 -60.93 -2.73 -13.29
CA GLY D 269 -60.81 -2.40 -11.87
C GLY D 269 -60.36 -0.98 -11.60
N THR D 270 -60.06 -0.69 -10.34
CA THR D 270 -59.62 0.66 -9.97
C THR D 270 -58.15 0.73 -9.62
N ALA D 271 -57.72 1.93 -9.21
CA ALA D 271 -56.34 2.19 -8.84
C ALA D 271 -56.06 1.72 -7.43
N SER D 272 -54.80 1.45 -7.14
CA SER D 272 -54.39 0.96 -5.82
C SER D 272 -53.92 2.08 -4.89
N GLY D 273 -53.60 3.23 -5.46
CA GLY D 273 -53.08 4.31 -4.63
C GLY D 273 -51.58 4.09 -4.59
N PRO D 274 -50.79 5.05 -4.10
CA PRO D 274 -49.33 4.85 -4.06
C PRO D 274 -48.78 3.94 -2.96
N MET D 275 -49.61 3.58 -1.99
CA MET D 275 -49.17 2.75 -0.88
C MET D 275 -48.34 1.51 -1.30
N PRO D 276 -48.86 0.69 -2.22
CA PRO D 276 -48.10 -0.49 -2.63
C PRO D 276 -46.75 -0.12 -3.27
N LEU D 277 -46.75 0.96 -4.05
CA LEU D 277 -45.53 1.42 -4.71
C LEU D 277 -44.51 1.82 -3.64
N ILE D 278 -45.00 2.45 -2.59
CA ILE D 278 -44.16 2.89 -1.49
C ILE D 278 -43.46 1.70 -0.87
N SER D 279 -44.24 0.67 -0.56
CA SER D 279 -43.71 -0.55 0.04
C SER D 279 -42.74 -1.23 -0.90
N MET D 280 -43.04 -1.15 -2.20
CA MET D 280 -42.20 -1.76 -3.23
C MET D 280 -40.82 -1.09 -3.33
N LEU D 281 -40.81 0.24 -3.28
CA LEU D 281 -39.57 0.98 -3.38
C LEU D 281 -38.70 0.77 -2.14
N LEU D 282 -39.32 0.77 -0.97
CA LEU D 282 -38.59 0.57 0.27
C LEU D 282 -37.98 -0.83 0.36
N ASP D 283 -38.82 -1.86 0.23
CA ASP D 283 -38.36 -3.24 0.32
C ASP D 283 -37.30 -3.57 -0.73
N VAL D 284 -37.40 -2.95 -1.89
CA VAL D 284 -36.44 -3.17 -2.97
C VAL D 284 -35.12 -2.50 -2.62
N ASN D 285 -35.18 -1.26 -2.15
CA ASN D 285 -33.96 -0.57 -1.77
C ASN D 285 -33.24 -1.43 -0.73
N GLU D 286 -33.99 -2.08 0.16
CA GLU D 286 -33.39 -2.95 1.17
C GLU D 286 -32.59 -4.06 0.52
N VAL D 287 -33.16 -4.67 -0.51
CA VAL D 287 -32.50 -5.76 -1.23
C VAL D 287 -31.16 -5.32 -1.75
N LEU D 288 -31.12 -4.14 -2.35
CA LEU D 288 -29.88 -3.63 -2.91
C LEU D 288 -28.89 -3.16 -1.84
N ASN D 289 -29.38 -2.44 -0.83
CA ASN D 289 -28.51 -1.94 0.22
C ASN D 289 -27.88 -3.06 1.02
N ASN D 290 -28.66 -4.13 1.28
CA ASN D 290 -28.16 -5.28 2.02
C ASN D 290 -26.93 -5.88 1.35
N LYS D 291 -26.74 -5.57 0.08
CA LYS D 291 -25.60 -6.09 -0.68
C LYS D 291 -24.63 -4.99 -1.10
N ALA D 292 -24.72 -3.84 -0.44
CA ALA D 292 -23.84 -2.72 -0.75
C ALA D 292 -22.38 -3.17 -0.64
N GLY D 293 -21.61 -2.91 -1.68
CA GLY D 293 -20.20 -3.30 -1.68
C GLY D 293 -19.99 -4.73 -2.10
N GLY D 294 -21.09 -5.48 -2.21
CA GLY D 294 -21.02 -6.87 -2.60
C GLY D 294 -21.64 -7.19 -3.94
N ARG D 295 -22.16 -8.41 -4.05
CA ARG D 295 -22.78 -8.87 -5.29
C ARG D 295 -24.18 -9.43 -5.10
N LEU D 296 -25.03 -9.15 -6.08
CA LEU D 296 -26.41 -9.63 -6.08
C LEU D 296 -26.48 -11.08 -6.56
N THR D 297 -27.31 -11.87 -5.88
CA THR D 297 -27.48 -13.27 -6.23
C THR D 297 -28.78 -13.47 -6.99
N ALA D 298 -29.09 -14.72 -7.28
CA ALA D 298 -30.31 -15.08 -7.97
C ALA D 298 -31.50 -14.79 -7.08
N VAL D 299 -31.35 -15.09 -5.80
CA VAL D 299 -32.41 -14.87 -4.84
C VAL D 299 -32.73 -13.38 -4.68
N ASP D 300 -31.71 -12.54 -4.67
CA ASP D 300 -31.91 -11.09 -4.53
C ASP D 300 -32.65 -10.55 -5.75
N ALA D 301 -32.19 -10.96 -6.93
CA ALA D 301 -32.78 -10.54 -8.19
C ALA D 301 -34.24 -10.97 -8.27
N ALA D 302 -34.47 -12.27 -8.06
CA ALA D 302 -35.83 -12.80 -8.09
C ALA D 302 -36.67 -12.08 -7.04
N ASP D 303 -36.06 -11.73 -5.90
CA ASP D 303 -36.78 -11.03 -4.84
C ASP D 303 -37.25 -9.66 -5.31
N ILE D 304 -36.43 -8.98 -6.10
CA ILE D 304 -36.80 -7.67 -6.62
C ILE D 304 -37.97 -7.82 -7.57
N CYS D 305 -37.91 -8.82 -8.45
CA CYS D 305 -38.98 -9.05 -9.40
C CYS D 305 -40.26 -9.43 -8.67
N ASN D 306 -40.11 -10.20 -7.59
CA ASN D 306 -41.25 -10.63 -6.79
C ASN D 306 -41.90 -9.40 -6.12
N LEU D 307 -41.08 -8.50 -5.58
CA LEU D 307 -41.62 -7.31 -4.92
C LEU D 307 -42.39 -6.45 -5.91
N ILE D 308 -41.88 -6.38 -7.13
CA ILE D 308 -42.54 -5.59 -8.16
C ILE D 308 -43.90 -6.22 -8.45
N GLY D 309 -43.90 -7.52 -8.77
CA GLY D 309 -45.14 -8.20 -9.04
C GLY D 309 -46.15 -8.01 -7.93
N LYS D 310 -45.68 -8.06 -6.69
CA LYS D 310 -46.54 -7.89 -5.52
C LYS D 310 -47.21 -6.52 -5.55
N ALA D 311 -46.45 -5.49 -5.91
CA ALA D 311 -46.96 -4.13 -5.97
C ALA D 311 -48.01 -3.98 -7.06
N VAL D 312 -47.78 -4.64 -8.19
CA VAL D 312 -48.69 -4.57 -9.32
C VAL D 312 -50.01 -5.25 -8.99
N VAL D 313 -49.95 -6.28 -8.15
CA VAL D 313 -51.16 -7.00 -7.76
C VAL D 313 -51.93 -6.22 -6.70
N ALA D 314 -51.20 -5.44 -5.90
CA ALA D 314 -51.81 -4.63 -4.84
C ALA D 314 -52.74 -5.48 -3.96
N GLY D 315 -53.93 -4.95 -3.69
CA GLY D 315 -54.88 -5.67 -2.87
C GLY D 315 -55.76 -6.61 -3.67
N ASN D 316 -55.14 -7.62 -4.28
CA ASN D 316 -55.86 -8.59 -5.10
C ASN D 316 -55.05 -9.89 -5.23
N ALA D 321 -48.21 -14.12 -11.59
CA ALA D 321 -48.12 -13.65 -12.98
C ALA D 321 -46.67 -13.63 -13.46
N GLU D 322 -45.79 -14.28 -12.70
CA GLU D 322 -44.39 -14.34 -13.08
C GLU D 322 -43.86 -15.76 -12.98
N LEU D 323 -42.76 -16.00 -13.67
CA LEU D 323 -42.07 -17.28 -13.64
C LEU D 323 -40.58 -16.95 -13.51
N ALA D 324 -39.96 -17.41 -12.44
CA ALA D 324 -38.53 -17.19 -12.22
C ALA D 324 -37.80 -18.45 -12.65
N LEU D 325 -36.95 -18.32 -13.67
CA LEU D 325 -36.18 -19.45 -14.17
C LEU D 325 -34.71 -19.32 -13.69
N GLY D 326 -34.25 -20.28 -12.89
CA GLY D 326 -32.89 -20.23 -12.39
C GLY D 326 -32.06 -21.47 -12.73
N SER D 327 -30.78 -21.45 -12.40
CA SER D 327 -29.88 -22.58 -12.65
C SER D 327 -30.26 -23.75 -11.73
N ASN D 328 -30.17 -24.97 -12.26
CA ASN D 328 -30.54 -26.17 -11.50
C ASN D 328 -29.63 -26.54 -10.34
N ASP D 329 -28.46 -25.91 -10.28
CA ASP D 329 -27.50 -26.20 -9.21
C ASP D 329 -27.42 -25.10 -8.15
N ASP D 330 -28.30 -24.09 -8.26
CA ASP D 330 -28.33 -22.98 -7.31
C ASP D 330 -29.32 -23.29 -6.21
N GLN D 331 -28.86 -23.99 -5.17
CA GLN D 331 -29.72 -24.36 -4.05
C GLN D 331 -30.39 -23.18 -3.36
N ASP D 332 -29.71 -22.03 -3.36
CA ASP D 332 -30.28 -20.83 -2.76
C ASP D 332 -31.61 -20.51 -3.43
N PHE D 333 -31.58 -20.43 -4.75
CA PHE D 333 -32.77 -20.12 -5.54
C PHE D 333 -33.85 -21.17 -5.34
N ILE D 334 -33.54 -22.41 -5.73
CA ILE D 334 -34.47 -23.52 -5.61
C ILE D 334 -35.19 -23.57 -4.25
N SER D 335 -34.48 -23.24 -3.18
CA SER D 335 -35.08 -23.27 -1.84
C SER D 335 -35.61 -21.95 -1.32
N MET D 336 -35.62 -20.90 -2.14
CA MET D 336 -36.08 -19.60 -1.68
C MET D 336 -37.54 -19.52 -1.23
N LYS D 337 -38.40 -20.37 -1.79
CA LYS D 337 -39.81 -20.35 -1.40
C LYS D 337 -40.08 -21.20 -0.17
N GLN D 338 -39.05 -21.88 0.33
CA GLN D 338 -39.19 -22.71 1.51
C GLN D 338 -39.16 -21.83 2.77
N ASP D 339 -38.73 -20.59 2.60
CA ASP D 339 -38.68 -19.65 3.71
C ASP D 339 -40.08 -19.08 3.91
N GLN D 340 -40.82 -19.68 4.84
CA GLN D 340 -42.19 -19.27 5.13
C GLN D 340 -42.38 -17.78 5.21
N GLU D 341 -41.73 -17.16 6.19
CA GLU D 341 -41.82 -15.72 6.42
C GLU D 341 -41.80 -14.91 5.14
N LYS D 342 -40.79 -15.14 4.29
CA LYS D 342 -40.70 -14.40 3.04
C LYS D 342 -41.67 -14.88 1.96
N LEU D 343 -42.08 -16.13 2.03
CA LEU D 343 -43.04 -16.64 1.04
C LEU D 343 -44.34 -15.90 1.30
N MET D 344 -44.72 -15.77 2.57
CA MET D 344 -45.95 -15.07 2.90
C MET D 344 -45.84 -13.59 2.54
N HIS D 345 -44.64 -13.05 2.61
CA HIS D 345 -44.44 -11.64 2.32
C HIS D 345 -44.37 -11.26 0.85
N HIS D 346 -43.70 -12.05 0.01
CA HIS D 346 -43.61 -11.68 -1.40
C HIS D 346 -43.10 -12.74 -2.39
N ARG D 347 -42.48 -13.81 -1.89
CA ARG D 347 -41.96 -14.82 -2.80
C ARG D 347 -43.03 -15.62 -3.53
N TRP D 348 -44.29 -15.41 -3.14
CA TRP D 348 -45.42 -16.08 -3.77
C TRP D 348 -45.69 -15.47 -5.14
N ALA D 349 -45.13 -14.28 -5.38
CA ALA D 349 -45.33 -13.57 -6.63
C ALA D 349 -44.87 -14.32 -7.86
N SER D 350 -44.15 -15.43 -7.67
CA SER D 350 -43.70 -16.19 -8.83
C SER D 350 -43.64 -17.69 -8.58
N ASN D 351 -43.70 -18.45 -9.67
CA ASN D 351 -43.57 -19.90 -9.60
C ASN D 351 -42.18 -20.11 -10.15
N ASN D 352 -41.35 -20.85 -9.43
CA ASN D 352 -39.98 -21.06 -9.88
C ASN D 352 -39.70 -22.39 -10.55
N SER D 353 -38.84 -22.34 -11.55
CA SER D 353 -38.43 -23.52 -12.32
C SER D 353 -36.92 -23.47 -12.53
N VAL D 354 -36.32 -24.62 -12.80
CA VAL D 354 -34.88 -24.69 -13.04
C VAL D 354 -34.65 -25.04 -14.51
N ALA D 355 -33.58 -24.50 -15.08
CA ALA D 355 -33.24 -24.78 -16.47
C ALA D 355 -32.37 -26.03 -16.49
N VAL D 356 -32.57 -26.89 -17.48
CA VAL D 356 -31.80 -28.12 -17.60
C VAL D 356 -31.48 -28.42 -19.05
N ASP D 357 -30.76 -29.52 -19.26
CA ASP D 357 -30.40 -29.97 -20.60
C ASP D 357 -30.70 -31.47 -20.62
N SER D 358 -30.65 -32.09 -21.80
CA SER D 358 -30.95 -33.51 -21.90
C SER D 358 -29.94 -34.37 -21.13
N ALA D 359 -28.71 -33.87 -21.01
CA ALA D 359 -27.67 -34.59 -20.28
C ALA D 359 -27.86 -34.45 -18.77
N PHE D 360 -28.76 -33.58 -18.35
CA PHE D 360 -29.04 -33.35 -16.93
C PHE D 360 -29.50 -34.66 -16.28
N SER D 361 -28.92 -35.00 -15.13
CA SER D 361 -29.28 -36.25 -14.45
C SER D 361 -29.72 -36.08 -13.00
N GLY D 362 -29.60 -34.88 -12.45
CA GLY D 362 -30.00 -34.64 -11.07
C GLY D 362 -31.50 -34.60 -10.88
N TYR D 363 -32.23 -35.40 -11.63
CA TYR D 363 -33.68 -35.43 -11.53
C TYR D 363 -34.15 -35.93 -10.17
N GLN D 364 -33.27 -36.65 -9.49
CA GLN D 364 -33.58 -37.21 -8.18
C GLN D 364 -34.05 -36.18 -7.15
N PRO D 365 -33.30 -35.10 -6.95
CA PRO D 365 -33.71 -34.07 -5.99
C PRO D 365 -34.93 -33.24 -6.42
N ILE D 366 -35.12 -33.08 -7.73
CA ILE D 366 -36.26 -32.32 -8.22
C ILE D 366 -37.56 -33.03 -7.89
N ALA D 367 -37.63 -34.31 -8.25
CA ALA D 367 -38.80 -35.11 -7.98
C ALA D 367 -39.14 -35.05 -6.49
N ALA D 368 -38.10 -35.01 -5.66
CA ALA D 368 -38.28 -34.96 -4.21
C ALA D 368 -39.09 -33.73 -3.80
N GLY D 369 -38.79 -32.60 -4.44
CA GLY D 369 -39.51 -31.37 -4.14
C GLY D 369 -40.90 -31.38 -4.71
N ILE D 370 -41.03 -31.85 -5.95
CA ILE D 370 -42.32 -31.92 -6.61
C ILE D 370 -43.32 -32.74 -5.80
N ARG D 371 -42.88 -33.92 -5.36
CA ARG D 371 -43.74 -34.81 -4.60
C ARG D 371 -44.28 -34.15 -3.34
N GLU D 372 -43.66 -33.04 -2.94
CA GLU D 372 -44.10 -32.32 -1.74
C GLU D 372 -45.02 -31.13 -2.02
N ASN D 373 -44.63 -30.28 -2.98
CA ASN D 373 -45.40 -29.09 -3.32
C ASN D 373 -45.69 -28.92 -4.82
N GLY D 374 -44.86 -29.51 -5.66
CA GLY D 374 -45.08 -29.38 -7.10
C GLY D 374 -44.01 -28.54 -7.77
N GLU D 375 -43.05 -28.07 -6.98
CA GLU D 375 -41.96 -27.26 -7.51
C GLU D 375 -40.62 -27.94 -7.25
N PRO D 376 -39.59 -27.59 -8.03
CA PRO D 376 -39.63 -26.60 -9.11
C PRO D 376 -40.18 -27.12 -10.42
N GLY D 377 -40.51 -26.19 -11.31
CA GLY D 377 -40.98 -26.58 -12.61
C GLY D 377 -39.66 -26.84 -13.31
N ILE D 378 -39.69 -27.32 -14.54
CA ILE D 378 -38.47 -27.61 -15.26
C ILE D 378 -38.56 -27.08 -16.67
N VAL D 379 -37.46 -26.52 -17.15
CA VAL D 379 -37.40 -25.98 -18.50
C VAL D 379 -36.11 -26.43 -19.15
N ASN D 380 -36.24 -27.16 -20.26
CA ASN D 380 -35.08 -27.66 -20.99
C ASN D 380 -34.80 -26.72 -22.16
N LEU D 381 -33.92 -25.75 -21.95
CA LEU D 381 -33.58 -24.79 -22.99
C LEU D 381 -32.85 -25.44 -24.14
N ASP D 382 -32.13 -26.51 -23.82
CA ASP D 382 -31.39 -27.26 -24.82
C ASP D 382 -32.34 -27.64 -25.95
N LEU D 383 -33.38 -28.40 -25.62
CA LEU D 383 -34.36 -28.83 -26.62
C LEU D 383 -35.15 -27.67 -27.23
N SER D 384 -35.48 -26.66 -26.43
CA SER D 384 -36.26 -25.54 -26.95
C SER D 384 -35.52 -24.79 -28.06
N LYS D 385 -34.21 -24.67 -27.92
CA LYS D 385 -33.41 -23.96 -28.91
C LYS D 385 -33.08 -24.77 -30.16
N ASN D 386 -33.02 -26.09 -30.01
CA ASN D 386 -32.67 -26.96 -31.12
C ASN D 386 -33.76 -27.83 -31.72
N TYR D 387 -35.02 -27.52 -31.46
CA TYR D 387 -36.12 -28.33 -32.00
C TYR D 387 -37.40 -27.59 -32.34
N GLY D 388 -38.02 -28.02 -33.42
CA GLY D 388 -39.32 -27.50 -33.83
C GLY D 388 -40.17 -28.61 -33.24
N ARG D 389 -40.93 -29.33 -34.07
CA ARG D 389 -41.70 -30.46 -33.55
C ARG D 389 -40.67 -31.56 -33.31
N ILE D 390 -40.85 -32.36 -32.27
CA ILE D 390 -39.89 -33.43 -31.99
C ILE D 390 -39.75 -34.42 -33.12
N VAL D 391 -40.78 -34.59 -33.94
CA VAL D 391 -40.74 -35.53 -35.06
C VAL D 391 -39.93 -34.94 -36.22
N ASP D 392 -39.70 -33.63 -36.18
CA ASP D 392 -38.94 -33.01 -37.25
C ASP D 392 -37.42 -33.08 -36.99
N GLY D 393 -37.06 -33.74 -35.90
CA GLY D 393 -35.67 -33.94 -35.54
C GLY D 393 -34.84 -32.74 -35.10
N TYR D 394 -33.59 -33.04 -34.74
CA TYR D 394 -32.66 -32.02 -34.30
C TYR D 394 -32.44 -31.02 -35.42
N GLN D 395 -32.49 -29.75 -35.07
CA GLN D 395 -32.29 -28.67 -36.03
C GLN D 395 -31.49 -27.60 -35.30
N ALA D 396 -30.19 -27.79 -35.26
CA ALA D 396 -29.26 -26.89 -34.59
C ALA D 396 -29.65 -25.41 -34.62
N GLY D 397 -29.90 -24.87 -33.43
CA GLY D 397 -30.26 -23.47 -33.30
C GLY D 397 -31.40 -22.95 -34.14
N ILE D 398 -32.40 -23.79 -34.39
CA ILE D 398 -33.55 -23.37 -35.17
C ILE D 398 -34.26 -22.22 -34.43
N ASP D 399 -34.14 -22.24 -33.11
CA ASP D 399 -34.73 -21.24 -32.24
C ASP D 399 -33.64 -20.85 -31.23
N GLY D 400 -32.45 -20.61 -31.75
CA GLY D 400 -31.29 -20.28 -30.93
C GLY D 400 -31.36 -19.03 -30.06
N ASP D 401 -32.32 -18.14 -30.32
CA ASP D 401 -32.44 -16.91 -29.52
C ASP D 401 -33.25 -17.12 -28.26
N VAL D 402 -33.67 -18.35 -28.02
CA VAL D 402 -34.46 -18.70 -26.84
C VAL D 402 -33.66 -18.69 -25.55
N GLU D 403 -34.23 -18.08 -24.50
CA GLU D 403 -33.59 -18.01 -23.20
C GLU D 403 -34.53 -18.39 -22.09
N GLY D 404 -35.82 -18.49 -22.40
CA GLY D 404 -36.79 -18.85 -21.38
C GLY D 404 -38.17 -19.04 -21.97
N THR D 405 -39.19 -18.90 -21.13
CA THR D 405 -40.56 -19.07 -21.57
C THR D 405 -41.50 -18.18 -20.76
N ASN D 406 -42.73 -18.02 -21.25
CA ASN D 406 -43.71 -17.21 -20.54
C ASN D 406 -44.17 -18.00 -19.32
N PRO D 407 -44.88 -17.35 -18.39
CA PRO D 407 -45.35 -18.02 -17.16
C PRO D 407 -46.09 -19.36 -17.33
N CYS D 408 -46.83 -19.53 -18.42
CA CYS D 408 -47.55 -20.79 -18.62
C CYS D 408 -46.66 -21.82 -19.31
N GLY D 409 -45.55 -21.35 -19.84
CA GLY D 409 -44.58 -22.22 -20.49
C GLY D 409 -44.92 -22.90 -21.80
N GLU D 410 -45.82 -22.34 -22.60
CA GLU D 410 -46.17 -22.97 -23.86
C GLU D 410 -45.41 -22.38 -25.04
N ILE D 411 -44.82 -21.20 -24.84
CA ILE D 411 -44.07 -20.56 -25.91
C ILE D 411 -42.58 -20.48 -25.59
N SER D 412 -41.75 -20.76 -26.59
CA SER D 412 -40.30 -20.71 -26.46
C SER D 412 -39.93 -19.27 -26.77
N LEU D 413 -39.43 -18.53 -25.79
CA LEU D 413 -39.13 -17.13 -26.02
C LEU D 413 -37.69 -16.61 -25.87
N ALA D 414 -37.38 -15.63 -26.69
CA ALA D 414 -36.08 -14.94 -26.68
C ALA D 414 -36.24 -13.74 -25.71
N ASN D 415 -35.19 -12.97 -25.56
CA ASN D 415 -35.25 -11.83 -24.64
C ASN D 415 -36.11 -10.70 -25.22
N GLY D 416 -37.09 -10.25 -24.45
CA GLY D 416 -37.97 -9.17 -24.90
C GLY D 416 -39.05 -9.60 -25.87
N GLU D 417 -39.19 -10.91 -26.08
CA GLU D 417 -40.18 -11.43 -27.01
C GLU D 417 -41.52 -11.75 -26.34
N PRO D 418 -42.64 -11.49 -27.04
CA PRO D 418 -43.99 -11.73 -26.53
C PRO D 418 -44.66 -12.99 -27.12
N CYS D 419 -45.53 -13.60 -26.32
CA CYS D 419 -46.30 -14.76 -26.76
C CYS D 419 -47.34 -14.15 -27.73
N ASN D 420 -47.74 -14.88 -28.77
CA ASN D 420 -48.72 -14.38 -29.74
C ASN D 420 -49.66 -15.52 -30.12
N LEU D 421 -50.67 -15.73 -29.27
CA LEU D 421 -51.60 -16.85 -29.44
C LEU D 421 -52.95 -16.64 -30.13
N PHE D 422 -53.54 -17.76 -30.53
CA PHE D 422 -54.87 -17.80 -31.14
C PHE D 422 -55.29 -19.24 -30.87
N GLU D 423 -56.48 -19.41 -30.30
CA GLU D 423 -56.96 -20.74 -29.93
C GLU D 423 -57.98 -21.34 -30.89
N VAL D 424 -57.79 -22.60 -31.23
CA VAL D 424 -58.74 -23.29 -32.10
C VAL D 424 -59.34 -24.46 -31.31
N PHE D 425 -60.66 -24.63 -31.39
CA PHE D 425 -61.36 -25.73 -30.71
C PHE D 425 -61.81 -26.60 -31.88
N PRO D 426 -60.94 -27.52 -32.32
CA PRO D 426 -61.25 -28.41 -33.44
C PRO D 426 -62.61 -29.08 -33.44
N LEU D 427 -63.03 -29.59 -32.29
CA LEU D 427 -64.33 -30.26 -32.20
C LEU D 427 -65.47 -29.31 -32.58
N ILE D 428 -65.48 -28.15 -31.93
CA ILE D 428 -66.50 -27.13 -32.19
C ILE D 428 -66.45 -26.64 -33.64
N ALA D 429 -65.24 -26.38 -34.13
CA ALA D 429 -65.07 -25.90 -35.50
C ALA D 429 -65.66 -26.90 -36.50
N GLU D 430 -65.41 -28.19 -36.29
CA GLU D 430 -65.95 -29.21 -37.19
C GLU D 430 -67.46 -29.23 -37.12
N GLU D 431 -67.99 -29.26 -35.90
CA GLU D 431 -69.43 -29.33 -35.72
C GLU D 431 -70.11 -28.12 -36.34
N GLN D 432 -69.41 -27.00 -36.40
CA GLN D 432 -69.96 -25.79 -36.99
C GLN D 432 -69.81 -25.88 -38.51
N GLY D 433 -69.26 -27.00 -38.97
CA GLY D 433 -69.11 -27.23 -40.41
C GLY D 433 -67.85 -26.81 -41.15
N TRP D 434 -66.79 -26.43 -40.44
CA TRP D 434 -65.59 -25.97 -41.12
C TRP D 434 -64.59 -27.02 -41.57
N ASP D 435 -63.84 -26.65 -42.60
CA ASP D 435 -62.75 -27.46 -43.11
C ASP D 435 -61.64 -26.95 -42.20
N LEU D 436 -61.10 -27.82 -41.35
CA LEU D 436 -60.07 -27.40 -40.40
C LEU D 436 -58.84 -26.76 -41.05
N GLN D 437 -58.63 -27.02 -42.35
CA GLN D 437 -57.49 -26.43 -43.04
C GLN D 437 -57.72 -24.94 -43.10
N GLU D 438 -58.93 -24.53 -43.48
CA GLU D 438 -59.26 -23.11 -43.58
C GLU D 438 -59.22 -22.46 -42.19
N VAL D 439 -59.74 -23.15 -41.19
CA VAL D 439 -59.75 -22.65 -39.82
C VAL D 439 -58.33 -22.32 -39.35
N PHE D 440 -57.42 -23.26 -39.47
CA PHE D 440 -56.05 -23.01 -39.04
C PHE D 440 -55.33 -22.00 -39.94
N ALA D 441 -55.81 -21.85 -41.18
CA ALA D 441 -55.20 -20.89 -42.09
C ALA D 441 -55.55 -19.49 -41.58
N LEU D 442 -56.83 -19.30 -41.27
CA LEU D 442 -57.31 -18.01 -40.77
C LEU D 442 -56.64 -17.70 -39.44
N ALA D 443 -56.47 -18.71 -38.60
CA ALA D 443 -55.85 -18.51 -37.30
C ALA D 443 -54.43 -17.98 -37.47
N ALA D 444 -53.68 -18.60 -38.38
CA ALA D 444 -52.30 -18.20 -38.65
C ALA D 444 -52.20 -16.75 -39.12
N ARG D 445 -53.06 -16.36 -40.06
CA ARG D 445 -53.06 -15.00 -40.61
C ARG D 445 -53.46 -13.98 -39.55
N TYR D 446 -54.37 -14.36 -38.66
CA TYR D 446 -54.79 -13.46 -37.61
C TYR D 446 -53.61 -13.16 -36.69
N ALA D 447 -52.93 -14.21 -36.24
CA ALA D 447 -51.80 -14.06 -35.34
C ALA D 447 -50.65 -13.35 -36.06
N LYS D 448 -50.59 -13.49 -37.38
CA LYS D 448 -49.54 -12.85 -38.15
C LYS D 448 -49.73 -11.33 -38.07
N ARG D 449 -50.93 -10.86 -38.41
CA ARG D 449 -51.25 -9.43 -38.38
C ARG D 449 -51.00 -8.76 -37.03
N VAL D 450 -51.13 -9.51 -35.94
CA VAL D 450 -50.88 -8.96 -34.62
C VAL D 450 -49.43 -8.53 -34.46
N THR D 451 -48.51 -9.20 -35.17
CA THR D 451 -47.09 -8.89 -35.07
C THR D 451 -46.78 -7.51 -35.63
N PHE D 452 -47.71 -6.97 -36.41
CA PHE D 452 -47.52 -5.64 -36.98
C PHE D 452 -48.12 -4.57 -36.09
N SER D 453 -48.49 -4.93 -34.85
CA SER D 453 -49.07 -3.94 -33.94
C SER D 453 -47.93 -3.13 -33.30
N PRO D 454 -48.25 -1.98 -32.70
CA PRO D 454 -47.19 -1.18 -32.08
C PRO D 454 -46.55 -1.77 -30.83
N TYR D 455 -45.22 -1.80 -30.80
CA TYR D 455 -44.50 -2.28 -29.63
C TYR D 455 -43.65 -1.14 -29.08
N ASP D 456 -43.64 -1.00 -27.77
CA ASP D 456 -42.90 0.09 -27.12
C ASP D 456 -41.41 -0.08 -27.00
N TRP D 457 -40.95 -1.32 -26.83
CA TRP D 457 -39.53 -1.56 -26.65
C TRP D 457 -38.80 -1.98 -27.91
N GLU D 458 -37.69 -1.32 -28.17
CA GLU D 458 -36.87 -1.61 -29.35
C GLU D 458 -36.50 -3.10 -29.43
N ILE D 459 -36.11 -3.66 -28.28
CA ILE D 459 -35.74 -5.07 -28.22
C ILE D 459 -36.92 -5.93 -28.72
N SER D 460 -38.12 -5.61 -28.25
CA SER D 460 -39.30 -6.33 -28.69
C SER D 460 -39.54 -6.09 -30.17
N ARG D 461 -39.48 -4.83 -30.59
CA ARG D 461 -39.69 -4.51 -32.00
C ARG D 461 -38.71 -5.25 -32.88
N GLU D 462 -37.48 -5.42 -32.40
CA GLU D 462 -36.47 -6.10 -33.17
C GLU D 462 -36.63 -7.61 -33.23
N ILE D 463 -36.79 -8.26 -32.07
CA ILE D 463 -36.95 -9.70 -32.03
C ILE D 463 -38.21 -10.13 -32.79
N ILE D 464 -39.24 -9.30 -32.74
CA ILE D 464 -40.50 -9.59 -33.43
C ILE D 464 -40.34 -9.45 -34.94
N GLN D 465 -39.70 -8.37 -35.37
CA GLN D 465 -39.47 -8.14 -36.80
C GLN D 465 -38.62 -9.30 -37.35
N LYS D 466 -37.86 -9.93 -36.46
CA LYS D 466 -36.99 -11.05 -36.81
C LYS D 466 -37.69 -12.42 -36.82
N ASN D 467 -38.42 -12.72 -35.76
CA ASN D 467 -39.10 -14.02 -35.64
C ASN D 467 -40.55 -14.04 -36.14
N ARG D 468 -41.27 -12.94 -36.01
CA ARG D 468 -42.67 -12.88 -36.43
C ARG D 468 -43.39 -14.12 -35.89
N ARG D 469 -42.98 -14.56 -34.71
CA ARG D 469 -43.53 -15.74 -34.07
C ARG D 469 -45.05 -15.73 -33.87
N ILE D 470 -45.70 -16.85 -34.16
CA ILE D 470 -47.14 -17.01 -33.94
C ILE D 470 -47.31 -18.27 -33.10
N GLY D 471 -48.38 -18.34 -32.32
CA GLY D 471 -48.60 -19.50 -31.48
C GLY D 471 -50.02 -20.01 -31.60
N ILE D 472 -50.31 -20.67 -32.72
CA ILE D 472 -51.66 -21.22 -32.94
C ILE D 472 -51.82 -22.42 -32.01
N SER D 473 -52.70 -22.25 -31.03
CA SER D 473 -52.94 -23.31 -30.06
C SER D 473 -54.14 -24.17 -30.40
N MET D 474 -54.14 -25.36 -29.82
CA MET D 474 -55.22 -26.30 -30.02
C MET D 474 -55.76 -26.61 -28.62
N SER D 475 -57.04 -26.37 -28.42
CA SER D 475 -57.64 -26.63 -27.10
C SER D 475 -58.82 -27.60 -27.31
N GLY D 476 -59.43 -28.07 -26.22
CA GLY D 476 -60.53 -29.01 -26.37
C GLY D 476 -60.03 -30.29 -27.05
N ILE D 477 -58.74 -30.54 -26.91
CA ILE D 477 -58.09 -31.72 -27.51
C ILE D 477 -58.65 -33.07 -27.06
N GLN D 478 -58.87 -33.26 -25.77
CA GLN D 478 -59.41 -34.54 -25.30
C GLN D 478 -60.82 -34.78 -25.83
N ASP D 479 -61.65 -33.72 -25.86
CA ASP D 479 -63.02 -33.83 -26.37
C ASP D 479 -62.95 -34.22 -27.82
N TRP D 480 -62.04 -33.56 -28.54
CA TRP D 480 -61.86 -33.78 -29.96
C TRP D 480 -61.39 -35.18 -30.32
N LEU D 481 -60.35 -35.66 -29.64
CA LEU D 481 -59.81 -36.99 -29.89
C LEU D 481 -60.89 -38.04 -29.61
N LEU D 482 -61.51 -37.94 -28.44
CA LEU D 482 -62.55 -38.90 -28.06
C LEU D 482 -63.70 -38.93 -29.06
N THR D 483 -64.21 -37.76 -29.41
CA THR D 483 -65.32 -37.66 -30.35
C THR D 483 -64.99 -38.09 -31.77
N ARG D 484 -63.95 -37.51 -32.36
CA ARG D 484 -63.60 -37.83 -33.74
C ARG D 484 -63.03 -39.25 -33.98
N LEU D 485 -62.14 -39.70 -33.09
CA LEU D 485 -61.51 -41.01 -33.25
C LEU D 485 -62.17 -42.13 -32.44
N GLY D 486 -62.79 -41.78 -31.32
CA GLY D 486 -63.45 -42.76 -30.47
C GLY D 486 -62.62 -43.21 -29.29
N ASN D 487 -61.38 -42.74 -29.20
CA ASN D 487 -60.50 -43.15 -28.11
C ASN D 487 -59.41 -42.11 -27.80
N ARG D 488 -58.76 -42.28 -26.65
CA ARG D 488 -57.69 -41.36 -26.27
C ARG D 488 -56.50 -41.63 -27.20
N VAL D 489 -55.59 -40.66 -27.30
CA VAL D 489 -54.44 -40.78 -28.18
C VAL D 489 -53.47 -41.91 -27.83
N VAL D 490 -53.33 -42.21 -26.55
CA VAL D 490 -52.44 -43.29 -26.12
C VAL D 490 -53.25 -44.57 -26.12
N THR D 491 -52.97 -45.45 -27.10
CA THR D 491 -53.71 -46.71 -27.23
C THR D 491 -53.13 -47.83 -26.38
N GLY D 492 -51.91 -47.65 -25.90
CA GLY D 492 -51.29 -48.66 -25.08
C GLY D 492 -49.79 -48.42 -24.95
N PHE D 493 -49.10 -49.33 -24.26
CA PHE D 493 -47.66 -49.22 -24.05
C PHE D 493 -46.91 -50.50 -24.42
N LYS D 494 -45.73 -50.34 -24.98
CA LYS D 494 -44.88 -51.48 -25.36
C LYS D 494 -43.51 -51.31 -24.71
N ASP D 495 -42.94 -52.42 -24.27
CA ASP D 495 -41.63 -52.40 -23.63
C ASP D 495 -40.51 -52.01 -24.58
N ASP D 496 -39.51 -51.33 -24.03
CA ASP D 496 -38.35 -50.90 -24.81
C ASP D 496 -37.25 -50.46 -23.84
N PHE D 497 -36.16 -49.90 -24.35
CA PHE D 497 -35.08 -49.48 -23.49
C PHE D 497 -34.62 -48.05 -23.71
N ASP D 498 -34.13 -47.43 -22.64
CA ASP D 498 -33.63 -46.05 -22.70
C ASP D 498 -32.55 -45.97 -23.78
N PRO D 499 -32.71 -45.04 -24.72
CA PRO D 499 -31.73 -44.87 -25.80
C PRO D 499 -30.29 -44.64 -25.33
N GLU D 500 -30.09 -44.50 -24.02
CA GLU D 500 -28.75 -44.26 -23.49
C GLU D 500 -28.37 -45.19 -22.33
N THR D 501 -29.32 -45.48 -21.44
CA THR D 501 -29.03 -46.36 -20.30
C THR D 501 -29.52 -47.77 -20.56
N HIS D 502 -30.10 -47.98 -21.75
CA HIS D 502 -30.62 -49.29 -22.15
C HIS D 502 -31.50 -49.91 -21.08
N GLU D 503 -32.00 -49.07 -20.18
CA GLU D 503 -32.86 -49.51 -19.07
C GLU D 503 -34.29 -49.78 -19.55
N ALA D 504 -34.96 -50.71 -18.88
CA ALA D 504 -36.33 -51.10 -19.24
C ALA D 504 -37.35 -49.98 -19.01
N ILE D 505 -38.05 -49.62 -20.09
CA ILE D 505 -39.06 -48.57 -20.03
C ILE D 505 -40.33 -48.98 -20.79
N LYS D 506 -41.42 -48.26 -20.53
CA LYS D 506 -42.69 -48.51 -21.22
C LYS D 506 -42.87 -47.36 -22.22
N VAL D 507 -42.89 -47.67 -23.50
CA VAL D 507 -43.07 -46.65 -24.53
C VAL D 507 -44.52 -46.65 -25.00
N PRO D 508 -45.18 -45.49 -24.96
CA PRO D 508 -46.58 -45.42 -25.40
C PRO D 508 -46.78 -45.70 -26.88
N VAL D 509 -47.95 -46.24 -27.22
CA VAL D 509 -48.32 -46.53 -28.59
C VAL D 509 -49.42 -45.50 -28.91
N TYR D 510 -49.20 -44.67 -29.93
CA TYR D 510 -50.19 -43.66 -30.29
C TYR D 510 -51.06 -44.07 -31.47
N ASP D 511 -52.25 -43.48 -31.55
CA ASP D 511 -53.18 -43.77 -32.64
C ASP D 511 -52.63 -43.13 -33.90
N LYS D 512 -52.38 -43.93 -34.93
CA LYS D 512 -51.82 -43.41 -36.18
C LYS D 512 -52.75 -42.40 -36.85
N ARG D 513 -54.03 -42.48 -36.53
CA ARG D 513 -55.00 -41.55 -37.11
C ARG D 513 -54.74 -40.16 -36.51
N ALA D 514 -54.46 -40.13 -35.21
CA ALA D 514 -54.19 -38.87 -34.51
C ALA D 514 -52.90 -38.23 -35.04
N ILE D 515 -51.89 -39.04 -35.30
CA ILE D 515 -50.61 -38.55 -35.83
C ILE D 515 -50.84 -37.88 -37.19
N LYS D 516 -51.56 -38.56 -38.09
CA LYS D 516 -51.82 -38.02 -39.43
C LYS D 516 -52.70 -36.76 -39.47
N MET D 517 -53.72 -36.70 -38.60
CA MET D 517 -54.59 -35.53 -38.61
C MET D 517 -53.94 -34.30 -37.97
N VAL D 518 -53.20 -34.47 -36.88
CA VAL D 518 -52.57 -33.30 -36.27
C VAL D 518 -51.41 -32.84 -37.15
N ASP D 519 -50.89 -33.76 -37.97
CA ASP D 519 -49.78 -33.43 -38.86
C ASP D 519 -50.27 -32.60 -40.03
N GLN D 520 -51.45 -32.94 -40.56
CA GLN D 520 -52.01 -32.21 -41.69
C GLN D 520 -52.31 -30.77 -41.27
N LEU D 521 -52.73 -30.59 -40.02
CA LEU D 521 -53.08 -29.27 -39.51
C LEU D 521 -51.83 -28.40 -39.33
N TYR D 522 -50.74 -29.01 -38.89
CA TYR D 522 -49.49 -28.28 -38.71
C TYR D 522 -49.07 -27.73 -40.08
N LYS D 523 -49.08 -28.59 -41.10
CA LYS D 523 -48.70 -28.17 -42.44
C LYS D 523 -49.67 -27.14 -43.01
N ALA D 524 -50.89 -27.13 -42.50
CA ALA D 524 -51.89 -26.18 -42.95
C ALA D 524 -51.48 -24.79 -42.45
N VAL D 525 -50.99 -24.74 -41.21
CA VAL D 525 -50.55 -23.48 -40.61
C VAL D 525 -49.29 -22.97 -41.30
N VAL D 526 -48.28 -23.83 -41.38
CA VAL D 526 -47.01 -23.46 -42.03
C VAL D 526 -47.26 -22.95 -43.46
N LYS D 527 -48.12 -23.65 -44.20
CA LYS D 527 -48.42 -23.23 -45.58
C LYS D 527 -49.13 -21.90 -45.64
N ALA D 528 -49.99 -21.64 -44.66
CA ALA D 528 -50.74 -20.40 -44.59
C ALA D 528 -49.76 -19.25 -44.33
N ASP D 529 -48.79 -19.49 -43.43
CA ASP D 529 -47.80 -18.47 -43.08
C ASP D 529 -46.80 -18.15 -44.17
N GLN D 530 -46.50 -19.12 -45.03
CA GLN D 530 -45.54 -18.89 -46.11
C GLN D 530 -46.19 -18.07 -47.21
N ASP D 531 -47.45 -18.33 -47.50
CA ASP D 531 -48.12 -17.57 -48.55
C ASP D 531 -48.29 -16.12 -48.11
N TYR D 532 -48.67 -15.93 -46.86
CA TYR D 532 -48.89 -14.58 -46.32
C TYR D 532 -47.57 -13.82 -46.12
N SER D 533 -46.56 -14.49 -45.58
CA SER D 533 -45.27 -13.85 -45.36
C SER D 533 -44.74 -13.34 -46.70
N LYS D 534 -44.98 -14.13 -47.75
CA LYS D 534 -44.56 -13.78 -49.11
C LYS D 534 -45.39 -12.59 -49.58
N THR D 535 -46.69 -12.64 -49.28
CA THR D 535 -47.61 -11.59 -49.67
C THR D 535 -47.32 -10.26 -48.95
N LEU D 536 -47.03 -10.34 -47.65
CA LEU D 536 -46.76 -9.15 -46.86
C LEU D 536 -45.31 -8.67 -47.00
N GLY D 537 -44.39 -9.60 -47.24
CA GLY D 537 -43.00 -9.22 -47.40
C GLY D 537 -42.23 -9.16 -46.10
N CYS D 538 -42.54 -10.10 -45.20
CA CYS D 538 -41.91 -10.19 -43.90
C CYS D 538 -41.27 -11.56 -43.72
N ASN D 539 -40.60 -11.78 -42.60
CA ASN D 539 -39.99 -13.07 -42.34
C ASN D 539 -41.05 -14.09 -41.91
N GLU D 540 -40.91 -15.32 -42.36
CA GLU D 540 -41.87 -16.35 -42.00
C GLU D 540 -41.71 -16.55 -40.48
N SER D 541 -42.78 -17.00 -39.84
CA SER D 541 -42.75 -17.22 -38.41
C SER D 541 -41.72 -18.29 -38.04
N ILE D 542 -40.86 -17.96 -37.07
CA ILE D 542 -39.84 -18.91 -36.63
C ILE D 542 -40.48 -20.19 -36.10
N LYS D 543 -41.58 -20.03 -35.37
CA LYS D 543 -42.35 -21.15 -34.82
C LYS D 543 -43.81 -20.85 -35.13
N HIS D 544 -44.67 -21.86 -35.09
CA HIS D 544 -46.07 -21.65 -35.46
C HIS D 544 -47.14 -22.19 -34.53
N THR D 545 -46.83 -23.24 -33.77
CA THR D 545 -47.83 -23.88 -32.93
C THR D 545 -47.50 -24.11 -31.48
N THR D 546 -48.54 -24.41 -30.69
CA THR D 546 -48.37 -24.62 -29.27
C THR D 546 -49.65 -25.19 -28.66
N VAL D 547 -49.61 -25.42 -27.35
CA VAL D 547 -50.77 -25.92 -26.63
C VAL D 547 -50.84 -25.22 -25.28
N LYS D 548 -51.93 -24.48 -25.06
CA LYS D 548 -52.10 -23.78 -23.79
C LYS D 548 -53.48 -24.02 -23.21
N PRO D 549 -53.53 -24.33 -21.91
CA PRO D 549 -54.81 -24.57 -21.24
C PRO D 549 -55.41 -23.21 -20.89
N SER D 550 -56.02 -22.56 -21.86
CA SER D 550 -56.64 -21.24 -21.65
C SER D 550 -57.97 -21.44 -20.94
N GLY D 551 -57.91 -21.52 -19.62
CA GLY D 551 -59.10 -21.73 -18.80
C GLY D 551 -60.32 -20.90 -19.13
N THR D 552 -60.28 -19.60 -18.83
CA THR D 552 -61.41 -18.72 -19.07
C THR D 552 -61.99 -18.88 -20.47
N VAL D 553 -61.14 -18.70 -21.47
CA VAL D 553 -61.57 -18.81 -22.86
C VAL D 553 -62.28 -20.13 -23.15
N ALA D 554 -61.65 -21.25 -22.81
CA ALA D 554 -62.27 -22.55 -23.04
C ALA D 554 -63.64 -22.63 -22.37
N LYS D 555 -63.81 -21.89 -21.27
CA LYS D 555 -65.08 -21.88 -20.55
C LYS D 555 -66.20 -21.33 -21.42
N LEU D 556 -65.88 -20.36 -22.28
CA LEU D 556 -66.88 -19.79 -23.17
C LEU D 556 -67.46 -20.86 -24.09
N ALA D 557 -66.58 -21.69 -24.64
CA ALA D 557 -66.98 -22.73 -25.58
C ALA D 557 -67.34 -24.05 -24.92
N GLY D 558 -67.05 -24.17 -23.63
CA GLY D 558 -67.34 -25.40 -22.91
C GLY D 558 -66.46 -26.53 -23.37
N ALA D 559 -65.18 -26.25 -23.57
CA ALA D 559 -64.24 -27.26 -24.04
C ALA D 559 -63.19 -27.61 -22.99
N SER D 560 -62.63 -28.80 -23.09
CA SER D 560 -61.58 -29.20 -22.16
C SER D 560 -60.43 -28.20 -22.36
N GLU D 561 -59.67 -27.92 -21.31
CA GLU D 561 -58.57 -26.96 -21.36
C GLU D 561 -57.26 -27.53 -21.93
N GLY D 562 -56.79 -26.97 -23.04
CA GLY D 562 -55.56 -27.44 -23.64
C GLY D 562 -55.57 -28.93 -23.95
N MET D 563 -54.73 -29.69 -23.26
CA MET D 563 -54.67 -31.13 -23.46
C MET D 563 -55.18 -31.80 -22.19
N HIS D 564 -55.68 -31.00 -21.25
CA HIS D 564 -56.18 -31.50 -19.98
C HIS D 564 -57.44 -32.34 -20.10
N PHE D 565 -57.63 -33.22 -19.12
CA PHE D 565 -58.81 -34.09 -19.04
C PHE D 565 -59.76 -33.41 -18.07
N HIS D 566 -61.04 -33.67 -18.23
CA HIS D 566 -62.08 -33.09 -17.38
C HIS D 566 -61.94 -33.54 -15.92
N TYR D 567 -62.24 -32.66 -14.99
CA TYR D 567 -62.15 -32.99 -13.58
C TYR D 567 -63.13 -34.12 -13.24
N GLY D 568 -64.19 -34.24 -14.04
CA GLY D 568 -65.19 -35.28 -13.82
C GLY D 568 -66.18 -35.32 -14.97
N ALA D 569 -66.81 -36.48 -15.18
CA ALA D 569 -67.79 -36.64 -16.26
C ALA D 569 -69.02 -35.78 -15.99
N TYR D 570 -69.44 -35.73 -14.74
CA TYR D 570 -70.61 -34.95 -14.36
C TYR D 570 -70.20 -34.09 -13.18
N LEU D 571 -70.44 -32.79 -13.28
CA LEU D 571 -70.03 -31.90 -12.21
C LEU D 571 -70.98 -30.75 -11.97
N ILE D 572 -70.78 -30.12 -10.82
CA ILE D 572 -71.52 -28.93 -10.45
C ILE D 572 -70.39 -27.95 -10.30
N GLN D 573 -70.36 -26.94 -11.16
CA GLN D 573 -69.32 -25.94 -11.07
C GLN D 573 -69.92 -24.66 -10.53
N ARG D 574 -69.20 -24.04 -9.61
CA ARG D 574 -69.66 -22.82 -8.98
C ARG D 574 -68.96 -21.57 -9.47
N ILE D 575 -69.71 -20.48 -9.54
CA ILE D 575 -69.19 -19.18 -9.95
C ILE D 575 -69.62 -18.26 -8.83
N ARG D 576 -68.71 -17.41 -8.36
CA ARG D 576 -69.07 -16.52 -7.27
C ARG D 576 -69.37 -15.13 -7.77
N PHE D 577 -70.52 -14.60 -7.37
CA PHE D 577 -70.95 -13.27 -7.79
C PHE D 577 -71.05 -12.32 -6.62
N GLN D 578 -70.83 -11.05 -6.91
CA GLN D 578 -70.94 -10.02 -5.90
C GLN D 578 -72.45 -9.92 -5.72
N ASP D 579 -72.92 -10.12 -4.49
CA ASP D 579 -74.35 -10.09 -4.18
C ASP D 579 -75.19 -9.01 -4.86
N SER D 580 -74.55 -8.03 -5.46
CA SER D 580 -75.28 -6.95 -6.12
C SER D 580 -75.17 -7.04 -7.64
N ASP D 581 -74.66 -8.17 -8.12
CA ASP D 581 -74.49 -8.38 -9.55
C ASP D 581 -75.85 -8.57 -10.23
N PRO D 582 -76.12 -7.78 -11.27
CA PRO D 582 -77.37 -7.82 -12.03
C PRO D 582 -77.70 -9.18 -12.65
N LEU D 583 -76.71 -10.07 -12.77
CA LEU D 583 -76.95 -11.39 -13.34
C LEU D 583 -77.60 -12.36 -12.38
N LEU D 584 -77.41 -12.13 -11.09
CA LEU D 584 -77.97 -13.01 -10.06
C LEU D 584 -79.48 -13.24 -10.14
N PRO D 585 -80.27 -12.15 -10.20
CA PRO D 585 -81.72 -12.35 -10.29
C PRO D 585 -82.10 -13.19 -11.52
N ALA D 586 -81.46 -12.88 -12.65
CA ALA D 586 -81.73 -13.60 -13.89
C ALA D 586 -81.36 -15.08 -13.74
N LEU D 587 -80.25 -15.35 -13.05
CA LEU D 587 -79.81 -16.74 -12.83
C LEU D 587 -80.78 -17.47 -11.90
N LYS D 588 -81.26 -16.79 -10.86
CA LYS D 588 -82.19 -17.43 -9.93
C LYS D 588 -83.51 -17.70 -10.66
N ALA D 589 -83.96 -16.75 -11.45
CA ALA D 589 -85.20 -16.90 -12.20
C ALA D 589 -85.15 -18.13 -13.14
N CYS D 590 -83.98 -18.43 -13.69
CA CYS D 590 -83.82 -19.57 -14.59
C CYS D 590 -83.75 -20.95 -13.95
N GLY D 591 -83.71 -20.99 -12.62
CA GLY D 591 -83.67 -22.27 -11.94
C GLY D 591 -82.36 -22.69 -11.31
N TYR D 592 -81.30 -21.92 -11.52
CA TYR D 592 -79.99 -22.23 -10.95
C TYR D 592 -80.03 -22.15 -9.43
N ARG D 593 -79.46 -23.14 -8.76
CA ARG D 593 -79.42 -23.13 -7.30
C ARG D 593 -78.38 -22.11 -6.84
N THR D 594 -78.73 -21.33 -5.83
CA THR D 594 -77.83 -20.31 -5.30
C THR D 594 -77.79 -20.37 -3.79
N GLU D 595 -76.65 -19.98 -3.22
CA GLU D 595 -76.47 -19.98 -1.77
C GLU D 595 -75.40 -18.94 -1.39
N ALA D 596 -75.47 -18.46 -0.16
CA ALA D 596 -74.52 -17.46 0.33
C ALA D 596 -73.10 -18.00 0.35
N ASP D 597 -72.15 -17.20 -0.14
CA ASP D 597 -70.75 -17.59 -0.18
C ASP D 597 -70.19 -17.56 1.24
N ILE D 598 -69.88 -18.73 1.77
CA ILE D 598 -69.35 -18.87 3.14
C ILE D 598 -68.00 -18.23 3.41
N TYR D 599 -67.11 -18.25 2.43
CA TYR D 599 -65.77 -17.69 2.61
C TYR D 599 -65.64 -16.18 2.40
N THR D 600 -66.30 -15.65 1.37
CA THR D 600 -66.25 -14.22 1.11
C THR D 600 -67.59 -13.59 1.48
N GLU D 601 -67.53 -12.36 2.00
CA GLU D 601 -68.75 -11.67 2.41
C GLU D 601 -69.44 -11.01 1.22
N ASN D 602 -70.76 -10.86 1.34
CA ASN D 602 -71.56 -10.24 0.28
C ASN D 602 -71.43 -10.97 -1.05
N THR D 603 -71.26 -12.28 -0.99
CA THR D 603 -71.09 -13.08 -2.19
C THR D 603 -72.08 -14.25 -2.25
N THR D 604 -72.45 -14.63 -3.48
CA THR D 604 -73.39 -15.73 -3.67
C THR D 604 -72.82 -16.76 -4.64
N CYS D 605 -73.07 -18.03 -4.35
CA CYS D 605 -72.62 -19.13 -5.20
C CYS D 605 -73.73 -19.56 -6.16
N VAL D 606 -73.39 -19.71 -7.44
CA VAL D 606 -74.36 -20.15 -8.42
C VAL D 606 -73.87 -21.51 -8.95
N GLU D 607 -74.76 -22.48 -8.95
CA GLU D 607 -74.39 -23.82 -9.40
C GLU D 607 -74.79 -24.15 -10.82
N PHE D 608 -73.80 -24.52 -11.61
CA PHE D 608 -74.01 -24.87 -13.00
C PHE D 608 -73.72 -26.36 -13.22
N PRO D 609 -74.77 -27.13 -13.50
CA PRO D 609 -74.62 -28.58 -13.74
C PRO D 609 -73.99 -28.72 -15.11
N ILE D 610 -72.90 -29.47 -15.20
CA ILE D 610 -72.23 -29.65 -16.47
C ILE D 610 -71.86 -31.09 -16.78
N LYS D 611 -72.14 -31.51 -18.01
CA LYS D 611 -71.83 -32.86 -18.47
C LYS D 611 -70.71 -32.78 -19.52
N ALA D 612 -69.59 -33.40 -19.20
CA ALA D 612 -68.45 -33.39 -20.12
C ALA D 612 -68.76 -34.10 -21.42
N VAL D 613 -68.12 -33.63 -22.49
CA VAL D 613 -68.29 -34.24 -23.80
C VAL D 613 -67.81 -35.68 -23.66
N GLY D 614 -68.62 -36.61 -24.16
CA GLY D 614 -68.24 -38.02 -24.10
C GLY D 614 -68.26 -38.68 -22.74
N ALA D 615 -68.99 -38.12 -21.79
CA ALA D 615 -69.08 -38.68 -20.43
C ALA D 615 -69.59 -40.12 -20.39
N ASP D 616 -70.31 -40.54 -21.43
CA ASP D 616 -70.84 -41.90 -21.47
C ASP D 616 -69.91 -42.87 -22.19
N ASN D 617 -68.88 -42.34 -22.84
CA ASN D 617 -67.93 -43.17 -23.56
C ASN D 617 -67.01 -43.91 -22.59
N PRO D 618 -66.82 -45.23 -22.79
CA PRO D 618 -65.95 -45.99 -21.89
C PRO D 618 -64.51 -45.47 -21.94
N ASN D 619 -64.14 -44.84 -23.03
CA ASN D 619 -62.79 -44.29 -23.18
C ASN D 619 -62.65 -42.92 -22.51
N PHE D 620 -63.72 -42.45 -21.88
CA PHE D 620 -63.67 -41.16 -21.20
C PHE D 620 -62.82 -41.36 -19.94
N ALA D 621 -62.02 -40.35 -19.60
CA ALA D 621 -61.18 -40.44 -18.42
C ALA D 621 -61.07 -39.12 -17.68
N SER D 622 -61.33 -39.14 -16.37
CA SER D 622 -61.24 -37.95 -15.55
C SER D 622 -59.80 -37.75 -15.08
N ALA D 623 -59.43 -36.50 -14.81
CA ALA D 623 -58.09 -36.16 -14.37
C ALA D 623 -57.60 -37.07 -13.24
N GLY D 624 -58.41 -37.24 -12.21
CA GLY D 624 -58.00 -38.07 -11.09
C GLY D 624 -57.80 -39.55 -11.40
N THR D 625 -58.15 -39.98 -12.61
CA THR D 625 -58.01 -41.39 -12.96
C THR D 625 -56.96 -41.69 -14.02
N VAL D 626 -56.54 -40.67 -14.76
CA VAL D 626 -55.53 -40.88 -15.80
C VAL D 626 -54.20 -41.12 -15.09
N SER D 627 -53.42 -42.08 -15.59
CA SER D 627 -52.14 -42.40 -14.98
C SER D 627 -51.08 -41.35 -15.30
N ILE D 628 -50.19 -41.09 -14.35
CA ILE D 628 -49.14 -40.12 -14.55
C ILE D 628 -48.35 -40.50 -15.81
N ALA D 629 -48.23 -41.79 -16.07
CA ALA D 629 -47.50 -42.25 -17.25
C ALA D 629 -48.22 -41.87 -18.54
N GLU D 630 -49.55 -41.90 -18.53
CA GLU D 630 -50.29 -41.55 -19.73
C GLU D 630 -50.23 -40.03 -19.97
N GLN D 631 -50.29 -39.25 -18.90
CA GLN D 631 -50.23 -37.80 -19.03
C GLN D 631 -48.92 -37.42 -19.70
N PHE D 632 -47.81 -37.98 -19.21
CA PHE D 632 -46.50 -37.71 -19.78
C PHE D 632 -46.51 -38.04 -21.28
N ALA D 633 -47.04 -39.20 -21.62
CA ALA D 633 -47.08 -39.63 -23.01
C ALA D 633 -47.97 -38.75 -23.89
N THR D 634 -49.04 -38.23 -23.29
CA THR D 634 -49.97 -37.38 -24.03
C THR D 634 -49.30 -36.04 -24.36
N GLN D 635 -48.56 -35.50 -23.40
CA GLN D 635 -47.85 -34.26 -23.63
C GLN D 635 -46.83 -34.50 -24.74
N ALA D 636 -46.09 -35.60 -24.62
CA ALA D 636 -45.07 -35.94 -25.60
C ALA D 636 -45.64 -36.05 -27.01
N PHE D 637 -46.84 -36.61 -27.13
CA PHE D 637 -47.47 -36.75 -28.44
C PHE D 637 -47.61 -35.38 -29.09
N LEU D 638 -48.18 -34.45 -28.34
CA LEU D 638 -48.39 -33.09 -28.85
C LEU D 638 -47.06 -32.42 -29.17
N GLN D 639 -46.08 -32.62 -28.30
CA GLN D 639 -44.76 -32.01 -28.51
C GLN D 639 -44.09 -32.61 -29.75
N THR D 640 -44.42 -33.85 -30.08
CA THR D 640 -43.80 -34.52 -31.22
C THR D 640 -44.43 -34.24 -32.57
N TYR D 641 -45.76 -34.32 -32.66
CA TYR D 641 -46.44 -34.13 -33.93
C TYR D 641 -47.21 -32.83 -34.19
N TRP D 642 -47.40 -31.99 -33.18
CA TRP D 642 -48.15 -30.75 -33.40
C TRP D 642 -47.43 -29.43 -33.07
N SER D 643 -46.93 -29.31 -31.85
CA SER D 643 -46.27 -28.07 -31.42
C SER D 643 -44.76 -27.97 -31.68
N ASP D 644 -44.34 -26.85 -32.27
CA ASP D 644 -42.91 -26.62 -32.51
C ASP D 644 -42.43 -25.65 -31.43
N ASN D 645 -43.37 -25.10 -30.67
CA ASN D 645 -43.07 -24.25 -29.53
C ASN D 645 -43.09 -25.32 -28.42
N ALA D 646 -43.80 -25.09 -27.33
CA ALA D 646 -43.85 -26.09 -26.25
C ALA D 646 -45.28 -26.56 -25.99
N VAL D 647 -45.47 -27.35 -24.95
CA VAL D 647 -46.78 -27.90 -24.58
C VAL D 647 -47.01 -27.66 -23.10
N SER D 648 -47.89 -26.72 -22.78
CA SER D 648 -48.19 -26.39 -21.39
C SER D 648 -49.26 -27.30 -20.80
N CYS D 649 -48.97 -27.88 -19.64
CA CYS D 649 -49.92 -28.77 -18.99
C CYS D 649 -49.44 -29.20 -17.61
N THR D 650 -50.33 -29.15 -16.64
CA THR D 650 -49.98 -29.56 -15.31
C THR D 650 -50.28 -31.06 -15.22
N ILE D 651 -49.24 -31.83 -14.92
CA ILE D 651 -49.39 -33.28 -14.78
C ILE D 651 -49.64 -33.56 -13.30
N THR D 652 -50.81 -34.13 -13.02
CA THR D 652 -51.20 -34.46 -11.65
C THR D 652 -50.92 -35.92 -11.35
N PHE D 653 -50.84 -36.24 -10.05
CA PHE D 653 -50.58 -37.61 -9.64
C PHE D 653 -50.95 -37.88 -8.19
N GLN D 654 -51.49 -39.07 -7.94
CA GLN D 654 -51.88 -39.46 -6.59
C GLN D 654 -50.61 -39.77 -5.82
N ASP D 655 -50.71 -39.75 -4.49
CA ASP D 655 -49.55 -40.04 -3.66
C ASP D 655 -48.97 -41.39 -4.05
N SER D 656 -49.85 -42.35 -4.37
CA SER D 656 -49.45 -43.69 -4.76
C SER D 656 -48.53 -43.71 -5.97
N GLU D 657 -48.63 -42.68 -6.82
CA GLU D 657 -47.81 -42.60 -8.02
C GLU D 657 -46.58 -41.74 -7.84
N GLY D 658 -46.44 -41.16 -6.65
CA GLY D 658 -45.30 -40.30 -6.37
C GLY D 658 -43.96 -40.92 -6.74
N ASP D 659 -43.81 -42.21 -6.47
CA ASP D 659 -42.57 -42.92 -6.75
C ASP D 659 -42.24 -42.95 -8.25
N GLN D 660 -43.23 -42.67 -9.08
CA GLN D 660 -43.02 -42.69 -10.51
C GLN D 660 -42.46 -41.40 -11.09
N VAL D 661 -42.54 -40.32 -10.31
CA VAL D 661 -42.07 -39.01 -10.78
C VAL D 661 -40.67 -38.93 -11.37
N GLU D 662 -39.64 -39.32 -10.63
CA GLU D 662 -38.28 -39.21 -11.15
C GLU D 662 -38.02 -40.02 -12.41
N SER D 663 -38.53 -41.24 -12.43
CA SER D 663 -38.33 -42.13 -13.57
C SER D 663 -38.91 -41.57 -14.87
N LEU D 664 -40.13 -41.02 -14.80
CA LEU D 664 -40.76 -40.46 -15.99
C LEU D 664 -40.03 -39.22 -16.46
N LEU D 665 -39.59 -38.39 -15.51
CA LEU D 665 -38.84 -37.19 -15.87
C LEU D 665 -37.64 -37.62 -16.72
N ARG D 666 -36.88 -38.61 -16.24
CA ARG D 666 -35.72 -39.10 -16.98
C ARG D 666 -36.07 -39.64 -18.37
N GLN D 667 -37.12 -40.46 -18.45
CA GLN D 667 -37.50 -41.07 -19.72
C GLN D 667 -37.75 -40.09 -20.85
N TYR D 668 -38.49 -39.03 -20.56
CA TYR D 668 -38.81 -38.03 -21.56
C TYR D 668 -37.81 -36.88 -21.65
N ARG D 669 -36.63 -37.04 -21.07
CA ARG D 669 -35.63 -35.97 -21.08
C ARG D 669 -35.20 -35.51 -22.48
N PHE D 670 -35.48 -36.32 -23.51
CA PHE D 670 -35.11 -35.93 -24.86
C PHE D 670 -36.32 -35.36 -25.61
N ILE D 671 -37.45 -35.20 -24.93
CA ILE D 671 -38.65 -34.69 -25.61
C ILE D 671 -39.30 -33.48 -24.95
N THR D 672 -39.36 -33.48 -23.63
CA THR D 672 -39.98 -32.42 -22.86
C THR D 672 -39.25 -31.07 -22.86
N LYS D 673 -39.87 -30.05 -23.44
CA LYS D 673 -39.27 -28.72 -23.48
C LYS D 673 -39.50 -28.00 -22.15
N SER D 674 -40.58 -28.35 -21.46
CA SER D 674 -40.90 -27.76 -20.17
C SER D 674 -41.86 -28.68 -19.45
N THR D 675 -41.82 -28.67 -18.13
CA THR D 675 -42.70 -29.54 -17.38
C THR D 675 -43.20 -28.93 -16.09
N SER D 676 -44.41 -29.31 -15.70
CA SER D 676 -45.05 -28.83 -14.49
C SER D 676 -45.88 -29.96 -13.90
N LEU D 677 -45.52 -30.40 -12.70
CA LEU D 677 -46.25 -31.47 -12.01
C LEU D 677 -46.82 -30.96 -10.70
N LEU D 678 -47.96 -31.52 -10.31
CA LEU D 678 -48.61 -31.10 -9.08
C LEU D 678 -49.29 -32.30 -8.42
N PRO D 679 -49.15 -32.44 -7.08
CA PRO D 679 -49.77 -33.56 -6.37
C PRO D 679 -51.29 -33.47 -6.42
N TYR D 680 -51.93 -34.42 -7.10
CA TYR D 680 -53.38 -34.40 -7.18
C TYR D 680 -53.94 -34.50 -5.78
N PHE D 681 -54.87 -33.61 -5.43
CA PHE D 681 -55.45 -33.63 -4.10
C PHE D 681 -56.76 -32.87 -4.02
N GLY D 682 -56.79 -31.85 -3.18
CA GLY D 682 -58.00 -31.07 -2.99
C GLY D 682 -58.91 -31.81 -2.01
N GLY D 683 -59.07 -33.11 -2.25
CA GLY D 683 -59.91 -33.93 -1.39
C GLY D 683 -61.36 -33.50 -1.41
N SER D 684 -61.74 -32.70 -0.42
CA SER D 684 -63.11 -32.20 -0.31
C SER D 684 -63.12 -30.76 0.21
N LEU D 685 -63.92 -29.93 -0.43
CA LEU D 685 -64.03 -28.53 -0.05
C LEU D 685 -65.50 -28.27 0.24
N GLN D 686 -65.79 -27.20 0.99
CA GLN D 686 -67.16 -26.88 1.31
C GLN D 686 -67.91 -26.43 0.06
N GLN D 687 -67.53 -25.28 -0.49
CA GLN D 687 -68.16 -24.77 -1.70
C GLN D 687 -67.21 -24.92 -2.86
N ALA D 688 -66.64 -26.12 -2.98
CA ALA D 688 -65.69 -26.43 -4.03
C ALA D 688 -66.19 -25.90 -5.37
N PRO D 689 -65.31 -25.24 -6.13
CA PRO D 689 -65.68 -24.69 -7.43
C PRO D 689 -66.11 -25.79 -8.41
N LYS D 690 -65.64 -27.01 -8.16
CA LYS D 690 -65.98 -28.17 -8.98
C LYS D 690 -66.33 -29.33 -8.06
N GLU D 691 -67.53 -29.86 -8.22
CA GLU D 691 -67.98 -30.97 -7.39
C GLU D 691 -68.50 -32.11 -8.24
N PRO D 692 -67.94 -33.30 -8.06
CA PRO D 692 -68.35 -34.47 -8.83
C PRO D 692 -69.72 -34.99 -8.39
N ILE D 693 -70.56 -35.31 -9.36
CA ILE D 693 -71.90 -35.82 -9.09
C ILE D 693 -72.16 -36.99 -10.01
N ASP D 694 -73.17 -37.79 -9.68
CA ASP D 694 -73.51 -38.93 -10.51
C ASP D 694 -74.44 -38.46 -11.63
N LYS D 695 -74.56 -39.26 -12.68
CA LYS D 695 -75.40 -38.90 -13.81
C LYS D 695 -76.82 -38.57 -13.33
N GLU D 696 -77.26 -39.28 -12.30
CA GLU D 696 -78.59 -39.06 -11.74
C GLU D 696 -78.75 -37.62 -11.30
N THR D 697 -77.87 -37.19 -10.41
CA THR D 697 -77.90 -35.84 -9.89
C THR D 697 -77.88 -34.80 -11.01
N TYR D 698 -76.99 -34.99 -11.99
CA TYR D 698 -76.90 -34.05 -13.11
C TYR D 698 -78.20 -33.90 -13.88
N GLU D 699 -78.86 -35.02 -14.17
CA GLU D 699 -80.11 -34.96 -14.92
C GLU D 699 -81.20 -34.24 -14.13
N LYS D 700 -81.19 -34.42 -12.81
CA LYS D 700 -82.17 -33.75 -11.95
C LYS D 700 -81.88 -32.26 -12.03
N ARG D 701 -80.70 -31.89 -11.56
CA ARG D 701 -80.22 -30.51 -11.53
C ARG D 701 -80.42 -29.75 -12.84
N SER D 702 -80.10 -30.37 -13.97
CA SER D 702 -80.23 -29.70 -15.25
C SER D 702 -81.69 -29.45 -15.61
N GLN D 703 -82.57 -30.35 -15.20
CA GLN D 703 -83.99 -30.17 -15.51
C GLN D 703 -84.55 -28.96 -14.77
N GLU D 704 -84.01 -28.70 -13.58
CA GLU D 704 -84.46 -27.56 -12.78
C GLU D 704 -84.19 -26.27 -13.54
N ILE D 705 -83.17 -26.28 -14.37
CA ILE D 705 -82.80 -25.10 -15.14
C ILE D 705 -83.60 -25.06 -16.44
N THR D 706 -84.78 -24.46 -16.39
CA THR D 706 -85.60 -24.37 -17.60
C THR D 706 -85.75 -22.95 -18.07
N GLY D 707 -84.64 -22.23 -18.06
CA GLY D 707 -84.62 -20.85 -18.50
C GLY D 707 -83.24 -20.50 -19.03
N ASN D 708 -83.20 -19.75 -20.12
CA ASN D 708 -81.95 -19.33 -20.75
C ASN D 708 -81.57 -17.91 -20.30
N VAL D 709 -80.64 -17.85 -19.35
CA VAL D 709 -80.17 -16.59 -18.76
C VAL D 709 -79.82 -15.48 -19.74
N GLU D 710 -79.17 -15.81 -20.85
CA GLU D 710 -78.81 -14.79 -21.82
C GLU D 710 -80.01 -13.96 -22.26
N GLU D 711 -81.11 -14.63 -22.57
CA GLU D 711 -82.31 -13.91 -23.00
C GLU D 711 -83.06 -13.28 -21.85
N VAL D 712 -83.01 -13.89 -20.67
CA VAL D 712 -83.70 -13.31 -19.53
C VAL D 712 -82.97 -12.02 -19.13
N PHE D 713 -81.65 -12.09 -18.97
CA PHE D 713 -80.89 -10.90 -18.59
C PHE D 713 -81.02 -9.84 -19.66
N SER D 714 -80.97 -10.26 -20.92
CA SER D 714 -81.07 -9.35 -22.05
C SER D 714 -82.29 -8.43 -21.97
N GLN D 715 -83.48 -9.01 -21.97
CA GLN D 715 -84.69 -8.21 -21.92
C GLN D 715 -84.91 -7.51 -20.57
N LEU D 716 -84.26 -7.99 -19.51
CA LEU D 716 -84.37 -7.33 -18.21
C LEU D 716 -83.66 -5.97 -18.29
N ASN D 717 -82.51 -5.97 -18.98
CA ASN D 717 -81.71 -4.76 -19.15
C ASN D 717 -82.43 -3.75 -20.05
N SER D 718 -83.27 -4.25 -20.96
CA SER D 718 -84.03 -3.38 -21.85
C SER D 718 -85.13 -2.68 -21.05
N ASP D 719 -85.76 -3.43 -20.15
CA ASP D 719 -86.84 -2.89 -19.35
C ASP D 719 -86.39 -1.98 -18.21
N VAL D 720 -85.51 -2.50 -17.34
CA VAL D 720 -85.02 -1.76 -16.19
C VAL D 720 -83.93 -0.72 -16.49
N LYS D 721 -84.10 0.48 -15.93
CA LYS D 721 -83.15 1.57 -16.12
C LYS D 721 -81.93 1.40 -15.22
N ASP D 722 -80.74 1.46 -15.81
CA ASP D 722 -79.50 1.31 -15.07
C ASP D 722 -79.36 -0.09 -14.46
N LEU D 723 -79.75 -1.12 -15.21
CA LEU D 723 -79.62 -2.47 -14.69
C LEU D 723 -78.15 -2.70 -14.35
N GLU D 724 -77.28 -2.10 -15.15
CA GLU D 724 -75.84 -2.20 -14.94
C GLU D 724 -75.25 -0.79 -14.80
#